data_2L9N
#
_entry.id   2L9N
#
_entity_poly.entity_id   1
_entity_poly.type   'polypeptide(L)'
_entity_poly.pdbx_seq_one_letter_code
;GSMSIFTPTNQIRLTNVAVVRMKRAGKRFEIACYKNKVVGWRSGVEKDLDEVLQTHSVFVNVSKGQVAKKEDLISAFGTD
DQTEICKQILTKGEVQVSDKERHTQLEQMFRDIATIVADKCVNPETKRPYTVILIERAMKDIHYSVKTNKSTKQQALEVI
KQLKEKMKIERAHMRLRFILPVNEGKKLKEKLKPLIKVIESEDYGQQLEIVCLIDPGCFREIDELIKKETKGKGSLEVLN
LKDVEEGDEKFE
;
_entity_poly.pdbx_strand_id   A
#
# COMPACT_ATOMS: atom_id res chain seq x y z
N MET A 3 -16.95 37.98 -12.51
CA MET A 3 -16.60 36.75 -13.27
C MET A 3 -15.14 36.36 -13.06
N SER A 4 -14.24 37.18 -13.58
CA SER A 4 -12.81 36.92 -13.45
C SER A 4 -12.34 37.17 -12.03
N ILE A 5 -11.02 37.14 -11.82
CA ILE A 5 -10.44 37.36 -10.49
C ILE A 5 -10.57 36.12 -9.62
N PHE A 6 -11.79 35.62 -9.46
CA PHE A 6 -12.04 34.44 -8.65
C PHE A 6 -11.70 34.70 -7.18
N THR A 7 -12.74 34.93 -6.38
CA THR A 7 -12.56 35.20 -4.96
C THR A 7 -13.50 34.33 -4.13
N PRO A 8 -12.95 33.49 -3.24
CA PRO A 8 -13.75 32.60 -2.39
C PRO A 8 -14.35 33.32 -1.19
N THR A 9 -15.05 34.43 -1.45
CA THR A 9 -15.67 35.20 -0.38
C THR A 9 -16.69 36.19 -0.96
N ASN A 10 -17.32 35.81 -2.06
CA ASN A 10 -18.32 36.66 -2.71
C ASN A 10 -19.32 35.82 -3.48
N GLN A 11 -18.84 35.08 -4.48
CA GLN A 11 -19.72 34.24 -5.29
C GLN A 11 -19.53 32.77 -4.97
N ILE A 12 -18.44 32.19 -5.45
CA ILE A 12 -18.15 30.78 -5.20
C ILE A 12 -16.82 30.61 -4.46
N ARG A 13 -16.73 29.55 -3.67
CA ARG A 13 -15.52 29.27 -2.90
C ARG A 13 -14.56 28.39 -3.68
N LEU A 14 -15.10 27.34 -4.29
CA LEU A 14 -14.30 26.41 -5.08
C LEU A 14 -13.21 25.77 -4.22
N THR A 15 -13.52 24.61 -3.66
CA THR A 15 -12.58 23.89 -2.81
C THR A 15 -11.31 23.56 -3.59
N ASN A 16 -10.28 23.10 -2.88
CA ASN A 16 -9.01 22.75 -3.51
C ASN A 16 -8.94 21.26 -3.81
N VAL A 17 -10.10 20.62 -3.94
CA VAL A 17 -10.17 19.20 -4.24
C VAL A 17 -9.47 18.88 -5.55
N ALA A 18 -9.10 17.62 -5.73
CA ALA A 18 -8.43 17.19 -6.95
C ALA A 18 -9.42 17.10 -8.11
N VAL A 19 -9.03 17.64 -9.26
CA VAL A 19 -9.90 17.62 -10.43
C VAL A 19 -9.35 16.72 -11.53
N VAL A 20 -10.15 15.76 -11.95
CA VAL A 20 -9.75 14.84 -13.00
C VAL A 20 -10.59 15.06 -14.26
N ARG A 21 -9.93 15.06 -15.41
CA ARG A 21 -10.61 15.27 -16.69
C ARG A 21 -10.42 14.08 -17.62
N MET A 22 -11.37 13.90 -18.53
CA MET A 22 -11.31 12.80 -19.49
C MET A 22 -12.07 13.15 -20.76
N LYS A 23 -11.46 12.88 -21.91
CA LYS A 23 -12.08 13.17 -23.19
C LYS A 23 -12.86 11.96 -23.71
N ARG A 24 -14.11 12.18 -24.10
CA ARG A 24 -14.95 11.11 -24.61
C ARG A 24 -16.17 11.66 -25.33
N ALA A 25 -16.50 11.06 -26.47
CA ALA A 25 -17.65 11.49 -27.26
C ALA A 25 -17.47 12.93 -27.76
N GLY A 26 -16.23 13.41 -27.74
CA GLY A 26 -15.96 14.76 -28.20
C GLY A 26 -16.00 15.78 -27.07
N LYS A 27 -16.91 15.58 -26.13
CA LYS A 27 -17.05 16.50 -25.00
C LYS A 27 -16.08 16.13 -23.87
N ARG A 28 -15.62 17.14 -23.14
CA ARG A 28 -14.69 16.93 -22.04
C ARG A 28 -15.43 16.96 -20.71
N PHE A 29 -15.22 15.94 -19.89
CA PHE A 29 -15.86 15.85 -18.59
C PHE A 29 -14.84 15.96 -17.46
N GLU A 30 -15.30 16.41 -16.30
CA GLU A 30 -14.43 16.57 -15.14
C GLU A 30 -15.18 16.25 -13.85
N ILE A 31 -14.44 15.76 -12.84
CA ILE A 31 -15.05 15.43 -11.55
C ILE A 31 -14.14 15.83 -10.40
N ALA A 32 -14.75 16.20 -9.28
CA ALA A 32 -14.01 16.62 -8.09
C ALA A 32 -13.78 15.44 -7.15
N CYS A 33 -12.53 14.97 -7.11
CA CYS A 33 -12.16 13.84 -6.25
C CYS A 33 -10.87 14.13 -5.49
N TYR A 34 -10.46 13.18 -4.65
CA TYR A 34 -9.24 13.32 -3.85
C TYR A 34 -8.05 12.74 -4.60
N LYS A 35 -6.95 13.50 -4.62
CA LYS A 35 -5.74 13.06 -5.29
C LYS A 35 -5.21 11.77 -4.68
N ASN A 36 -5.34 11.65 -3.36
CA ASN A 36 -4.87 10.46 -2.65
C ASN A 36 -5.80 9.26 -2.89
N LYS A 37 -7.10 9.49 -2.78
CA LYS A 37 -8.07 8.42 -2.97
C LYS A 37 -8.13 8.00 -4.44
N VAL A 38 -7.96 8.97 -5.34
CA VAL A 38 -7.99 8.70 -6.77
C VAL A 38 -6.77 7.87 -7.19
N VAL A 39 -5.58 8.34 -6.79
CA VAL A 39 -4.35 7.63 -7.12
C VAL A 39 -4.37 6.22 -6.56
N GLY A 40 -4.82 6.08 -5.32
CA GLY A 40 -4.89 4.77 -4.70
C GLY A 40 -5.95 3.89 -5.34
N TRP A 41 -7.05 4.51 -5.75
CA TRP A 41 -8.13 3.79 -6.40
C TRP A 41 -7.67 3.19 -7.72
N ARG A 42 -7.17 4.05 -8.61
CA ARG A 42 -6.68 3.63 -9.91
C ARG A 42 -5.55 2.61 -9.76
N SER A 43 -4.73 2.80 -8.74
CA SER A 43 -3.61 1.90 -8.48
C SER A 43 -4.10 0.47 -8.25
N GLY A 44 -5.34 0.35 -7.79
CA GLY A 44 -5.90 -0.97 -7.54
C GLY A 44 -6.25 -1.19 -6.07
N VAL A 45 -6.58 -0.10 -5.38
CA VAL A 45 -6.94 -0.18 -3.97
C VAL A 45 -8.45 -0.02 -3.78
N GLU A 46 -9.05 -1.00 -3.10
CA GLU A 46 -10.49 -0.97 -2.85
C GLU A 46 -10.88 0.28 -2.06
N LYS A 47 -11.17 1.36 -2.78
CA LYS A 47 -11.55 2.61 -2.14
C LYS A 47 -13.05 2.87 -2.31
N ASP A 48 -13.62 3.68 -1.42
CA ASP A 48 -15.05 3.99 -1.47
C ASP A 48 -15.30 5.29 -2.24
N LEU A 49 -16.32 5.28 -3.10
CA LEU A 49 -16.68 6.45 -3.88
C LEU A 49 -17.14 7.59 -2.99
N ASP A 50 -17.71 7.25 -1.84
CA ASP A 50 -18.20 8.24 -0.90
C ASP A 50 -17.05 9.08 -0.31
N GLU A 51 -15.82 8.63 -0.53
CA GLU A 51 -14.66 9.34 -0.01
C GLU A 51 -13.78 9.87 -1.14
N VAL A 52 -13.51 9.02 -2.13
CA VAL A 52 -12.68 9.42 -3.26
C VAL A 52 -13.37 10.48 -4.11
N LEU A 53 -14.69 10.47 -4.12
CA LEU A 53 -15.46 11.44 -4.90
C LEU A 53 -16.04 12.52 -3.99
N GLN A 54 -15.47 13.72 -4.07
CA GLN A 54 -15.95 14.84 -3.26
C GLN A 54 -17.25 15.36 -3.83
N THR A 55 -17.40 15.27 -5.16
CA THR A 55 -18.60 15.73 -5.83
C THR A 55 -19.22 14.60 -6.65
N HIS A 56 -20.38 14.11 -6.21
CA HIS A 56 -21.07 13.03 -6.89
C HIS A 56 -21.84 13.56 -8.10
N SER A 57 -21.12 14.19 -9.03
CA SER A 57 -21.73 14.74 -10.23
C SER A 57 -20.68 15.06 -11.28
N VAL A 58 -20.92 14.62 -12.51
CA VAL A 58 -19.99 14.86 -13.59
C VAL A 58 -19.97 16.34 -13.99
N PHE A 59 -18.88 17.02 -13.64
CA PHE A 59 -18.74 18.43 -13.94
C PHE A 59 -18.17 18.65 -15.34
N VAL A 60 -17.91 19.91 -15.67
CA VAL A 60 -17.36 20.27 -16.97
C VAL A 60 -16.19 21.23 -16.81
N ASN A 61 -16.43 22.33 -16.10
CA ASN A 61 -15.41 23.33 -15.84
C ASN A 61 -15.30 23.60 -14.34
N VAL A 62 -14.75 22.63 -13.61
CA VAL A 62 -14.60 22.75 -12.16
C VAL A 62 -13.83 24.01 -11.79
N SER A 63 -12.84 24.36 -12.60
CA SER A 63 -12.02 25.53 -12.36
C SER A 63 -12.88 26.79 -12.24
N LYS A 64 -14.04 26.78 -12.91
CA LYS A 64 -14.96 27.92 -12.88
C LYS A 64 -16.24 27.56 -12.12
N GLY A 65 -16.59 26.28 -12.11
CA GLY A 65 -17.79 25.84 -11.43
C GLY A 65 -18.93 25.56 -12.39
N GLN A 66 -18.65 24.73 -13.41
CA GLN A 66 -19.66 24.38 -14.40
C GLN A 66 -19.95 22.89 -14.36
N VAL A 67 -21.20 22.53 -14.07
CA VAL A 67 -21.61 21.15 -14.01
C VAL A 67 -22.20 20.67 -15.33
N ALA A 68 -22.09 19.37 -15.60
CA ALA A 68 -22.62 18.81 -16.83
C ALA A 68 -24.11 18.51 -16.71
N LYS A 69 -24.65 17.80 -17.69
CA LYS A 69 -26.07 17.46 -17.68
C LYS A 69 -26.27 15.94 -17.73
N LYS A 70 -27.38 15.48 -17.16
CA LYS A 70 -27.68 14.05 -17.15
C LYS A 70 -27.90 13.52 -18.55
N GLU A 71 -28.64 14.28 -19.36
CA GLU A 71 -28.92 13.88 -20.74
C GLU A 71 -27.63 13.65 -21.51
N ASP A 72 -26.77 14.67 -21.52
CA ASP A 72 -25.49 14.58 -22.23
C ASP A 72 -24.62 13.48 -21.63
N LEU A 73 -24.75 13.28 -20.32
CA LEU A 73 -23.97 12.27 -19.62
C LEU A 73 -24.26 10.87 -20.19
N ILE A 74 -25.54 10.59 -20.39
CA ILE A 74 -25.96 9.31 -20.94
C ILE A 74 -25.69 9.22 -22.43
N SER A 75 -25.74 10.36 -23.11
CA SER A 75 -25.50 10.41 -24.55
C SER A 75 -24.01 10.40 -24.88
N ALA A 76 -23.18 10.66 -23.88
CA ALA A 76 -21.73 10.68 -24.08
C ALA A 76 -21.07 9.40 -23.56
N PHE A 77 -21.61 8.85 -22.50
CA PHE A 77 -21.06 7.63 -21.90
C PHE A 77 -22.01 6.45 -22.05
N GLY A 78 -23.30 6.74 -22.15
CA GLY A 78 -24.29 5.68 -22.29
C GLY A 78 -24.97 5.33 -20.98
N THR A 79 -24.78 6.18 -19.97
CA THR A 79 -25.38 5.96 -18.67
C THR A 79 -25.63 7.28 -17.95
N ASP A 80 -26.56 7.26 -16.99
CA ASP A 80 -26.90 8.45 -16.23
C ASP A 80 -26.18 8.46 -14.89
N ASP A 81 -25.68 7.30 -14.48
CA ASP A 81 -24.97 7.18 -13.21
C ASP A 81 -23.71 8.05 -13.20
N GLN A 82 -23.84 9.27 -12.68
CA GLN A 82 -22.73 10.19 -12.61
C GLN A 82 -21.56 9.58 -11.83
N THR A 83 -21.89 8.77 -10.82
CA THR A 83 -20.88 8.12 -10.01
C THR A 83 -20.03 7.18 -10.86
N GLU A 84 -20.71 6.36 -11.66
CA GLU A 84 -20.02 5.42 -12.54
C GLU A 84 -19.10 6.16 -13.48
N ILE A 85 -19.63 7.17 -14.16
CA ILE A 85 -18.85 7.98 -15.09
C ILE A 85 -17.64 8.57 -14.39
N CYS A 86 -17.82 8.98 -13.14
CA CYS A 86 -16.73 9.55 -12.36
C CYS A 86 -15.60 8.55 -12.21
N LYS A 87 -15.95 7.30 -11.89
CA LYS A 87 -14.96 6.25 -11.74
C LYS A 87 -14.18 6.08 -13.04
N GLN A 88 -14.90 6.08 -14.15
CA GLN A 88 -14.28 5.93 -15.47
C GLN A 88 -13.22 7.00 -15.69
N ILE A 89 -13.59 8.25 -15.45
CA ILE A 89 -12.68 9.37 -15.62
C ILE A 89 -11.51 9.29 -14.63
N LEU A 90 -11.78 8.69 -13.46
CA LEU A 90 -10.76 8.55 -12.43
C LEU A 90 -9.73 7.48 -12.83
N THR A 91 -10.17 6.49 -13.61
CA THR A 91 -9.29 5.43 -14.04
C THR A 91 -8.71 5.71 -15.43
N LYS A 92 -9.54 6.28 -16.30
CA LYS A 92 -9.11 6.59 -17.66
C LYS A 92 -8.65 8.04 -17.77
N GLY A 93 -9.41 8.94 -17.18
CA GLY A 93 -9.07 10.35 -17.21
C GLY A 93 -7.77 10.66 -16.50
N GLU A 94 -7.33 11.91 -16.58
CA GLU A 94 -6.10 12.34 -15.94
C GLU A 94 -6.38 13.24 -14.75
N VAL A 95 -5.68 13.00 -13.64
CA VAL A 95 -5.86 13.80 -12.44
C VAL A 95 -4.95 15.02 -12.44
N GLN A 96 -5.50 16.17 -12.06
CA GLN A 96 -4.74 17.40 -12.02
C GLN A 96 -4.24 17.69 -10.61
N VAL A 97 -2.94 17.53 -10.39
CA VAL A 97 -2.34 17.76 -9.09
C VAL A 97 -1.11 18.66 -9.20
N SER A 98 -0.91 19.50 -8.19
CA SER A 98 0.24 20.40 -8.17
C SER A 98 1.55 19.64 -7.98
N ASP A 99 2.65 20.36 -8.03
CA ASP A 99 3.97 19.75 -7.86
C ASP A 99 4.11 19.12 -6.48
N LYS A 100 3.54 19.79 -5.48
CA LYS A 100 3.60 19.29 -4.10
C LYS A 100 2.93 17.93 -3.99
N GLU A 101 1.73 17.82 -4.56
CA GLU A 101 0.98 16.57 -4.52
C GLU A 101 1.75 15.45 -5.18
N ARG A 102 2.57 15.80 -6.18
CA ARG A 102 3.36 14.81 -6.89
C ARG A 102 4.65 14.49 -6.14
N HIS A 103 5.24 15.52 -5.53
CA HIS A 103 6.49 15.36 -4.78
C HIS A 103 6.24 14.56 -3.51
N THR A 104 5.14 14.86 -2.82
CA THR A 104 4.80 14.15 -1.59
C THR A 104 4.63 12.66 -1.85
N GLN A 105 3.92 12.33 -2.92
CA GLN A 105 3.68 10.93 -3.27
C GLN A 105 4.98 10.24 -3.67
N LEU A 106 5.86 11.00 -4.32
CA LEU A 106 7.15 10.45 -4.76
C LEU A 106 8.04 10.13 -3.57
N GLU A 107 8.16 11.08 -2.65
CA GLU A 107 8.98 10.89 -1.45
C GLU A 107 8.47 9.72 -0.63
N GLN A 108 7.16 9.64 -0.46
CA GLN A 108 6.55 8.57 0.32
C GLN A 108 6.81 7.21 -0.33
N MET A 109 6.58 7.13 -1.64
CA MET A 109 6.80 5.89 -2.36
C MET A 109 8.27 5.49 -2.33
N PHE A 110 9.15 6.46 -2.61
CA PHE A 110 10.59 6.21 -2.61
C PHE A 110 11.05 5.73 -1.24
N ARG A 111 10.55 6.38 -0.19
CA ARG A 111 10.92 6.02 1.17
C ARG A 111 10.53 4.57 1.48
N ASP A 112 9.32 4.19 1.06
CA ASP A 112 8.84 2.84 1.28
C ASP A 112 9.72 1.81 0.59
N ILE A 113 9.98 2.02 -0.70
CA ILE A 113 10.81 1.12 -1.48
C ILE A 113 12.18 0.95 -0.84
N ALA A 114 12.77 2.06 -0.40
CA ALA A 114 14.08 2.02 0.24
C ALA A 114 14.03 1.27 1.57
N THR A 115 12.89 1.37 2.25
CA THR A 115 12.71 0.70 3.54
C THR A 115 12.60 -0.81 3.35
N ILE A 116 11.76 -1.22 2.41
CA ILE A 116 11.56 -2.64 2.14
C ILE A 116 12.83 -3.29 1.60
N VAL A 117 13.61 -2.52 0.85
CA VAL A 117 14.85 -3.01 0.27
C VAL A 117 15.99 -2.98 1.29
N ALA A 118 15.90 -2.06 2.24
CA ALA A 118 16.92 -1.92 3.26
C ALA A 118 16.61 -2.79 4.48
N ASP A 119 15.33 -3.08 4.69
CA ASP A 119 14.90 -3.89 5.83
C ASP A 119 14.53 -5.30 5.38
N LYS A 120 14.10 -5.44 4.13
CA LYS A 120 13.71 -6.73 3.59
C LYS A 120 14.51 -7.07 2.34
N CYS A 121 15.84 -7.03 2.44
CA CYS A 121 16.71 -7.34 1.32
C CYS A 121 18.17 -7.17 1.70
N VAL A 122 19.05 -7.88 0.99
CA VAL A 122 20.48 -7.81 1.26
C VAL A 122 21.28 -7.71 -0.04
N ASN A 123 22.60 -7.62 0.09
CA ASN A 123 23.47 -7.52 -1.06
C ASN A 123 24.59 -8.55 -0.99
N PRO A 124 25.16 -8.94 -2.15
CA PRO A 124 26.26 -9.92 -2.20
C PRO A 124 27.55 -9.37 -1.61
N GLU A 125 27.52 -9.08 -0.31
CA GLU A 125 28.68 -8.55 0.39
C GLU A 125 28.60 -8.83 1.89
N THR A 126 28.88 -10.08 2.26
CA THR A 126 28.85 -10.48 3.66
C THR A 126 27.45 -10.27 4.25
N LYS A 127 26.44 -10.29 3.39
CA LYS A 127 25.05 -10.12 3.83
C LYS A 127 24.89 -8.81 4.61
N ARG A 128 25.70 -7.81 4.25
CA ARG A 128 25.64 -6.52 4.92
C ARG A 128 24.41 -5.73 4.49
N PRO A 129 23.46 -5.49 5.42
CA PRO A 129 22.24 -4.75 5.11
C PRO A 129 22.53 -3.37 4.54
N TYR A 130 21.94 -3.07 3.38
CA TYR A 130 22.14 -1.79 2.73
C TYR A 130 21.36 -0.69 3.44
N THR A 131 21.68 0.56 3.13
CA THR A 131 21.01 1.70 3.74
C THR A 131 19.99 2.31 2.78
N VAL A 132 18.93 2.87 3.34
CA VAL A 132 17.88 3.50 2.54
C VAL A 132 18.46 4.54 1.59
N ILE A 133 19.46 5.28 2.08
CA ILE A 133 20.10 6.31 1.28
C ILE A 133 20.87 5.69 0.11
N LEU A 134 21.38 4.48 0.31
CA LEU A 134 22.12 3.78 -0.73
C LEU A 134 21.18 3.32 -1.84
N ILE A 135 20.07 2.70 -1.46
CA ILE A 135 19.09 2.21 -2.42
C ILE A 135 18.46 3.37 -3.19
N GLU A 136 18.22 4.48 -2.51
CA GLU A 136 17.62 5.65 -3.12
C GLU A 136 18.58 6.27 -4.14
N ARG A 137 19.85 6.40 -3.75
CA ARG A 137 20.86 6.97 -4.62
C ARG A 137 20.99 6.17 -5.92
N ALA A 138 21.12 4.86 -5.77
CA ALA A 138 21.25 3.98 -6.92
C ALA A 138 20.01 4.05 -7.81
N MET A 139 18.84 4.10 -7.18
CA MET A 139 17.58 4.17 -7.92
C MET A 139 17.53 5.42 -8.79
N LYS A 140 18.02 6.53 -8.24
CA LYS A 140 18.03 7.79 -8.97
C LYS A 140 19.17 7.83 -9.99
N ASP A 141 20.32 7.28 -9.61
CA ASP A 141 21.48 7.26 -10.48
C ASP A 141 21.20 6.43 -11.73
N ILE A 142 20.32 5.44 -11.60
CA ILE A 142 19.97 4.57 -12.72
C ILE A 142 18.73 5.07 -13.45
N HIS A 143 18.39 6.34 -13.22
CA HIS A 143 17.21 6.94 -13.86
C HIS A 143 15.96 6.10 -13.62
N TYR A 144 15.72 5.75 -12.36
CA TYR A 144 14.56 4.95 -12.01
C TYR A 144 13.40 5.84 -11.57
N SER A 145 12.27 5.71 -12.26
CA SER A 145 11.09 6.51 -11.95
C SER A 145 10.01 5.64 -11.31
N VAL A 146 9.66 5.94 -10.07
CA VAL A 146 8.65 5.19 -9.35
C VAL A 146 7.27 5.38 -9.99
N LYS A 147 6.40 4.39 -9.79
CA LYS A 147 5.06 4.45 -10.35
C LYS A 147 4.03 4.79 -9.26
N THR A 148 3.85 6.08 -9.00
CA THR A 148 2.91 6.53 -7.99
C THR A 148 1.49 6.09 -8.32
N ASN A 149 1.24 5.73 -9.58
CA ASN A 149 -0.08 5.29 -10.01
C ASN A 149 -0.23 3.77 -9.90
N LYS A 150 0.64 3.14 -9.12
CA LYS A 150 0.59 1.70 -8.94
C LYS A 150 1.07 1.30 -7.54
N SER A 151 1.08 0.00 -7.26
CA SER A 151 1.51 -0.51 -5.97
C SER A 151 3.02 -0.70 -5.93
N THR A 152 3.61 -0.47 -4.76
CA THR A 152 5.05 -0.62 -4.59
C THR A 152 5.48 -2.07 -4.78
N LYS A 153 4.70 -3.00 -4.22
CA LYS A 153 4.99 -4.42 -4.33
C LYS A 153 5.31 -4.81 -5.77
N GLN A 154 4.43 -4.42 -6.69
CA GLN A 154 4.62 -4.73 -8.11
C GLN A 154 5.91 -4.11 -8.63
N GLN A 155 6.27 -2.95 -8.07
CA GLN A 155 7.48 -2.25 -8.49
C GLN A 155 8.73 -2.94 -7.95
N ALA A 156 8.56 -3.70 -6.87
CA ALA A 156 9.69 -4.42 -6.26
C ALA A 156 10.45 -5.25 -7.28
N LEU A 157 9.72 -5.93 -8.16
CA LEU A 157 10.33 -6.76 -9.19
C LEU A 157 11.16 -5.92 -10.16
N GLU A 158 10.58 -4.82 -10.62
CA GLU A 158 11.26 -3.93 -11.56
C GLU A 158 12.50 -3.30 -10.93
N VAL A 159 12.38 -2.90 -9.67
CA VAL A 159 13.49 -2.27 -8.97
C VAL A 159 14.57 -3.27 -8.58
N ILE A 160 14.16 -4.42 -8.04
CA ILE A 160 15.11 -5.45 -7.63
C ILE A 160 15.86 -6.01 -8.83
N LYS A 161 15.21 -6.04 -9.99
CA LYS A 161 15.83 -6.55 -11.20
C LYS A 161 16.78 -5.52 -11.80
N GLN A 162 16.28 -4.29 -11.95
CA GLN A 162 17.09 -3.21 -12.52
C GLN A 162 18.28 -2.89 -11.63
N LEU A 163 18.05 -2.92 -10.31
CA LEU A 163 19.10 -2.62 -9.35
C LEU A 163 20.29 -3.57 -9.52
N LYS A 164 20.03 -4.74 -10.09
CA LYS A 164 21.08 -5.74 -10.32
C LYS A 164 22.24 -5.14 -11.11
N GLU A 165 21.93 -4.16 -11.96
CA GLU A 165 22.94 -3.52 -12.79
C GLU A 165 23.95 -2.78 -11.92
N LYS A 166 23.45 -2.03 -10.93
CA LYS A 166 24.30 -1.27 -10.04
C LYS A 166 24.71 -2.11 -8.83
N MET A 167 23.73 -2.54 -8.05
CA MET A 167 24.00 -3.36 -6.87
C MET A 167 23.03 -4.52 -6.79
N LYS A 168 23.56 -5.74 -6.78
CA LYS A 168 22.73 -6.94 -6.69
C LYS A 168 21.93 -6.96 -5.40
N ILE A 169 20.62 -6.76 -5.53
CA ILE A 169 19.74 -6.75 -4.37
C ILE A 169 18.72 -7.90 -4.44
N GLU A 170 18.68 -8.71 -3.40
CA GLU A 170 17.76 -9.84 -3.34
C GLU A 170 17.06 -9.91 -2.00
N ARG A 171 15.89 -10.56 -1.98
CA ARG A 171 15.12 -10.71 -0.75
C ARG A 171 15.14 -12.15 -0.27
N ALA A 172 15.33 -12.32 1.04
CA ALA A 172 15.36 -13.66 1.63
C ALA A 172 14.89 -13.64 3.07
N HIS A 173 14.08 -14.63 3.43
CA HIS A 173 13.56 -14.74 4.79
C HIS A 173 14.17 -15.95 5.50
N MET A 174 13.85 -16.10 6.79
CA MET A 174 14.38 -17.22 7.56
C MET A 174 13.76 -17.26 8.96
N ARG A 175 13.45 -18.48 9.41
CA ARG A 175 12.86 -18.68 10.73
C ARG A 175 13.92 -19.16 11.72
N LEU A 176 13.84 -18.67 12.96
CA LEU A 176 14.81 -19.03 13.97
C LEU A 176 14.14 -19.70 15.17
N ARG A 177 14.89 -20.58 15.83
CA ARG A 177 14.40 -21.30 17.01
C ARG A 177 15.47 -21.27 18.10
N PHE A 178 15.11 -20.73 19.26
CA PHE A 178 16.05 -20.64 20.38
C PHE A 178 15.48 -21.23 21.64
N ILE A 179 16.29 -22.04 22.32
CA ILE A 179 15.89 -22.67 23.57
C ILE A 179 16.79 -22.20 24.71
N LEU A 180 16.26 -21.30 25.54
CA LEU A 180 17.02 -20.76 26.65
C LEU A 180 16.62 -21.40 27.97
N PRO A 181 17.58 -21.54 28.91
CA PRO A 181 17.32 -22.14 30.22
C PRO A 181 16.21 -21.41 30.97
N VAL A 182 16.15 -21.63 32.28
CA VAL A 182 15.14 -20.99 33.11
C VAL A 182 15.48 -19.53 33.38
N ASN A 183 16.71 -19.28 33.80
CA ASN A 183 17.17 -17.92 34.09
C ASN A 183 17.58 -17.19 32.82
N GLU A 184 18.54 -17.75 32.10
CA GLU A 184 19.03 -17.15 30.86
C GLU A 184 17.89 -16.82 29.90
N GLY A 185 16.79 -17.54 30.01
CA GLY A 185 15.66 -17.31 29.15
C GLY A 185 14.98 -15.97 29.39
N LYS A 186 15.15 -15.44 30.61
CA LYS A 186 14.55 -14.16 30.96
C LYS A 186 15.30 -12.99 30.32
N LYS A 187 16.58 -13.20 30.02
CA LYS A 187 17.40 -12.17 29.42
C LYS A 187 17.27 -12.16 27.90
N LEU A 188 17.23 -13.35 27.31
CA LEU A 188 17.12 -13.48 25.86
C LEU A 188 15.74 -13.03 25.37
N LYS A 189 14.69 -13.64 25.92
CA LYS A 189 13.31 -13.32 25.54
C LYS A 189 13.10 -11.81 25.42
N GLU A 190 13.44 -11.09 26.47
CA GLU A 190 13.27 -9.64 26.49
C GLU A 190 14.09 -8.97 25.37
N LYS A 191 15.15 -9.63 24.95
CA LYS A 191 16.01 -9.11 23.89
C LYS A 191 15.42 -9.36 22.51
N LEU A 192 14.90 -10.57 22.31
CA LEU A 192 14.32 -10.95 21.02
C LEU A 192 13.02 -10.19 20.76
N LYS A 193 12.25 -9.97 21.82
CA LYS A 193 10.97 -9.27 21.71
C LYS A 193 11.08 -8.01 20.85
N PRO A 194 11.91 -7.05 21.27
CA PRO A 194 12.10 -5.79 20.53
C PRO A 194 12.95 -5.95 19.29
N LEU A 195 13.90 -6.88 19.33
CA LEU A 195 14.78 -7.12 18.19
C LEU A 195 13.99 -7.36 16.91
N ILE A 196 13.12 -8.37 16.94
CA ILE A 196 12.31 -8.70 15.77
C ILE A 196 11.06 -9.50 16.16
N LYS A 197 10.31 -9.94 15.15
CA LYS A 197 9.09 -10.70 15.37
C LYS A 197 9.36 -12.00 16.14
N VAL A 198 8.70 -12.12 17.30
CA VAL A 198 8.84 -13.29 18.14
C VAL A 198 7.59 -14.17 18.07
N ILE A 199 7.76 -15.41 17.59
CA ILE A 199 6.64 -16.33 17.47
C ILE A 199 6.98 -17.70 18.07
N GLU A 200 5.94 -18.47 18.37
CA GLU A 200 6.11 -19.80 18.94
C GLU A 200 6.91 -19.73 20.24
N SER A 201 6.36 -19.04 21.23
CA SER A 201 7.02 -18.90 22.53
C SER A 201 6.33 -19.76 23.58
N GLU A 202 7.10 -20.64 24.21
CA GLU A 202 6.57 -21.52 25.25
C GLU A 202 7.49 -21.55 26.45
N ASP A 203 6.97 -21.11 27.60
CA ASP A 203 7.76 -21.08 28.83
C ASP A 203 7.00 -21.76 29.98
N TYR A 204 7.75 -22.44 30.85
CA TYR A 204 7.16 -23.11 31.99
C TYR A 204 7.58 -22.44 33.30
N GLY A 205 6.71 -22.50 34.30
CA GLY A 205 7.02 -21.89 35.59
C GLY A 205 8.37 -22.33 36.13
N GLN A 206 9.32 -21.39 36.14
CA GLN A 206 10.66 -21.69 36.63
C GLN A 206 11.32 -22.76 35.77
N GLN A 207 11.09 -22.67 34.45
CA GLN A 207 11.65 -23.63 33.52
C GLN A 207 12.21 -22.92 32.28
N LEU A 208 12.79 -23.71 31.37
CA LEU A 208 13.37 -23.17 30.15
C LEU A 208 12.28 -22.72 29.18
N GLU A 209 12.59 -21.70 28.39
CA GLU A 209 11.64 -21.16 27.42
C GLU A 209 12.09 -21.45 26.00
N ILE A 210 11.15 -21.90 25.16
CA ILE A 210 11.43 -22.20 23.77
C ILE A 210 10.71 -21.22 22.85
N VAL A 211 11.46 -20.27 22.31
CA VAL A 211 10.89 -19.25 21.43
C VAL A 211 11.60 -19.22 20.08
N CYS A 212 10.84 -18.94 19.03
CA CYS A 212 11.40 -18.86 17.68
C CYS A 212 11.39 -17.41 17.19
N LEU A 213 12.40 -17.05 16.42
CA LEU A 213 12.52 -15.69 15.91
C LEU A 213 12.50 -15.65 14.39
N ILE A 214 11.64 -14.81 13.84
CA ILE A 214 11.53 -14.66 12.39
C ILE A 214 12.19 -13.37 11.93
N ASP A 215 13.12 -13.48 10.98
CA ASP A 215 13.82 -12.31 10.47
C ASP A 215 14.33 -12.54 9.05
N PRO A 216 14.46 -11.46 8.26
CA PRO A 216 14.96 -11.55 6.88
C PRO A 216 16.43 -11.96 6.81
N GLY A 217 17.03 -11.80 5.64
CA GLY A 217 18.42 -12.15 5.47
C GLY A 217 19.37 -11.03 5.83
N CYS A 218 18.85 -9.97 6.44
CA CYS A 218 19.67 -8.83 6.83
C CYS A 218 19.74 -8.70 8.36
N PHE A 219 18.61 -8.92 9.01
CA PHE A 219 18.54 -8.82 10.47
C PHE A 219 19.25 -10.00 11.13
N ARG A 220 19.42 -11.09 10.39
CA ARG A 220 20.08 -12.28 10.91
C ARG A 220 21.41 -11.93 11.56
N GLU A 221 22.04 -10.86 11.10
CA GLU A 221 23.31 -10.42 11.64
C GLU A 221 23.15 -9.95 13.08
N ILE A 222 22.34 -8.92 13.28
CA ILE A 222 22.11 -8.37 14.61
C ILE A 222 21.53 -9.43 15.54
N ASP A 223 20.81 -10.39 14.96
CA ASP A 223 20.21 -11.47 15.74
C ASP A 223 21.28 -12.40 16.30
N GLU A 224 22.01 -13.06 15.40
CA GLU A 224 23.06 -13.98 15.81
C GLU A 224 24.04 -13.31 16.77
N LEU A 225 24.25 -12.01 16.58
CA LEU A 225 25.17 -11.25 17.43
C LEU A 225 24.63 -11.14 18.85
N ILE A 226 23.49 -10.49 19.01
CA ILE A 226 22.90 -10.30 20.32
C ILE A 226 22.54 -11.64 20.98
N LYS A 227 21.97 -12.54 20.20
CA LYS A 227 21.58 -13.86 20.72
C LYS A 227 22.79 -14.59 21.28
N LYS A 228 23.83 -14.73 20.47
CA LYS A 228 25.04 -15.42 20.89
C LYS A 228 25.64 -14.77 22.13
N GLU A 229 25.59 -13.44 22.18
CA GLU A 229 26.15 -12.70 23.30
C GLU A 229 25.23 -12.80 24.53
N THR A 230 23.94 -13.03 24.30
CA THR A 230 22.98 -13.15 25.38
C THR A 230 22.92 -14.57 25.92
N LYS A 231 23.16 -15.55 25.04
CA LYS A 231 23.13 -16.95 25.44
C LYS A 231 24.45 -17.36 26.09
N GLY A 232 25.55 -16.76 25.63
CA GLY A 232 26.86 -17.08 26.17
C GLY A 232 27.12 -18.57 26.23
N LYS A 233 27.03 -19.23 25.07
CA LYS A 233 27.25 -20.67 24.99
C LYS A 233 26.53 -21.42 26.11
N GLY A 234 25.39 -20.87 26.52
CA GLY A 234 24.61 -21.50 27.57
C GLY A 234 23.29 -22.05 27.07
N SER A 235 22.78 -21.47 25.99
CA SER A 235 21.51 -21.91 25.42
C SER A 235 21.73 -22.55 24.05
N LEU A 236 20.67 -23.12 23.49
CA LEU A 236 20.74 -23.76 22.18
C LEU A 236 19.94 -22.97 21.15
N GLU A 237 20.35 -23.06 19.89
CA GLU A 237 19.66 -22.35 18.82
C GLU A 237 19.53 -23.23 17.57
N VAL A 238 18.29 -23.57 17.22
CA VAL A 238 18.02 -24.39 16.05
C VAL A 238 17.45 -23.56 14.91
N LEU A 239 17.76 -23.96 13.67
CA LEU A 239 17.25 -23.25 12.50
C LEU A 239 15.91 -23.82 12.06
N ASN A 240 14.98 -22.93 11.70
CA ASN A 240 13.66 -23.35 11.26
C ASN A 240 13.60 -23.43 9.73
N LEU A 241 13.64 -22.27 9.09
CA LEU A 241 13.58 -22.20 7.63
C LEU A 241 14.94 -21.84 7.05
N LYS A 242 15.13 -22.16 5.77
CA LYS A 242 16.39 -21.87 5.09
C LYS A 242 16.13 -21.23 3.73
N ASP A 243 16.92 -20.20 3.41
CA ASP A 243 16.78 -19.50 2.13
C ASP A 243 17.01 -20.45 0.96
N VAL A 244 15.93 -20.87 0.32
CA VAL A 244 16.02 -21.78 -0.82
C VAL A 244 14.92 -21.48 -1.84
N GLU A 245 15.28 -21.54 -3.12
CA GLU A 245 14.33 -21.27 -4.19
C GLU A 245 13.27 -22.37 -4.27
N GLU A 246 12.24 -22.24 -3.45
CA GLU A 246 11.16 -23.21 -3.42
C GLU A 246 9.84 -22.56 -3.07
N GLY A 247 9.66 -21.31 -3.49
CA GLY A 247 8.44 -20.58 -3.22
C GLY A 247 7.38 -20.82 -4.27
N ASP A 248 7.71 -20.49 -5.52
CA ASP A 248 6.76 -20.66 -6.63
C ASP A 248 7.33 -21.62 -7.68
N GLU A 249 8.62 -21.47 -7.97
CA GLU A 249 9.28 -22.32 -8.96
C GLU A 249 10.43 -23.08 -8.32
N LYS A 250 10.57 -24.36 -8.68
CA LYS A 250 11.63 -25.20 -8.15
C LYS A 250 12.74 -25.39 -9.17
N PHE A 251 12.35 -25.70 -10.41
CA PHE A 251 13.31 -25.91 -11.49
C PHE A 251 12.69 -25.59 -12.84
N GLU A 252 11.86 -24.56 -12.88
CA GLU A 252 11.21 -24.15 -14.11
C GLU A 252 10.80 -22.69 -14.07
N MET A 3 -23.46 24.91 -5.15
CA MET A 3 -23.63 26.25 -4.54
C MET A 3 -22.54 26.54 -3.52
N SER A 4 -21.35 26.91 -4.01
CA SER A 4 -20.23 27.21 -3.14
C SER A 4 -19.69 28.63 -3.41
N ILE A 5 -19.53 28.95 -4.70
CA ILE A 5 -19.02 30.26 -5.08
C ILE A 5 -17.60 30.48 -4.58
N PHE A 6 -16.64 30.40 -5.49
CA PHE A 6 -15.24 30.58 -5.14
C PHE A 6 -14.84 32.06 -5.23
N THR A 7 -13.97 32.50 -4.34
CA THR A 7 -13.51 33.88 -4.32
C THR A 7 -12.08 33.98 -4.84
N PRO A 8 -11.89 33.97 -6.17
CA PRO A 8 -10.57 34.06 -6.79
C PRO A 8 -9.95 35.44 -6.60
N THR A 9 -9.17 35.59 -5.53
CA THR A 9 -8.51 36.86 -5.24
C THR A 9 -7.11 36.89 -5.85
N ASN A 10 -6.28 37.82 -5.38
CA ASN A 10 -4.92 37.95 -5.88
C ASN A 10 -3.94 37.14 -5.04
N GLN A 11 -4.33 35.91 -4.72
CA GLN A 11 -3.49 35.02 -3.92
C GLN A 11 -3.91 33.57 -4.09
N ILE A 12 -5.22 33.33 -4.04
CA ILE A 12 -5.76 31.99 -4.19
C ILE A 12 -6.78 31.94 -5.33
N ARG A 13 -6.62 30.95 -6.21
CA ARG A 13 -7.52 30.80 -7.34
C ARG A 13 -8.47 29.62 -7.12
N LEU A 14 -7.92 28.41 -7.09
CA LEU A 14 -8.72 27.22 -6.89
C LEU A 14 -7.83 26.01 -6.58
N THR A 15 -7.62 25.77 -5.28
CA THR A 15 -6.79 24.65 -4.85
C THR A 15 -7.30 24.08 -3.53
N ASN A 16 -7.72 22.82 -3.56
CA ASN A 16 -8.24 22.16 -2.37
C ASN A 16 -8.58 20.70 -2.67
N VAL A 17 -9.37 20.49 -3.71
CA VAL A 17 -9.79 19.14 -4.10
C VAL A 17 -9.17 18.76 -5.45
N ALA A 18 -8.96 17.46 -5.65
CA ALA A 18 -8.38 16.96 -6.88
C ALA A 18 -9.41 16.98 -8.01
N VAL A 19 -8.97 17.44 -9.19
CA VAL A 19 -9.84 17.51 -10.35
C VAL A 19 -9.34 16.61 -11.47
N VAL A 20 -10.18 15.67 -11.87
CA VAL A 20 -9.82 14.74 -12.93
C VAL A 20 -10.66 14.98 -14.18
N ARG A 21 -10.02 14.89 -15.35
CA ARG A 21 -10.71 15.11 -16.61
C ARG A 21 -10.55 13.92 -17.55
N MET A 22 -11.51 13.75 -18.46
CA MET A 22 -11.46 12.64 -19.42
C MET A 22 -12.03 13.08 -20.77
N LYS A 23 -11.83 12.24 -21.78
CA LYS A 23 -12.32 12.54 -23.12
C LYS A 23 -13.33 11.48 -23.58
N ARG A 24 -14.57 11.90 -23.78
CA ARG A 24 -15.63 10.99 -24.21
C ARG A 24 -16.68 11.74 -25.02
N ALA A 25 -17.01 11.20 -26.19
CA ALA A 25 -18.01 11.81 -27.06
C ALA A 25 -17.64 13.24 -27.41
N GLY A 26 -16.35 13.48 -27.62
CA GLY A 26 -15.89 14.82 -27.96
C GLY A 26 -16.28 15.85 -26.91
N LYS A 27 -16.49 15.39 -25.68
CA LYS A 27 -16.86 16.29 -24.59
C LYS A 27 -15.88 16.17 -23.43
N ARG A 28 -15.50 17.31 -22.86
CA ARG A 28 -14.56 17.34 -21.75
C ARG A 28 -15.30 17.28 -20.42
N PHE A 29 -15.24 16.11 -19.77
CA PHE A 29 -15.89 15.92 -18.48
C PHE A 29 -14.88 15.95 -17.35
N GLU A 30 -15.30 16.45 -16.19
CA GLU A 30 -14.42 16.54 -15.03
C GLU A 30 -15.18 16.28 -13.73
N ILE A 31 -14.49 15.75 -12.74
CA ILE A 31 -15.10 15.46 -11.45
C ILE A 31 -14.16 15.81 -10.29
N ALA A 32 -14.74 16.18 -9.16
CA ALA A 32 -13.97 16.54 -7.98
C ALA A 32 -13.76 15.33 -7.07
N CYS A 33 -12.51 14.91 -6.95
CA CYS A 33 -12.17 13.76 -6.12
C CYS A 33 -10.92 14.03 -5.28
N TYR A 34 -10.55 13.07 -4.45
CA TYR A 34 -9.37 13.21 -3.59
C TYR A 34 -8.12 12.69 -4.31
N LYS A 35 -7.10 13.53 -4.38
CA LYS A 35 -5.85 13.16 -5.03
C LYS A 35 -5.28 11.87 -4.44
N ASN A 36 -5.48 11.70 -3.13
CA ASN A 36 -4.98 10.51 -2.43
C ASN A 36 -5.85 9.30 -2.74
N LYS A 37 -7.15 9.44 -2.56
CA LYS A 37 -8.08 8.36 -2.83
C LYS A 37 -8.12 8.00 -4.31
N VAL A 38 -7.79 8.98 -5.16
CA VAL A 38 -7.78 8.76 -6.59
C VAL A 38 -6.53 7.98 -7.02
N VAL A 39 -5.37 8.43 -6.55
CA VAL A 39 -4.12 7.76 -6.88
C VAL A 39 -4.13 6.32 -6.39
N GLY A 40 -4.71 6.12 -5.20
CA GLY A 40 -4.79 4.78 -4.64
C GLY A 40 -5.77 3.91 -5.40
N TRP A 41 -6.94 4.45 -5.68
CA TRP A 41 -7.97 3.72 -6.42
C TRP A 41 -7.45 3.31 -7.80
N ARG A 42 -6.90 4.28 -8.53
CA ARG A 42 -6.37 4.03 -9.85
C ARG A 42 -5.25 2.98 -9.80
N SER A 43 -4.40 3.09 -8.78
CA SER A 43 -3.30 2.14 -8.61
C SER A 43 -3.82 0.72 -8.47
N GLY A 44 -5.07 0.58 -8.05
CA GLY A 44 -5.65 -0.74 -7.87
C GLY A 44 -6.43 -0.87 -6.57
N VAL A 45 -6.14 0.00 -5.62
CA VAL A 45 -6.82 -0.03 -4.33
C VAL A 45 -8.33 0.08 -4.51
N GLU A 46 -9.08 -0.55 -3.61
CA GLU A 46 -10.53 -0.53 -3.66
C GLU A 46 -11.07 0.88 -3.42
N LYS A 47 -11.09 1.29 -2.16
CA LYS A 47 -11.58 2.62 -1.80
C LYS A 47 -13.06 2.78 -2.18
N ASP A 48 -13.79 3.54 -1.38
CA ASP A 48 -15.21 3.77 -1.62
C ASP A 48 -15.42 5.09 -2.36
N LEU A 49 -16.39 5.10 -3.27
CA LEU A 49 -16.70 6.30 -4.04
C LEU A 49 -17.22 7.41 -3.15
N ASP A 50 -17.83 7.04 -2.03
CA ASP A 50 -18.36 8.02 -1.09
C ASP A 50 -17.24 8.79 -0.39
N GLU A 51 -16.00 8.34 -0.58
CA GLU A 51 -14.86 9.00 0.05
C GLU A 51 -13.90 9.57 -1.00
N VAL A 52 -13.68 8.82 -2.07
CA VAL A 52 -12.78 9.25 -3.14
C VAL A 52 -13.41 10.34 -3.99
N LEU A 53 -14.74 10.33 -4.10
CA LEU A 53 -15.45 11.33 -4.89
C LEU A 53 -15.98 12.44 -4.00
N GLN A 54 -15.45 13.65 -4.18
CA GLN A 54 -15.88 14.80 -3.40
C GLN A 54 -17.22 15.32 -3.92
N THR A 55 -17.42 15.20 -5.23
CA THR A 55 -18.65 15.65 -5.86
C THR A 55 -19.28 14.51 -6.67
N HIS A 56 -20.49 14.13 -6.29
CA HIS A 56 -21.21 13.06 -6.98
C HIS A 56 -21.96 13.60 -8.20
N SER A 57 -21.21 14.25 -9.09
CA SER A 57 -21.79 14.83 -10.30
C SER A 57 -20.70 15.14 -11.32
N VAL A 58 -20.93 14.72 -12.56
CA VAL A 58 -19.98 14.96 -13.63
C VAL A 58 -19.96 16.42 -14.05
N PHE A 59 -18.87 17.11 -13.71
CA PHE A 59 -18.72 18.52 -14.05
C PHE A 59 -18.19 18.69 -15.47
N VAL A 60 -17.92 19.94 -15.83
CA VAL A 60 -17.40 20.26 -17.15
C VAL A 60 -16.19 21.19 -17.03
N ASN A 61 -16.39 22.29 -16.32
CA ASN A 61 -15.31 23.27 -16.10
C ASN A 61 -15.19 23.58 -14.62
N VAL A 62 -14.62 22.65 -13.87
CA VAL A 62 -14.44 22.83 -12.43
C VAL A 62 -13.66 24.10 -12.12
N SER A 63 -12.74 24.46 -13.02
CA SER A 63 -11.92 25.65 -12.85
C SER A 63 -12.79 26.89 -12.69
N LYS A 64 -13.97 26.88 -13.29
CA LYS A 64 -14.90 27.99 -13.20
C LYS A 64 -16.15 27.61 -12.42
N GLY A 65 -16.48 26.32 -12.42
CA GLY A 65 -17.65 25.85 -11.70
C GLY A 65 -18.82 25.57 -12.62
N GLN A 66 -18.57 24.79 -13.67
CA GLN A 66 -19.62 24.44 -14.63
C GLN A 66 -19.93 22.96 -14.59
N VAL A 67 -21.15 22.62 -14.20
CA VAL A 67 -21.58 21.23 -14.10
C VAL A 67 -22.17 20.74 -15.43
N ALA A 68 -22.06 19.45 -15.68
CA ALA A 68 -22.58 18.86 -16.90
C ALA A 68 -24.05 18.49 -16.74
N LYS A 69 -24.70 18.21 -17.86
CA LYS A 69 -26.12 17.84 -17.84
C LYS A 69 -26.29 16.33 -17.97
N LYS A 70 -27.37 15.81 -17.38
CA LYS A 70 -27.65 14.39 -17.43
C LYS A 70 -27.83 13.91 -18.86
N GLU A 71 -28.45 14.75 -19.68
CA GLU A 71 -28.69 14.41 -21.09
C GLU A 71 -27.37 14.11 -21.80
N ASP A 72 -26.38 14.97 -21.58
CA ASP A 72 -25.07 14.80 -22.21
C ASP A 72 -24.31 13.65 -21.56
N LEU A 73 -24.55 13.43 -20.28
CA LEU A 73 -23.88 12.37 -19.54
C LEU A 73 -24.26 11.01 -20.11
N ILE A 74 -25.54 10.83 -20.42
CA ILE A 74 -26.04 9.58 -20.97
C ILE A 74 -25.71 9.45 -22.45
N SER A 75 -25.88 10.54 -23.18
CA SER A 75 -25.60 10.55 -24.61
C SER A 75 -24.11 10.48 -24.89
N ALA A 76 -23.30 10.78 -23.88
CA ALA A 76 -21.85 10.77 -24.03
C ALA A 76 -21.25 9.49 -23.45
N PHE A 77 -21.82 8.99 -22.37
CA PHE A 77 -21.34 7.77 -21.72
C PHE A 77 -22.29 6.61 -21.95
N GLY A 78 -23.58 6.87 -21.77
CA GLY A 78 -24.57 5.83 -21.94
C GLY A 78 -24.76 4.97 -20.71
N THR A 79 -25.03 5.63 -19.57
CA THR A 79 -25.22 4.93 -18.31
C THR A 79 -26.20 5.68 -17.42
N ASP A 80 -26.06 7.00 -17.38
CA ASP A 80 -26.92 7.85 -16.56
C ASP A 80 -26.55 7.74 -15.08
N ASP A 81 -25.30 7.36 -14.82
CA ASP A 81 -24.81 7.23 -13.45
C ASP A 81 -23.54 8.05 -13.26
N GLN A 82 -23.70 9.29 -12.77
CA GLN A 82 -22.57 10.16 -12.55
C GLN A 82 -21.49 9.47 -11.71
N THR A 83 -21.91 8.57 -10.83
CA THR A 83 -20.98 7.84 -9.99
C THR A 83 -20.08 6.96 -10.83
N GLU A 84 -20.69 6.11 -11.65
CA GLU A 84 -19.94 5.21 -12.52
C GLU A 84 -19.08 6.01 -13.48
N ILE A 85 -19.66 7.06 -14.05
CA ILE A 85 -18.94 7.92 -14.98
C ILE A 85 -17.71 8.52 -14.31
N CYS A 86 -17.88 8.93 -13.06
CA CYS A 86 -16.78 9.52 -12.29
C CYS A 86 -15.66 8.49 -12.13
N LYS A 87 -16.04 7.26 -11.85
CA LYS A 87 -15.07 6.18 -11.68
C LYS A 87 -14.20 6.05 -12.94
N GLN A 88 -14.86 5.99 -14.09
CA GLN A 88 -14.16 5.87 -15.36
C GLN A 88 -13.16 7.00 -15.53
N ILE A 89 -13.60 8.23 -15.31
CA ILE A 89 -12.75 9.40 -15.44
C ILE A 89 -11.58 9.32 -14.45
N LEU A 90 -11.80 8.64 -13.33
CA LEU A 90 -10.77 8.51 -12.31
C LEU A 90 -9.69 7.51 -12.74
N THR A 91 -10.11 6.46 -13.44
CA THR A 91 -9.18 5.44 -13.90
C THR A 91 -8.64 5.75 -15.29
N LYS A 92 -9.47 6.41 -16.11
CA LYS A 92 -9.07 6.76 -17.47
C LYS A 92 -8.64 8.23 -17.56
N GLY A 93 -9.42 9.10 -16.94
CA GLY A 93 -9.11 10.52 -16.96
C GLY A 93 -7.83 10.85 -16.19
N GLU A 94 -7.24 12.00 -16.51
CA GLU A 94 -6.01 12.43 -15.85
C GLU A 94 -6.33 13.29 -14.64
N VAL A 95 -5.73 12.94 -13.50
CA VAL A 95 -5.95 13.69 -12.27
C VAL A 95 -4.98 14.86 -12.14
N GLN A 96 -5.46 15.96 -11.59
CA GLN A 96 -4.65 17.16 -11.40
C GLN A 96 -4.32 17.37 -9.92
N VAL A 97 -3.08 17.08 -9.55
CA VAL A 97 -2.65 17.24 -8.16
C VAL A 97 -1.71 18.43 -8.02
N SER A 98 -1.79 19.11 -6.87
CA SER A 98 -0.95 20.27 -6.60
C SER A 98 0.47 19.83 -6.24
N ASP A 99 1.42 20.75 -6.37
CA ASP A 99 2.82 20.47 -6.06
C ASP A 99 2.96 20.04 -4.60
N LYS A 100 2.15 20.62 -3.73
CA LYS A 100 2.18 20.31 -2.31
C LYS A 100 1.92 18.83 -2.06
N GLU A 101 0.77 18.36 -2.53
CA GLU A 101 0.39 16.96 -2.37
C GLU A 101 1.38 16.04 -3.09
N ARG A 102 1.95 16.54 -4.18
CA ARG A 102 2.92 15.77 -4.95
C ARG A 102 4.27 15.72 -4.24
N HIS A 103 4.58 16.78 -3.50
CA HIS A 103 5.84 16.86 -2.77
C HIS A 103 5.85 15.89 -1.59
N THR A 104 4.81 15.98 -0.75
CA THR A 104 4.71 15.11 0.42
C THR A 104 4.66 13.65 0.00
N GLN A 105 3.97 13.37 -1.10
CA GLN A 105 3.86 12.00 -1.60
C GLN A 105 5.21 11.50 -2.11
N LEU A 106 5.90 12.35 -2.87
CA LEU A 106 7.20 11.98 -3.42
C LEU A 106 8.19 11.70 -2.30
N GLU A 107 8.17 12.52 -1.26
CA GLU A 107 9.07 12.36 -0.13
C GLU A 107 8.76 11.06 0.62
N GLN A 108 7.48 10.82 0.86
CA GLN A 108 7.04 9.61 1.57
C GLN A 108 7.37 8.36 0.75
N MET A 109 7.08 8.41 -0.54
CA MET A 109 7.35 7.28 -1.43
C MET A 109 8.85 6.99 -1.49
N PHE A 110 9.65 8.03 -1.67
CA PHE A 110 11.09 7.88 -1.74
C PHE A 110 11.63 7.24 -0.46
N ARG A 111 11.23 7.79 0.68
CA ARG A 111 11.67 7.27 1.97
C ARG A 111 11.22 5.82 2.15
N ASP A 112 10.05 5.50 1.58
CA ASP A 112 9.51 4.16 1.67
C ASP A 112 10.42 3.16 0.95
N ILE A 113 10.74 3.46 -0.31
CA ILE A 113 11.60 2.61 -1.11
C ILE A 113 12.96 2.45 -0.44
N ALA A 114 13.44 3.53 0.17
CA ALA A 114 14.72 3.50 0.86
C ALA A 114 14.69 2.55 2.04
N THR A 115 13.65 2.67 2.86
CA THR A 115 13.48 1.80 4.03
C THR A 115 13.50 0.34 3.61
N ILE A 116 12.79 0.03 2.52
CA ILE A 116 12.74 -1.33 2.01
C ILE A 116 14.15 -1.84 1.68
N VAL A 117 14.81 -1.17 0.74
CA VAL A 117 16.16 -1.53 0.34
C VAL A 117 17.10 -1.57 1.55
N ALA A 118 16.73 -0.85 2.61
CA ALA A 118 17.53 -0.81 3.81
C ALA A 118 17.06 -1.85 4.83
N ASP A 119 15.88 -2.41 4.60
CA ASP A 119 15.33 -3.41 5.51
C ASP A 119 15.49 -4.82 4.97
N LYS A 120 14.79 -5.15 3.88
CA LYS A 120 14.87 -6.48 3.29
C LYS A 120 16.18 -6.68 2.54
N CYS A 121 16.50 -5.77 1.63
CA CYS A 121 17.72 -5.87 0.85
C CYS A 121 18.95 -5.80 1.76
N VAL A 122 20.05 -6.37 1.29
CA VAL A 122 21.31 -6.37 2.05
C VAL A 122 22.49 -6.10 1.14
N ASN A 123 23.56 -5.55 1.72
CA ASN A 123 24.76 -5.23 0.98
C ASN A 123 25.64 -6.47 0.81
N PRO A 124 25.90 -6.89 -0.46
CA PRO A 124 26.72 -8.07 -0.74
C PRO A 124 28.18 -7.87 -0.33
N GLU A 125 28.57 -6.62 -0.10
CA GLU A 125 29.94 -6.30 0.29
C GLU A 125 30.32 -7.02 1.57
N THR A 126 29.45 -6.94 2.57
CA THR A 126 29.70 -7.59 3.86
C THR A 126 28.44 -8.25 4.41
N LYS A 127 27.49 -8.54 3.53
CA LYS A 127 26.23 -9.18 3.92
C LYS A 127 25.56 -8.39 5.03
N ARG A 128 25.79 -7.09 5.07
CA ARG A 128 25.19 -6.23 6.09
C ARG A 128 23.99 -5.48 5.54
N PRO A 129 23.15 -4.90 6.42
CA PRO A 129 21.96 -4.15 6.01
C PRO A 129 22.31 -2.84 5.33
N TYR A 130 21.49 -2.44 4.37
CA TYR A 130 21.72 -1.20 3.63
C TYR A 130 21.32 0.01 4.49
N THR A 131 21.92 1.15 4.17
CA THR A 131 21.64 2.38 4.91
C THR A 131 20.85 3.37 4.04
N VAL A 132 19.96 4.11 4.68
CA VAL A 132 19.14 5.09 3.99
C VAL A 132 19.99 6.02 3.14
N ILE A 133 21.18 6.36 3.63
CA ILE A 133 22.09 7.25 2.91
C ILE A 133 22.59 6.58 1.64
N LEU A 134 22.81 5.27 1.70
CA LEU A 134 23.30 4.51 0.56
C LEU A 134 22.22 4.42 -0.52
N ILE A 135 20.98 4.22 -0.10
CA ILE A 135 19.86 4.10 -1.02
C ILE A 135 19.59 5.44 -1.71
N GLU A 136 19.53 6.50 -0.92
CA GLU A 136 19.27 7.84 -1.45
C GLU A 136 20.34 8.24 -2.46
N ARG A 137 21.60 8.11 -2.07
CA ARG A 137 22.71 8.45 -2.95
C ARG A 137 22.67 7.63 -4.23
N ALA A 138 22.42 6.33 -4.08
CA ALA A 138 22.35 5.43 -5.23
C ALA A 138 21.19 5.79 -6.15
N MET A 139 20.03 6.06 -5.54
CA MET A 139 18.84 6.42 -6.31
C MET A 139 19.08 7.65 -7.17
N LYS A 140 19.76 8.64 -6.61
CA LYS A 140 20.06 9.87 -7.32
C LYS A 140 21.18 9.65 -8.34
N ASP A 141 22.18 8.88 -7.95
CA ASP A 141 23.31 8.59 -8.83
C ASP A 141 22.84 7.98 -10.15
N ILE A 142 21.88 7.06 -10.06
CA ILE A 142 21.35 6.40 -11.24
C ILE A 142 20.16 7.16 -11.83
N HIS A 143 19.75 8.23 -11.15
CA HIS A 143 18.62 9.03 -11.62
C HIS A 143 17.36 8.20 -11.70
N TYR A 144 16.77 7.91 -10.54
CA TYR A 144 15.54 7.12 -10.48
C TYR A 144 14.31 8.01 -10.46
N SER A 145 13.14 7.41 -10.66
CA SER A 145 11.89 8.15 -10.66
C SER A 145 10.77 7.33 -10.03
N VAL A 146 9.90 7.99 -9.29
CA VAL A 146 8.79 7.32 -8.62
C VAL A 146 7.45 7.76 -9.23
N LYS A 147 6.43 6.92 -9.05
CA LYS A 147 5.10 7.21 -9.59
C LYS A 147 4.03 6.83 -8.57
N THR A 148 3.33 7.84 -8.07
CA THR A 148 2.27 7.62 -7.09
C THR A 148 1.17 6.73 -7.65
N ASN A 149 0.98 6.81 -8.97
CA ASN A 149 -0.04 6.01 -9.64
C ASN A 149 0.22 4.52 -9.45
N LYS A 150 1.49 4.16 -9.30
CA LYS A 150 1.88 2.76 -9.10
C LYS A 150 2.05 2.44 -7.63
N SER A 151 2.38 1.19 -7.32
CA SER A 151 2.58 0.76 -5.95
C SER A 151 4.07 0.62 -5.62
N THR A 152 4.40 0.67 -4.34
CA THR A 152 5.78 0.56 -3.90
C THR A 152 6.34 -0.83 -4.21
N LYS A 153 5.62 -1.86 -3.77
CA LYS A 153 6.05 -3.24 -3.99
C LYS A 153 6.41 -3.48 -5.46
N GLN A 154 5.52 -3.07 -6.36
CA GLN A 154 5.76 -3.24 -7.79
C GLN A 154 7.00 -2.48 -8.23
N GLN A 155 7.29 -1.38 -7.55
CA GLN A 155 8.45 -0.56 -7.87
C GLN A 155 9.75 -1.24 -7.40
N ALA A 156 9.64 -2.09 -6.39
CA ALA A 156 10.79 -2.80 -5.85
C ALA A 156 11.54 -3.55 -6.95
N LEU A 157 10.80 -4.08 -7.91
CA LEU A 157 11.40 -4.82 -9.01
C LEU A 157 12.11 -3.88 -9.98
N GLU A 158 11.51 -2.74 -10.25
CA GLU A 158 12.09 -1.76 -11.15
C GLU A 158 13.33 -1.12 -10.55
N VAL A 159 13.25 -0.79 -9.26
CA VAL A 159 14.36 -0.16 -8.56
C VAL A 159 15.54 -1.13 -8.40
N ILE A 160 15.24 -2.36 -7.99
CA ILE A 160 16.27 -3.38 -7.80
C ILE A 160 16.99 -3.69 -9.11
N LYS A 161 16.20 -3.86 -10.18
CA LYS A 161 16.77 -4.17 -11.49
C LYS A 161 17.62 -3.01 -12.00
N GLN A 162 17.09 -1.80 -11.89
CA GLN A 162 17.80 -0.61 -12.35
C GLN A 162 19.08 -0.39 -11.55
N LEU A 163 18.95 -0.30 -10.23
CA LEU A 163 20.09 -0.09 -9.35
C LEU A 163 21.17 -1.16 -9.57
N LYS A 164 20.74 -2.34 -10.00
CA LYS A 164 21.67 -3.44 -10.25
C LYS A 164 22.73 -3.04 -11.28
N GLU A 165 22.42 -2.04 -12.08
CA GLU A 165 23.35 -1.56 -13.11
C GLU A 165 24.68 -1.12 -12.49
N LYS A 166 24.62 -0.58 -11.28
CA LYS A 166 25.83 -0.12 -10.60
C LYS A 166 26.06 -0.90 -9.30
N MET A 167 24.97 -1.22 -8.61
CA MET A 167 25.06 -1.95 -7.35
C MET A 167 24.09 -3.13 -7.33
N LYS A 168 24.66 -4.34 -7.32
CA LYS A 168 23.85 -5.56 -7.31
C LYS A 168 23.17 -5.75 -5.95
N ILE A 169 21.89 -5.42 -5.89
CA ILE A 169 21.12 -5.56 -4.65
C ILE A 169 20.15 -6.72 -4.75
N GLU A 170 19.92 -7.41 -3.63
CA GLU A 170 19.01 -8.55 -3.60
C GLU A 170 18.37 -8.71 -2.23
N ARG A 171 17.38 -9.59 -2.16
CA ARG A 171 16.67 -9.85 -0.91
C ARG A 171 17.57 -10.57 0.09
N ALA A 172 17.33 -10.33 1.37
CA ALA A 172 18.13 -10.95 2.41
C ALA A 172 17.38 -12.07 3.12
N HIS A 173 18.07 -13.17 3.38
CA HIS A 173 17.49 -14.32 4.05
C HIS A 173 18.04 -14.46 5.46
N MET A 174 17.21 -14.95 6.38
CA MET A 174 17.62 -15.13 7.76
C MET A 174 16.53 -15.82 8.57
N ARG A 175 16.88 -16.23 9.80
CA ARG A 175 15.94 -16.89 10.68
C ARG A 175 15.39 -15.91 11.72
N LEU A 176 14.11 -16.03 12.03
CA LEU A 176 13.48 -15.14 13.01
C LEU A 176 12.73 -15.91 14.08
N ARG A 177 12.65 -15.32 15.27
CA ARG A 177 11.96 -15.93 16.40
C ARG A 177 10.85 -15.00 16.89
N PHE A 178 9.61 -15.40 16.67
CA PHE A 178 8.45 -14.60 17.08
C PHE A 178 7.69 -15.25 18.24
N ILE A 179 7.30 -14.43 19.20
CA ILE A 179 6.55 -14.90 20.36
C ILE A 179 5.20 -14.17 20.45
N LEU A 180 4.11 -14.92 20.38
CA LEU A 180 2.78 -14.34 20.45
C LEU A 180 1.97 -14.93 21.60
N PRO A 181 1.04 -14.13 22.17
CA PRO A 181 0.20 -14.58 23.28
C PRO A 181 -0.63 -15.80 22.90
N VAL A 182 -1.45 -16.26 23.85
CA VAL A 182 -2.29 -17.43 23.63
C VAL A 182 -3.51 -17.09 22.75
N ASN A 183 -4.18 -16.00 23.08
CA ASN A 183 -5.36 -15.57 22.32
C ASN A 183 -4.97 -14.80 21.07
N GLU A 184 -4.23 -13.71 21.25
CA GLU A 184 -3.80 -12.88 20.13
C GLU A 184 -2.84 -13.63 19.20
N GLY A 185 -2.20 -14.67 19.73
CA GLY A 185 -1.27 -15.45 18.94
C GLY A 185 -1.97 -16.28 17.87
N LYS A 186 -3.23 -16.60 18.09
CA LYS A 186 -3.99 -17.41 17.15
C LYS A 186 -4.50 -16.56 15.98
N LYS A 187 -4.56 -15.24 16.19
CA LYS A 187 -5.04 -14.33 15.15
C LYS A 187 -4.01 -14.14 14.05
N LEU A 188 -2.83 -13.67 14.43
CA LEU A 188 -1.75 -13.44 13.48
C LEU A 188 -1.22 -14.74 12.89
N LYS A 189 -1.16 -15.77 13.72
CA LYS A 189 -0.67 -17.08 13.29
C LYS A 189 -1.23 -17.48 11.92
N GLU A 190 -2.50 -17.17 11.69
CA GLU A 190 -3.15 -17.50 10.43
C GLU A 190 -2.73 -16.54 9.33
N LYS A 191 -2.71 -15.25 9.65
CA LYS A 191 -2.34 -14.22 8.69
C LYS A 191 -0.82 -14.18 8.45
N LEU A 192 -0.08 -14.97 9.21
CA LEU A 192 1.38 -15.00 9.08
C LEU A 192 1.83 -16.24 8.32
N LYS A 193 1.06 -17.32 8.44
CA LYS A 193 1.40 -18.58 7.76
C LYS A 193 1.64 -18.36 6.27
N PRO A 194 0.61 -17.88 5.54
CA PRO A 194 0.72 -17.65 4.09
C PRO A 194 1.57 -16.43 3.75
N LEU A 195 1.54 -15.43 4.63
CA LEU A 195 2.31 -14.20 4.42
C LEU A 195 3.79 -14.50 4.21
N ILE A 196 4.39 -15.20 5.16
CA ILE A 196 5.80 -15.55 5.07
C ILE A 196 6.05 -17.02 5.35
N LYS A 197 7.32 -17.42 5.31
CA LYS A 197 7.70 -18.81 5.56
C LYS A 197 7.79 -19.09 7.05
N VAL A 198 6.81 -19.80 7.58
CA VAL A 198 6.79 -20.14 9.00
C VAL A 198 7.60 -21.40 9.29
N ILE A 199 8.19 -21.46 10.48
CA ILE A 199 9.00 -22.59 10.88
C ILE A 199 9.06 -22.72 12.40
N GLU A 200 9.23 -23.94 12.89
CA GLU A 200 9.31 -24.20 14.32
C GLU A 200 8.11 -23.59 15.05
N SER A 201 6.99 -24.31 15.04
CA SER A 201 5.77 -23.84 15.70
C SER A 201 5.60 -24.52 17.05
N GLU A 202 5.35 -23.72 18.08
CA GLU A 202 5.15 -24.23 19.43
C GLU A 202 3.87 -23.70 20.05
N ASP A 203 2.98 -24.61 20.46
CA ASP A 203 1.72 -24.23 21.06
C ASP A 203 1.15 -25.39 21.89
N TYR A 204 0.87 -25.10 23.16
CA TYR A 204 0.33 -26.12 24.06
C TYR A 204 -1.07 -25.74 24.55
N GLY A 205 -2.09 -26.34 23.93
CA GLY A 205 -3.47 -26.05 24.32
C GLY A 205 -3.72 -24.58 24.54
N GLN A 206 -3.64 -24.15 25.80
CA GLN A 206 -3.87 -22.75 26.15
C GLN A 206 -2.56 -22.09 26.57
N GLN A 207 -1.55 -22.20 25.71
CA GLN A 207 -0.24 -21.61 25.98
C GLN A 207 0.15 -20.62 24.89
N LEU A 208 1.32 -19.99 25.06
CA LEU A 208 1.80 -19.02 24.10
C LEU A 208 2.27 -19.70 22.81
N GLU A 209 2.13 -19.00 21.69
CA GLU A 209 2.53 -19.54 20.39
C GLU A 209 3.90 -19.03 19.98
N ILE A 210 4.78 -19.97 19.59
CA ILE A 210 6.12 -19.62 19.15
C ILE A 210 6.28 -19.89 17.66
N VAL A 211 6.43 -18.81 16.89
CA VAL A 211 6.59 -18.94 15.45
C VAL A 211 7.87 -18.25 14.96
N CYS A 212 8.62 -18.96 14.12
CA CYS A 212 9.86 -18.43 13.58
C CYS A 212 9.71 -18.12 12.10
N LEU A 213 10.40 -17.09 11.62
CA LEU A 213 10.32 -16.70 10.22
C LEU A 213 11.64 -16.93 9.49
N ILE A 214 11.58 -17.62 8.36
CA ILE A 214 12.76 -17.90 7.56
C ILE A 214 12.73 -17.10 6.27
N ASP A 215 13.84 -16.44 5.96
CA ASP A 215 13.93 -15.63 4.76
C ASP A 215 12.96 -14.45 4.80
N PRO A 216 13.32 -13.38 5.51
CA PRO A 216 12.47 -12.19 5.65
C PRO A 216 12.19 -11.53 4.30
N GLY A 217 13.24 -11.26 3.53
CA GLY A 217 13.07 -10.63 2.24
C GLY A 217 12.17 -9.40 2.30
N CYS A 218 11.62 -9.01 1.16
CA CYS A 218 10.74 -7.84 1.10
C CYS A 218 9.49 -8.06 1.94
N PHE A 219 9.13 -9.32 2.14
CA PHE A 219 7.94 -9.66 2.92
C PHE A 219 8.07 -9.18 4.36
N ARG A 220 9.30 -8.95 4.81
CA ARG A 220 9.55 -8.49 6.17
C ARG A 220 8.74 -7.23 6.49
N GLU A 221 8.76 -6.27 5.57
CA GLU A 221 8.03 -5.03 5.76
C GLU A 221 6.54 -5.29 5.98
N ILE A 222 5.91 -5.92 5.00
CA ILE A 222 4.49 -6.24 5.10
C ILE A 222 4.19 -7.10 6.33
N ASP A 223 5.20 -7.81 6.80
CA ASP A 223 5.05 -8.67 7.97
C ASP A 223 4.96 -7.86 9.25
N GLU A 224 5.87 -6.90 9.40
CA GLU A 224 5.90 -6.05 10.59
C GLU A 224 4.66 -5.15 10.64
N LEU A 225 4.20 -4.72 9.47
CA LEU A 225 3.02 -3.86 9.40
C LEU A 225 1.75 -4.64 9.75
N ILE A 226 1.54 -5.76 9.08
CA ILE A 226 0.36 -6.58 9.32
C ILE A 226 0.34 -7.14 10.74
N LYS A 227 1.50 -7.58 11.22
CA LYS A 227 1.61 -8.14 12.56
C LYS A 227 1.36 -7.07 13.62
N LYS A 228 1.89 -5.87 13.40
CA LYS A 228 1.73 -4.78 14.35
C LYS A 228 0.27 -4.31 14.37
N GLU A 229 -0.39 -4.39 13.23
CA GLU A 229 -1.79 -3.97 13.13
C GLU A 229 -2.73 -5.07 13.61
N THR A 230 -2.30 -6.32 13.50
CA THR A 230 -3.12 -7.45 13.92
C THR A 230 -2.83 -7.83 15.37
N LYS A 231 -1.62 -7.54 15.83
CA LYS A 231 -1.23 -7.86 17.20
C LYS A 231 -1.16 -6.62 18.07
N GLY A 232 -1.13 -5.45 17.44
CA GLY A 232 -1.06 -4.21 18.18
C GLY A 232 0.15 -4.16 19.10
N LYS A 233 1.28 -4.68 18.63
CA LYS A 233 2.51 -4.70 19.41
C LYS A 233 2.37 -5.64 20.62
N GLY A 234 1.47 -6.61 20.51
CA GLY A 234 1.25 -7.55 21.59
C GLY A 234 2.17 -8.77 21.50
N SER A 235 3.15 -8.70 20.60
CA SER A 235 4.10 -9.80 20.43
C SER A 235 5.52 -9.27 20.27
N LEU A 236 6.49 -10.19 20.24
CA LEU A 236 7.89 -9.79 20.09
C LEU A 236 8.59 -10.68 19.06
N GLU A 237 9.58 -10.13 18.39
CA GLU A 237 10.34 -10.88 17.38
C GLU A 237 11.84 -10.63 17.53
N VAL A 238 12.57 -11.68 17.87
CA VAL A 238 14.02 -11.58 18.03
C VAL A 238 14.75 -12.26 16.88
N LEU A 239 15.89 -11.68 16.49
CA LEU A 239 16.68 -12.22 15.40
C LEU A 239 17.36 -13.53 15.82
N ASN A 240 17.31 -14.52 14.94
CA ASN A 240 17.91 -15.82 15.22
C ASN A 240 19.37 -15.85 14.78
N LEU A 241 19.59 -15.81 13.47
CA LEU A 241 20.94 -15.84 12.92
C LEU A 241 20.97 -15.17 11.54
N LYS A 242 22.17 -14.99 11.02
CA LYS A 242 22.36 -14.37 9.71
C LYS A 242 23.54 -14.96 8.97
N ASP A 243 23.37 -15.21 7.67
CA ASP A 243 24.42 -15.79 6.85
C ASP A 243 25.52 -14.76 6.57
N VAL A 244 26.65 -14.91 7.24
CA VAL A 244 27.78 -14.00 7.07
C VAL A 244 29.03 -14.75 6.62
N GLU A 245 29.28 -15.91 7.23
CA GLU A 245 30.44 -16.72 6.90
C GLU A 245 30.28 -17.37 5.52
N GLU A 246 31.34 -18.00 5.05
CA GLU A 246 31.31 -18.67 3.75
C GLU A 246 32.63 -19.39 3.49
N GLY A 247 33.70 -18.64 3.32
CA GLY A 247 35.00 -19.22 3.07
C GLY A 247 36.04 -18.20 2.65
N ASP A 248 36.23 -17.17 3.47
CA ASP A 248 37.19 -16.11 3.19
C ASP A 248 38.35 -16.15 4.18
N GLU A 249 38.05 -15.92 5.45
CA GLU A 249 39.06 -15.92 6.48
C GLU A 249 38.43 -15.77 7.87
N LYS A 250 39.27 -15.53 8.87
CA LYS A 250 38.80 -15.36 10.24
C LYS A 250 39.37 -14.09 10.86
N PHE A 251 39.24 -12.98 10.15
CA PHE A 251 39.74 -11.69 10.63
C PHE A 251 38.62 -10.88 11.27
N GLU A 252 37.64 -11.58 11.84
CA GLU A 252 36.51 -10.92 12.49
C GLU A 252 36.92 -10.36 13.84
N MET A 3 -17.96 39.24 -12.56
CA MET A 3 -17.14 38.22 -11.89
C MET A 3 -15.95 37.81 -12.74
N SER A 4 -15.18 36.84 -12.26
CA SER A 4 -14.00 36.37 -12.97
C SER A 4 -14.02 34.85 -13.11
N ILE A 5 -14.00 34.16 -11.97
CA ILE A 5 -14.03 32.70 -11.96
C ILE A 5 -15.00 32.17 -10.92
N PHE A 6 -14.88 32.67 -9.69
CA PHE A 6 -15.75 32.25 -8.60
C PHE A 6 -17.15 32.83 -8.77
N THR A 7 -18.16 31.96 -8.73
CA THR A 7 -19.55 32.40 -8.88
C THR A 7 -20.02 33.12 -7.62
N PRO A 8 -20.05 32.43 -6.47
CA PRO A 8 -20.50 33.02 -5.20
C PRO A 8 -19.53 34.09 -4.70
N THR A 9 -18.26 33.72 -4.54
CA THR A 9 -17.25 34.65 -4.07
C THR A 9 -17.66 35.29 -2.75
N ASN A 10 -18.52 34.61 -2.00
CA ASN A 10 -19.00 35.12 -0.71
C ASN A 10 -20.00 34.15 -0.09
N GLN A 11 -19.61 32.88 0.00
CA GLN A 11 -20.48 31.86 0.58
C GLN A 11 -19.71 30.56 0.80
N ILE A 12 -19.31 29.92 -0.30
CA ILE A 12 -18.57 28.66 -0.22
C ILE A 12 -17.08 28.90 -0.41
N ARG A 13 -16.29 27.83 -0.23
CA ARG A 13 -14.85 27.92 -0.38
C ARG A 13 -14.29 26.68 -1.07
N LEU A 14 -14.36 26.67 -2.40
CA LEU A 14 -13.88 25.54 -3.18
C LEU A 14 -12.39 25.31 -2.94
N THR A 15 -12.07 24.33 -2.10
CA THR A 15 -10.68 24.01 -1.79
C THR A 15 -9.96 23.49 -3.03
N ASN A 16 -8.67 23.17 -2.87
CA ASN A 16 -7.87 22.67 -3.98
C ASN A 16 -8.14 21.18 -4.21
N VAL A 17 -9.40 20.86 -4.52
CA VAL A 17 -9.79 19.48 -4.77
C VAL A 17 -9.20 18.97 -6.09
N ALA A 18 -8.97 17.67 -6.16
CA ALA A 18 -8.42 17.06 -7.36
C ALA A 18 -9.47 16.94 -8.45
N VAL A 19 -9.09 17.27 -9.68
CA VAL A 19 -10.01 17.21 -10.81
C VAL A 19 -9.53 16.21 -11.85
N VAL A 20 -10.32 15.17 -12.06
CA VAL A 20 -9.98 14.14 -13.04
C VAL A 20 -10.75 14.35 -14.33
N ARG A 21 -10.03 14.62 -15.41
CA ARG A 21 -10.63 14.85 -16.71
C ARG A 21 -10.53 13.60 -17.58
N MET A 22 -11.41 13.51 -18.59
CA MET A 22 -11.43 12.37 -19.49
C MET A 22 -12.22 12.69 -20.75
N LYS A 23 -11.63 12.43 -21.91
CA LYS A 23 -12.29 12.70 -23.18
C LYS A 23 -13.15 11.50 -23.61
N ARG A 24 -14.35 11.79 -24.08
CA ARG A 24 -15.27 10.75 -24.53
C ARG A 24 -16.37 11.33 -25.41
N ALA A 25 -16.63 10.67 -26.53
CA ALA A 25 -17.67 11.11 -27.46
C ALA A 25 -17.36 12.51 -27.99
N GLY A 26 -16.09 12.91 -27.93
CA GLY A 26 -15.69 14.22 -28.41
C GLY A 26 -15.71 15.27 -27.31
N LYS A 27 -16.76 15.26 -26.50
CA LYS A 27 -16.89 16.22 -25.42
C LYS A 27 -15.87 15.94 -24.32
N ARG A 28 -15.80 16.85 -23.34
CA ARG A 28 -14.86 16.70 -22.23
C ARG A 28 -15.61 16.73 -20.89
N PHE A 29 -15.17 15.88 -19.97
CA PHE A 29 -15.79 15.81 -18.65
C PHE A 29 -14.75 15.75 -17.54
N GLU A 30 -15.13 16.16 -16.34
CA GLU A 30 -14.23 16.16 -15.21
C GLU A 30 -15.00 16.04 -13.89
N ILE A 31 -14.41 15.36 -12.91
CA ILE A 31 -15.06 15.18 -11.62
C ILE A 31 -14.17 15.69 -10.49
N ALA A 32 -14.80 16.18 -9.42
CA ALA A 32 -14.08 16.69 -8.27
C ALA A 32 -13.88 15.60 -7.21
N CYS A 33 -12.65 15.12 -7.10
CA CYS A 33 -12.32 14.06 -6.15
C CYS A 33 -11.02 14.37 -5.40
N TYR A 34 -10.65 13.50 -4.48
CA TYR A 34 -9.44 13.67 -3.69
C TYR A 34 -8.22 13.18 -4.45
N LYS A 35 -7.18 14.01 -4.51
CA LYS A 35 -5.96 13.65 -5.21
C LYS A 35 -5.33 12.39 -4.60
N ASN A 36 -5.44 12.26 -3.28
CA ASN A 36 -4.88 11.11 -2.58
C ASN A 36 -5.78 9.89 -2.75
N LYS A 37 -7.08 10.08 -2.54
CA LYS A 37 -8.03 8.99 -2.68
C LYS A 37 -8.10 8.50 -4.12
N VAL A 38 -7.91 9.41 -5.06
CA VAL A 38 -7.93 9.08 -6.48
C VAL A 38 -6.68 8.31 -6.88
N VAL A 39 -5.51 8.87 -6.55
CA VAL A 39 -4.25 8.22 -6.88
C VAL A 39 -4.21 6.81 -6.32
N GLY A 40 -4.77 6.65 -5.11
CA GLY A 40 -4.80 5.34 -4.49
C GLY A 40 -5.75 4.39 -5.19
N TRP A 41 -6.94 4.89 -5.52
CA TRP A 41 -7.94 4.09 -6.20
C TRP A 41 -7.41 3.62 -7.55
N ARG A 42 -7.04 4.57 -8.40
CA ARG A 42 -6.50 4.25 -9.72
C ARG A 42 -5.26 3.39 -9.61
N SER A 43 -4.47 3.62 -8.57
CA SER A 43 -3.24 2.86 -8.35
C SER A 43 -3.56 1.39 -8.10
N GLY A 44 -4.74 1.12 -7.58
CA GLY A 44 -5.14 -0.24 -7.29
C GLY A 44 -5.76 -0.40 -5.92
N VAL A 45 -5.42 0.51 -5.01
CA VAL A 45 -5.94 0.46 -3.65
C VAL A 45 -7.46 0.54 -3.64
N GLU A 46 -8.09 -0.42 -2.95
CA GLU A 46 -9.55 -0.46 -2.86
C GLU A 46 -10.09 0.83 -2.25
N LYS A 47 -11.27 1.24 -2.70
CA LYS A 47 -11.88 2.46 -2.19
C LYS A 47 -13.31 2.62 -2.72
N ASP A 48 -14.09 3.49 -2.11
CA ASP A 48 -15.47 3.73 -2.52
C ASP A 48 -15.65 5.16 -3.04
N LEU A 49 -16.62 5.33 -3.92
CA LEU A 49 -16.92 6.63 -4.50
C LEU A 49 -17.36 7.64 -3.43
N ASP A 50 -17.99 7.13 -2.39
CA ASP A 50 -18.47 7.97 -1.30
C ASP A 50 -17.33 8.59 -0.50
N GLU A 51 -16.10 8.15 -0.76
CA GLU A 51 -14.95 8.68 -0.04
C GLU A 51 -13.89 9.29 -0.98
N VAL A 52 -13.83 8.79 -2.21
CA VAL A 52 -12.87 9.29 -3.17
C VAL A 52 -13.41 10.48 -3.97
N LEU A 53 -14.72 10.53 -4.16
CA LEU A 53 -15.34 11.62 -4.90
C LEU A 53 -15.80 12.73 -3.96
N GLN A 54 -15.45 13.96 -4.32
CA GLN A 54 -15.83 15.12 -3.53
C GLN A 54 -17.26 15.52 -3.88
N THR A 55 -17.56 15.48 -5.18
CA THR A 55 -18.89 15.81 -5.68
C THR A 55 -19.39 14.72 -6.62
N HIS A 56 -20.47 14.04 -6.22
CA HIS A 56 -21.03 12.97 -7.03
C HIS A 56 -21.76 13.51 -8.26
N SER A 57 -20.99 14.09 -9.18
CA SER A 57 -21.56 14.66 -10.40
C SER A 57 -20.45 14.96 -11.40
N VAL A 58 -20.74 14.70 -12.67
CA VAL A 58 -19.77 14.95 -13.74
C VAL A 58 -19.70 16.44 -14.06
N PHE A 59 -18.62 17.07 -13.64
CA PHE A 59 -18.42 18.50 -13.87
C PHE A 59 -17.88 18.77 -15.27
N VAL A 60 -17.68 20.05 -15.56
CA VAL A 60 -17.16 20.48 -16.85
C VAL A 60 -16.01 21.46 -16.65
N ASN A 61 -16.22 22.42 -15.76
CA ASN A 61 -15.22 23.42 -15.44
C ASN A 61 -15.12 23.60 -13.93
N VAL A 62 -14.65 22.56 -13.24
CA VAL A 62 -14.51 22.57 -11.78
C VAL A 62 -13.78 23.82 -11.32
N SER A 63 -12.73 24.20 -12.04
CA SER A 63 -11.94 25.38 -11.70
C SER A 63 -12.81 26.63 -11.61
N LYS A 64 -13.93 26.63 -12.32
CA LYS A 64 -14.85 27.75 -12.31
C LYS A 64 -16.16 27.40 -11.60
N GLY A 65 -16.49 26.12 -11.60
CA GLY A 65 -17.72 25.67 -10.96
C GLY A 65 -18.82 25.39 -11.95
N GLN A 66 -18.47 24.71 -13.04
CA GLN A 66 -19.45 24.38 -14.08
C GLN A 66 -19.75 22.88 -14.07
N VAL A 67 -21.02 22.54 -13.95
CA VAL A 67 -21.44 21.14 -13.93
C VAL A 67 -22.12 20.75 -15.23
N ALA A 68 -21.97 19.48 -15.62
CA ALA A 68 -22.56 18.98 -16.85
C ALA A 68 -24.02 18.57 -16.62
N LYS A 69 -24.79 18.53 -17.70
CA LYS A 69 -26.20 18.16 -17.61
C LYS A 69 -26.38 16.65 -17.80
N LYS A 70 -27.44 16.12 -17.22
CA LYS A 70 -27.73 14.69 -17.31
C LYS A 70 -27.88 14.27 -18.77
N GLU A 71 -28.38 15.17 -19.59
CA GLU A 71 -28.59 14.90 -21.02
C GLU A 71 -27.26 14.55 -21.69
N ASP A 72 -26.27 15.42 -21.50
CA ASP A 72 -24.95 15.21 -22.10
C ASP A 72 -24.27 14.00 -21.48
N LEU A 73 -24.52 13.77 -20.19
CA LEU A 73 -23.94 12.65 -19.49
C LEU A 73 -24.37 11.32 -20.11
N ILE A 74 -25.67 11.19 -20.36
CA ILE A 74 -26.22 9.98 -20.95
C ILE A 74 -26.02 9.95 -22.45
N SER A 75 -25.96 11.14 -23.06
CA SER A 75 -25.77 11.25 -24.50
C SER A 75 -24.32 11.01 -24.89
N ALA A 76 -23.40 11.16 -23.93
CA ALA A 76 -21.98 10.95 -24.19
C ALA A 76 -21.51 9.60 -23.66
N PHE A 77 -22.13 9.13 -22.59
CA PHE A 77 -21.77 7.84 -21.99
C PHE A 77 -22.84 6.79 -22.26
N GLY A 78 -24.09 7.21 -22.32
CA GLY A 78 -25.17 6.28 -22.57
C GLY A 78 -25.97 5.96 -21.31
N THR A 79 -25.44 6.35 -20.16
CA THR A 79 -26.11 6.10 -18.89
C THR A 79 -26.14 7.37 -18.03
N ASP A 80 -26.89 7.32 -16.93
CA ASP A 80 -27.00 8.46 -16.03
C ASP A 80 -26.20 8.24 -14.76
N ASP A 81 -25.79 7.01 -14.51
CA ASP A 81 -25.01 6.67 -13.32
C ASP A 81 -23.72 7.48 -13.27
N GLN A 82 -23.79 8.69 -12.72
CA GLN A 82 -22.62 9.56 -12.61
C GLN A 82 -21.51 8.86 -11.83
N THR A 83 -21.89 8.04 -10.86
CA THR A 83 -20.91 7.32 -10.05
C THR A 83 -20.04 6.43 -10.93
N GLU A 84 -20.70 5.57 -11.71
CA GLU A 84 -19.99 4.65 -12.60
C GLU A 84 -19.11 5.44 -13.57
N ILE A 85 -19.65 6.53 -14.11
CA ILE A 85 -18.92 7.37 -15.04
C ILE A 85 -17.64 7.91 -14.38
N CYS A 86 -17.77 8.32 -13.11
CA CYS A 86 -16.62 8.83 -12.38
C CYS A 86 -15.56 7.74 -12.23
N LYS A 87 -16.01 6.51 -12.00
CA LYS A 87 -15.10 5.39 -11.85
C LYS A 87 -14.24 5.24 -13.10
N GLN A 88 -14.90 5.13 -14.25
CA GLN A 88 -14.20 4.97 -15.52
C GLN A 88 -13.23 6.13 -15.76
N ILE A 89 -13.68 7.34 -15.47
CA ILE A 89 -12.86 8.53 -15.66
C ILE A 89 -11.70 8.55 -14.66
N LEU A 90 -11.92 7.95 -13.49
CA LEU A 90 -10.88 7.90 -12.46
C LEU A 90 -9.83 6.86 -12.79
N THR A 91 -10.22 5.82 -13.51
CA THR A 91 -9.30 4.75 -13.89
C THR A 91 -8.74 4.99 -15.30
N LYS A 92 -9.54 5.62 -16.16
CA LYS A 92 -9.12 5.90 -17.53
C LYS A 92 -8.70 7.35 -17.67
N GLY A 93 -9.48 8.26 -17.10
CA GLY A 93 -9.16 9.68 -17.19
C GLY A 93 -7.85 10.02 -16.50
N GLU A 94 -7.49 11.29 -16.55
CA GLU A 94 -6.24 11.74 -15.92
C GLU A 94 -6.54 12.68 -14.75
N VAL A 95 -5.84 12.48 -13.64
CA VAL A 95 -6.02 13.30 -12.46
C VAL A 95 -5.09 14.51 -12.48
N GLN A 96 -5.66 15.70 -12.60
CA GLN A 96 -4.88 16.93 -12.64
C GLN A 96 -4.50 17.36 -11.23
N VAL A 97 -3.23 17.20 -10.88
CA VAL A 97 -2.73 17.58 -9.56
C VAL A 97 -1.89 18.84 -9.63
N SER A 98 -1.96 19.65 -8.57
CA SER A 98 -1.20 20.90 -8.51
C SER A 98 0.17 20.67 -7.91
N ASP A 99 0.98 21.72 -7.88
CA ASP A 99 2.32 21.63 -7.32
C ASP A 99 2.29 21.17 -5.86
N LYS A 100 1.36 21.72 -5.09
CA LYS A 100 1.21 21.37 -3.69
C LYS A 100 0.80 19.91 -3.54
N GLU A 101 -0.18 19.50 -4.35
CA GLU A 101 -0.67 18.13 -4.31
C GLU A 101 0.40 17.15 -4.81
N ARG A 102 1.22 17.61 -5.74
CA ARG A 102 2.28 16.78 -6.30
C ARG A 102 3.40 16.57 -5.28
N HIS A 103 3.79 17.64 -4.61
CA HIS A 103 4.85 17.58 -3.61
C HIS A 103 4.42 16.71 -2.43
N THR A 104 3.17 16.87 -2.01
CA THR A 104 2.63 16.10 -0.89
C THR A 104 2.68 14.60 -1.18
N GLN A 105 2.43 14.25 -2.44
CA GLN A 105 2.44 12.85 -2.85
C GLN A 105 3.83 12.24 -2.66
N LEU A 106 4.85 12.94 -3.13
CA LEU A 106 6.22 12.46 -3.01
C LEU A 106 6.62 12.32 -1.55
N GLU A 107 6.34 13.35 -0.75
CA GLU A 107 6.65 13.34 0.66
C GLU A 107 5.90 12.22 1.38
N GLN A 108 4.60 12.11 1.08
CA GLN A 108 3.76 11.09 1.70
C GLN A 108 4.26 9.69 1.35
N MET A 109 4.62 9.49 0.08
CA MET A 109 5.12 8.20 -0.37
C MET A 109 6.45 7.87 0.31
N PHE A 110 7.37 8.83 0.32
CA PHE A 110 8.67 8.64 0.94
C PHE A 110 8.52 8.32 2.43
N ARG A 111 7.81 9.18 3.14
CA ARG A 111 7.58 8.99 4.57
C ARG A 111 6.87 7.68 4.85
N ASP A 112 6.02 7.27 3.90
CA ASP A 112 5.28 6.03 4.05
C ASP A 112 6.22 4.82 4.06
N ILE A 113 7.09 4.75 3.06
CA ILE A 113 8.05 3.66 2.96
C ILE A 113 8.98 3.64 4.17
N ALA A 114 9.36 4.82 4.62
CA ALA A 114 10.25 4.94 5.78
C ALA A 114 9.55 4.49 7.06
N THR A 115 8.27 4.82 7.16
CA THR A 115 7.48 4.45 8.33
C THR A 115 7.30 2.94 8.41
N ILE A 116 7.13 2.30 7.25
CA ILE A 116 6.96 0.86 7.20
C ILE A 116 8.27 0.13 7.51
N VAL A 117 9.36 0.65 6.96
CA VAL A 117 10.68 0.04 7.19
C VAL A 117 11.18 0.33 8.59
N ALA A 118 10.66 1.40 9.21
CA ALA A 118 11.07 1.79 10.55
C ALA A 118 10.15 1.17 11.61
N ASP A 119 8.86 1.10 11.29
CA ASP A 119 7.88 0.54 12.21
C ASP A 119 7.58 -0.92 11.87
N LYS A 120 7.31 -1.18 10.59
CA LYS A 120 7.01 -2.54 10.15
C LYS A 120 8.27 -3.25 9.67
N CYS A 121 9.33 -3.14 10.46
CA CYS A 121 10.60 -3.80 10.12
C CYS A 121 11.63 -3.57 11.22
N VAL A 122 12.60 -4.47 11.29
CA VAL A 122 13.65 -4.38 12.31
C VAL A 122 15.00 -4.81 11.73
N ASN A 123 16.06 -4.56 12.49
CA ASN A 123 17.41 -4.93 12.06
C ASN A 123 17.75 -6.36 12.48
N PRO A 124 18.24 -7.20 11.54
CA PRO A 124 18.59 -8.58 11.83
C PRO A 124 19.91 -8.70 12.59
N GLU A 125 19.94 -8.15 13.79
CA GLU A 125 21.15 -8.19 14.62
C GLU A 125 20.80 -8.39 16.08
N THR A 126 19.97 -7.50 16.61
CA THR A 126 19.55 -7.59 18.02
C THR A 126 18.04 -7.36 18.15
N LYS A 127 17.31 -7.61 17.07
CA LYS A 127 15.86 -7.44 17.08
C LYS A 127 15.47 -6.05 17.55
N ARG A 128 16.26 -5.06 17.16
CA ARG A 128 16.00 -3.67 17.54
C ARG A 128 15.36 -2.90 16.39
N PRO A 129 14.32 -2.10 16.69
CA PRO A 129 13.62 -1.30 15.67
C PRO A 129 14.57 -0.43 14.86
N TYR A 130 14.13 -0.02 13.67
CA TYR A 130 14.94 0.83 12.81
C TYR A 130 14.55 2.29 12.95
N THR A 131 15.42 3.19 12.48
CA THR A 131 15.15 4.62 12.57
C THR A 131 14.87 5.20 11.19
N VAL A 132 13.77 5.95 11.09
CA VAL A 132 13.38 6.57 9.82
C VAL A 132 14.52 7.41 9.25
N ILE A 133 15.31 8.01 10.12
CA ILE A 133 16.43 8.84 9.69
C ILE A 133 17.46 8.01 8.93
N LEU A 134 17.65 6.77 9.37
CA LEU A 134 18.60 5.87 8.72
C LEU A 134 18.05 5.35 7.41
N ILE A 135 16.75 5.05 7.40
CA ILE A 135 16.09 4.54 6.21
C ILE A 135 16.01 5.62 5.13
N GLU A 136 15.77 6.85 5.56
CA GLU A 136 15.67 7.98 4.63
C GLU A 136 17.03 8.33 4.06
N ARG A 137 18.03 8.44 4.94
CA ARG A 137 19.39 8.76 4.51
C ARG A 137 19.91 7.75 3.51
N ALA A 138 19.76 6.47 3.85
CA ALA A 138 20.23 5.39 2.97
C ALA A 138 19.44 5.38 1.66
N MET A 139 18.14 5.61 1.76
CA MET A 139 17.29 5.63 0.56
C MET A 139 17.65 6.80 -0.34
N LYS A 140 18.13 7.89 0.25
CA LYS A 140 18.50 9.08 -0.51
C LYS A 140 19.86 8.87 -1.18
N ASP A 141 20.83 8.35 -0.43
CA ASP A 141 22.16 8.11 -0.95
C ASP A 141 22.12 7.14 -2.12
N ILE A 142 21.29 6.10 -1.99
CA ILE A 142 21.15 5.11 -3.05
C ILE A 142 20.42 5.65 -4.26
N HIS A 143 19.83 6.85 -4.11
CA HIS A 143 19.10 7.48 -5.19
C HIS A 143 17.85 6.68 -5.55
N TYR A 144 17.05 6.37 -4.53
CA TYR A 144 15.82 5.60 -4.74
C TYR A 144 14.68 6.50 -5.19
N SER A 145 13.96 6.07 -6.21
CA SER A 145 12.84 6.83 -6.75
C SER A 145 11.51 6.20 -6.35
N VAL A 146 10.47 7.02 -6.29
CA VAL A 146 9.13 6.55 -5.94
C VAL A 146 8.08 7.08 -6.89
N LYS A 147 7.21 6.19 -7.37
CA LYS A 147 6.15 6.57 -8.29
C LYS A 147 4.88 6.97 -7.54
N THR A 148 4.46 8.22 -7.71
CA THR A 148 3.27 8.72 -7.05
C THR A 148 2.05 7.88 -7.40
N ASN A 149 2.06 7.28 -8.58
CA ASN A 149 0.96 6.44 -9.04
C ASN A 149 1.27 4.96 -8.81
N LYS A 150 2.03 4.68 -7.77
CA LYS A 150 2.40 3.31 -7.43
C LYS A 150 2.03 2.98 -5.98
N SER A 151 1.89 1.69 -5.70
CA SER A 151 1.55 1.25 -4.35
C SER A 151 2.80 1.09 -3.49
N THR A 152 2.68 1.45 -2.21
CA THR A 152 3.80 1.35 -1.29
C THR A 152 4.29 -0.08 -1.18
N LYS A 153 3.38 -1.00 -0.87
CA LYS A 153 3.71 -2.41 -0.73
C LYS A 153 4.52 -2.90 -1.92
N GLN A 154 4.07 -2.56 -3.13
CA GLN A 154 4.75 -2.98 -4.35
C GLN A 154 6.15 -2.37 -4.41
N GLN A 155 6.30 -1.18 -3.85
CA GLN A 155 7.60 -0.50 -3.83
C GLN A 155 8.57 -1.18 -2.88
N ALA A 156 8.03 -1.92 -1.91
CA ALA A 156 8.85 -2.63 -0.93
C ALA A 156 9.90 -3.49 -1.62
N LEU A 157 9.54 -4.06 -2.76
CA LEU A 157 10.45 -4.92 -3.52
C LEU A 157 11.64 -4.12 -4.05
N GLU A 158 11.35 -2.93 -4.56
CA GLU A 158 12.40 -2.07 -5.11
C GLU A 158 13.29 -1.50 -4.01
N VAL A 159 12.67 -0.89 -3.00
CA VAL A 159 13.41 -0.31 -1.89
C VAL A 159 14.35 -1.33 -1.23
N ILE A 160 13.83 -2.54 -0.99
CA ILE A 160 14.63 -3.60 -0.37
C ILE A 160 15.74 -4.04 -1.31
N LYS A 161 15.41 -4.25 -2.57
CA LYS A 161 16.40 -4.69 -3.57
C LYS A 161 17.51 -3.66 -3.72
N GLN A 162 17.18 -2.39 -3.50
CA GLN A 162 18.15 -1.32 -3.62
C GLN A 162 18.89 -1.10 -2.30
N LEU A 163 18.17 -1.22 -1.19
CA LEU A 163 18.76 -1.04 0.14
C LEU A 163 19.66 -2.21 0.51
N LYS A 164 19.32 -3.40 0.02
CA LYS A 164 20.12 -4.59 0.31
C LYS A 164 21.59 -4.38 -0.03
N GLU A 165 21.86 -3.48 -0.96
CA GLU A 165 23.22 -3.18 -1.37
C GLU A 165 23.98 -2.46 -0.25
N LYS A 166 23.26 -1.64 0.50
CA LYS A 166 23.85 -0.89 1.60
C LYS A 166 23.60 -1.57 2.94
N MET A 167 22.33 -1.61 3.35
CA MET A 167 21.95 -2.25 4.60
C MET A 167 21.00 -3.41 4.36
N LYS A 168 20.57 -4.05 5.43
CA LYS A 168 19.66 -5.19 5.34
C LYS A 168 18.46 -5.00 6.28
N ILE A 169 17.26 -4.99 5.70
CA ILE A 169 16.04 -4.83 6.49
C ILE A 169 15.34 -6.16 6.71
N GLU A 170 15.00 -6.44 7.97
CA GLU A 170 14.33 -7.68 8.32
C GLU A 170 12.83 -7.47 8.50
N ARG A 171 12.04 -8.00 7.57
CA ARG A 171 10.59 -7.85 7.62
C ARG A 171 9.93 -9.17 8.00
N ALA A 172 9.39 -9.24 9.20
CA ALA A 172 8.72 -10.44 9.67
C ALA A 172 7.33 -10.12 10.22
N HIS A 173 6.36 -10.95 9.87
CA HIS A 173 4.97 -10.76 10.32
C HIS A 173 4.52 -11.90 11.21
N MET A 174 3.42 -11.68 11.92
CA MET A 174 2.88 -12.69 12.82
C MET A 174 1.37 -12.52 12.98
N ARG A 175 0.69 -13.60 13.32
CA ARG A 175 -0.76 -13.57 13.51
C ARG A 175 -1.10 -13.29 14.97
N LEU A 176 -1.75 -12.15 15.22
CA LEU A 176 -2.11 -11.77 16.58
C LEU A 176 -3.58 -12.04 16.85
N ARG A 177 -3.84 -12.99 17.76
CA ARG A 177 -5.21 -13.34 18.12
C ARG A 177 -5.62 -12.63 19.40
N PHE A 178 -6.81 -12.04 19.41
CA PHE A 178 -7.30 -11.32 20.57
C PHE A 178 -8.73 -11.74 20.93
N ILE A 179 -8.94 -12.06 22.20
CA ILE A 179 -10.25 -12.46 22.69
C ILE A 179 -10.85 -11.35 23.55
N LEU A 180 -11.74 -10.57 22.96
CA LEU A 180 -12.38 -9.46 23.67
C LEU A 180 -13.71 -9.87 24.28
N PRO A 181 -14.09 -9.24 25.40
CA PRO A 181 -15.35 -9.52 26.09
C PRO A 181 -16.55 -8.89 25.38
N VAL A 182 -17.67 -8.79 26.11
CA VAL A 182 -18.88 -8.20 25.55
C VAL A 182 -18.79 -6.68 25.47
N ASN A 183 -18.61 -6.04 26.63
CA ASN A 183 -18.53 -4.59 26.70
C ASN A 183 -17.13 -4.07 26.34
N GLU A 184 -16.12 -4.52 27.08
CA GLU A 184 -14.74 -4.09 26.85
C GLU A 184 -14.31 -4.33 25.40
N GLY A 185 -15.00 -5.23 24.70
CA GLY A 185 -14.65 -5.53 23.32
C GLY A 185 -14.88 -4.35 22.39
N LYS A 186 -16.08 -3.78 22.42
CA LYS A 186 -16.41 -2.66 21.56
C LYS A 186 -15.36 -1.55 21.64
N LYS A 187 -14.64 -1.50 22.76
CA LYS A 187 -13.60 -0.49 22.95
C LYS A 187 -12.32 -0.85 22.22
N LEU A 188 -12.04 -2.15 22.11
CA LEU A 188 -10.83 -2.61 21.44
C LEU A 188 -11.06 -2.82 19.94
N LYS A 189 -12.05 -3.65 19.59
CA LYS A 189 -12.36 -3.94 18.20
C LYS A 189 -12.35 -2.68 17.33
N GLU A 190 -13.05 -1.65 17.78
CA GLU A 190 -13.14 -0.39 17.05
C GLU A 190 -11.75 0.12 16.67
N LYS A 191 -10.95 0.44 17.67
CA LYS A 191 -9.60 0.95 17.43
C LYS A 191 -8.68 -0.11 16.83
N LEU A 192 -9.00 -1.38 17.07
CA LEU A 192 -8.20 -2.48 16.55
C LEU A 192 -8.25 -2.54 15.03
N LYS A 193 -9.37 -2.14 14.45
CA LYS A 193 -9.54 -2.16 13.00
C LYS A 193 -8.35 -1.49 12.29
N PRO A 194 -8.15 -0.18 12.52
CA PRO A 194 -7.05 0.57 11.89
C PRO A 194 -5.68 0.23 12.49
N LEU A 195 -5.66 -0.08 13.77
CA LEU A 195 -4.41 -0.42 14.47
C LEU A 195 -3.66 -1.53 13.75
N ILE A 196 -4.32 -2.66 13.55
CA ILE A 196 -3.70 -3.80 12.89
C ILE A 196 -4.67 -4.47 11.91
N LYS A 197 -4.12 -5.24 10.98
CA LYS A 197 -4.93 -5.95 9.99
C LYS A 197 -5.81 -6.99 10.67
N VAL A 198 -7.10 -6.73 10.71
CA VAL A 198 -8.06 -7.64 11.33
C VAL A 198 -8.46 -8.77 10.39
N ILE A 199 -8.93 -9.87 10.95
CA ILE A 199 -9.36 -11.02 10.16
C ILE A 199 -9.89 -12.13 11.05
N GLU A 200 -10.93 -12.81 10.58
CA GLU A 200 -11.53 -13.91 11.34
C GLU A 200 -12.07 -13.41 12.67
N SER A 201 -13.26 -12.82 12.64
CA SER A 201 -13.89 -12.30 13.85
C SER A 201 -15.27 -12.92 14.07
N GLU A 202 -15.51 -13.39 15.28
CA GLU A 202 -16.79 -14.01 15.62
C GLU A 202 -17.32 -13.47 16.95
N ASP A 203 -18.62 -13.18 16.99
CA ASP A 203 -19.25 -12.66 18.19
C ASP A 203 -20.75 -12.90 18.17
N TYR A 204 -21.37 -12.93 19.35
CA TYR A 204 -22.81 -13.14 19.44
C TYR A 204 -23.51 -11.99 20.16
N GLY A 205 -24.11 -11.09 19.38
CA GLY A 205 -24.81 -9.94 19.96
C GLY A 205 -24.06 -9.32 21.13
N GLN A 206 -24.48 -9.66 22.34
CA GLN A 206 -23.85 -9.14 23.55
C GLN A 206 -22.98 -10.22 24.19
N GLN A 207 -21.93 -10.62 23.48
CA GLN A 207 -21.01 -11.65 23.95
C GLN A 207 -19.57 -11.32 23.58
N LEU A 208 -18.66 -12.18 23.99
CA LEU A 208 -17.24 -11.99 23.72
C LEU A 208 -16.95 -12.25 22.24
N GLU A 209 -16.02 -11.48 21.68
CA GLU A 209 -15.68 -11.63 20.27
C GLU A 209 -14.25 -12.16 20.09
N ILE A 210 -14.12 -13.18 19.26
CA ILE A 210 -12.82 -13.77 18.98
C ILE A 210 -12.33 -13.29 17.62
N VAL A 211 -11.33 -12.40 17.63
CA VAL A 211 -10.81 -11.85 16.38
C VAL A 211 -9.32 -12.15 16.22
N CYS A 212 -8.91 -12.38 14.98
CA CYS A 212 -7.51 -12.66 14.68
C CYS A 212 -6.88 -11.50 13.93
N LEU A 213 -5.58 -11.32 14.09
CA LEU A 213 -4.86 -10.24 13.44
C LEU A 213 -3.60 -10.73 12.74
N ILE A 214 -3.09 -9.94 11.81
CA ILE A 214 -1.88 -10.29 11.07
C ILE A 214 -1.11 -9.04 10.68
N ASP A 215 0.17 -8.99 11.06
CA ASP A 215 1.01 -7.85 10.74
C ASP A 215 2.44 -8.06 11.24
N PRO A 216 3.35 -7.11 10.98
CA PRO A 216 4.74 -7.21 11.41
C PRO A 216 4.88 -7.60 12.88
N GLY A 217 6.09 -7.95 13.28
CA GLY A 217 6.34 -8.34 14.66
C GLY A 217 6.77 -7.18 15.54
N CYS A 218 6.32 -5.98 15.20
CA CYS A 218 6.67 -4.79 15.96
C CYS A 218 5.42 -4.08 16.48
N PHE A 219 4.36 -4.08 15.67
CA PHE A 219 3.11 -3.44 16.06
C PHE A 219 2.57 -4.01 17.36
N ARG A 220 3.00 -5.22 17.71
CA ARG A 220 2.55 -5.88 18.94
C ARG A 220 2.69 -4.95 20.14
N GLU A 221 3.64 -4.03 20.07
CA GLU A 221 3.86 -3.08 21.16
C GLU A 221 2.64 -2.19 21.37
N ILE A 222 2.12 -1.65 20.27
CA ILE A 222 0.94 -0.78 20.34
C ILE A 222 -0.31 -1.59 20.68
N ASP A 223 -0.38 -2.81 20.16
CA ASP A 223 -1.52 -3.68 20.40
C ASP A 223 -1.66 -4.00 21.88
N GLU A 224 -0.53 -4.31 22.51
CA GLU A 224 -0.52 -4.64 23.95
C GLU A 224 -0.78 -3.39 24.79
N LEU A 225 -0.18 -2.27 24.39
CA LEU A 225 -0.34 -1.01 25.11
C LEU A 225 -1.81 -0.61 25.16
N ILE A 226 -2.42 -0.47 23.98
CA ILE A 226 -3.82 -0.08 23.89
C ILE A 226 -4.71 -1.13 24.54
N LYS A 227 -4.38 -2.40 24.34
CA LYS A 227 -5.15 -3.49 24.91
C LYS A 227 -5.19 -3.40 26.43
N LYS A 228 -4.08 -3.00 27.02
CA LYS A 228 -3.99 -2.87 28.48
C LYS A 228 -4.61 -1.56 28.94
N GLU A 229 -4.40 -0.50 28.17
CA GLU A 229 -4.94 0.81 28.52
C GLU A 229 -6.42 0.93 28.13
N THR A 230 -6.94 -0.08 27.43
CA THR A 230 -8.32 -0.08 27.00
C THR A 230 -9.11 -1.25 27.58
N LYS A 231 -8.42 -2.38 27.80
CA LYS A 231 -9.06 -3.57 28.35
C LYS A 231 -8.49 -3.94 29.71
N GLY A 232 -7.37 -3.32 30.08
CA GLY A 232 -6.75 -3.62 31.36
C GLY A 232 -6.27 -5.04 31.46
N LYS A 233 -7.20 -5.96 31.74
CA LYS A 233 -6.87 -7.37 31.87
C LYS A 233 -8.12 -8.23 31.72
N GLY A 234 -9.09 -7.74 30.96
CA GLY A 234 -10.33 -8.48 30.76
C GLY A 234 -10.36 -9.24 29.45
N SER A 235 -9.27 -9.18 28.69
CA SER A 235 -9.19 -9.87 27.41
C SER A 235 -8.03 -10.86 27.39
N LEU A 236 -7.95 -11.65 26.33
CA LEU A 236 -6.88 -12.64 26.19
C LEU A 236 -6.31 -12.63 24.77
N GLU A 237 -5.04 -12.25 24.66
CA GLU A 237 -4.37 -12.21 23.37
C GLU A 237 -3.41 -13.38 23.20
N VAL A 238 -3.70 -14.26 22.24
CA VAL A 238 -2.87 -15.42 21.98
C VAL A 238 -2.07 -15.25 20.69
N LEU A 239 -0.84 -15.76 20.68
CA LEU A 239 0.02 -15.66 19.51
C LEU A 239 -0.09 -16.92 18.65
N ASN A 240 -0.30 -16.73 17.35
CA ASN A 240 -0.43 -17.85 16.43
C ASN A 240 0.94 -18.33 15.94
N LEU A 241 1.48 -17.64 14.94
CA LEU A 241 2.78 -18.01 14.38
C LEU A 241 3.45 -16.80 13.73
N LYS A 242 4.69 -16.98 13.29
CA LYS A 242 5.44 -15.91 12.65
C LYS A 242 6.09 -16.40 11.36
N ASP A 243 5.60 -15.90 10.23
CA ASP A 243 6.14 -16.28 8.93
C ASP A 243 7.38 -15.47 8.59
N VAL A 244 8.43 -16.15 8.14
CA VAL A 244 9.67 -15.49 7.78
C VAL A 244 10.12 -15.87 6.37
N GLU A 245 9.22 -15.72 5.41
CA GLU A 245 9.51 -16.06 4.03
C GLU A 245 10.63 -15.17 3.48
N GLU A 246 10.34 -13.88 3.34
CA GLU A 246 11.32 -12.93 2.83
C GLU A 246 11.76 -13.31 1.43
N GLY A 247 10.84 -13.89 0.65
CA GLY A 247 11.16 -14.29 -0.70
C GLY A 247 11.75 -15.69 -0.77
N ASP A 248 12.81 -15.84 -1.55
CA ASP A 248 13.46 -17.14 -1.70
C ASP A 248 14.93 -17.06 -1.32
N GLU A 249 15.30 -17.75 -0.25
CA GLU A 249 16.68 -17.75 0.23
C GLU A 249 17.33 -19.11 -0.01
N LYS A 250 18.58 -19.25 0.42
CA LYS A 250 19.31 -20.50 0.27
C LYS A 250 20.38 -20.65 1.34
N PHE A 251 20.04 -21.32 2.44
CA PHE A 251 20.98 -21.52 3.54
C PHE A 251 20.83 -22.92 4.12
N GLU A 252 20.45 -23.88 3.27
CA GLU A 252 20.28 -25.26 3.69
C GLU A 252 19.23 -25.36 4.80
N MET A 3 0.49 22.53 3.13
CA MET A 3 -0.38 21.43 2.64
C MET A 3 0.16 20.84 1.34
N SER A 4 0.25 21.67 0.31
CA SER A 4 0.75 21.23 -0.98
C SER A 4 -0.12 20.11 -1.55
N ILE A 5 -1.06 20.48 -2.41
CA ILE A 5 -1.96 19.52 -3.02
C ILE A 5 -2.53 20.04 -4.33
N PHE A 6 -1.77 20.91 -4.99
CA PHE A 6 -2.21 21.48 -6.27
C PHE A 6 -1.16 22.44 -6.81
N THR A 7 -0.89 23.51 -6.07
CA THR A 7 0.08 24.51 -6.47
C THR A 7 -0.32 25.16 -7.80
N PRO A 8 -1.45 25.88 -7.81
CA PRO A 8 -1.95 26.56 -9.01
C PRO A 8 -0.90 27.45 -9.65
N THR A 9 -0.16 26.90 -10.62
CA THR A 9 0.88 27.64 -11.30
C THR A 9 0.30 28.85 -12.05
N ASN A 10 -0.39 28.57 -13.15
CA ASN A 10 -1.00 29.63 -13.95
C ASN A 10 -1.94 29.04 -15.00
N GLN A 11 -3.15 28.70 -14.58
CA GLN A 11 -4.14 28.13 -15.49
C GLN A 11 -5.47 27.90 -14.77
N ILE A 12 -5.43 27.08 -13.72
CA ILE A 12 -6.63 26.77 -12.95
C ILE A 12 -6.87 27.83 -11.87
N ARG A 13 -8.05 27.78 -11.26
CA ARG A 13 -8.41 28.73 -10.22
C ARG A 13 -9.07 28.02 -9.04
N LEU A 14 -8.70 26.76 -8.84
CA LEU A 14 -9.26 25.96 -7.75
C LEU A 14 -8.16 25.20 -7.02
N THR A 15 -8.51 24.61 -5.87
CA THR A 15 -7.54 23.86 -5.08
C THR A 15 -8.25 23.00 -4.04
N ASN A 16 -7.47 22.46 -3.10
CA ASN A 16 -8.01 21.61 -2.03
C ASN A 16 -8.35 20.22 -2.56
N VAL A 17 -9.25 20.16 -3.54
CA VAL A 17 -9.66 18.90 -4.13
C VAL A 17 -9.04 18.70 -5.51
N ALA A 18 -8.85 17.44 -5.89
CA ALA A 18 -8.28 17.12 -7.18
C ALA A 18 -9.35 17.05 -8.26
N VAL A 19 -9.00 17.46 -9.48
CA VAL A 19 -9.95 17.45 -10.59
C VAL A 19 -9.47 16.51 -11.70
N VAL A 20 -10.32 15.53 -12.03
CA VAL A 20 -10.01 14.57 -13.07
C VAL A 20 -10.80 14.87 -14.34
N ARG A 21 -10.09 15.14 -15.44
CA ARG A 21 -10.73 15.45 -16.71
C ARG A 21 -10.67 14.26 -17.67
N MET A 22 -11.58 14.26 -18.64
CA MET A 22 -11.64 13.19 -19.63
C MET A 22 -11.97 13.74 -21.01
N LYS A 23 -11.82 12.92 -22.04
CA LYS A 23 -12.10 13.33 -23.41
C LYS A 23 -12.86 12.24 -24.15
N ARG A 24 -14.17 12.41 -24.28
CA ARG A 24 -15.01 11.44 -24.98
C ARG A 24 -16.20 12.12 -25.65
N ALA A 25 -16.61 11.60 -26.80
CA ALA A 25 -17.74 12.16 -27.53
C ALA A 25 -17.48 13.62 -27.90
N GLY A 26 -16.21 13.97 -28.08
CA GLY A 26 -15.86 15.33 -28.42
C GLY A 26 -16.36 16.35 -27.40
N LYS A 27 -16.50 15.90 -26.16
CA LYS A 27 -16.96 16.77 -25.08
C LYS A 27 -15.99 16.75 -23.90
N ARG A 28 -15.95 17.84 -23.15
CA ARG A 28 -15.07 17.94 -22.00
C ARG A 28 -15.82 17.62 -20.71
N PHE A 29 -15.29 16.68 -19.94
CA PHE A 29 -15.91 16.27 -18.68
C PHE A 29 -14.88 16.22 -17.57
N GLU A 30 -15.28 16.66 -16.38
CA GLU A 30 -14.38 16.66 -15.22
C GLU A 30 -15.17 16.50 -13.93
N ILE A 31 -14.59 15.77 -12.98
CA ILE A 31 -15.25 15.54 -11.69
C ILE A 31 -14.30 15.87 -10.55
N ALA A 32 -14.88 16.20 -9.39
CA ALA A 32 -14.09 16.55 -8.22
C ALA A 32 -13.77 15.30 -7.40
N CYS A 33 -12.52 14.87 -7.46
CA CYS A 33 -12.07 13.69 -6.73
C CYS A 33 -10.79 13.98 -5.93
N TYR A 34 -10.34 12.98 -5.18
CA TYR A 34 -9.13 13.11 -4.38
C TYR A 34 -7.97 12.38 -5.04
N LYS A 35 -6.96 13.13 -5.49
CA LYS A 35 -5.80 12.55 -6.15
C LYS A 35 -5.30 11.29 -5.45
N ASN A 36 -5.15 11.36 -4.13
CA ASN A 36 -4.68 10.21 -3.36
C ASN A 36 -5.60 9.01 -3.53
N LYS A 37 -6.88 9.21 -3.25
CA LYS A 37 -7.87 8.15 -3.37
C LYS A 37 -8.12 7.79 -4.83
N VAL A 38 -7.76 8.69 -5.74
CA VAL A 38 -7.93 8.47 -7.17
C VAL A 38 -6.96 7.39 -7.64
N VAL A 39 -5.69 7.53 -7.24
CA VAL A 39 -4.67 6.57 -7.60
C VAL A 39 -4.90 5.25 -6.87
N GLY A 40 -5.28 5.34 -5.60
CA GLY A 40 -5.55 4.15 -4.82
C GLY A 40 -6.74 3.38 -5.34
N TRP A 41 -7.70 4.10 -5.92
CA TRP A 41 -8.90 3.48 -6.46
C TRP A 41 -8.59 2.82 -7.81
N ARG A 42 -8.04 3.60 -8.74
CA ARG A 42 -7.70 3.08 -10.05
C ARG A 42 -6.75 1.89 -9.93
N SER A 43 -5.94 1.89 -8.89
CA SER A 43 -4.99 0.81 -8.64
C SER A 43 -5.67 -0.36 -7.92
N GLY A 44 -6.74 -0.05 -7.20
CA GLY A 44 -7.46 -1.09 -6.47
C GLY A 44 -6.75 -1.51 -5.21
N VAL A 45 -6.70 -0.61 -4.23
CA VAL A 45 -6.05 -0.91 -2.96
C VAL A 45 -6.54 0.01 -1.84
N GLU A 46 -7.62 -0.40 -1.18
CA GLU A 46 -8.20 0.38 -0.09
C GLU A 46 -8.69 1.73 -0.60
N LYS A 47 -9.99 1.99 -0.46
CA LYS A 47 -10.58 3.24 -0.91
C LYS A 47 -12.08 3.28 -0.61
N ASP A 48 -12.74 4.34 -1.08
CA ASP A 48 -14.17 4.50 -0.87
C ASP A 48 -14.73 5.53 -1.84
N LEU A 49 -15.79 5.15 -2.56
CA LEU A 49 -16.42 6.03 -3.53
C LEU A 49 -16.88 7.33 -2.87
N ASP A 50 -17.51 7.20 -1.71
CA ASP A 50 -18.00 8.36 -0.98
C ASP A 50 -16.86 9.17 -0.35
N GLU A 51 -15.65 8.62 -0.39
CA GLU A 51 -14.49 9.29 0.18
C GLU A 51 -13.54 9.78 -0.92
N VAL A 52 -13.61 9.15 -2.08
CA VAL A 52 -12.75 9.52 -3.20
C VAL A 52 -13.38 10.64 -4.03
N LEU A 53 -14.65 10.49 -4.36
CA LEU A 53 -15.36 11.48 -5.16
C LEU A 53 -15.87 12.62 -4.29
N GLN A 54 -15.18 13.75 -4.33
CA GLN A 54 -15.58 14.91 -3.55
C GLN A 54 -16.96 15.37 -3.99
N THR A 55 -17.26 15.20 -5.27
CA THR A 55 -18.55 15.58 -5.82
C THR A 55 -19.15 14.45 -6.65
N HIS A 56 -20.35 14.01 -6.27
CA HIS A 56 -21.02 12.93 -6.98
C HIS A 56 -21.78 13.46 -8.19
N SER A 57 -21.07 14.16 -9.06
CA SER A 57 -21.67 14.72 -10.26
C SER A 57 -20.60 15.11 -11.27
N VAL A 58 -20.81 14.74 -12.53
CA VAL A 58 -19.86 15.05 -13.59
C VAL A 58 -19.91 16.53 -13.93
N PHE A 59 -18.83 17.24 -13.63
CA PHE A 59 -18.75 18.67 -13.90
C PHE A 59 -18.22 18.95 -15.30
N VAL A 60 -18.05 20.23 -15.60
CA VAL A 60 -17.53 20.66 -16.90
C VAL A 60 -16.39 21.64 -16.71
N ASN A 61 -16.61 22.62 -15.83
CA ASN A 61 -15.61 23.64 -15.54
C ASN A 61 -15.53 23.87 -14.03
N VAL A 62 -15.10 22.83 -13.31
CA VAL A 62 -15.00 22.90 -11.86
C VAL A 62 -14.27 24.16 -11.41
N SER A 63 -13.21 24.51 -12.11
CA SER A 63 -12.42 25.70 -11.79
C SER A 63 -13.29 26.96 -11.80
N LYS A 64 -14.39 26.91 -12.55
CA LYS A 64 -15.31 28.04 -12.64
C LYS A 64 -16.63 27.75 -11.94
N GLY A 65 -16.96 26.46 -11.84
CA GLY A 65 -18.20 26.06 -11.19
C GLY A 65 -19.29 25.68 -12.17
N GLN A 66 -18.89 24.97 -13.24
CA GLN A 66 -19.84 24.54 -14.26
C GLN A 66 -20.07 23.03 -14.19
N VAL A 67 -21.34 22.64 -14.20
CA VAL A 67 -21.69 21.22 -14.13
C VAL A 67 -22.31 20.75 -15.45
N ALA A 68 -22.18 19.45 -15.71
CA ALA A 68 -22.73 18.87 -16.93
C ALA A 68 -24.16 18.40 -16.72
N LYS A 69 -24.74 17.81 -17.76
CA LYS A 69 -26.12 17.32 -17.68
C LYS A 69 -26.16 15.81 -17.87
N LYS A 70 -27.25 15.19 -17.39
CA LYS A 70 -27.42 13.75 -17.50
C LYS A 70 -27.56 13.32 -18.96
N GLU A 71 -28.24 14.15 -19.75
CA GLU A 71 -28.45 13.86 -21.16
C GLU A 71 -27.12 13.69 -21.88
N ASP A 72 -26.20 14.64 -21.68
CA ASP A 72 -24.89 14.58 -22.30
C ASP A 72 -24.04 13.46 -21.70
N LEU A 73 -24.22 13.23 -20.40
CA LEU A 73 -23.48 12.19 -19.70
C LEU A 73 -23.77 10.82 -20.30
N ILE A 74 -25.04 10.51 -20.46
CA ILE A 74 -25.46 9.23 -21.02
C ILE A 74 -25.12 9.14 -22.51
N SER A 75 -25.40 10.23 -23.23
CA SER A 75 -25.13 10.27 -24.66
C SER A 75 -23.63 10.17 -24.95
N ALA A 76 -22.82 10.55 -23.97
CA ALA A 76 -21.37 10.49 -24.12
C ALA A 76 -20.79 9.18 -23.63
N PHE A 77 -21.10 8.84 -22.37
CA PHE A 77 -20.61 7.61 -21.77
C PHE A 77 -21.53 6.43 -22.09
N GLY A 78 -22.82 6.64 -21.93
CA GLY A 78 -23.79 5.59 -22.19
C GLY A 78 -24.62 5.22 -20.98
N THR A 79 -24.38 5.91 -19.86
CA THR A 79 -25.12 5.64 -18.62
C THR A 79 -25.58 6.94 -17.98
N ASP A 80 -26.55 6.83 -17.08
CA ASP A 80 -27.09 8.00 -16.39
C ASP A 80 -26.50 8.14 -15.00
N ASP A 81 -25.83 7.09 -14.53
CA ASP A 81 -25.22 7.11 -13.20
C ASP A 81 -23.93 7.93 -13.21
N GLN A 82 -24.02 9.19 -12.77
CA GLN A 82 -22.87 10.07 -12.73
C GLN A 82 -21.71 9.43 -11.97
N THR A 83 -22.04 8.84 -10.81
CA THR A 83 -21.02 8.18 -9.98
C THR A 83 -20.17 7.25 -10.82
N GLU A 84 -20.81 6.32 -11.52
CA GLU A 84 -20.10 5.37 -12.36
C GLU A 84 -19.23 6.11 -13.37
N ILE A 85 -19.82 7.10 -14.04
CA ILE A 85 -19.09 7.90 -15.02
C ILE A 85 -17.86 8.54 -14.39
N CYS A 86 -18.02 9.01 -13.15
CA CYS A 86 -16.92 9.63 -12.43
C CYS A 86 -15.76 8.65 -12.30
N LYS A 87 -16.07 7.42 -11.92
CA LYS A 87 -15.05 6.39 -11.77
C LYS A 87 -14.33 6.17 -13.09
N GLN A 88 -15.11 6.17 -14.18
CA GLN A 88 -14.56 5.99 -15.52
C GLN A 88 -13.48 7.04 -15.79
N ILE A 89 -13.81 8.29 -15.50
CA ILE A 89 -12.88 9.39 -15.70
C ILE A 89 -11.68 9.27 -14.76
N LEU A 90 -11.91 8.66 -13.60
CA LEU A 90 -10.84 8.48 -12.62
C LEU A 90 -9.79 7.50 -13.14
N THR A 91 -10.25 6.46 -13.83
CA THR A 91 -9.35 5.45 -14.37
C THR A 91 -8.92 5.79 -15.79
N LYS A 92 -9.88 6.17 -16.62
CA LYS A 92 -9.60 6.52 -18.01
C LYS A 92 -9.09 7.95 -18.12
N GLY A 93 -9.75 8.87 -17.42
CA GLY A 93 -9.34 10.27 -17.45
C GLY A 93 -8.05 10.51 -16.71
N GLU A 94 -7.53 11.74 -16.82
CA GLU A 94 -6.29 12.11 -16.15
C GLU A 94 -6.56 13.09 -15.01
N VAL A 95 -5.95 12.83 -13.86
CA VAL A 95 -6.12 13.69 -12.69
C VAL A 95 -5.11 14.83 -12.71
N GLN A 96 -5.60 16.06 -12.51
CA GLN A 96 -4.75 17.24 -12.49
C GLN A 96 -3.90 17.28 -11.23
N VAL A 97 -2.61 16.97 -11.37
CA VAL A 97 -1.70 16.97 -10.24
C VAL A 97 -0.36 17.61 -10.62
N SER A 98 0.22 18.35 -9.67
CA SER A 98 1.49 19.01 -9.90
C SER A 98 2.63 17.99 -9.98
N ASP A 99 3.81 18.46 -10.39
CA ASP A 99 4.97 17.58 -10.52
C ASP A 99 5.32 16.96 -9.17
N LYS A 100 5.08 17.71 -8.09
CA LYS A 100 5.36 17.24 -6.75
C LYS A 100 4.44 16.09 -6.37
N GLU A 101 3.17 16.21 -6.73
CA GLU A 101 2.18 15.18 -6.42
C GLU A 101 2.56 13.85 -7.07
N ARG A 102 3.25 13.93 -8.20
CA ARG A 102 3.69 12.73 -8.91
C ARG A 102 5.03 12.25 -8.40
N HIS A 103 5.87 13.19 -7.95
CA HIS A 103 7.19 12.86 -7.43
C HIS A 103 7.07 12.07 -6.12
N THR A 104 6.20 12.52 -5.24
CA THR A 104 5.99 11.85 -3.96
C THR A 104 5.55 10.40 -4.16
N GLN A 105 4.70 10.19 -5.17
CA GLN A 105 4.20 8.85 -5.47
C GLN A 105 5.34 7.93 -5.91
N LEU A 106 6.17 8.43 -6.83
CA LEU A 106 7.29 7.65 -7.33
C LEU A 106 8.32 7.42 -6.23
N GLU A 107 8.51 8.42 -5.37
CA GLU A 107 9.46 8.32 -4.27
C GLU A 107 9.09 7.16 -3.34
N GLN A 108 7.82 7.12 -2.92
CA GLN A 108 7.35 6.07 -2.03
C GLN A 108 7.43 4.71 -2.71
N MET A 109 7.06 4.66 -3.98
CA MET A 109 7.09 3.42 -4.74
C MET A 109 8.53 2.91 -4.88
N PHE A 110 9.43 3.81 -5.23
CA PHE A 110 10.84 3.45 -5.39
C PHE A 110 11.42 2.93 -4.09
N ARG A 111 11.10 3.59 -2.99
CA ARG A 111 11.59 3.20 -1.67
C ARG A 111 11.12 1.78 -1.34
N ASP A 112 9.85 1.51 -1.60
CA ASP A 112 9.28 0.20 -1.32
C ASP A 112 10.01 -0.89 -2.09
N ILE A 113 10.19 -0.66 -3.39
CA ILE A 113 10.89 -1.62 -4.24
C ILE A 113 12.32 -1.85 -3.75
N ALA A 114 12.95 -0.77 -3.30
CA ALA A 114 14.32 -0.85 -2.80
C ALA A 114 14.40 -1.71 -1.55
N THR A 115 13.38 -1.61 -0.71
CA THR A 115 13.33 -2.39 0.53
C THR A 115 13.16 -3.87 0.24
N ILE A 116 12.23 -4.20 -0.65
CA ILE A 116 11.98 -5.59 -1.01
C ILE A 116 13.22 -6.22 -1.65
N VAL A 117 13.92 -5.44 -2.46
CA VAL A 117 15.12 -5.91 -3.13
C VAL A 117 16.30 -6.01 -2.17
N ALA A 118 16.30 -5.14 -1.16
CA ALA A 118 17.36 -5.12 -0.16
C ALA A 118 17.09 -6.14 0.95
N ASP A 119 15.82 -6.48 1.15
CA ASP A 119 15.45 -7.44 2.18
C ASP A 119 15.54 -8.87 1.67
N LYS A 120 14.80 -9.16 0.60
CA LYS A 120 14.80 -10.50 0.02
C LYS A 120 15.22 -10.47 -1.44
N CYS A 121 16.52 -10.26 -1.66
CA CYS A 121 17.06 -10.21 -3.02
C CYS A 121 18.56 -9.97 -3.00
N VAL A 122 19.31 -10.80 -3.73
CA VAL A 122 20.75 -10.67 -3.79
C VAL A 122 21.21 -10.31 -5.20
N ASN A 123 22.53 -10.19 -5.38
CA ASN A 123 23.10 -9.85 -6.67
C ASN A 123 23.83 -11.04 -7.28
N PRO A 124 23.39 -11.53 -8.46
CA PRO A 124 24.01 -12.67 -9.12
C PRO A 124 25.35 -12.31 -9.75
N GLU A 125 26.30 -11.90 -8.91
CA GLU A 125 27.63 -11.53 -9.38
C GLU A 125 28.71 -12.08 -8.46
N THR A 126 28.52 -11.91 -7.16
CA THR A 126 29.48 -12.39 -6.18
C THR A 126 28.78 -12.79 -4.88
N LYS A 127 27.49 -13.12 -4.98
CA LYS A 127 26.71 -13.51 -3.81
C LYS A 127 26.77 -12.45 -2.72
N ARG A 128 26.75 -11.18 -3.14
CA ARG A 128 26.79 -10.06 -2.20
C ARG A 128 25.40 -9.48 -1.98
N PRO A 129 25.14 -8.95 -0.78
CA PRO A 129 23.84 -8.36 -0.44
C PRO A 129 23.59 -7.05 -1.17
N TYR A 130 22.46 -6.96 -1.86
CA TYR A 130 22.10 -5.77 -2.62
C TYR A 130 21.91 -4.57 -1.68
N THR A 131 22.26 -3.38 -2.17
CA THR A 131 22.12 -2.16 -1.39
C THR A 131 21.17 -1.18 -2.06
N VAL A 132 20.63 -0.26 -1.28
CA VAL A 132 19.69 0.74 -1.79
C VAL A 132 20.29 1.46 -3.00
N ILE A 133 21.53 1.92 -2.87
CA ILE A 133 22.20 2.62 -3.95
C ILE A 133 22.28 1.75 -5.20
N LEU A 134 22.35 0.43 -5.00
CA LEU A 134 22.43 -0.50 -6.11
C LEU A 134 21.10 -0.58 -6.84
N ILE A 135 20.02 -0.69 -6.08
CA ILE A 135 18.68 -0.78 -6.66
C ILE A 135 18.36 0.47 -7.48
N GLU A 136 18.73 1.62 -6.95
CA GLU A 136 18.48 2.89 -7.64
C GLU A 136 19.29 2.97 -8.93
N ARG A 137 20.59 2.70 -8.83
CA ARG A 137 21.47 2.73 -9.99
C ARG A 137 21.02 1.72 -11.04
N ALA A 138 20.57 0.55 -10.58
CA ALA A 138 20.11 -0.49 -11.47
C ALA A 138 18.90 -0.03 -12.28
N MET A 139 17.91 0.50 -11.58
CA MET A 139 16.69 0.97 -12.24
C MET A 139 17.02 2.06 -13.26
N LYS A 140 17.96 2.94 -12.91
CA LYS A 140 18.37 4.01 -13.79
C LYS A 140 19.16 3.48 -14.97
N ASP A 141 20.02 2.50 -14.72
CA ASP A 141 20.85 1.90 -15.76
C ASP A 141 19.97 1.28 -16.85
N ILE A 142 18.93 0.58 -16.43
CA ILE A 142 18.02 -0.06 -17.38
C ILE A 142 16.88 0.88 -17.79
N HIS A 143 16.98 2.15 -17.39
CA HIS A 143 15.96 3.13 -17.72
C HIS A 143 14.60 2.71 -17.20
N TYR A 144 14.37 2.94 -15.90
CA TYR A 144 13.10 2.59 -15.27
C TYR A 144 12.30 3.83 -14.91
N SER A 145 11.01 3.81 -15.24
CA SER A 145 10.14 4.95 -14.95
C SER A 145 9.19 4.63 -13.79
N VAL A 146 8.91 3.34 -13.60
CA VAL A 146 8.03 2.91 -12.53
C VAL A 146 6.61 3.45 -12.74
N LYS A 147 5.61 2.59 -12.52
CA LYS A 147 4.22 2.97 -12.68
C LYS A 147 3.49 2.95 -11.35
N THR A 148 3.30 4.13 -10.76
CA THR A 148 2.62 4.25 -9.48
C THR A 148 1.20 3.70 -9.57
N ASN A 149 0.62 3.78 -10.77
CA ASN A 149 -0.74 3.30 -10.98
C ASN A 149 -0.87 1.83 -10.59
N LYS A 150 0.22 1.08 -10.74
CA LYS A 150 0.22 -0.33 -10.40
C LYS A 150 0.73 -0.56 -8.98
N SER A 151 0.54 -1.77 -8.47
CA SER A 151 0.97 -2.12 -7.12
C SER A 151 2.46 -2.43 -7.09
N THR A 152 3.07 -2.30 -5.92
CA THR A 152 4.49 -2.57 -5.75
C THR A 152 4.80 -4.02 -6.07
N LYS A 153 4.14 -4.94 -5.37
CA LYS A 153 4.35 -6.37 -5.56
C LYS A 153 4.28 -6.73 -7.04
N GLN A 154 3.27 -6.22 -7.74
CA GLN A 154 3.09 -6.49 -9.15
C GLN A 154 4.29 -5.97 -9.95
N GLN A 155 4.86 -4.86 -9.49
CA GLN A 155 6.00 -4.26 -10.16
C GLN A 155 7.26 -5.11 -9.97
N ALA A 156 7.31 -5.86 -8.88
CA ALA A 156 8.46 -6.72 -8.59
C ALA A 156 8.77 -7.65 -9.76
N LEU A 157 7.72 -8.24 -10.33
CA LEU A 157 7.90 -9.14 -11.46
C LEU A 157 8.63 -8.46 -12.62
N GLU A 158 8.14 -7.28 -12.99
CA GLU A 158 8.75 -6.52 -14.07
C GLU A 158 10.19 -6.18 -13.76
N VAL A 159 10.45 -5.74 -12.53
CA VAL A 159 11.79 -5.38 -12.09
C VAL A 159 12.75 -6.56 -12.25
N ILE A 160 12.31 -7.73 -11.78
CA ILE A 160 13.13 -8.94 -11.87
C ILE A 160 13.48 -9.27 -13.31
N LYS A 161 12.48 -9.21 -14.18
CA LYS A 161 12.68 -9.52 -15.59
C LYS A 161 13.57 -8.47 -16.26
N GLN A 162 13.31 -7.20 -15.96
CA GLN A 162 14.08 -6.10 -16.52
C GLN A 162 15.55 -6.20 -16.12
N LEU A 163 15.80 -6.16 -14.82
CA LEU A 163 17.16 -6.24 -14.29
C LEU A 163 17.83 -7.54 -14.70
N LYS A 164 17.02 -8.58 -14.93
CA LYS A 164 17.54 -9.88 -15.32
C LYS A 164 18.42 -9.77 -16.57
N GLU A 165 18.08 -8.81 -17.43
CA GLU A 165 18.84 -8.59 -18.65
C GLU A 165 20.28 -8.21 -18.35
N LYS A 166 20.46 -7.37 -17.33
CA LYS A 166 21.79 -6.93 -16.93
C LYS A 166 22.36 -7.83 -15.83
N MET A 167 21.54 -8.73 -15.30
CA MET A 167 21.97 -9.63 -14.24
C MET A 167 22.31 -8.85 -12.97
N LYS A 168 21.33 -8.72 -12.09
CA LYS A 168 21.52 -8.00 -10.84
C LYS A 168 20.45 -8.38 -9.81
N ILE A 169 19.24 -8.61 -10.28
CA ILE A 169 18.13 -8.98 -9.39
C ILE A 169 18.04 -10.49 -9.22
N GLU A 170 17.78 -10.91 -7.99
CA GLU A 170 17.66 -12.33 -7.67
C GLU A 170 16.92 -12.54 -6.35
N ARG A 171 15.65 -12.91 -6.44
CA ARG A 171 14.83 -13.12 -5.25
C ARG A 171 14.70 -14.61 -4.94
N ALA A 172 15.03 -15.00 -3.72
CA ALA A 172 14.93 -16.39 -3.30
C ALA A 172 15.14 -16.53 -1.79
N HIS A 173 14.42 -17.48 -1.19
CA HIS A 173 14.53 -17.71 0.24
C HIS A 173 15.45 -18.90 0.53
N MET A 174 15.68 -19.18 1.81
CA MET A 174 16.56 -20.28 2.20
C MET A 174 15.98 -21.07 3.36
N ARG A 175 15.48 -22.27 3.06
CA ARG A 175 14.91 -23.15 4.07
C ARG A 175 15.62 -24.51 4.05
N LEU A 176 16.39 -24.80 5.09
CA LEU A 176 17.12 -26.07 5.14
C LEU A 176 17.12 -26.68 6.54
N ARG A 177 17.77 -27.84 6.64
CA ARG A 177 17.87 -28.56 7.90
C ARG A 177 19.18 -29.36 7.92
N PHE A 178 20.08 -29.00 8.83
CA PHE A 178 21.38 -29.68 8.92
C PHE A 178 21.44 -30.63 10.11
N ILE A 179 22.20 -31.70 9.94
CA ILE A 179 22.38 -32.71 10.99
C ILE A 179 23.86 -32.93 11.26
N LEU A 180 24.34 -32.38 12.37
CA LEU A 180 25.75 -32.50 12.73
C LEU A 180 25.98 -33.69 13.65
N PRO A 181 27.21 -34.26 13.61
CA PRO A 181 27.58 -35.41 14.45
C PRO A 181 27.83 -35.01 15.89
N VAL A 182 28.42 -35.91 16.66
CA VAL A 182 28.72 -35.66 18.06
C VAL A 182 29.92 -34.73 18.24
N ASN A 183 31.01 -35.03 17.53
CA ASN A 183 32.23 -34.22 17.63
C ASN A 183 32.17 -32.98 16.75
N GLU A 184 31.97 -33.17 15.45
CA GLU A 184 31.90 -32.06 14.51
C GLU A 184 30.80 -31.07 14.86
N GLY A 185 29.84 -31.52 15.67
CA GLY A 185 28.74 -30.65 16.05
C GLY A 185 29.21 -29.31 16.61
N LYS A 186 29.96 -29.35 17.70
CA LYS A 186 30.47 -28.13 18.32
C LYS A 186 31.31 -27.31 17.36
N LYS A 187 31.80 -27.95 16.29
CA LYS A 187 32.63 -27.26 15.31
C LYS A 187 31.80 -26.38 14.38
N LEU A 188 30.69 -26.92 13.89
CA LEU A 188 29.82 -26.19 12.99
C LEU A 188 28.77 -25.38 13.75
N LYS A 189 28.47 -25.80 14.98
CA LYS A 189 27.48 -25.11 15.80
C LYS A 189 27.77 -23.60 15.88
N GLU A 190 28.93 -23.26 16.44
CA GLU A 190 29.32 -21.86 16.58
C GLU A 190 29.70 -21.26 15.23
N LYS A 191 29.91 -22.11 14.23
CA LYS A 191 30.29 -21.65 12.90
C LYS A 191 29.05 -21.34 12.04
N LEU A 192 27.92 -21.92 12.40
CA LEU A 192 26.68 -21.70 11.65
C LEU A 192 25.76 -20.72 12.37
N LYS A 193 25.87 -20.66 13.70
CA LYS A 193 25.03 -19.77 14.49
C LYS A 193 25.19 -18.32 14.03
N PRO A 194 26.42 -17.79 14.02
CA PRO A 194 26.70 -16.41 13.62
C PRO A 194 26.67 -16.23 12.10
N LEU A 195 27.12 -17.24 11.37
CA LEU A 195 27.13 -17.18 9.92
C LEU A 195 25.74 -16.89 9.35
N ILE A 196 24.75 -17.67 9.77
CA ILE A 196 23.39 -17.49 9.31
C ILE A 196 22.39 -17.69 10.45
N LYS A 197 21.11 -17.54 10.13
CA LYS A 197 20.06 -17.71 11.14
C LYS A 197 19.63 -19.17 11.23
N VAL A 198 19.96 -19.79 12.36
CA VAL A 198 19.62 -21.19 12.60
C VAL A 198 18.60 -21.33 13.72
N ILE A 199 17.95 -22.49 13.79
CA ILE A 199 16.96 -22.75 14.82
C ILE A 199 16.77 -24.24 15.05
N GLU A 200 16.00 -24.59 16.07
CA GLU A 200 15.73 -25.99 16.40
C GLU A 200 17.03 -26.71 16.77
N SER A 201 17.96 -25.98 17.35
CA SER A 201 19.25 -26.56 17.75
C SER A 201 19.07 -27.49 18.94
N GLU A 202 19.13 -28.79 18.70
CA GLU A 202 18.98 -29.78 19.77
C GLU A 202 20.14 -30.75 19.79
N ASP A 203 20.69 -31.00 20.98
CA ASP A 203 21.81 -31.92 21.16
C ASP A 203 21.87 -32.42 22.60
N TYR A 204 22.49 -33.58 22.79
CA TYR A 204 22.62 -34.16 24.13
C TYR A 204 24.08 -34.40 24.49
N GLY A 205 24.65 -33.49 25.29
CA GLY A 205 26.04 -33.62 25.71
C GLY A 205 26.97 -34.07 24.59
N GLN A 206 27.26 -35.36 24.55
CA GLN A 206 28.13 -35.93 23.52
C GLN A 206 27.31 -36.70 22.49
N GLN A 207 26.36 -36.01 21.88
CA GLN A 207 25.50 -36.63 20.86
C GLN A 207 25.41 -35.75 19.62
N LEU A 208 24.69 -36.22 18.61
CA LEU A 208 24.53 -35.47 17.38
C LEU A 208 23.58 -34.29 17.60
N GLU A 209 23.82 -33.21 16.85
CA GLU A 209 22.99 -32.01 17.00
C GLU A 209 22.20 -31.72 15.72
N ILE A 210 20.92 -31.42 15.90
CA ILE A 210 20.05 -31.10 14.78
C ILE A 210 19.82 -29.60 14.69
N VAL A 211 20.11 -29.03 13.54
CA VAL A 211 19.96 -27.59 13.33
C VAL A 211 19.14 -27.29 12.08
N CYS A 212 18.35 -26.22 12.15
CA CYS A 212 17.52 -25.83 11.02
C CYS A 212 18.04 -24.53 10.40
N LEU A 213 17.91 -24.41 9.09
CA LEU A 213 18.38 -23.23 8.38
C LEU A 213 17.20 -22.38 7.89
N ILE A 214 17.24 -21.09 8.20
CA ILE A 214 16.19 -20.18 7.78
C ILE A 214 16.76 -18.79 7.49
N ASP A 215 16.51 -18.29 6.29
CA ASP A 215 17.01 -16.98 5.89
C ASP A 215 16.63 -16.65 4.44
N PRO A 216 16.12 -15.43 4.20
CA PRO A 216 15.72 -15.00 2.86
C PRO A 216 16.89 -14.43 2.07
N GLY A 217 17.25 -15.11 0.98
CA GLY A 217 18.35 -14.66 0.15
C GLY A 217 19.09 -15.79 -0.52
N CYS A 218 20.37 -15.59 -0.80
CA CYS A 218 21.19 -16.60 -1.45
C CYS A 218 22.43 -16.91 -0.61
N PHE A 219 22.32 -16.74 0.70
CA PHE A 219 23.44 -17.01 1.60
C PHE A 219 23.88 -18.46 1.52
N ARG A 220 22.99 -19.32 1.04
CA ARG A 220 23.28 -20.75 0.90
C ARG A 220 24.69 -21.00 0.38
N GLU A 221 25.17 -20.09 -0.46
CA GLU A 221 26.51 -20.21 -1.03
C GLU A 221 27.55 -20.32 0.07
N ILE A 222 27.69 -19.26 0.86
CA ILE A 222 28.65 -19.24 1.95
C ILE A 222 28.36 -20.36 2.94
N ASP A 223 27.08 -20.70 3.08
CA ASP A 223 26.67 -21.76 3.99
C ASP A 223 27.18 -23.11 3.51
N GLU A 224 27.12 -23.33 2.20
CA GLU A 224 27.58 -24.58 1.61
C GLU A 224 29.08 -24.72 1.74
N LEU A 225 29.80 -23.62 1.53
CA LEU A 225 31.26 -23.62 1.63
C LEU A 225 31.72 -23.87 3.07
N ILE A 226 31.17 -23.10 4.00
CA ILE A 226 31.53 -23.24 5.41
C ILE A 226 31.08 -24.58 5.98
N LYS A 227 29.89 -25.02 5.58
CA LYS A 227 29.35 -26.29 6.08
C LYS A 227 30.10 -27.48 5.48
N LYS A 228 30.62 -27.29 4.27
CA LYS A 228 31.36 -28.35 3.59
C LYS A 228 32.78 -28.43 4.12
N GLU A 229 33.32 -27.29 4.54
CA GLU A 229 34.69 -27.24 5.07
C GLU A 229 34.72 -27.66 6.54
N THR A 230 33.62 -27.42 7.24
CA THR A 230 33.54 -27.77 8.66
C THR A 230 33.03 -29.20 8.84
N LYS A 231 32.18 -29.66 7.93
CA LYS A 231 31.63 -31.01 8.01
C LYS A 231 32.41 -31.97 7.12
N GLY A 232 33.13 -31.42 6.14
CA GLY A 232 33.90 -32.26 5.24
C GLY A 232 33.05 -33.24 4.47
N LYS A 233 32.80 -34.40 5.07
CA LYS A 233 31.98 -35.43 4.43
C LYS A 233 31.48 -36.45 5.46
N GLY A 234 31.29 -35.98 6.70
CA GLY A 234 30.82 -36.87 7.74
C GLY A 234 29.52 -36.40 8.38
N SER A 235 28.89 -35.39 7.77
CA SER A 235 27.64 -34.86 8.29
C SER A 235 26.51 -35.02 7.27
N LEU A 236 25.29 -34.70 7.70
CA LEU A 236 24.13 -34.81 6.82
C LEU A 236 23.52 -33.44 6.54
N GLU A 237 23.16 -33.20 5.29
CA GLU A 237 22.57 -31.93 4.88
C GLU A 237 21.20 -32.14 4.24
N VAL A 238 20.16 -31.63 4.90
CA VAL A 238 18.81 -31.76 4.39
C VAL A 238 18.29 -30.44 3.84
N LEU A 239 17.45 -30.51 2.82
CA LEU A 239 16.89 -29.30 2.20
C LEU A 239 15.37 -29.27 2.37
N ASN A 240 14.82 -28.06 2.50
CA ASN A 240 13.39 -27.88 2.67
C ASN A 240 12.78 -27.19 1.46
N LEU A 241 13.15 -25.93 1.26
CA LEU A 241 12.64 -25.15 0.13
C LEU A 241 13.72 -24.99 -0.94
N LYS A 242 13.45 -25.52 -2.13
CA LYS A 242 14.39 -25.43 -3.24
C LYS A 242 13.70 -24.92 -4.50
N ASP A 243 14.28 -23.89 -5.11
CA ASP A 243 13.72 -23.31 -6.32
C ASP A 243 14.35 -23.93 -7.56
N VAL A 244 13.56 -24.69 -8.31
CA VAL A 244 14.04 -25.34 -9.52
C VAL A 244 13.04 -25.18 -10.66
N GLU A 245 11.79 -25.53 -10.39
CA GLU A 245 10.73 -25.43 -11.39
C GLU A 245 10.53 -23.98 -11.83
N GLU A 246 10.60 -23.74 -13.13
CA GLU A 246 10.42 -22.40 -13.68
C GLU A 246 9.13 -22.30 -14.47
N GLY A 247 9.03 -23.08 -15.54
CA GLY A 247 7.83 -23.07 -16.36
C GLY A 247 7.67 -24.34 -17.18
N ASP A 248 7.29 -25.42 -16.50
CA ASP A 248 7.11 -26.70 -17.17
C ASP A 248 5.65 -27.15 -17.09
N GLU A 249 5.16 -27.35 -15.88
CA GLU A 249 3.79 -27.78 -15.67
C GLU A 249 3.21 -27.15 -14.39
N LYS A 250 1.93 -27.42 -14.13
CA LYS A 250 1.27 -26.87 -12.95
C LYS A 250 0.38 -27.94 -12.30
N PHE A 251 0.79 -29.20 -12.42
CA PHE A 251 0.03 -30.30 -11.84
C PHE A 251 0.79 -30.92 -10.67
N GLU A 252 0.61 -30.34 -9.49
CA GLU A 252 1.28 -30.84 -8.29
C GLU A 252 0.27 -31.11 -7.18
N MET A 3 -8.12 32.75 -12.19
CA MET A 3 -8.59 34.03 -11.59
C MET A 3 -8.50 33.99 -10.07
N SER A 4 -9.03 35.02 -9.43
CA SER A 4 -9.00 35.12 -7.97
C SER A 4 -10.32 34.65 -7.37
N ILE A 5 -10.25 34.11 -6.15
CA ILE A 5 -11.44 33.63 -5.46
C ILE A 5 -11.07 33.08 -4.08
N PHE A 6 -9.91 32.46 -3.97
CA PHE A 6 -9.45 31.90 -2.70
C PHE A 6 -8.35 32.79 -2.12
N THR A 7 -7.33 33.05 -2.92
CA THR A 7 -6.21 33.88 -2.50
C THR A 7 -5.22 34.07 -3.65
N PRO A 8 -4.62 32.98 -4.15
CA PRO A 8 -3.66 33.03 -5.25
C PRO A 8 -4.34 33.31 -6.58
N THR A 9 -4.01 34.44 -7.19
CA THR A 9 -4.59 34.82 -8.48
C THR A 9 -4.19 33.84 -9.57
N ASN A 10 -2.90 33.82 -9.90
CA ASN A 10 -2.39 32.92 -10.93
C ASN A 10 -1.08 32.28 -10.50
N GLN A 11 -1.14 31.00 -10.13
CA GLN A 11 0.03 30.27 -9.68
C GLN A 11 -0.30 28.82 -9.39
N ILE A 12 -1.42 28.60 -8.69
CA ILE A 12 -1.85 27.25 -8.36
C ILE A 12 -3.11 26.88 -9.12
N ARG A 13 -3.89 27.87 -9.53
CA ARG A 13 -5.13 27.65 -10.27
C ARG A 13 -6.22 27.12 -9.35
N LEU A 14 -5.97 25.98 -8.74
CA LEU A 14 -6.93 25.36 -7.84
C LEU A 14 -6.27 24.31 -6.96
N THR A 15 -6.81 24.11 -5.76
CA THR A 15 -6.26 23.13 -4.83
C THR A 15 -7.36 22.54 -3.95
N ASN A 16 -6.98 21.88 -2.87
CA ASN A 16 -7.92 21.27 -1.94
C ASN A 16 -8.47 19.96 -2.51
N VAL A 17 -9.11 20.04 -3.66
CA VAL A 17 -9.69 18.87 -4.31
C VAL A 17 -9.11 18.66 -5.70
N ALA A 18 -8.74 17.43 -6.01
CA ALA A 18 -8.17 17.10 -7.31
C ALA A 18 -9.25 17.06 -8.38
N VAL A 19 -8.89 17.43 -9.60
CA VAL A 19 -9.83 17.44 -10.72
C VAL A 19 -9.37 16.53 -11.85
N VAL A 20 -10.20 15.56 -12.19
CA VAL A 20 -9.88 14.62 -13.26
C VAL A 20 -10.69 14.92 -14.51
N ARG A 21 -10.02 15.05 -15.65
CA ARG A 21 -10.69 15.34 -16.91
C ARG A 21 -10.74 14.13 -17.81
N MET A 22 -11.69 14.13 -18.75
CA MET A 22 -11.85 13.02 -19.69
C MET A 22 -12.37 13.53 -21.03
N LYS A 23 -12.07 12.79 -22.09
CA LYS A 23 -12.52 13.16 -23.43
C LYS A 23 -13.38 12.07 -24.05
N ARG A 24 -14.66 12.38 -24.26
CA ARG A 24 -15.59 11.42 -24.83
C ARG A 24 -16.68 12.13 -25.63
N ALA A 25 -16.89 11.68 -26.87
CA ALA A 25 -17.90 12.27 -27.73
C ALA A 25 -17.62 13.75 -27.96
N GLY A 26 -16.35 14.11 -28.06
CA GLY A 26 -15.97 15.48 -28.27
C GLY A 26 -16.46 16.40 -27.17
N LYS A 27 -16.61 15.85 -25.97
CA LYS A 27 -17.06 16.62 -24.82
C LYS A 27 -16.04 16.58 -23.68
N ARG A 28 -15.92 17.68 -22.97
CA ARG A 28 -14.97 17.78 -21.86
C ARG A 28 -15.67 17.55 -20.53
N PHE A 29 -15.46 16.37 -19.94
CA PHE A 29 -16.06 16.03 -18.66
C PHE A 29 -15.00 15.91 -17.57
N GLU A 30 -15.32 16.39 -16.38
CA GLU A 30 -14.38 16.34 -15.27
C GLU A 30 -15.13 16.16 -13.94
N ILE A 31 -14.45 15.58 -12.96
CA ILE A 31 -15.05 15.36 -11.64
C ILE A 31 -14.11 15.79 -10.53
N ALA A 32 -14.68 16.22 -9.41
CA ALA A 32 -13.91 16.65 -8.26
C ALA A 32 -13.69 15.49 -7.29
N CYS A 33 -12.46 14.98 -7.24
CA CYS A 33 -12.12 13.86 -6.36
C CYS A 33 -10.86 14.16 -5.56
N TYR A 34 -10.49 13.22 -4.70
CA TYR A 34 -9.31 13.37 -3.85
C TYR A 34 -8.07 12.84 -4.55
N LYS A 35 -6.96 13.57 -4.41
CA LYS A 35 -5.70 13.16 -5.02
C LYS A 35 -5.20 11.85 -4.40
N ASN A 36 -5.31 11.77 -3.08
CA ASN A 36 -4.87 10.57 -2.37
C ASN A 36 -5.85 9.41 -2.58
N LYS A 37 -7.13 9.72 -2.62
CA LYS A 37 -8.16 8.70 -2.82
C LYS A 37 -8.16 8.20 -4.26
N VAL A 38 -7.95 9.11 -5.21
CA VAL A 38 -7.92 8.75 -6.62
C VAL A 38 -6.71 7.88 -6.92
N VAL A 39 -5.53 8.34 -6.51
CA VAL A 39 -4.30 7.58 -6.74
C VAL A 39 -4.39 6.22 -6.06
N GLY A 40 -4.83 6.20 -4.82
CA GLY A 40 -4.97 4.95 -4.10
C GLY A 40 -5.99 4.02 -4.75
N TRP A 41 -7.00 4.62 -5.37
CA TRP A 41 -8.03 3.85 -6.04
C TRP A 41 -7.43 3.07 -7.21
N ARG A 42 -6.75 3.78 -8.10
CA ARG A 42 -6.12 3.15 -9.26
C ARG A 42 -5.14 2.08 -8.80
N SER A 43 -4.42 2.35 -7.73
CA SER A 43 -3.45 1.41 -7.19
C SER A 43 -4.15 0.15 -6.69
N GLY A 44 -5.40 0.29 -6.29
CA GLY A 44 -6.16 -0.85 -5.79
C GLY A 44 -6.01 -1.03 -4.29
N VAL A 45 -6.19 0.05 -3.54
CA VAL A 45 -6.06 0.00 -2.09
C VAL A 45 -7.43 -0.13 -1.43
N GLU A 46 -8.37 -0.75 -2.13
CA GLU A 46 -9.73 -0.94 -1.61
C GLU A 46 -10.35 0.40 -1.23
N LYS A 47 -10.70 1.19 -2.24
CA LYS A 47 -11.30 2.50 -2.02
C LYS A 47 -12.77 2.50 -2.43
N ASP A 48 -13.51 3.50 -1.94
CA ASP A 48 -14.93 3.63 -2.26
C ASP A 48 -15.23 4.96 -2.93
N LEU A 49 -16.24 4.95 -3.79
CA LEU A 49 -16.64 6.16 -4.52
C LEU A 49 -17.13 7.23 -3.55
N ASP A 50 -17.77 6.81 -2.47
CA ASP A 50 -18.29 7.74 -1.48
C ASP A 50 -17.18 8.38 -0.66
N GLU A 51 -15.94 7.92 -0.85
CA GLU A 51 -14.81 8.46 -0.11
C GLU A 51 -13.75 9.05 -1.04
N VAL A 52 -13.80 8.69 -2.32
CA VAL A 52 -12.83 9.19 -3.29
C VAL A 52 -13.38 10.37 -4.09
N LEU A 53 -14.69 10.38 -4.30
CA LEU A 53 -15.33 11.46 -5.06
C LEU A 53 -15.75 12.60 -4.13
N GLN A 54 -15.30 13.80 -4.45
CA GLN A 54 -15.65 14.98 -3.65
C GLN A 54 -17.07 15.42 -3.99
N THR A 55 -17.36 15.47 -5.28
CA THR A 55 -18.69 15.85 -5.76
C THR A 55 -19.22 14.83 -6.77
N HIS A 56 -20.26 14.12 -6.38
CA HIS A 56 -20.86 13.10 -7.24
C HIS A 56 -21.62 13.73 -8.41
N SER A 57 -20.87 14.30 -9.35
CA SER A 57 -21.46 14.94 -10.52
C SER A 57 -20.39 15.22 -11.56
N VAL A 58 -20.69 14.91 -12.81
CA VAL A 58 -19.75 15.13 -13.90
C VAL A 58 -19.68 16.60 -14.27
N PHE A 59 -18.68 17.29 -13.74
CA PHE A 59 -18.49 18.70 -14.00
C PHE A 59 -18.06 18.95 -15.45
N VAL A 60 -17.85 20.23 -15.75
CA VAL A 60 -17.43 20.64 -17.09
C VAL A 60 -16.27 21.62 -16.99
N ASN A 61 -16.42 22.59 -16.08
CA ASN A 61 -15.38 23.60 -15.86
C ASN A 61 -15.24 23.87 -14.37
N VAL A 62 -14.75 22.86 -13.63
CA VAL A 62 -14.57 22.98 -12.19
C VAL A 62 -13.78 24.24 -11.83
N SER A 63 -12.80 24.57 -12.66
CA SER A 63 -11.98 25.75 -12.43
C SER A 63 -12.84 27.00 -12.27
N LYS A 64 -14.02 26.99 -12.89
CA LYS A 64 -14.93 28.12 -12.81
C LYS A 64 -16.21 27.75 -12.05
N GLY A 65 -16.55 26.47 -12.06
CA GLY A 65 -17.74 26.01 -11.36
C GLY A 65 -18.86 25.67 -12.31
N GLN A 66 -18.55 24.94 -13.37
CA GLN A 66 -19.54 24.54 -14.36
C GLN A 66 -19.83 23.05 -14.28
N VAL A 67 -21.10 22.69 -14.18
CA VAL A 67 -21.50 21.30 -14.09
C VAL A 67 -22.23 20.84 -15.34
N ALA A 68 -22.00 19.59 -15.74
CA ALA A 68 -22.64 19.04 -16.94
C ALA A 68 -24.09 18.65 -16.64
N LYS A 69 -24.78 18.17 -17.67
CA LYS A 69 -26.17 17.76 -17.52
C LYS A 69 -26.31 16.25 -17.66
N LYS A 70 -27.33 15.69 -17.01
CA LYS A 70 -27.58 14.25 -17.05
C LYS A 70 -27.86 13.80 -18.47
N GLU A 71 -28.52 14.66 -19.24
CA GLU A 71 -28.85 14.34 -20.63
C GLU A 71 -27.59 14.05 -21.44
N ASP A 72 -26.63 14.97 -21.37
CA ASP A 72 -25.37 14.82 -22.09
C ASP A 72 -24.58 13.63 -21.55
N LEU A 73 -24.67 13.42 -20.24
CA LEU A 73 -23.96 12.32 -19.59
C LEU A 73 -24.37 10.98 -20.19
N ILE A 74 -25.68 10.77 -20.35
CA ILE A 74 -26.20 9.54 -20.91
C ILE A 74 -26.01 9.51 -22.43
N SER A 75 -26.29 10.62 -23.09
CA SER A 75 -26.17 10.72 -24.53
C SER A 75 -24.73 10.44 -24.97
N ALA A 76 -23.78 10.69 -24.09
CA ALA A 76 -22.37 10.46 -24.41
C ALA A 76 -21.90 9.10 -23.91
N PHE A 77 -21.93 8.90 -22.60
CA PHE A 77 -21.50 7.64 -22.00
C PHE A 77 -22.51 6.53 -22.27
N GLY A 78 -23.79 6.85 -22.10
CA GLY A 78 -24.83 5.87 -22.33
C GLY A 78 -25.53 5.45 -21.04
N THR A 79 -25.27 6.19 -19.97
CA THR A 79 -25.89 5.90 -18.68
C THR A 79 -25.90 7.14 -17.79
N ASP A 80 -26.90 7.22 -16.92
CA ASP A 80 -27.03 8.36 -16.00
C ASP A 80 -26.20 8.14 -14.74
N ASP A 81 -25.72 6.93 -14.54
CA ASP A 81 -24.91 6.61 -13.36
C ASP A 81 -23.63 7.44 -13.35
N GLN A 82 -23.72 8.66 -12.84
CA GLN A 82 -22.56 9.55 -12.76
C GLN A 82 -21.42 8.88 -12.00
N THR A 83 -21.77 8.04 -11.04
CA THR A 83 -20.77 7.33 -10.25
C THR A 83 -19.87 6.50 -11.15
N GLU A 84 -20.49 5.64 -11.96
CA GLU A 84 -19.75 4.78 -12.88
C GLU A 84 -18.92 5.65 -13.83
N ILE A 85 -19.53 6.70 -14.33
CA ILE A 85 -18.85 7.62 -15.24
C ILE A 85 -17.60 8.21 -14.59
N CYS A 86 -17.72 8.56 -13.31
CA CYS A 86 -16.60 9.11 -12.57
C CYS A 86 -15.46 8.10 -12.47
N LYS A 87 -15.81 6.85 -12.21
CA LYS A 87 -14.81 5.79 -12.10
C LYS A 87 -14.01 5.68 -13.40
N GLN A 88 -14.72 5.61 -14.51
CA GLN A 88 -14.06 5.50 -15.82
C GLN A 88 -13.14 6.70 -16.07
N ILE A 89 -13.60 7.88 -15.68
CA ILE A 89 -12.81 9.09 -15.85
C ILE A 89 -11.58 9.08 -14.95
N LEU A 90 -11.70 8.42 -13.80
CA LEU A 90 -10.59 8.33 -12.85
C LEU A 90 -9.56 7.32 -13.32
N THR A 91 -10.01 6.30 -14.05
CA THR A 91 -9.11 5.26 -14.56
C THR A 91 -8.64 5.59 -15.97
N LYS A 92 -9.50 6.23 -16.75
CA LYS A 92 -9.16 6.58 -18.13
C LYS A 92 -8.79 8.05 -18.24
N GLY A 93 -9.57 8.91 -17.59
CA GLY A 93 -9.30 10.34 -17.65
C GLY A 93 -7.96 10.70 -17.05
N GLU A 94 -7.58 11.96 -17.18
CA GLU A 94 -6.30 12.44 -16.65
C GLU A 94 -6.49 13.12 -15.30
N VAL A 95 -5.92 12.53 -14.26
CA VAL A 95 -6.03 13.09 -12.91
C VAL A 95 -5.04 14.23 -12.72
N GLN A 96 -5.57 15.45 -12.59
CA GLN A 96 -4.73 16.63 -12.40
C GLN A 96 -4.38 16.80 -10.92
N VAL A 97 -3.14 16.49 -10.58
CA VAL A 97 -2.67 16.61 -9.20
C VAL A 97 -1.27 17.22 -9.14
N SER A 98 -1.07 18.15 -8.21
CA SER A 98 0.22 18.81 -8.05
C SER A 98 1.25 17.84 -7.49
N ASP A 99 2.49 18.31 -7.38
CA ASP A 99 3.58 17.47 -6.86
C ASP A 99 3.45 17.29 -5.35
N LYS A 100 2.62 18.10 -4.71
CA LYS A 100 2.42 18.01 -3.27
C LYS A 100 2.04 16.59 -2.85
N GLU A 101 1.01 16.05 -3.49
CA GLU A 101 0.55 14.69 -3.18
C GLU A 101 1.66 13.67 -3.41
N ARG A 102 2.46 13.91 -4.44
CA ARG A 102 3.57 13.01 -4.76
C ARG A 102 4.62 13.02 -3.67
N HIS A 103 4.98 14.22 -3.21
CA HIS A 103 5.98 14.37 -2.16
C HIS A 103 5.46 13.80 -0.84
N THR A 104 4.24 14.16 -0.49
CA THR A 104 3.63 13.68 0.74
C THR A 104 3.44 12.17 0.71
N GLN A 105 2.92 11.67 -0.41
CA GLN A 105 2.68 10.25 -0.58
C GLN A 105 3.99 9.47 -0.48
N LEU A 106 5.04 10.00 -1.10
CA LEU A 106 6.35 9.36 -1.08
C LEU A 106 6.86 9.22 0.34
N GLU A 107 6.85 10.32 1.08
CA GLU A 107 7.31 10.31 2.47
C GLU A 107 6.44 9.39 3.32
N GLN A 108 5.13 9.47 3.11
CA GLN A 108 4.19 8.64 3.86
C GLN A 108 4.40 7.16 3.53
N MET A 109 4.68 6.88 2.26
CA MET A 109 4.90 5.50 1.82
C MET A 109 6.10 4.89 2.54
N PHE A 110 7.22 5.60 2.52
CA PHE A 110 8.43 5.12 3.18
C PHE A 110 8.20 4.97 4.67
N ARG A 111 7.43 5.88 5.25
CA ARG A 111 7.13 5.84 6.68
C ARG A 111 6.28 4.62 7.02
N ASP A 112 5.30 4.34 6.16
CA ASP A 112 4.41 3.19 6.36
C ASP A 112 5.20 1.89 6.36
N ILE A 113 6.10 1.75 5.38
CA ILE A 113 6.91 0.56 5.25
C ILE A 113 7.80 0.38 6.49
N ALA A 114 8.46 1.45 6.90
CA ALA A 114 9.34 1.40 8.07
C ALA A 114 8.55 1.09 9.33
N THR A 115 7.32 1.61 9.40
CA THR A 115 6.46 1.39 10.56
C THR A 115 6.08 -0.08 10.67
N ILE A 116 5.70 -0.68 9.55
CA ILE A 116 5.32 -2.09 9.53
C ILE A 116 6.49 -2.98 9.93
N VAL A 117 7.67 -2.67 9.40
CA VAL A 117 8.87 -3.45 9.69
C VAL A 117 9.35 -3.20 11.12
N ALA A 118 9.07 -2.00 11.63
CA ALA A 118 9.48 -1.64 12.99
C ALA A 118 8.46 -2.13 14.01
N ASP A 119 7.20 -2.23 13.60
CA ASP A 119 6.14 -2.68 14.49
C ASP A 119 6.18 -4.19 14.66
N LYS A 120 6.09 -4.92 13.56
CA LYS A 120 6.11 -6.38 13.60
C LYS A 120 7.16 -6.95 12.66
N CYS A 121 8.43 -6.81 13.04
CA CYS A 121 9.53 -7.30 12.22
C CYS A 121 10.87 -6.98 12.87
N VAL A 122 11.74 -7.99 12.95
CA VAL A 122 13.06 -7.81 13.56
C VAL A 122 14.12 -8.61 12.79
N ASN A 123 15.38 -8.28 13.03
CA ASN A 123 16.48 -8.96 12.36
C ASN A 123 16.81 -10.28 13.06
N PRO A 124 17.00 -11.37 12.29
CA PRO A 124 17.31 -12.69 12.84
C PRO A 124 18.76 -12.79 13.29
N GLU A 125 19.16 -11.94 14.23
CA GLU A 125 20.52 -11.93 14.75
C GLU A 125 20.59 -11.22 16.10
N THR A 126 20.02 -10.03 16.16
CA THR A 126 20.02 -9.24 17.38
C THR A 126 18.69 -9.38 18.13
N LYS A 127 17.63 -9.70 17.38
CA LYS A 127 16.30 -9.87 17.97
C LYS A 127 15.79 -8.55 18.56
N ARG A 128 16.18 -7.44 17.93
CA ARG A 128 15.76 -6.13 18.40
C ARG A 128 14.97 -5.40 17.31
N PRO A 129 13.85 -4.76 17.69
CA PRO A 129 13.00 -4.03 16.74
C PRO A 129 13.63 -2.70 16.31
N TYR A 130 14.11 -2.66 15.07
CA TYR A 130 14.73 -1.46 14.53
C TYR A 130 13.75 -0.29 14.53
N THR A 131 14.28 0.92 14.37
CA THR A 131 13.44 2.12 14.36
C THR A 131 13.17 2.59 12.93
N VAL A 132 12.12 3.38 12.76
CA VAL A 132 11.76 3.89 11.45
C VAL A 132 12.94 4.59 10.77
N ILE A 133 13.81 5.16 11.57
CA ILE A 133 14.99 5.85 11.06
C ILE A 133 15.99 4.86 10.46
N LEU A 134 16.10 3.70 11.10
CA LEU A 134 17.02 2.66 10.64
C LEU A 134 16.53 2.05 9.33
N ILE A 135 15.26 1.64 9.31
CA ILE A 135 14.67 1.04 8.12
C ILE A 135 14.69 2.03 6.95
N GLU A 136 14.34 3.28 7.24
CA GLU A 136 14.32 4.33 6.23
C GLU A 136 15.72 4.55 5.66
N ARG A 137 16.71 4.57 6.54
CA ARG A 137 18.10 4.77 6.12
C ARG A 137 18.54 3.69 5.15
N ALA A 138 18.26 2.44 5.50
CA ALA A 138 18.63 1.31 4.65
C ALA A 138 17.92 1.39 3.30
N MET A 139 16.65 1.78 3.33
CA MET A 139 15.85 1.89 2.11
C MET A 139 16.41 2.99 1.21
N LYS A 140 16.98 4.03 1.83
CA LYS A 140 17.55 5.14 1.09
C LYS A 140 18.92 4.77 0.52
N ASP A 141 19.72 4.09 1.32
CA ASP A 141 21.06 3.68 0.91
C ASP A 141 20.97 2.74 -0.30
N ILE A 142 20.00 1.85 -0.29
CA ILE A 142 19.80 0.90 -1.37
C ILE A 142 19.18 1.56 -2.60
N HIS A 143 18.79 2.83 -2.45
CA HIS A 143 18.18 3.58 -3.55
C HIS A 143 16.81 3.00 -3.91
N TYR A 144 15.99 2.77 -2.88
CA TYR A 144 14.65 2.22 -3.09
C TYR A 144 13.75 3.26 -3.76
N SER A 145 12.71 2.78 -4.43
CA SER A 145 11.77 3.66 -5.12
C SER A 145 10.36 3.08 -5.09
N VAL A 146 9.61 3.40 -4.04
CA VAL A 146 8.24 2.91 -3.91
C VAL A 146 7.28 3.73 -4.76
N LYS A 147 6.33 3.04 -5.39
CA LYS A 147 5.35 3.70 -6.25
C LYS A 147 4.00 3.82 -5.55
N THR A 148 3.44 5.02 -5.57
CA THR A 148 2.15 5.27 -4.94
C THR A 148 1.06 4.38 -5.55
N ASN A 149 1.32 3.88 -6.75
CA ASN A 149 0.35 3.02 -7.43
C ASN A 149 0.63 1.54 -7.14
N LYS A 150 1.32 1.27 -6.03
CA LYS A 150 1.64 -0.11 -5.66
C LYS A 150 1.18 -0.40 -4.23
N SER A 151 0.64 -1.60 -4.04
CA SER A 151 0.15 -2.00 -2.73
C SER A 151 1.31 -2.15 -1.73
N THR A 152 1.08 -1.71 -0.50
CA THR A 152 2.10 -1.79 0.54
C THR A 152 2.49 -3.24 0.81
N LYS A 153 1.52 -4.03 1.26
CA LYS A 153 1.75 -5.44 1.56
C LYS A 153 2.51 -6.13 0.42
N GLN A 154 2.06 -5.88 -0.81
CA GLN A 154 2.69 -6.47 -1.98
C GLN A 154 4.15 -6.03 -2.09
N GLN A 155 4.42 -4.78 -1.72
CA GLN A 155 5.75 -4.23 -1.77
C GLN A 155 6.62 -4.77 -0.64
N ALA A 156 5.97 -5.18 0.45
CA ALA A 156 6.68 -5.72 1.61
C ALA A 156 7.64 -6.83 1.21
N LEU A 157 7.18 -7.72 0.33
CA LEU A 157 8.00 -8.84 -0.13
C LEU A 157 9.28 -8.33 -0.79
N GLU A 158 9.12 -7.39 -1.73
CA GLU A 158 10.25 -6.82 -2.43
C GLU A 158 11.23 -6.15 -1.45
N VAL A 159 10.67 -5.48 -0.45
CA VAL A 159 11.49 -4.80 0.55
C VAL A 159 12.36 -5.80 1.30
N ILE A 160 11.77 -6.92 1.69
CA ILE A 160 12.49 -7.95 2.43
C ILE A 160 13.65 -8.50 1.59
N LYS A 161 13.33 -8.93 0.37
CA LYS A 161 14.35 -9.48 -0.52
C LYS A 161 15.43 -8.46 -0.81
N GLN A 162 15.02 -7.25 -1.16
CA GLN A 162 15.95 -6.17 -1.46
C GLN A 162 16.83 -5.84 -0.26
N LEU A 163 16.19 -5.52 0.86
CA LEU A 163 16.90 -5.19 2.08
C LEU A 163 17.76 -6.36 2.55
N LYS A 164 17.35 -7.57 2.18
CA LYS A 164 18.09 -8.78 2.57
C LYS A 164 19.55 -8.68 2.15
N GLU A 165 19.81 -7.95 1.07
CA GLU A 165 21.17 -7.77 0.57
C GLU A 165 21.98 -6.89 1.51
N LYS A 166 21.31 -5.95 2.17
CA LYS A 166 21.97 -5.03 3.09
C LYS A 166 21.70 -5.43 4.54
N MET A 167 20.45 -5.25 4.97
CA MET A 167 20.06 -5.57 6.33
C MET A 167 19.03 -6.70 6.35
N LYS A 168 19.28 -7.72 7.15
CA LYS A 168 18.37 -8.86 7.26
C LYS A 168 17.12 -8.47 8.05
N ILE A 169 15.99 -9.07 7.68
CA ILE A 169 14.73 -8.79 8.36
C ILE A 169 13.90 -10.06 8.54
N GLU A 170 13.09 -10.09 9.59
CA GLU A 170 12.24 -11.25 9.87
C GLU A 170 10.88 -10.80 10.39
N ARG A 171 9.83 -11.24 9.71
CA ARG A 171 8.47 -10.90 10.10
C ARG A 171 7.76 -12.08 10.74
N ALA A 172 7.21 -11.86 11.94
CA ALA A 172 6.52 -12.91 12.66
C ALA A 172 5.76 -12.34 13.86
N HIS A 173 4.53 -12.81 14.05
CA HIS A 173 3.70 -12.36 15.16
C HIS A 173 3.73 -13.37 16.30
N MET A 174 2.94 -13.10 17.34
CA MET A 174 2.89 -14.01 18.49
C MET A 174 1.82 -13.57 19.49
N ARG A 175 0.73 -14.33 19.53
CA ARG A 175 -0.37 -14.03 20.45
C ARG A 175 -0.41 -15.07 21.56
N LEU A 176 -0.01 -14.67 22.77
CA LEU A 176 0.01 -15.58 23.90
C LEU A 176 -1.08 -15.27 24.92
N ARG A 177 -1.14 -16.09 25.96
CA ARG A 177 -2.12 -15.92 27.03
C ARG A 177 -1.51 -16.37 28.35
N PHE A 178 -1.91 -15.73 29.44
CA PHE A 178 -1.36 -16.07 30.75
C PHE A 178 -2.38 -15.89 31.87
N ILE A 179 -2.27 -16.73 32.89
CA ILE A 179 -3.15 -16.68 34.05
C ILE A 179 -2.32 -16.75 35.32
N LEU A 180 -2.43 -15.72 36.16
CA LEU A 180 -1.66 -15.67 37.40
C LEU A 180 -2.54 -15.88 38.62
N PRO A 181 -1.96 -16.43 39.71
CA PRO A 181 -2.68 -16.68 40.95
C PRO A 181 -2.99 -15.40 41.71
N VAL A 182 -3.38 -15.55 42.97
CA VAL A 182 -3.72 -14.41 43.82
C VAL A 182 -2.48 -13.66 44.30
N ASN A 183 -1.65 -14.35 45.08
CA ASN A 183 -0.43 -13.76 45.63
C ASN A 183 0.60 -13.48 44.55
N GLU A 184 1.00 -14.51 43.83
CA GLU A 184 2.00 -14.37 42.77
C GLU A 184 1.49 -13.51 41.62
N GLY A 185 0.18 -13.31 41.56
CA GLY A 185 -0.39 -12.51 40.50
C GLY A 185 -0.17 -11.02 40.68
N LYS A 186 0.05 -10.61 41.93
CA LYS A 186 0.27 -9.20 42.24
C LYS A 186 1.39 -8.60 41.38
N LYS A 187 2.55 -9.26 41.38
CA LYS A 187 3.70 -8.78 40.61
C LYS A 187 3.65 -9.28 39.17
N LEU A 188 3.18 -10.51 38.97
CA LEU A 188 3.10 -11.10 37.64
C LEU A 188 2.33 -10.20 36.68
N LYS A 189 1.44 -9.38 37.21
CA LYS A 189 0.64 -8.48 36.40
C LYS A 189 1.40 -7.19 36.07
N GLU A 190 1.72 -6.43 37.12
CA GLU A 190 2.44 -5.17 36.96
C GLU A 190 3.77 -5.38 36.23
N LYS A 191 4.30 -6.59 36.30
CA LYS A 191 5.58 -6.89 35.67
C LYS A 191 5.41 -7.25 34.19
N LEU A 192 4.20 -7.68 33.82
CA LEU A 192 3.93 -8.05 32.44
C LEU A 192 3.21 -6.93 31.68
N LYS A 193 2.48 -6.10 32.43
CA LYS A 193 1.76 -4.98 31.82
C LYS A 193 2.67 -4.09 31.00
N PRO A 194 3.80 -3.63 31.57
CA PRO A 194 4.75 -2.77 30.87
C PRO A 194 5.68 -3.55 29.94
N LEU A 195 6.02 -4.77 30.34
CA LEU A 195 6.91 -5.60 29.54
C LEU A 195 6.37 -5.81 28.12
N ILE A 196 5.13 -6.26 28.03
CA ILE A 196 4.50 -6.50 26.74
C ILE A 196 3.05 -6.01 26.71
N LYS A 197 2.40 -6.17 25.57
CA LYS A 197 1.01 -5.75 25.41
C LYS A 197 0.06 -6.80 25.97
N VAL A 198 -0.71 -6.42 26.98
CA VAL A 198 -1.67 -7.33 27.60
C VAL A 198 -3.09 -6.81 27.46
N ILE A 199 -4.05 -7.73 27.42
CA ILE A 199 -5.46 -7.36 27.30
C ILE A 199 -6.37 -8.41 27.94
N GLU A 200 -7.61 -8.02 28.19
CA GLU A 200 -8.58 -8.93 28.81
C GLU A 200 -8.13 -9.34 30.21
N SER A 201 -7.81 -8.35 31.04
CA SER A 201 -7.37 -8.60 32.40
C SER A 201 -8.54 -8.64 33.37
N GLU A 202 -8.81 -9.80 33.93
CA GLU A 202 -9.92 -9.96 34.87
C GLU A 202 -9.45 -10.64 36.16
N ASP A 203 -9.50 -9.91 37.27
CA ASP A 203 -9.08 -10.43 38.56
C ASP A 203 -10.28 -10.59 39.49
N TYR A 204 -10.23 -11.60 40.35
CA TYR A 204 -11.30 -11.86 41.30
C TYR A 204 -10.86 -11.51 42.72
N GLY A 205 -11.82 -11.11 43.55
CA GLY A 205 -11.52 -10.75 44.92
C GLY A 205 -10.63 -11.76 45.61
N GLN A 206 -9.34 -11.45 45.71
CA GLN A 206 -8.39 -12.35 46.34
C GLN A 206 -8.32 -13.67 45.57
N GLN A 207 -8.36 -13.58 44.26
CA GLN A 207 -8.31 -14.77 43.41
C GLN A 207 -7.38 -14.55 42.22
N LEU A 208 -7.23 -15.59 41.40
CA LEU A 208 -6.37 -15.53 40.23
C LEU A 208 -6.99 -14.66 39.13
N GLU A 209 -6.14 -14.02 38.35
CA GLU A 209 -6.60 -13.15 37.27
C GLU A 209 -6.13 -13.66 35.91
N ILE A 210 -7.01 -13.57 34.92
CA ILE A 210 -6.70 -14.01 33.56
C ILE A 210 -6.22 -12.84 32.71
N VAL A 211 -5.09 -13.02 32.06
CA VAL A 211 -4.51 -11.99 31.22
C VAL A 211 -4.12 -12.54 29.85
N CYS A 212 -4.26 -11.71 28.82
CA CYS A 212 -3.93 -12.14 27.46
C CYS A 212 -2.67 -11.42 27.00
N LEU A 213 -1.86 -12.11 26.20
CA LEU A 213 -0.62 -11.54 25.71
C LEU A 213 -0.58 -11.45 24.19
N ILE A 214 -0.02 -10.34 23.69
CA ILE A 214 0.09 -10.12 22.26
C ILE A 214 1.37 -9.35 21.94
N ASP A 215 2.20 -9.90 21.06
CA ASP A 215 3.45 -9.25 20.68
C ASP A 215 4.18 -10.07 19.61
N PRO A 216 5.07 -9.42 18.83
CA PRO A 216 5.83 -10.10 17.78
C PRO A 216 6.57 -11.32 18.30
N GLY A 217 7.24 -12.03 17.39
CA GLY A 217 7.98 -13.22 17.79
C GLY A 217 9.33 -12.90 18.43
N CYS A 218 9.68 -11.62 18.48
CA CYS A 218 10.96 -11.21 19.07
C CYS A 218 10.85 -11.09 20.59
N PHE A 219 9.73 -10.55 21.06
CA PHE A 219 9.51 -10.38 22.49
C PHE A 219 9.39 -11.73 23.19
N ARG A 220 9.07 -12.77 22.44
CA ARG A 220 8.91 -14.11 22.99
C ARG A 220 10.07 -14.47 23.94
N GLU A 221 11.25 -13.93 23.65
CA GLU A 221 12.43 -14.19 24.47
C GLU A 221 12.27 -13.57 25.86
N ILE A 222 12.20 -12.25 25.91
CA ILE A 222 12.05 -11.53 27.18
C ILE A 222 10.78 -11.95 27.91
N ASP A 223 9.71 -12.16 27.14
CA ASP A 223 8.43 -12.56 27.72
C ASP A 223 8.56 -13.87 28.49
N GLU A 224 9.03 -14.91 27.81
CA GLU A 224 9.19 -16.22 28.44
C GLU A 224 10.13 -16.14 29.64
N LEU A 225 11.17 -15.33 29.51
CA LEU A 225 12.15 -15.16 30.59
C LEU A 225 11.49 -14.56 31.84
N ILE A 226 11.00 -13.34 31.71
CA ILE A 226 10.34 -12.66 32.82
C ILE A 226 9.17 -13.47 33.36
N LYS A 227 8.38 -14.03 32.45
CA LYS A 227 7.22 -14.83 32.82
C LYS A 227 7.64 -16.00 33.72
N LYS A 228 8.58 -16.81 33.23
CA LYS A 228 9.05 -17.96 33.99
C LYS A 228 9.60 -17.54 35.36
N GLU A 229 10.25 -16.38 35.39
CA GLU A 229 10.82 -15.87 36.64
C GLU A 229 9.75 -15.28 37.55
N THR A 230 8.65 -14.83 36.94
CA THR A 230 7.55 -14.24 37.70
C THR A 230 6.51 -15.28 38.07
N LYS A 231 6.47 -16.39 37.33
CA LYS A 231 5.51 -17.46 37.59
C LYS A 231 6.13 -18.56 38.44
N GLY A 232 7.45 -18.71 38.35
CA GLY A 232 8.13 -19.73 39.12
C GLY A 232 7.48 -21.10 39.00
N LYS A 233 6.98 -21.40 37.81
CA LYS A 233 6.32 -22.68 37.56
C LYS A 233 5.09 -22.84 38.45
N GLY A 234 4.39 -21.74 38.69
CA GLY A 234 3.21 -21.78 39.52
C GLY A 234 2.03 -21.03 38.91
N SER A 235 2.04 -20.91 37.58
CA SER A 235 0.97 -20.21 36.87
C SER A 235 0.64 -20.90 35.56
N LEU A 236 -0.41 -20.44 34.90
CA LEU A 236 -0.82 -21.02 33.62
C LEU A 236 -0.47 -20.10 32.46
N GLU A 237 -0.15 -20.68 31.32
CA GLU A 237 0.20 -19.90 30.13
C GLU A 237 -0.22 -20.63 28.85
N VAL A 238 -1.15 -20.02 28.12
CA VAL A 238 -1.63 -20.61 26.87
C VAL A 238 -1.09 -19.85 25.66
N LEU A 239 -0.88 -20.57 24.57
CA LEU A 239 -0.36 -19.95 23.35
C LEU A 239 -1.30 -20.20 22.18
N ASN A 240 -1.59 -19.14 21.43
CA ASN A 240 -2.48 -19.24 20.27
C ASN A 240 -1.69 -19.45 18.99
N LEU A 241 -1.03 -18.39 18.52
CA LEU A 241 -0.23 -18.46 17.31
C LEU A 241 1.27 -18.48 17.63
N LYS A 242 1.94 -19.54 17.20
CA LYS A 242 3.37 -19.69 17.44
C LYS A 242 4.16 -19.61 16.14
N ASP A 243 5.26 -18.88 16.17
CA ASP A 243 6.11 -18.72 15.00
C ASP A 243 6.81 -20.03 14.65
N VAL A 244 6.60 -20.49 13.41
CA VAL A 244 7.21 -21.73 12.95
C VAL A 244 8.50 -21.46 12.21
N GLU A 245 8.65 -20.25 11.67
CA GLU A 245 9.84 -19.88 10.94
C GLU A 245 10.85 -19.17 11.85
N GLU A 246 10.99 -19.67 13.08
CA GLU A 246 11.92 -19.08 14.04
C GLU A 246 13.13 -19.99 14.26
N GLY A 247 14.24 -19.65 13.63
CA GLY A 247 15.44 -20.45 13.77
C GLY A 247 15.69 -21.34 12.57
N ASP A 248 15.48 -22.64 12.74
CA ASP A 248 15.69 -23.60 11.67
C ASP A 248 14.38 -24.29 11.30
N GLU A 249 13.90 -24.01 10.09
CA GLU A 249 12.66 -24.60 9.60
C GLU A 249 12.88 -26.05 9.19
N LYS A 250 11.84 -26.66 8.63
CA LYS A 250 11.91 -28.05 8.19
C LYS A 250 11.49 -28.17 6.73
N PHE A 251 10.29 -27.70 6.42
CA PHE A 251 9.77 -27.75 5.06
C PHE A 251 8.38 -27.13 4.98
N GLU A 252 7.53 -27.45 5.95
CA GLU A 252 6.17 -26.93 5.98
C GLU A 252 5.65 -26.87 7.42
N MET A 3 -2.85 26.13 -22.46
CA MET A 3 -3.77 25.07 -21.97
C MET A 3 -4.27 25.39 -20.56
N SER A 4 -3.36 25.84 -19.70
CA SER A 4 -3.71 26.18 -18.34
C SER A 4 -4.53 27.47 -18.28
N ILE A 5 -5.43 27.56 -17.31
CA ILE A 5 -6.27 28.74 -17.15
C ILE A 5 -6.07 29.37 -15.78
N PHE A 6 -5.98 28.53 -14.76
CA PHE A 6 -5.79 29.00 -13.39
C PHE A 6 -4.40 28.64 -12.88
N THR A 7 -3.88 27.50 -13.33
CA THR A 7 -2.56 27.04 -12.91
C THR A 7 -2.54 26.75 -11.41
N PRO A 8 -2.21 25.50 -11.03
CA PRO A 8 -2.15 25.10 -9.62
C PRO A 8 -1.02 25.79 -8.86
N THR A 9 -1.32 26.95 -8.28
CA THR A 9 -0.33 27.70 -7.52
C THR A 9 -0.99 28.69 -6.58
N ASN A 10 -0.25 29.14 -5.57
CA ASN A 10 -0.77 30.09 -4.60
C ASN A 10 -1.22 31.37 -5.29
N GLN A 11 -2.54 31.57 -5.38
CA GLN A 11 -3.10 32.76 -6.01
C GLN A 11 -4.60 32.87 -5.75
N ILE A 12 -5.29 31.74 -5.83
CA ILE A 12 -6.73 31.71 -5.59
C ILE A 12 -7.10 30.62 -4.59
N ARG A 13 -8.37 30.59 -4.21
CA ARG A 13 -8.85 29.60 -3.25
C ARG A 13 -9.48 28.41 -3.97
N LEU A 14 -8.83 27.96 -5.05
CA LEU A 14 -9.32 26.83 -5.81
C LEU A 14 -8.45 25.60 -5.58
N THR A 15 -7.88 25.50 -4.38
CA THR A 15 -7.02 24.38 -4.02
C THR A 15 -7.56 23.67 -2.79
N ASN A 16 -7.98 22.42 -2.97
CA ASN A 16 -8.50 21.62 -1.86
C ASN A 16 -8.84 20.21 -2.33
N VAL A 17 -9.40 20.11 -3.52
CA VAL A 17 -9.77 18.81 -4.08
C VAL A 17 -9.08 18.57 -5.42
N ALA A 18 -8.95 17.30 -5.80
CA ALA A 18 -8.31 16.94 -7.05
C ALA A 18 -9.34 16.91 -8.19
N VAL A 19 -8.99 17.52 -9.31
CA VAL A 19 -9.87 17.56 -10.46
C VAL A 19 -9.39 16.64 -11.57
N VAL A 20 -10.22 15.66 -11.90
CA VAL A 20 -9.88 14.70 -12.95
C VAL A 20 -10.70 14.96 -14.21
N ARG A 21 -10.02 15.13 -15.33
CA ARG A 21 -10.68 15.40 -16.60
C ARG A 21 -10.53 14.23 -17.57
N MET A 22 -11.43 14.15 -18.54
CA MET A 22 -11.39 13.08 -19.54
C MET A 22 -12.08 13.54 -20.83
N LYS A 23 -11.79 12.83 -21.92
CA LYS A 23 -12.37 13.16 -23.21
C LYS A 23 -13.25 12.01 -23.73
N ARG A 24 -14.50 12.32 -24.03
CA ARG A 24 -15.44 11.32 -24.53
C ARG A 24 -16.60 11.98 -25.26
N ALA A 25 -17.00 11.40 -26.38
CA ALA A 25 -18.10 11.94 -27.17
C ALA A 25 -17.81 13.36 -27.64
N GLY A 26 -16.53 13.65 -27.86
CA GLY A 26 -16.14 14.97 -28.33
C GLY A 26 -16.50 16.06 -27.33
N LYS A 27 -16.54 15.69 -26.05
CA LYS A 27 -16.86 16.66 -25.00
C LYS A 27 -15.86 16.58 -23.86
N ARG A 28 -15.89 17.57 -22.97
CA ARG A 28 -14.98 17.60 -21.83
C ARG A 28 -15.73 17.35 -20.53
N PHE A 29 -15.37 16.27 -19.86
CA PHE A 29 -16.01 15.90 -18.59
C PHE A 29 -14.97 15.77 -17.48
N GLU A 30 -15.26 16.35 -16.32
CA GLU A 30 -14.36 16.29 -15.18
C GLU A 30 -15.13 16.25 -13.86
N ILE A 31 -14.57 15.57 -12.87
CA ILE A 31 -15.21 15.46 -11.56
C ILE A 31 -14.22 15.76 -10.44
N ALA A 32 -14.75 16.15 -9.29
CA ALA A 32 -13.91 16.47 -8.13
C ALA A 32 -13.68 15.23 -7.29
N CYS A 33 -12.47 14.69 -7.35
CA CYS A 33 -12.11 13.50 -6.59
C CYS A 33 -10.95 13.77 -5.65
N TYR A 34 -10.63 12.77 -4.83
CA TYR A 34 -9.53 12.89 -3.87
C TYR A 34 -8.26 12.27 -4.43
N LYS A 35 -7.26 13.10 -4.67
CA LYS A 35 -5.98 12.65 -5.21
C LYS A 35 -5.50 11.37 -4.54
N ASN A 36 -5.57 11.33 -3.21
CA ASN A 36 -5.14 10.17 -2.44
C ASN A 36 -5.97 8.94 -2.80
N LYS A 37 -7.30 9.06 -2.68
CA LYS A 37 -8.19 7.95 -2.98
C LYS A 37 -8.20 7.63 -4.47
N VAL A 38 -7.80 8.60 -5.29
CA VAL A 38 -7.75 8.40 -6.73
C VAL A 38 -6.62 7.47 -7.10
N VAL A 39 -5.45 7.70 -6.50
CA VAL A 39 -4.28 6.86 -6.75
C VAL A 39 -4.49 5.46 -6.15
N GLY A 40 -5.06 5.43 -4.95
CA GLY A 40 -5.32 4.16 -4.30
C GLY A 40 -6.35 3.33 -5.05
N TRP A 41 -7.30 4.03 -5.66
CA TRP A 41 -8.35 3.36 -6.43
C TRP A 41 -7.77 2.80 -7.72
N ARG A 42 -7.08 3.65 -8.47
CA ARG A 42 -6.46 3.23 -9.73
C ARG A 42 -5.57 2.02 -9.51
N SER A 43 -4.84 2.02 -8.40
CA SER A 43 -3.95 0.92 -8.07
C SER A 43 -4.71 -0.24 -7.42
N GLY A 44 -5.90 0.05 -6.90
CA GLY A 44 -6.70 -0.97 -6.27
C GLY A 44 -6.05 -1.51 -5.00
N VAL A 45 -5.97 -0.67 -3.98
CA VAL A 45 -5.37 -1.07 -2.71
C VAL A 45 -6.32 -0.83 -1.55
N GLU A 46 -6.95 0.34 -1.55
CA GLU A 46 -7.91 0.69 -0.50
C GLU A 46 -8.53 2.06 -0.78
N LYS A 47 -9.85 2.12 -0.81
CA LYS A 47 -10.55 3.37 -1.08
C LYS A 47 -12.06 3.21 -0.92
N ASP A 48 -12.82 4.19 -1.41
CA ASP A 48 -14.27 4.15 -1.32
C ASP A 48 -14.89 5.25 -2.19
N LEU A 49 -15.94 4.89 -2.93
CA LEU A 49 -16.62 5.84 -3.81
C LEU A 49 -17.12 7.05 -3.04
N ASP A 50 -17.79 6.80 -1.92
CA ASP A 50 -18.33 7.88 -1.10
C ASP A 50 -17.24 8.67 -0.38
N GLU A 51 -16.00 8.19 -0.46
CA GLU A 51 -14.88 8.87 0.19
C GLU A 51 -13.86 9.38 -0.82
N VAL A 52 -13.95 8.90 -2.06
CA VAL A 52 -13.02 9.30 -3.10
C VAL A 52 -13.60 10.43 -3.96
N LEU A 53 -14.87 10.29 -4.34
CA LEU A 53 -15.54 11.29 -5.16
C LEU A 53 -16.05 12.45 -4.29
N GLN A 54 -15.32 13.56 -4.29
CA GLN A 54 -15.71 14.73 -3.52
C GLN A 54 -17.03 15.29 -4.05
N THR A 55 -17.26 15.14 -5.35
CA THR A 55 -18.48 15.61 -5.98
C THR A 55 -19.11 14.52 -6.83
N HIS A 56 -20.30 14.07 -6.43
CA HIS A 56 -21.01 13.03 -7.16
C HIS A 56 -21.77 13.62 -8.35
N SER A 57 -21.04 14.28 -9.24
CA SER A 57 -21.63 14.89 -10.42
C SER A 57 -20.55 15.26 -11.44
N VAL A 58 -20.73 14.81 -12.67
CA VAL A 58 -19.76 15.09 -13.73
C VAL A 58 -19.80 16.57 -14.11
N PHE A 59 -18.73 17.28 -13.77
CA PHE A 59 -18.64 18.70 -14.08
C PHE A 59 -18.15 18.94 -15.51
N VAL A 60 -18.02 20.21 -15.86
CA VAL A 60 -17.56 20.60 -17.19
C VAL A 60 -16.40 21.58 -17.08
N ASN A 61 -16.56 22.57 -16.20
CA ASN A 61 -15.52 23.56 -15.98
C ASN A 61 -15.35 23.84 -14.50
N VAL A 62 -14.87 22.83 -13.77
CA VAL A 62 -14.67 22.96 -12.32
C VAL A 62 -13.84 24.19 -11.98
N SER A 63 -12.94 24.55 -12.89
CA SER A 63 -12.08 25.70 -12.69
C SER A 63 -12.91 26.98 -12.49
N LYS A 64 -14.08 27.02 -13.11
CA LYS A 64 -14.97 28.17 -12.99
C LYS A 64 -16.23 27.82 -12.20
N GLY A 65 -16.60 26.53 -12.22
CA GLY A 65 -17.78 26.09 -11.50
C GLY A 65 -18.93 25.74 -12.44
N GLN A 66 -18.63 24.98 -13.48
CA GLN A 66 -19.66 24.58 -14.44
C GLN A 66 -19.91 23.08 -14.35
N VAL A 67 -21.19 22.71 -14.28
CA VAL A 67 -21.57 21.30 -14.19
C VAL A 67 -22.20 20.81 -15.49
N ALA A 68 -22.10 19.51 -15.73
CA ALA A 68 -22.66 18.92 -16.94
C ALA A 68 -24.16 18.66 -16.77
N LYS A 69 -24.73 17.93 -17.73
CA LYS A 69 -26.16 17.62 -17.69
C LYS A 69 -26.39 16.12 -17.84
N LYS A 70 -27.44 15.62 -17.19
CA LYS A 70 -27.78 14.20 -17.25
C LYS A 70 -28.03 13.77 -18.69
N GLU A 71 -28.74 14.60 -19.45
CA GLU A 71 -29.05 14.29 -20.84
C GLU A 71 -27.77 14.04 -21.64
N ASP A 72 -26.82 14.97 -21.53
CA ASP A 72 -25.55 14.85 -22.24
C ASP A 72 -24.71 13.71 -21.65
N LEU A 73 -24.86 13.49 -20.34
CA LEU A 73 -24.12 12.44 -19.66
C LEU A 73 -24.48 11.07 -20.22
N ILE A 74 -25.74 10.90 -20.58
CA ILE A 74 -26.22 9.64 -21.14
C ILE A 74 -25.87 9.51 -22.61
N SER A 75 -26.16 10.55 -23.38
CA SER A 75 -25.88 10.57 -24.81
C SER A 75 -24.38 10.59 -25.08
N ALA A 76 -23.59 10.92 -24.06
CA ALA A 76 -22.14 10.99 -24.21
C ALA A 76 -21.47 9.70 -23.74
N PHE A 77 -21.91 9.19 -22.59
CA PHE A 77 -21.35 7.96 -22.04
C PHE A 77 -22.29 6.77 -22.28
N GLY A 78 -23.57 6.97 -22.01
CA GLY A 78 -24.54 5.90 -22.20
C GLY A 78 -24.72 5.07 -20.95
N THR A 79 -24.84 5.74 -19.81
CA THR A 79 -25.03 5.05 -18.54
C THR A 79 -26.06 5.77 -17.67
N ASP A 80 -25.93 7.09 -17.60
CA ASP A 80 -26.83 7.93 -16.81
C ASP A 80 -26.42 7.96 -15.33
N ASP A 81 -25.44 7.13 -14.98
CA ASP A 81 -24.95 7.08 -13.60
C ASP A 81 -23.68 7.91 -13.46
N GLN A 82 -23.83 9.14 -13.00
CA GLN A 82 -22.68 10.04 -12.83
C GLN A 82 -21.54 9.34 -12.10
N THR A 83 -21.86 8.61 -11.04
CA THR A 83 -20.86 7.89 -10.26
C THR A 83 -19.98 7.04 -11.17
N GLU A 84 -20.63 6.21 -11.99
CA GLU A 84 -19.92 5.34 -12.93
C GLU A 84 -19.04 6.19 -13.86
N ILE A 85 -19.65 7.19 -14.49
CA ILE A 85 -18.92 8.08 -15.39
C ILE A 85 -17.71 8.67 -14.68
N CYS A 86 -17.87 9.01 -13.42
CA CYS A 86 -16.79 9.57 -12.62
C CYS A 86 -15.63 8.59 -12.55
N LYS A 87 -15.95 7.32 -12.32
CA LYS A 87 -14.93 6.28 -12.25
C LYS A 87 -14.15 6.24 -13.56
N GLN A 88 -14.88 6.30 -14.67
CA GLN A 88 -14.28 6.28 -16.00
C GLN A 88 -13.23 7.39 -16.12
N ILE A 89 -13.61 8.59 -15.70
CA ILE A 89 -12.71 9.74 -15.76
C ILE A 89 -11.57 9.58 -14.76
N LEU A 90 -11.84 8.86 -13.68
CA LEU A 90 -10.83 8.64 -12.64
C LEU A 90 -9.74 7.68 -13.12
N THR A 91 -10.13 6.75 -13.99
CA THR A 91 -9.18 5.77 -14.52
C THR A 91 -8.68 6.18 -15.90
N LYS A 92 -9.59 6.62 -16.76
CA LYS A 92 -9.24 7.04 -18.11
C LYS A 92 -8.80 8.51 -18.13
N GLY A 93 -9.42 9.33 -17.30
CA GLY A 93 -9.08 10.74 -17.25
C GLY A 93 -7.80 10.99 -16.49
N GLU A 94 -7.29 12.21 -16.60
CA GLU A 94 -6.05 12.59 -15.92
C GLU A 94 -6.35 13.39 -14.65
N VAL A 95 -5.64 13.07 -13.58
CA VAL A 95 -5.82 13.76 -12.31
C VAL A 95 -4.97 15.03 -12.25
N GLN A 96 -5.63 16.17 -12.07
CA GLN A 96 -4.94 17.45 -11.98
C GLN A 96 -4.90 17.95 -10.55
N VAL A 97 -3.71 17.94 -9.96
CA VAL A 97 -3.53 18.40 -8.59
C VAL A 97 -2.32 19.33 -8.48
N SER A 98 -2.29 20.13 -7.41
CA SER A 98 -1.21 21.07 -7.18
C SER A 98 0.00 20.37 -6.56
N ASP A 99 1.10 21.11 -6.43
CA ASP A 99 2.32 20.55 -5.86
C ASP A 99 2.08 20.08 -4.43
N LYS A 100 1.27 20.83 -3.69
CA LYS A 100 0.95 20.48 -2.30
C LYS A 100 0.29 19.11 -2.22
N GLU A 101 -0.67 18.87 -3.12
CA GLU A 101 -1.38 17.60 -3.14
C GLU A 101 -0.42 16.45 -3.42
N ARG A 102 0.51 16.67 -4.35
CA ARG A 102 1.49 15.65 -4.71
C ARG A 102 2.47 15.41 -3.57
N HIS A 103 2.84 16.48 -2.87
CA HIS A 103 3.77 16.38 -1.75
C HIS A 103 3.16 15.56 -0.62
N THR A 104 1.90 15.84 -0.30
CA THR A 104 1.21 15.13 0.77
C THR A 104 1.14 13.63 0.47
N GLN A 105 1.03 13.29 -0.80
CA GLN A 105 0.95 11.89 -1.22
C GLN A 105 2.28 11.20 -0.99
N LEU A 106 3.38 11.87 -1.36
CA LEU A 106 4.72 11.31 -1.19
C LEU A 106 5.00 11.03 0.28
N GLU A 107 4.73 12.02 1.12
CA GLU A 107 4.96 11.87 2.56
C GLU A 107 4.13 10.73 3.13
N GLN A 108 2.86 10.70 2.77
CA GLN A 108 1.95 9.66 3.24
C GLN A 108 2.41 8.29 2.75
N MET A 109 2.88 8.23 1.51
CA MET A 109 3.36 6.99 0.93
C MET A 109 4.57 6.46 1.68
N PHE A 110 5.52 7.34 1.94
CA PHE A 110 6.74 6.97 2.66
C PHE A 110 6.41 6.44 4.05
N ARG A 111 5.47 7.11 4.72
CA ARG A 111 5.05 6.70 6.05
C ARG A 111 4.38 5.33 6.02
N ASP A 112 3.60 5.09 4.97
CA ASP A 112 2.88 3.82 4.82
C ASP A 112 3.88 2.67 4.70
N ILE A 113 4.71 2.72 3.67
CA ILE A 113 5.70 1.69 3.42
C ILE A 113 6.60 1.48 4.64
N ALA A 114 6.93 2.58 5.32
CA ALA A 114 7.77 2.53 6.51
C ALA A 114 7.06 1.82 7.65
N THR A 115 5.78 2.12 7.82
CA THR A 115 4.98 1.50 8.88
C THR A 115 4.91 -0.01 8.70
N ILE A 116 4.74 -0.44 7.46
CA ILE A 116 4.65 -1.86 7.14
C ILE A 116 5.99 -2.54 7.36
N VAL A 117 7.07 -1.86 7.00
CA VAL A 117 8.41 -2.40 7.15
C VAL A 117 8.88 -2.35 8.60
N ALA A 118 8.23 -1.51 9.40
CA ALA A 118 8.58 -1.37 10.81
C ALA A 118 7.73 -2.27 11.70
N ASP A 119 6.44 -2.36 11.39
CA ASP A 119 5.52 -3.18 12.16
C ASP A 119 5.23 -4.51 11.46
N LYS A 120 5.07 -4.45 10.14
CA LYS A 120 4.79 -5.64 9.36
C LYS A 120 6.07 -6.24 8.78
N CYS A 121 7.13 -6.27 9.60
CA CYS A 121 8.40 -6.82 9.17
C CYS A 121 9.41 -6.81 10.32
N VAL A 122 10.62 -7.30 10.05
CA VAL A 122 11.67 -7.35 11.06
C VAL A 122 13.05 -7.39 10.40
N ASN A 123 14.09 -7.22 11.22
CA ASN A 123 15.45 -7.25 10.72
C ASN A 123 16.19 -8.49 11.22
N PRO A 124 16.62 -9.37 10.29
CA PRO A 124 17.34 -10.61 10.66
C PRO A 124 18.56 -10.33 11.52
N GLU A 125 19.06 -9.10 11.47
CA GLU A 125 20.23 -8.71 12.26
C GLU A 125 20.05 -9.07 13.72
N THR A 126 19.00 -8.54 14.33
CA THR A 126 18.72 -8.80 15.74
C THR A 126 17.23 -9.08 15.97
N LYS A 127 16.53 -9.44 14.89
CA LYS A 127 15.10 -9.74 14.97
C LYS A 127 14.34 -8.60 15.66
N ARG A 128 14.84 -7.38 15.49
CA ARG A 128 14.20 -6.21 16.10
C ARG A 128 13.54 -5.34 15.03
N PRO A 129 12.36 -4.76 15.34
CA PRO A 129 11.63 -3.90 14.40
C PRO A 129 12.25 -2.51 14.30
N TYR A 130 12.55 -2.08 13.08
CA TYR A 130 13.13 -0.77 12.85
C TYR A 130 12.11 0.34 13.11
N THR A 131 12.57 1.58 13.08
CA THR A 131 11.71 2.73 13.32
C THR A 131 11.40 3.46 12.01
N VAL A 132 10.21 4.04 11.92
CA VAL A 132 9.79 4.76 10.73
C VAL A 132 10.83 5.80 10.31
N ILE A 133 11.56 6.33 11.30
CA ILE A 133 12.59 7.33 11.04
C ILE A 133 13.82 6.68 10.41
N LEU A 134 14.14 5.46 10.84
CA LEU A 134 15.29 4.75 10.32
C LEU A 134 15.03 4.25 8.90
N ILE A 135 13.83 3.72 8.68
CA ILE A 135 13.44 3.21 7.37
C ILE A 135 13.30 4.35 6.37
N GLU A 136 12.75 5.47 6.82
CA GLU A 136 12.56 6.63 5.96
C GLU A 136 13.91 7.24 5.57
N ARG A 137 14.80 7.37 6.54
CA ARG A 137 16.12 7.93 6.31
C ARG A 137 16.89 7.08 5.29
N ALA A 138 16.92 5.77 5.52
CA ALA A 138 17.61 4.86 4.62
C ALA A 138 16.97 4.84 3.25
N MET A 139 15.66 4.65 3.21
CA MET A 139 14.92 4.61 1.95
C MET A 139 15.09 5.92 1.18
N LYS A 140 15.25 7.02 1.91
CA LYS A 140 15.42 8.32 1.29
C LYS A 140 16.86 8.54 0.85
N ASP A 141 17.80 8.11 1.69
CA ASP A 141 19.21 8.26 1.39
C ASP A 141 19.58 7.51 0.11
N ILE A 142 19.03 6.31 -0.05
CA ILE A 142 19.30 5.49 -1.23
C ILE A 142 18.48 5.98 -2.44
N HIS A 143 17.62 6.97 -2.22
CA HIS A 143 16.79 7.50 -3.29
C HIS A 143 15.85 6.44 -3.83
N TYR A 144 14.90 6.02 -3.00
CA TYR A 144 13.93 5.00 -3.40
C TYR A 144 12.92 5.58 -4.38
N SER A 145 12.26 6.67 -3.98
CA SER A 145 11.27 7.32 -4.83
C SER A 145 10.13 6.35 -5.15
N VAL A 146 9.04 6.46 -4.39
CA VAL A 146 7.87 5.60 -4.60
C VAL A 146 7.00 6.14 -5.72
N LYS A 147 6.16 5.28 -6.27
CA LYS A 147 5.26 5.66 -7.35
C LYS A 147 3.82 5.77 -6.85
N THR A 148 3.26 6.97 -6.96
CA THR A 148 1.89 7.22 -6.51
C THR A 148 0.91 6.29 -7.23
N ASN A 149 1.27 5.86 -8.43
CA ASN A 149 0.42 4.98 -9.21
C ASN A 149 0.84 3.52 -9.04
N LYS A 150 1.40 3.20 -7.87
CA LYS A 150 1.85 1.85 -7.59
C LYS A 150 1.33 1.38 -6.23
N SER A 151 1.00 0.09 -6.14
CA SER A 151 0.50 -0.49 -4.90
C SER A 151 1.63 -0.66 -3.89
N THR A 152 1.31 -0.43 -2.61
CA THR A 152 2.30 -0.56 -1.55
C THR A 152 2.83 -1.99 -1.46
N LYS A 153 1.92 -2.94 -1.41
CA LYS A 153 2.30 -4.36 -1.33
C LYS A 153 3.35 -4.71 -2.40
N GLN A 154 3.09 -4.28 -3.63
CA GLN A 154 4.00 -4.54 -4.73
C GLN A 154 5.34 -3.82 -4.51
N GLN A 155 5.28 -2.68 -3.84
CA GLN A 155 6.49 -1.89 -3.57
C GLN A 155 7.37 -2.60 -2.55
N ALA A 156 6.78 -3.44 -1.72
CA ALA A 156 7.52 -4.16 -0.69
C ALA A 156 8.71 -4.90 -1.29
N LEU A 157 8.52 -5.43 -2.49
CA LEU A 157 9.58 -6.17 -3.17
C LEU A 157 10.80 -5.27 -3.41
N GLU A 158 10.56 -4.13 -4.06
CA GLU A 158 11.64 -3.19 -4.35
C GLU A 158 12.28 -2.68 -3.07
N VAL A 159 11.45 -2.44 -2.05
CA VAL A 159 11.94 -1.95 -0.77
C VAL A 159 12.97 -2.90 -0.17
N ILE A 160 12.62 -4.18 -0.13
CA ILE A 160 13.52 -5.20 0.42
C ILE A 160 14.82 -5.29 -0.38
N LYS A 161 14.68 -5.35 -1.71
CA LYS A 161 15.84 -5.45 -2.58
C LYS A 161 16.74 -4.23 -2.44
N GLN A 162 16.14 -3.05 -2.48
CA GLN A 162 16.89 -1.80 -2.36
C GLN A 162 17.55 -1.68 -0.99
N LEU A 163 16.74 -1.76 0.06
CA LEU A 163 17.25 -1.65 1.43
C LEU A 163 18.27 -2.75 1.72
N LYS A 164 18.25 -3.82 0.93
CA LYS A 164 19.18 -4.93 1.11
C LYS A 164 20.63 -4.43 1.10
N GLU A 165 20.89 -3.38 0.34
CA GLU A 165 22.23 -2.81 0.26
C GLU A 165 22.58 -2.04 1.53
N LYS A 166 21.57 -1.53 2.21
CA LYS A 166 21.78 -0.78 3.44
C LYS A 166 21.81 -1.71 4.65
N MET A 167 20.64 -2.22 5.03
CA MET A 167 20.54 -3.12 6.18
C MET A 167 19.76 -4.38 5.83
N LYS A 168 18.75 -4.24 4.98
CA LYS A 168 17.92 -5.37 4.56
C LYS A 168 16.92 -5.74 5.66
N ILE A 169 15.68 -5.97 5.25
CA ILE A 169 14.63 -6.35 6.20
C ILE A 169 13.88 -7.57 5.72
N GLU A 170 13.41 -8.38 6.66
CA GLU A 170 12.67 -9.60 6.33
C GLU A 170 11.28 -9.59 6.95
N ARG A 171 10.38 -10.37 6.37
CA ARG A 171 9.01 -10.47 6.86
C ARG A 171 8.98 -11.12 8.24
N ALA A 172 8.00 -10.73 9.05
CA ALA A 172 7.85 -11.28 10.40
C ALA A 172 6.72 -12.30 10.46
N HIS A 173 6.98 -13.40 11.16
CA HIS A 173 5.98 -14.46 11.30
C HIS A 173 5.45 -14.53 12.73
N MET A 174 4.14 -14.77 12.85
CA MET A 174 3.50 -14.87 14.15
C MET A 174 2.25 -15.73 14.06
N ARG A 175 1.68 -16.06 15.21
CA ARG A 175 0.47 -16.89 15.26
C ARG A 175 -0.75 -16.06 15.66
N LEU A 176 -1.89 -16.37 15.04
CA LEU A 176 -3.13 -15.66 15.32
C LEU A 176 -4.32 -16.61 15.36
N ARG A 177 -5.37 -16.23 16.09
CA ARG A 177 -6.56 -17.06 16.20
C ARG A 177 -7.80 -16.26 15.78
N PHE A 178 -8.64 -16.89 14.95
CA PHE A 178 -9.86 -16.25 14.47
C PHE A 178 -11.08 -17.15 14.66
N ILE A 179 -12.12 -16.59 15.26
CA ILE A 179 -13.36 -17.32 15.51
C ILE A 179 -14.49 -16.72 14.66
N LEU A 180 -15.00 -17.50 13.72
CA LEU A 180 -16.07 -17.04 12.84
C LEU A 180 -17.35 -17.84 13.08
N PRO A 181 -18.52 -17.22 12.81
CA PRO A 181 -19.82 -17.88 12.99
C PRO A 181 -19.98 -19.10 12.08
N VAL A 182 -21.15 -19.70 12.13
CA VAL A 182 -21.43 -20.89 11.32
C VAL A 182 -21.70 -20.52 9.86
N ASN A 183 -22.50 -19.48 9.65
CA ASN A 183 -22.84 -19.05 8.30
C ASN A 183 -21.74 -18.17 7.69
N GLU A 184 -21.43 -17.07 8.36
CA GLU A 184 -20.41 -16.15 7.88
C GLU A 184 -19.02 -16.77 7.96
N GLY A 185 -18.86 -17.80 8.78
CA GLY A 185 -17.57 -18.46 8.92
C GLY A 185 -17.05 -19.01 7.60
N LYS A 186 -17.96 -19.56 6.80
CA LYS A 186 -17.56 -20.12 5.51
C LYS A 186 -17.27 -19.03 4.49
N LYS A 187 -17.86 -17.85 4.69
CA LYS A 187 -17.66 -16.73 3.78
C LYS A 187 -16.28 -16.10 3.97
N LEU A 188 -15.77 -16.16 5.19
CA LEU A 188 -14.46 -15.60 5.51
C LEU A 188 -13.35 -16.61 5.27
N LYS A 189 -13.41 -17.72 5.99
CA LYS A 189 -12.40 -18.77 5.87
C LYS A 189 -12.14 -19.13 4.40
N GLU A 190 -13.15 -18.96 3.57
CA GLU A 190 -13.03 -19.26 2.15
C GLU A 190 -12.03 -18.33 1.46
N LYS A 191 -12.30 -17.03 1.53
CA LYS A 191 -11.44 -16.04 0.91
C LYS A 191 -10.21 -15.73 1.76
N LEU A 192 -10.15 -16.30 2.96
CA LEU A 192 -9.02 -16.07 3.85
C LEU A 192 -8.02 -17.22 3.81
N LYS A 193 -8.51 -18.42 3.50
CA LYS A 193 -7.65 -19.60 3.43
C LYS A 193 -6.53 -19.41 2.42
N PRO A 194 -6.86 -19.01 1.18
CA PRO A 194 -5.87 -18.80 0.12
C PRO A 194 -5.14 -17.46 0.26
N LEU A 195 -5.86 -16.46 0.73
CA LEU A 195 -5.29 -15.12 0.90
C LEU A 195 -4.07 -15.16 1.81
N ILE A 196 -4.23 -15.73 2.99
CA ILE A 196 -3.13 -15.82 3.96
C ILE A 196 -2.97 -17.24 4.48
N LYS A 197 -1.90 -17.45 5.25
CA LYS A 197 -1.62 -18.77 5.82
C LYS A 197 -2.48 -19.01 7.06
N VAL A 198 -3.19 -20.13 7.07
CA VAL A 198 -4.05 -20.47 8.19
C VAL A 198 -3.88 -21.92 8.59
N ILE A 199 -4.26 -22.25 9.83
CA ILE A 199 -4.14 -23.60 10.35
C ILE A 199 -5.12 -23.84 11.49
N GLU A 200 -5.19 -25.09 11.94
CA GLU A 200 -6.08 -25.46 13.03
C GLU A 200 -7.54 -25.14 12.68
N SER A 201 -7.84 -25.18 11.39
CA SER A 201 -9.20 -24.90 10.92
C SER A 201 -10.12 -26.08 11.19
N GLU A 202 -11.00 -25.92 12.16
CA GLU A 202 -11.94 -26.97 12.53
C GLU A 202 -13.37 -26.45 12.60
N ASP A 203 -14.33 -27.34 12.38
CA ASP A 203 -15.75 -26.97 12.42
C ASP A 203 -16.61 -28.21 12.68
N TYR A 204 -17.72 -28.01 13.38
CA TYR A 204 -18.62 -29.12 13.70
C TYR A 204 -19.96 -28.95 12.99
N GLY A 205 -20.13 -29.67 11.88
CA GLY A 205 -21.38 -29.60 11.12
C GLY A 205 -21.92 -28.19 11.01
N GLN A 206 -22.86 -27.85 11.88
CA GLN A 206 -23.47 -26.52 11.88
C GLN A 206 -22.98 -25.72 13.08
N GLN A 207 -21.66 -25.64 13.24
CA GLN A 207 -21.06 -24.92 14.35
C GLN A 207 -20.12 -23.83 13.84
N LEU A 208 -19.55 -23.07 14.77
CA LEU A 208 -18.62 -21.99 14.42
C LEU A 208 -17.29 -22.54 13.93
N GLU A 209 -16.65 -21.80 13.03
CA GLU A 209 -15.36 -22.22 12.47
C GLU A 209 -14.21 -21.59 13.25
N ILE A 210 -13.27 -22.44 13.67
CA ILE A 210 -12.10 -21.97 14.41
C ILE A 210 -10.83 -22.12 13.57
N VAL A 211 -10.32 -21.00 13.08
CA VAL A 211 -9.12 -21.01 12.26
C VAL A 211 -8.09 -20.01 12.80
N CYS A 212 -6.81 -20.37 12.69
CA CYS A 212 -5.75 -19.50 13.17
C CYS A 212 -4.94 -18.93 12.01
N LEU A 213 -4.48 -17.69 12.16
CA LEU A 213 -3.69 -17.04 11.12
C LEU A 213 -2.21 -17.09 11.44
N ILE A 214 -1.37 -17.02 10.41
CA ILE A 214 0.06 -17.07 10.60
C ILE A 214 0.80 -16.25 9.55
N ASP A 215 1.89 -15.61 9.96
CA ASP A 215 2.70 -14.79 9.05
C ASP A 215 2.03 -13.46 8.75
N PRO A 216 2.10 -12.50 9.69
CA PRO A 216 1.50 -11.18 9.52
C PRO A 216 2.35 -10.27 8.62
N GLY A 217 3.60 -10.67 8.39
CA GLY A 217 4.49 -9.89 7.55
C GLY A 217 3.84 -9.36 6.29
N CYS A 218 3.31 -8.14 6.37
CA CYS A 218 2.66 -7.50 5.23
C CYS A 218 1.27 -8.07 4.99
N PHE A 219 1.19 -9.38 4.76
CA PHE A 219 -0.08 -10.04 4.51
C PHE A 219 -1.16 -9.63 5.51
N ARG A 220 -0.74 -9.24 6.72
CA ARG A 220 -1.68 -8.82 7.75
C ARG A 220 -2.55 -7.66 7.27
N GLU A 221 -1.97 -6.79 6.44
CA GLU A 221 -2.70 -5.64 5.90
C GLU A 221 -3.91 -6.10 5.11
N ILE A 222 -3.66 -6.80 4.00
CA ILE A 222 -4.74 -7.29 3.15
C ILE A 222 -5.63 -8.27 3.92
N ASP A 223 -5.03 -8.98 4.88
CA ASP A 223 -5.76 -9.94 5.69
C ASP A 223 -6.81 -9.23 6.54
N GLU A 224 -6.38 -8.23 7.29
CA GLU A 224 -7.28 -7.48 8.16
C GLU A 224 -8.36 -6.77 7.34
N LEU A 225 -7.98 -6.28 6.17
CA LEU A 225 -8.92 -5.59 5.29
C LEU A 225 -10.01 -6.54 4.78
N ILE A 226 -9.59 -7.65 4.19
CA ILE A 226 -10.53 -8.63 3.64
C ILE A 226 -11.32 -9.31 4.75
N LYS A 227 -10.64 -9.76 5.79
CA LYS A 227 -11.29 -10.44 6.90
C LYS A 227 -12.34 -9.53 7.55
N LYS A 228 -12.02 -8.25 7.68
CA LYS A 228 -12.94 -7.30 8.28
C LYS A 228 -14.12 -7.00 7.36
N GLU A 229 -13.85 -6.97 6.06
CA GLU A 229 -14.89 -6.69 5.06
C GLU A 229 -15.83 -7.88 4.91
N THR A 230 -15.32 -9.08 5.16
CA THR A 230 -16.13 -10.29 5.03
C THR A 230 -16.83 -10.64 6.35
N LYS A 231 -16.21 -10.26 7.46
CA LYS A 231 -16.78 -10.54 8.77
C LYS A 231 -17.81 -9.48 9.15
N GLY A 232 -17.63 -8.28 8.62
CA GLY A 232 -18.55 -7.19 8.91
C GLY A 232 -18.70 -6.93 10.40
N LYS A 233 -17.56 -6.97 11.11
CA LYS A 233 -17.57 -6.75 12.55
C LYS A 233 -18.46 -7.76 13.26
N GLY A 234 -18.58 -8.95 12.68
CA GLY A 234 -19.41 -9.98 13.27
C GLY A 234 -18.61 -11.20 13.67
N SER A 235 -17.31 -11.04 13.84
CA SER A 235 -16.44 -12.15 14.23
C SER A 235 -15.37 -11.69 15.21
N LEU A 236 -14.65 -12.64 15.79
CA LEU A 236 -13.61 -12.32 16.76
C LEU A 236 -12.26 -12.89 16.31
N GLU A 237 -11.18 -12.26 16.77
CA GLU A 237 -9.83 -12.71 16.41
C GLU A 237 -8.81 -12.20 17.42
N VAL A 238 -8.18 -13.13 18.14
CA VAL A 238 -7.18 -12.77 19.13
C VAL A 238 -5.76 -13.11 18.65
N LEU A 239 -4.78 -12.32 19.06
CA LEU A 239 -3.40 -12.53 18.67
C LEU A 239 -2.70 -13.48 19.65
N ASN A 240 -1.79 -14.29 19.14
CA ASN A 240 -1.05 -15.24 19.97
C ASN A 240 0.23 -14.61 20.49
N LEU A 241 1.17 -14.35 19.59
CA LEU A 241 2.44 -13.75 19.95
C LEU A 241 2.89 -12.73 18.91
N LYS A 242 3.18 -11.52 19.36
CA LYS A 242 3.61 -10.44 18.46
C LYS A 242 5.02 -9.99 18.80
N ASP A 243 5.98 -10.30 17.91
CA ASP A 243 7.37 -9.90 18.12
C ASP A 243 7.52 -8.39 18.08
N VAL A 244 7.62 -7.78 19.26
CA VAL A 244 7.77 -6.32 19.35
C VAL A 244 8.75 -5.94 20.45
N GLU A 245 8.97 -4.65 20.62
CA GLU A 245 9.88 -4.15 21.64
C GLU A 245 9.77 -2.64 21.78
N GLU A 246 9.69 -1.95 20.64
CA GLU A 246 9.58 -0.50 20.63
C GLU A 246 8.29 -0.04 21.32
N GLY A 247 7.26 -0.87 21.24
CA GLY A 247 5.99 -0.53 21.87
C GLY A 247 5.67 -1.43 23.05
N ASP A 248 6.38 -1.21 24.15
CA ASP A 248 6.17 -2.00 25.35
C ASP A 248 4.90 -1.56 26.07
N GLU A 249 3.91 -2.45 26.10
CA GLU A 249 2.63 -2.14 26.74
C GLU A 249 2.84 -1.75 28.21
N LYS A 250 2.80 -2.74 29.11
CA LYS A 250 2.99 -2.47 30.54
C LYS A 250 2.85 -3.76 31.34
N PHE A 251 1.63 -4.29 31.40
CA PHE A 251 1.37 -5.52 32.15
C PHE A 251 0.18 -6.27 31.55
N GLU A 252 -0.92 -5.56 31.35
CA GLU A 252 -2.13 -6.16 30.79
C GLU A 252 -2.58 -5.40 29.54
N MET A 3 -18.00 30.66 -7.25
CA MET A 3 -17.24 30.17 -6.07
C MET A 3 -17.92 28.97 -5.42
N SER A 4 -17.24 28.36 -4.45
CA SER A 4 -17.79 27.21 -3.76
C SER A 4 -18.06 27.53 -2.30
N ILE A 5 -17.10 28.16 -1.63
CA ILE A 5 -17.25 28.52 -0.24
C ILE A 5 -16.04 29.32 0.26
N PHE A 6 -14.85 28.87 -0.12
CA PHE A 6 -13.62 29.54 0.29
C PHE A 6 -13.53 30.93 -0.32
N THR A 7 -12.60 31.74 0.19
CA THR A 7 -12.42 33.10 -0.31
C THR A 7 -11.33 33.14 -1.39
N PRO A 8 -11.56 33.90 -2.48
CA PRO A 8 -10.59 34.02 -3.57
C PRO A 8 -9.39 34.87 -3.20
N THR A 9 -9.59 35.78 -2.24
CA THR A 9 -8.51 36.66 -1.80
C THR A 9 -8.11 36.35 -0.36
N ASN A 10 -7.00 35.66 -0.20
CA ASN A 10 -6.50 35.30 1.13
C ASN A 10 -5.19 34.53 1.03
N GLN A 11 -5.17 33.51 0.18
CA GLN A 11 -3.98 32.69 -0.01
C GLN A 11 -4.01 32.01 -1.38
N ILE A 12 -5.15 31.42 -1.71
CA ILE A 12 -5.31 30.73 -2.99
C ILE A 12 -6.39 31.40 -3.84
N ARG A 13 -6.56 30.90 -5.06
CA ARG A 13 -7.55 31.45 -5.97
C ARG A 13 -8.72 30.49 -6.17
N LEU A 14 -8.40 29.20 -6.19
CA LEU A 14 -9.42 28.16 -6.36
C LEU A 14 -8.81 26.78 -6.28
N THR A 15 -8.89 26.17 -5.10
CA THR A 15 -8.33 24.84 -4.89
C THR A 15 -8.95 24.17 -3.66
N ASN A 16 -8.83 22.86 -3.59
CA ASN A 16 -9.37 22.09 -2.46
C ASN A 16 -9.03 20.61 -2.60
N VAL A 17 -9.56 20.00 -3.66
CA VAL A 17 -9.33 18.58 -3.92
C VAL A 17 -8.74 18.38 -5.31
N ALA A 18 -8.48 17.13 -5.67
CA ALA A 18 -7.90 16.81 -6.97
C ALA A 18 -8.97 16.85 -8.07
N VAL A 19 -8.63 17.46 -9.20
CA VAL A 19 -9.55 17.57 -10.31
C VAL A 19 -9.17 16.61 -11.43
N VAL A 20 -10.08 15.70 -11.76
CA VAL A 20 -9.83 14.71 -12.80
C VAL A 20 -10.62 15.03 -14.06
N ARG A 21 -9.92 15.11 -15.19
CA ARG A 21 -10.55 15.42 -16.47
C ARG A 21 -10.44 14.24 -17.43
N MET A 22 -11.32 14.21 -18.43
CA MET A 22 -11.32 13.14 -19.41
C MET A 22 -12.13 13.53 -20.64
N LYS A 23 -11.87 12.86 -21.76
CA LYS A 23 -12.58 13.15 -23.01
C LYS A 23 -13.49 11.99 -23.40
N ARG A 24 -14.79 12.29 -23.54
CA ARG A 24 -15.76 11.27 -23.91
C ARG A 24 -16.77 11.82 -24.91
N ALA A 25 -16.89 11.16 -26.06
CA ALA A 25 -17.83 11.59 -27.09
C ALA A 25 -17.51 13.01 -27.57
N GLY A 26 -16.22 13.31 -27.71
CA GLY A 26 -15.80 14.62 -28.15
C GLY A 26 -16.18 15.71 -27.17
N LYS A 27 -16.27 15.35 -25.89
CA LYS A 27 -16.63 16.31 -24.86
C LYS A 27 -15.60 16.30 -23.73
N ARG A 28 -15.54 17.40 -22.98
CA ARG A 28 -14.59 17.50 -21.87
C ARG A 28 -15.32 17.47 -20.53
N PHE A 29 -15.20 16.34 -19.83
CA PHE A 29 -15.84 16.17 -18.53
C PHE A 29 -14.82 16.20 -17.41
N GLU A 30 -15.24 16.64 -16.23
CA GLU A 30 -14.36 16.72 -15.08
C GLU A 30 -15.15 16.49 -13.78
N ILE A 31 -14.46 15.98 -12.76
CA ILE A 31 -15.09 15.73 -11.47
C ILE A 31 -14.12 15.99 -10.33
N ALA A 32 -14.67 16.29 -9.16
CA ALA A 32 -13.86 16.57 -7.97
C ALA A 32 -13.57 15.28 -7.20
N CYS A 33 -12.30 14.89 -7.19
CA CYS A 33 -11.88 13.68 -6.49
C CYS A 33 -10.62 13.93 -5.67
N TYR A 34 -10.39 13.05 -4.70
CA TYR A 34 -9.21 13.17 -3.83
C TYR A 34 -7.95 12.64 -4.50
N LYS A 35 -6.88 13.41 -4.47
CA LYS A 35 -5.62 13.01 -5.08
C LYS A 35 -5.14 11.68 -4.52
N ASN A 36 -5.22 11.53 -3.20
CA ASN A 36 -4.77 10.30 -2.54
C ASN A 36 -5.75 9.15 -2.81
N LYS A 37 -7.04 9.42 -2.70
CA LYS A 37 -8.06 8.40 -2.93
C LYS A 37 -8.07 7.97 -4.39
N VAL A 38 -7.78 8.90 -5.29
CA VAL A 38 -7.76 8.60 -6.72
C VAL A 38 -6.53 7.76 -7.09
N VAL A 39 -5.37 8.14 -6.56
CA VAL A 39 -4.14 7.42 -6.85
C VAL A 39 -4.26 5.98 -6.34
N GLY A 40 -4.83 5.81 -5.15
CA GLY A 40 -5.00 4.49 -4.58
C GLY A 40 -6.04 3.68 -5.33
N TRP A 41 -7.16 4.33 -5.65
CA TRP A 41 -8.25 3.68 -6.36
C TRP A 41 -7.78 3.25 -7.76
N ARG A 42 -7.23 4.22 -8.50
CA ARG A 42 -6.73 3.95 -9.85
C ARG A 42 -5.72 2.82 -9.85
N SER A 43 -4.79 2.87 -8.89
CA SER A 43 -3.76 1.84 -8.78
C SER A 43 -4.38 0.46 -8.58
N GLY A 44 -5.58 0.43 -7.99
CA GLY A 44 -6.26 -0.83 -7.75
C GLY A 44 -6.67 -1.00 -6.30
N VAL A 45 -6.08 -0.20 -5.42
CA VAL A 45 -6.39 -0.28 -4.00
C VAL A 45 -7.87 -0.02 -3.74
N GLU A 46 -8.45 -0.80 -2.84
CA GLU A 46 -9.86 -0.66 -2.50
C GLU A 46 -10.19 0.75 -2.03
N LYS A 47 -11.42 1.19 -2.25
CA LYS A 47 -11.84 2.52 -1.84
C LYS A 47 -13.33 2.74 -2.14
N ASP A 48 -13.95 3.64 -1.38
CA ASP A 48 -15.38 3.93 -1.56
C ASP A 48 -15.58 5.24 -2.31
N LEU A 49 -16.54 5.26 -3.22
CA LEU A 49 -16.84 6.45 -4.01
C LEU A 49 -17.31 7.60 -3.13
N ASP A 50 -17.97 7.26 -2.02
CA ASP A 50 -18.48 8.25 -1.09
C ASP A 50 -17.36 8.98 -0.34
N GLU A 51 -16.12 8.51 -0.50
CA GLU A 51 -14.98 9.12 0.18
C GLU A 51 -13.96 9.66 -0.80
N VAL A 52 -13.81 8.98 -1.93
CA VAL A 52 -12.86 9.41 -2.96
C VAL A 52 -13.42 10.53 -3.83
N LEU A 53 -14.69 10.41 -4.20
CA LEU A 53 -15.32 11.42 -5.04
C LEU A 53 -15.81 12.60 -4.20
N GLN A 54 -15.10 13.72 -4.31
CA GLN A 54 -15.48 14.92 -3.57
C GLN A 54 -16.84 15.44 -4.03
N THR A 55 -17.12 15.24 -5.31
CA THR A 55 -18.39 15.68 -5.89
C THR A 55 -18.97 14.58 -6.78
N HIS A 56 -20.11 14.04 -6.37
CA HIS A 56 -20.77 12.98 -7.13
C HIS A 56 -21.59 13.57 -8.28
N SER A 57 -20.90 14.29 -9.17
CA SER A 57 -21.55 14.91 -10.31
C SER A 57 -20.51 15.27 -11.37
N VAL A 58 -20.75 14.81 -12.59
CA VAL A 58 -19.83 15.07 -13.69
C VAL A 58 -19.87 16.54 -14.09
N PHE A 59 -18.81 17.27 -13.74
CA PHE A 59 -18.72 18.69 -14.04
C PHE A 59 -18.26 18.92 -15.47
N VAL A 60 -18.17 20.19 -15.85
CA VAL A 60 -17.74 20.56 -17.19
C VAL A 60 -16.57 21.54 -17.13
N ASN A 61 -16.68 22.52 -16.23
CA ASN A 61 -15.64 23.51 -16.05
C ASN A 61 -15.46 23.83 -14.57
N VAL A 62 -14.91 22.88 -13.83
CA VAL A 62 -14.69 23.05 -12.39
C VAL A 62 -13.85 24.29 -12.11
N SER A 63 -12.99 24.64 -13.06
CA SER A 63 -12.13 25.80 -12.91
C SER A 63 -12.94 27.06 -12.63
N LYS A 64 -14.14 27.12 -13.20
CA LYS A 64 -15.02 28.27 -13.01
C LYS A 64 -16.28 27.88 -12.23
N GLY A 65 -16.65 26.61 -12.33
CA GLY A 65 -17.83 26.13 -11.63
C GLY A 65 -18.96 25.74 -12.56
N GLN A 66 -18.63 24.97 -13.59
CA GLN A 66 -19.63 24.52 -14.56
C GLN A 66 -19.90 23.04 -14.40
N VAL A 67 -21.17 22.66 -14.48
CA VAL A 67 -21.56 21.25 -14.35
C VAL A 67 -22.31 20.76 -15.58
N ALA A 68 -22.22 19.46 -15.83
CA ALA A 68 -22.89 18.85 -16.98
C ALA A 68 -24.27 18.34 -16.59
N LYS A 69 -25.00 17.81 -17.57
CA LYS A 69 -26.34 17.30 -17.32
C LYS A 69 -26.39 15.78 -17.53
N LYS A 70 -27.36 15.13 -16.91
CA LYS A 70 -27.51 13.68 -17.02
C LYS A 70 -27.77 13.28 -18.47
N GLU A 71 -28.52 14.10 -19.18
CA GLU A 71 -28.84 13.83 -20.58
C GLU A 71 -27.56 13.66 -21.41
N ASP A 72 -26.68 14.66 -21.33
CA ASP A 72 -25.43 14.63 -22.07
C ASP A 72 -24.53 13.50 -21.56
N LEU A 73 -24.61 13.24 -20.26
CA LEU A 73 -23.80 12.19 -19.64
C LEU A 73 -24.10 10.84 -20.29
N ILE A 74 -25.38 10.54 -20.46
CA ILE A 74 -25.79 9.28 -21.07
C ILE A 74 -25.54 9.29 -22.58
N SER A 75 -25.80 10.43 -23.21
CA SER A 75 -25.60 10.56 -24.65
C SER A 75 -24.12 10.43 -25.02
N ALA A 76 -23.25 10.71 -24.07
CA ALA A 76 -21.81 10.63 -24.30
C ALA A 76 -21.22 9.34 -23.74
N PHE A 77 -21.41 9.13 -22.43
CA PHE A 77 -20.89 7.95 -21.77
C PHE A 77 -21.75 6.72 -22.06
N GLY A 78 -23.07 6.93 -22.13
CA GLY A 78 -23.97 5.83 -22.40
C GLY A 78 -24.71 5.37 -21.17
N THR A 79 -24.59 6.13 -20.08
CA THR A 79 -25.26 5.79 -18.82
C THR A 79 -25.64 7.05 -18.05
N ASP A 80 -26.60 6.91 -17.14
CA ASP A 80 -27.05 8.03 -16.33
C ASP A 80 -26.34 8.05 -14.98
N ASP A 81 -25.78 6.91 -14.59
CA ASP A 81 -25.08 6.80 -13.31
C ASP A 81 -23.84 7.69 -13.30
N GLN A 82 -24.01 8.92 -12.81
CA GLN A 82 -22.90 9.86 -12.74
C GLN A 82 -21.74 9.28 -11.94
N THR A 83 -22.07 8.51 -10.90
CA THR A 83 -21.04 7.89 -10.06
C THR A 83 -20.14 7.00 -10.91
N GLU A 84 -20.75 6.11 -11.68
CA GLU A 84 -20.01 5.21 -12.55
C GLU A 84 -19.15 6.00 -13.53
N ILE A 85 -19.72 7.07 -14.07
CA ILE A 85 -19.01 7.93 -15.01
C ILE A 85 -17.75 8.50 -14.36
N CYS A 86 -17.88 8.97 -13.12
CA CYS A 86 -16.76 9.52 -12.39
C CYS A 86 -15.66 8.48 -12.22
N LYS A 87 -16.08 7.25 -11.92
CA LYS A 87 -15.14 6.15 -11.74
C LYS A 87 -14.28 5.97 -12.98
N GLN A 88 -14.93 5.84 -14.13
CA GLN A 88 -14.24 5.66 -15.41
C GLN A 88 -13.24 6.79 -15.62
N ILE A 89 -13.68 8.03 -15.39
CA ILE A 89 -12.82 9.19 -15.55
C ILE A 89 -11.67 9.15 -14.54
N LEU A 90 -11.89 8.46 -13.43
CA LEU A 90 -10.88 8.34 -12.39
C LEU A 90 -9.82 7.31 -12.78
N THR A 91 -10.25 6.30 -13.55
CA THR A 91 -9.33 5.24 -14.00
C THR A 91 -8.73 5.57 -15.36
N LYS A 92 -9.49 6.31 -16.17
CA LYS A 92 -9.02 6.68 -17.51
C LYS A 92 -8.59 8.14 -17.56
N GLY A 93 -9.38 9.02 -16.95
CA GLY A 93 -9.07 10.43 -16.95
C GLY A 93 -7.76 10.73 -16.22
N GLU A 94 -7.33 11.98 -16.29
CA GLU A 94 -6.09 12.40 -15.63
C GLU A 94 -6.38 13.24 -14.40
N VAL A 95 -5.80 12.86 -13.28
CA VAL A 95 -5.99 13.59 -12.02
C VAL A 95 -4.98 14.72 -11.88
N GLN A 96 -5.45 15.87 -11.43
CA GLN A 96 -4.58 17.04 -11.24
C GLN A 96 -3.98 17.04 -9.85
N VAL A 97 -2.69 16.73 -9.77
CA VAL A 97 -1.98 16.69 -8.50
C VAL A 97 -0.96 17.83 -8.39
N SER A 98 -0.87 18.43 -7.21
CA SER A 98 0.05 19.53 -6.99
C SER A 98 1.35 19.03 -6.32
N ASP A 99 2.30 19.93 -6.14
CA ASP A 99 3.57 19.59 -5.52
C ASP A 99 3.36 19.05 -4.11
N LYS A 100 2.66 19.82 -3.28
CA LYS A 100 2.39 19.42 -1.90
C LYS A 100 1.61 18.11 -1.86
N GLU A 101 0.68 17.95 -2.81
CA GLU A 101 -0.13 16.74 -2.88
C GLU A 101 0.73 15.53 -3.23
N ARG A 102 1.69 15.73 -4.13
CA ARG A 102 2.58 14.65 -4.54
C ARG A 102 3.64 14.38 -3.48
N HIS A 103 4.06 15.43 -2.78
CA HIS A 103 5.07 15.30 -1.74
C HIS A 103 4.56 14.41 -0.60
N THR A 104 3.40 14.78 -0.05
CA THR A 104 2.81 14.00 1.04
C THR A 104 2.54 12.57 0.61
N GLN A 105 2.18 12.39 -0.67
CA GLN A 105 1.91 11.07 -1.20
C GLN A 105 3.17 10.23 -1.25
N LEU A 106 4.28 10.85 -1.64
CA LEU A 106 5.56 10.16 -1.73
C LEU A 106 6.02 9.71 -0.35
N GLU A 107 5.90 10.59 0.64
CA GLU A 107 6.30 10.27 2.00
C GLU A 107 5.49 9.11 2.55
N GLN A 108 4.17 9.18 2.38
CA GLN A 108 3.28 8.13 2.86
C GLN A 108 3.60 6.80 2.19
N MET A 109 3.79 6.84 0.87
CA MET A 109 4.10 5.64 0.11
C MET A 109 5.39 4.99 0.60
N PHE A 110 6.41 5.82 0.83
CA PHE A 110 7.70 5.34 1.31
C PHE A 110 7.55 4.61 2.63
N ARG A 111 6.92 5.27 3.60
CA ARG A 111 6.71 4.69 4.93
C ARG A 111 5.93 3.37 4.81
N ASP A 112 5.01 3.32 3.86
CA ASP A 112 4.20 2.13 3.65
C ASP A 112 5.07 0.94 3.28
N ILE A 113 5.80 1.06 2.18
CA ILE A 113 6.68 -0.01 1.72
C ILE A 113 7.71 -0.37 2.78
N ALA A 114 8.07 0.61 3.61
CA ALA A 114 9.05 0.40 4.66
C ALA A 114 8.50 -0.52 5.76
N THR A 115 7.30 -0.22 6.23
CA THR A 115 6.67 -1.02 7.28
C THR A 115 6.39 -2.44 6.79
N ILE A 116 5.94 -2.57 5.54
CA ILE A 116 5.64 -3.87 4.97
C ILE A 116 6.90 -4.73 4.84
N VAL A 117 7.97 -4.12 4.37
CA VAL A 117 9.24 -4.83 4.19
C VAL A 117 9.94 -5.06 5.53
N ALA A 118 9.64 -4.20 6.51
CA ALA A 118 10.24 -4.32 7.84
C ALA A 118 9.43 -5.24 8.74
N ASP A 119 8.14 -5.39 8.44
CA ASP A 119 7.27 -6.24 9.24
C ASP A 119 7.10 -7.62 8.60
N LYS A 120 7.32 -7.69 7.29
CA LYS A 120 7.19 -8.96 6.57
C LYS A 120 8.55 -9.47 6.10
N CYS A 121 9.14 -8.78 5.14
CA CYS A 121 10.44 -9.17 4.60
C CYS A 121 11.50 -9.18 5.70
N VAL A 122 12.44 -10.11 5.59
CA VAL A 122 13.52 -10.22 6.56
C VAL A 122 14.88 -10.35 5.87
N ASN A 123 15.94 -10.24 6.65
CA ASN A 123 17.31 -10.35 6.10
C ASN A 123 17.93 -11.70 6.46
N PRO A 124 18.37 -12.47 5.44
CA PRO A 124 18.98 -13.78 5.66
C PRO A 124 20.30 -13.69 6.42
N GLU A 125 20.21 -13.34 7.71
CA GLU A 125 21.39 -13.21 8.54
C GLU A 125 21.20 -13.94 9.87
N THR A 126 20.17 -13.54 10.61
CA THR A 126 19.86 -14.15 11.90
C THR A 126 18.37 -14.04 12.22
N LYS A 127 17.55 -14.01 11.17
CA LYS A 127 16.10 -13.90 11.34
C LYS A 127 15.74 -12.63 12.10
N ARG A 128 16.43 -11.54 11.79
CA ARG A 128 16.18 -10.27 12.44
C ARG A 128 15.62 -9.24 11.45
N PRO A 129 14.39 -8.74 11.70
CA PRO A 129 13.75 -7.76 10.82
C PRO A 129 14.66 -6.57 10.51
N TYR A 130 14.37 -5.88 9.41
CA TYR A 130 15.17 -4.73 8.99
C TYR A 130 14.59 -3.44 9.57
N THR A 131 15.48 -2.55 10.01
CA THR A 131 15.05 -1.28 10.58
C THR A 131 14.49 -0.36 9.51
N VAL A 132 13.43 0.37 9.87
CA VAL A 132 12.79 1.29 8.95
C VAL A 132 13.78 2.26 8.34
N ILE A 133 14.74 2.72 9.15
CA ILE A 133 15.76 3.65 8.70
C ILE A 133 16.70 2.99 7.69
N LEU A 134 16.89 1.68 7.83
CA LEU A 134 17.75 0.94 6.94
C LEU A 134 17.11 0.76 5.57
N ILE A 135 15.81 0.46 5.57
CA ILE A 135 15.07 0.26 4.33
C ILE A 135 14.92 1.57 3.58
N GLU A 136 14.72 2.66 4.33
CA GLU A 136 14.57 3.98 3.73
C GLU A 136 15.88 4.46 3.10
N ARG A 137 16.96 4.33 3.85
CA ARG A 137 18.27 4.75 3.38
C ARG A 137 18.67 3.97 2.12
N ALA A 138 18.45 2.66 2.15
CA ALA A 138 18.79 1.81 1.02
C ALA A 138 17.97 2.17 -0.21
N MET A 139 16.67 2.39 -0.01
CA MET A 139 15.78 2.75 -1.11
C MET A 139 16.24 4.03 -1.79
N LYS A 140 16.54 5.05 -0.99
CA LYS A 140 16.99 6.33 -1.53
C LYS A 140 18.40 6.24 -2.07
N ASP A 141 19.25 5.48 -1.38
CA ASP A 141 20.64 5.30 -1.78
C ASP A 141 20.72 4.72 -3.20
N ILE A 142 19.93 3.69 -3.46
CA ILE A 142 19.92 3.06 -4.77
C ILE A 142 18.91 3.72 -5.71
N HIS A 143 18.34 4.85 -5.27
CA HIS A 143 17.36 5.57 -6.08
C HIS A 143 16.22 4.66 -6.49
N TYR A 144 15.29 4.43 -5.56
CA TYR A 144 14.14 3.57 -5.83
C TYR A 144 13.16 4.25 -6.78
N SER A 145 13.17 5.58 -6.79
CA SER A 145 12.27 6.35 -7.66
C SER A 145 10.85 6.36 -7.12
N VAL A 146 10.28 5.17 -6.91
CA VAL A 146 8.93 5.04 -6.39
C VAL A 146 7.90 5.57 -7.38
N LYS A 147 6.94 4.72 -7.74
CA LYS A 147 5.90 5.10 -8.69
C LYS A 147 4.64 5.56 -7.96
N THR A 148 4.47 6.88 -7.88
CA THR A 148 3.31 7.45 -7.20
C THR A 148 2.01 6.93 -7.81
N ASN A 149 2.05 6.59 -9.09
CA ASN A 149 0.88 6.10 -9.79
C ASN A 149 0.90 4.57 -9.85
N LYS A 150 1.47 3.94 -8.83
CA LYS A 150 1.55 2.48 -8.76
C LYS A 150 1.17 1.98 -7.37
N SER A 151 0.42 0.88 -7.34
CA SER A 151 -0.01 0.30 -6.07
C SER A 151 1.18 -0.16 -5.25
N THR A 152 1.02 -0.18 -3.93
CA THR A 152 2.09 -0.60 -3.03
C THR A 152 2.48 -2.05 -3.28
N LYS A 153 1.50 -2.95 -3.23
CA LYS A 153 1.73 -4.37 -3.45
C LYS A 153 2.57 -4.60 -4.71
N GLN A 154 2.14 -4.00 -5.81
CA GLN A 154 2.84 -4.14 -7.09
C GLN A 154 4.26 -3.60 -6.97
N GLN A 155 4.44 -2.58 -6.12
CA GLN A 155 5.74 -1.97 -5.93
C GLN A 155 6.68 -2.91 -5.16
N ALA A 156 6.10 -3.84 -4.41
CA ALA A 156 6.89 -4.80 -3.63
C ALA A 156 7.90 -5.53 -4.52
N LEU A 157 7.47 -5.88 -5.73
CA LEU A 157 8.34 -6.59 -6.65
C LEU A 157 9.53 -5.72 -7.06
N GLU A 158 9.26 -4.46 -7.36
CA GLU A 158 10.29 -3.53 -7.77
C GLU A 158 11.25 -3.22 -6.62
N VAL A 159 10.69 -2.80 -5.48
CA VAL A 159 11.50 -2.46 -4.31
C VAL A 159 12.45 -3.60 -3.94
N ILE A 160 11.92 -4.82 -3.89
CA ILE A 160 12.72 -5.99 -3.55
C ILE A 160 13.82 -6.23 -4.58
N LYS A 161 13.44 -6.23 -5.85
CA LYS A 161 14.40 -6.44 -6.93
C LYS A 161 15.47 -5.36 -6.93
N GLN A 162 15.05 -4.13 -6.63
CA GLN A 162 15.97 -2.99 -6.60
C GLN A 162 17.00 -3.16 -5.48
N LEU A 163 16.52 -3.30 -4.25
CA LEU A 163 17.39 -3.46 -3.10
C LEU A 163 18.29 -4.68 -3.26
N LYS A 164 17.84 -5.65 -4.06
CA LYS A 164 18.60 -6.87 -4.30
C LYS A 164 20.01 -6.56 -4.78
N GLU A 165 20.15 -5.42 -5.46
CA GLU A 165 21.45 -5.00 -5.98
C GLU A 165 22.46 -4.85 -4.85
N LYS A 166 21.99 -4.47 -3.68
CA LYS A 166 22.86 -4.29 -2.52
C LYS A 166 22.59 -5.35 -1.46
N MET A 167 21.40 -5.29 -0.86
CA MET A 167 21.02 -6.25 0.17
C MET A 167 19.97 -7.23 -0.35
N LYS A 168 19.98 -8.45 0.18
CA LYS A 168 19.02 -9.47 -0.24
C LYS A 168 17.91 -9.62 0.80
N ILE A 169 16.79 -8.98 0.54
CA ILE A 169 15.64 -9.04 1.44
C ILE A 169 14.48 -9.81 0.80
N GLU A 170 13.81 -10.63 1.61
CA GLU A 170 12.68 -11.41 1.11
C GLU A 170 11.71 -11.73 2.24
N ARG A 171 10.46 -11.98 1.89
CA ARG A 171 9.43 -12.30 2.88
C ARG A 171 9.08 -13.79 2.84
N ALA A 172 8.83 -14.37 4.01
CA ALA A 172 8.48 -15.78 4.10
C ALA A 172 7.46 -16.02 5.21
N HIS A 173 6.47 -16.85 4.91
CA HIS A 173 5.42 -17.16 5.88
C HIS A 173 5.34 -18.67 6.12
N MET A 174 5.55 -19.08 7.37
CA MET A 174 5.50 -20.49 7.73
C MET A 174 4.85 -20.68 9.10
N ARG A 175 4.57 -21.94 9.44
CA ARG A 175 3.96 -22.26 10.73
C ARG A 175 5.02 -22.62 11.76
N LEU A 176 4.97 -21.97 12.92
CA LEU A 176 5.93 -22.21 13.97
C LEU A 176 5.38 -23.16 15.04
N ARG A 177 5.96 -24.34 15.13
CA ARG A 177 5.54 -25.33 16.11
C ARG A 177 6.45 -25.29 17.34
N PHE A 178 5.85 -25.31 18.52
CA PHE A 178 6.61 -25.26 19.76
C PHE A 178 6.13 -26.31 20.77
N ILE A 179 7.08 -26.94 21.43
CA ILE A 179 6.79 -27.96 22.43
C ILE A 179 7.36 -27.54 23.79
N LEU A 180 6.53 -27.57 24.82
CA LEU A 180 6.97 -27.18 26.16
C LEU A 180 6.54 -28.19 27.23
N PRO A 181 7.31 -28.28 28.32
CA PRO A 181 7.02 -29.18 29.44
C PRO A 181 5.65 -28.93 30.06
N VAL A 182 5.39 -29.59 31.16
CA VAL A 182 4.12 -29.46 31.86
C VAL A 182 4.03 -28.16 32.65
N ASN A 183 5.08 -27.84 33.41
CA ASN A 183 5.09 -26.63 34.22
C ASN A 183 5.47 -25.40 33.40
N GLU A 184 6.65 -25.43 32.79
CA GLU A 184 7.13 -24.30 32.00
C GLU A 184 6.23 -24.03 30.78
N GLY A 185 5.39 -25.01 30.44
CA GLY A 185 4.51 -24.84 29.30
C GLY A 185 3.40 -23.85 29.56
N LYS A 186 2.71 -24.01 30.68
CA LYS A 186 1.60 -23.12 31.04
C LYS A 186 1.98 -21.64 30.88
N LYS A 187 3.27 -21.34 30.98
CA LYS A 187 3.74 -19.97 30.86
C LYS A 187 3.89 -19.56 29.39
N LEU A 188 4.80 -20.22 28.68
CA LEU A 188 5.05 -19.90 27.28
C LEU A 188 3.78 -20.01 26.44
N LYS A 189 3.01 -21.08 26.67
CA LYS A 189 1.76 -21.30 25.93
C LYS A 189 0.92 -20.03 25.84
N GLU A 190 0.50 -19.53 27.00
CA GLU A 190 -0.32 -18.33 27.06
C GLU A 190 0.41 -17.13 26.44
N LYS A 191 1.74 -17.21 26.38
CA LYS A 191 2.54 -16.14 25.82
C LYS A 191 2.49 -16.14 24.30
N LEU A 192 2.60 -17.32 23.71
CA LEU A 192 2.56 -17.46 22.25
C LEU A 192 1.17 -17.21 21.70
N LYS A 193 0.16 -17.37 22.54
CA LYS A 193 -1.23 -17.15 22.12
C LYS A 193 -1.43 -15.76 21.53
N PRO A 194 -1.18 -14.71 22.33
CA PRO A 194 -1.35 -13.32 21.88
C PRO A 194 -0.25 -12.88 20.92
N LEU A 195 0.99 -13.29 21.21
CA LEU A 195 2.13 -12.92 20.38
C LEU A 195 1.90 -13.32 18.91
N ILE A 196 1.55 -14.59 18.69
CA ILE A 196 1.30 -15.08 17.35
C ILE A 196 0.09 -16.01 17.31
N LYS A 197 -0.50 -16.15 16.13
CA LYS A 197 -1.66 -17.01 15.97
C LYS A 197 -1.29 -18.47 16.20
N VAL A 198 -1.94 -19.09 17.20
CA VAL A 198 -1.68 -20.48 17.53
C VAL A 198 -2.77 -21.39 17.01
N ILE A 199 -2.43 -22.65 16.80
CA ILE A 199 -3.39 -23.64 16.30
C ILE A 199 -2.95 -25.06 16.65
N GLU A 200 -3.89 -26.00 16.60
CA GLU A 200 -3.60 -27.40 16.92
C GLU A 200 -3.04 -27.54 18.33
N SER A 201 -3.54 -26.72 19.25
CA SER A 201 -3.08 -26.76 20.64
C SER A 201 -3.61 -27.99 21.35
N GLU A 202 -2.71 -28.83 21.85
CA GLU A 202 -3.09 -30.04 22.55
C GLU A 202 -2.17 -30.31 23.73
N ASP A 203 -2.75 -30.80 24.83
CA ASP A 203 -1.98 -31.10 26.02
C ASP A 203 -2.72 -32.09 26.91
N TYR A 204 -1.96 -32.86 27.68
CA TYR A 204 -2.56 -33.85 28.58
C TYR A 204 -2.41 -33.44 30.03
N GLY A 205 -3.37 -33.86 30.86
CA GLY A 205 -3.33 -33.51 32.27
C GLY A 205 -1.99 -33.82 32.92
N GLN A 206 -1.36 -32.80 33.50
CA GLN A 206 -0.07 -32.98 34.14
C GLN A 206 0.97 -33.48 33.17
N GLN A 207 0.84 -33.08 31.90
CA GLN A 207 1.78 -33.50 30.87
C GLN A 207 2.25 -32.31 30.04
N LEU A 208 3.16 -32.56 29.11
CA LEU A 208 3.70 -31.51 28.26
C LEU A 208 2.67 -31.09 27.22
N GLU A 209 2.73 -29.82 26.83
CA GLU A 209 1.79 -29.28 25.85
C GLU A 209 2.48 -28.98 24.52
N ILE A 210 1.75 -29.22 23.43
CA ILE A 210 2.27 -28.96 22.09
C ILE A 210 1.35 -28.01 21.34
N VAL A 211 1.90 -26.86 20.93
CA VAL A 211 1.11 -25.86 20.21
C VAL A 211 1.81 -25.42 18.93
N CYS A 212 1.02 -25.15 17.90
CA CYS A 212 1.55 -24.71 16.62
C CYS A 212 1.20 -23.24 16.38
N LEU A 213 2.00 -22.58 15.54
CA LEU A 213 1.78 -21.17 15.24
C LEU A 213 1.90 -20.88 13.76
N ILE A 214 1.45 -19.71 13.35
CA ILE A 214 1.50 -19.31 11.95
C ILE A 214 1.81 -17.81 11.83
N ASP A 215 2.87 -17.49 11.08
CA ASP A 215 3.26 -16.09 10.89
C ASP A 215 4.54 -16.00 10.07
N PRO A 216 4.93 -14.78 9.65
CA PRO A 216 6.14 -14.56 8.86
C PRO A 216 7.41 -14.66 9.70
N GLY A 217 8.55 -14.79 9.04
CA GLY A 217 9.81 -14.89 9.74
C GLY A 217 10.14 -13.64 10.53
N CYS A 218 9.55 -12.51 10.14
CA CYS A 218 9.79 -11.25 10.82
C CYS A 218 9.41 -11.34 12.29
N PHE A 219 8.20 -11.82 12.56
CA PHE A 219 7.72 -11.95 13.94
C PHE A 219 8.57 -12.95 14.71
N ARG A 220 9.27 -13.82 14.01
CA ARG A 220 10.12 -14.82 14.63
C ARG A 220 11.07 -14.19 15.64
N GLU A 221 11.42 -12.93 15.42
CA GLU A 221 12.33 -12.20 16.31
C GLU A 221 11.68 -12.00 17.68
N ILE A 222 10.57 -11.29 17.71
CA ILE A 222 9.86 -11.01 18.96
C ILE A 222 9.46 -12.32 19.65
N ASP A 223 9.13 -13.32 18.86
CA ASP A 223 8.73 -14.62 19.39
C ASP A 223 9.90 -15.31 20.09
N GLU A 224 11.07 -15.23 19.48
CA GLU A 224 12.27 -15.84 20.04
C GLU A 224 12.68 -15.15 21.33
N LEU A 225 12.65 -13.82 21.33
CA LEU A 225 13.01 -13.04 22.50
C LEU A 225 12.11 -13.37 23.69
N ILE A 226 10.81 -13.16 23.51
CA ILE A 226 9.85 -13.43 24.57
C ILE A 226 9.90 -14.90 25.00
N LYS A 227 10.18 -15.78 24.04
CA LYS A 227 10.26 -17.20 24.32
C LYS A 227 11.53 -17.55 25.10
N LYS A 228 12.56 -16.73 24.93
CA LYS A 228 13.82 -16.95 25.62
C LYS A 228 13.76 -16.44 27.05
N GLU A 229 13.09 -15.31 27.25
CA GLU A 229 12.97 -14.72 28.57
C GLU A 229 11.84 -15.37 29.38
N THR A 230 10.88 -15.96 28.68
CA THR A 230 9.75 -16.62 29.34
C THR A 230 9.98 -18.11 29.50
N LYS A 231 10.75 -18.70 28.60
CA LYS A 231 11.03 -20.14 28.65
C LYS A 231 12.49 -20.42 29.00
N GLY A 232 13.33 -19.39 28.95
CA GLY A 232 14.73 -19.58 29.27
C GLY A 232 15.40 -20.60 28.38
N LYS A 233 14.95 -20.68 27.13
CA LYS A 233 15.51 -21.62 26.16
C LYS A 233 15.26 -23.06 26.60
N GLY A 234 14.17 -23.27 27.34
CA GLY A 234 13.84 -24.60 27.81
C GLY A 234 12.75 -25.26 26.99
N SER A 235 12.49 -24.72 25.80
CA SER A 235 11.47 -25.28 24.93
C SER A 235 12.06 -25.65 23.57
N LEU A 236 11.26 -26.31 22.73
CA LEU A 236 11.71 -26.72 21.41
C LEU A 236 10.77 -26.17 20.33
N GLU A 237 11.35 -25.53 19.32
CA GLU A 237 10.57 -24.96 18.23
C GLU A 237 10.88 -25.66 16.91
N VAL A 238 9.88 -26.34 16.36
CA VAL A 238 10.04 -27.05 15.09
C VAL A 238 9.32 -26.32 13.95
N LEU A 239 9.99 -26.22 12.81
CA LEU A 239 9.42 -25.55 11.65
C LEU A 239 8.48 -26.49 10.90
N ASN A 240 7.21 -26.12 10.83
CA ASN A 240 6.22 -26.94 10.13
C ASN A 240 6.46 -26.94 8.63
N LEU A 241 6.82 -25.76 8.11
CA LEU A 241 7.07 -25.62 6.68
C LEU A 241 8.24 -24.66 6.42
N LYS A 242 8.94 -24.87 5.32
CA LYS A 242 10.07 -24.03 4.97
C LYS A 242 10.24 -23.95 3.46
N ASP A 243 10.38 -22.73 2.95
CA ASP A 243 10.55 -22.52 1.52
C ASP A 243 12.02 -22.58 1.12
N VAL A 244 12.36 -23.57 0.29
CA VAL A 244 13.74 -23.73 -0.17
C VAL A 244 13.89 -23.35 -1.63
N GLU A 245 12.83 -23.55 -2.40
CA GLU A 245 12.83 -23.23 -3.82
C GLU A 245 12.33 -21.80 -4.05
N GLU A 246 12.90 -20.85 -3.33
CA GLU A 246 12.52 -19.45 -3.46
C GLU A 246 13.48 -18.70 -4.36
N GLY A 247 13.88 -19.35 -5.45
CA GLY A 247 14.80 -18.73 -6.38
C GLY A 247 14.65 -19.27 -7.79
N ASP A 248 14.86 -20.58 -7.96
CA ASP A 248 14.76 -21.23 -9.26
C ASP A 248 15.93 -20.87 -10.18
N GLU A 249 16.87 -20.09 -9.66
CA GLU A 249 18.02 -19.67 -10.45
C GLU A 249 19.11 -19.09 -9.55
N LYS A 250 20.36 -19.37 -9.88
CA LYS A 250 21.49 -18.86 -9.11
C LYS A 250 22.61 -18.40 -10.02
N PHE A 251 22.51 -17.16 -10.49
CA PHE A 251 23.51 -16.58 -11.38
C PHE A 251 24.29 -15.47 -10.68
N GLU A 252 23.59 -14.73 -9.83
CA GLU A 252 24.21 -13.63 -9.09
C GLU A 252 24.86 -14.13 -7.81
N MET A 3 -13.43 37.72 -3.58
CA MET A 3 -12.64 36.96 -2.58
C MET A 3 -13.52 36.01 -1.78
N SER A 4 -14.78 36.38 -1.61
CA SER A 4 -15.73 35.55 -0.87
C SER A 4 -16.66 34.79 -1.81
N ILE A 5 -17.01 35.43 -2.92
CA ILE A 5 -17.88 34.80 -3.91
C ILE A 5 -17.15 34.56 -5.22
N PHE A 6 -15.87 34.20 -5.12
CA PHE A 6 -15.06 33.93 -6.29
C PHE A 6 -14.96 35.15 -7.19
N THR A 7 -13.79 35.77 -7.22
CA THR A 7 -13.57 36.95 -8.05
C THR A 7 -13.25 36.56 -9.49
N PRO A 8 -13.62 37.42 -10.46
CA PRO A 8 -13.38 37.15 -11.88
C PRO A 8 -11.91 37.23 -12.24
N THR A 9 -11.16 38.03 -11.48
CA THR A 9 -9.73 38.19 -11.72
C THR A 9 -8.91 37.37 -10.72
N ASN A 10 -7.68 37.04 -11.10
CA ASN A 10 -6.80 36.25 -10.24
C ASN A 10 -6.52 37.01 -8.93
N GLN A 11 -7.05 36.48 -7.84
CA GLN A 11 -6.85 37.10 -6.53
C GLN A 11 -6.80 36.04 -5.43
N ILE A 12 -7.79 35.13 -5.44
CA ILE A 12 -7.86 34.07 -4.46
C ILE A 12 -7.37 32.74 -5.02
N ARG A 13 -7.40 31.71 -4.20
CA ARG A 13 -6.95 30.39 -4.63
C ARG A 13 -7.96 29.31 -4.22
N LEU A 14 -8.98 29.13 -5.05
CA LEU A 14 -10.02 28.14 -4.77
C LEU A 14 -9.51 26.72 -5.00
N THR A 15 -8.29 26.58 -5.51
CA THR A 15 -7.71 25.27 -5.77
C THR A 15 -7.49 24.50 -4.47
N ASN A 16 -7.76 23.20 -4.50
CA ASN A 16 -7.60 22.35 -3.33
C ASN A 16 -7.90 20.89 -3.66
N VAL A 17 -9.14 20.63 -4.05
CA VAL A 17 -9.55 19.27 -4.39
C VAL A 17 -8.99 18.86 -5.75
N ALA A 18 -8.84 17.55 -5.95
CA ALA A 18 -8.31 17.02 -7.20
C ALA A 18 -9.35 17.10 -8.30
N VAL A 19 -8.92 17.50 -9.49
CA VAL A 19 -9.82 17.62 -10.64
C VAL A 19 -9.37 16.71 -11.77
N VAL A 20 -10.14 15.66 -12.01
CA VAL A 20 -9.82 14.71 -13.07
C VAL A 20 -10.59 15.04 -14.34
N ARG A 21 -9.89 15.10 -15.46
CA ARG A 21 -10.51 15.43 -16.74
C ARG A 21 -10.36 14.29 -17.74
N MET A 22 -11.33 14.15 -18.63
CA MET A 22 -11.30 13.11 -19.65
C MET A 22 -11.90 13.61 -20.96
N LYS A 23 -11.71 12.84 -22.03
CA LYS A 23 -12.23 13.23 -23.35
C LYS A 23 -12.84 12.03 -24.07
N ARG A 24 -14.17 11.98 -24.08
CA ARG A 24 -14.90 10.90 -24.74
C ARG A 24 -16.13 11.45 -25.46
N ALA A 25 -16.53 10.78 -26.53
CA ALA A 25 -17.70 11.22 -27.30
C ALA A 25 -17.51 12.63 -27.82
N GLY A 26 -16.26 13.02 -28.06
CA GLY A 26 -15.99 14.35 -28.57
C GLY A 26 -16.43 15.44 -27.60
N LYS A 27 -16.47 15.11 -26.31
CA LYS A 27 -16.89 16.07 -25.30
C LYS A 27 -15.85 16.17 -24.19
N ARG A 28 -16.12 17.03 -23.20
CA ARG A 28 -15.20 17.22 -22.09
C ARG A 28 -15.94 17.12 -20.76
N PHE A 29 -15.35 16.38 -19.82
CA PHE A 29 -15.96 16.20 -18.50
C PHE A 29 -14.88 16.15 -17.42
N GLU A 30 -15.25 16.56 -16.21
CA GLU A 30 -14.31 16.56 -15.09
C GLU A 30 -15.05 16.33 -13.77
N ILE A 31 -14.34 15.78 -12.78
CA ILE A 31 -14.94 15.51 -11.48
C ILE A 31 -14.01 15.91 -10.35
N ALA A 32 -14.59 16.33 -9.22
CA ALA A 32 -13.82 16.72 -8.06
C ALA A 32 -13.65 15.56 -7.09
N CYS A 33 -12.42 15.05 -6.99
CA CYS A 33 -12.11 13.94 -6.11
C CYS A 33 -10.80 14.16 -5.38
N TYR A 34 -10.45 13.21 -4.51
CA TYR A 34 -9.22 13.30 -3.73
C TYR A 34 -8.01 12.79 -4.53
N LYS A 35 -6.85 13.37 -4.28
CA LYS A 35 -5.63 12.98 -4.98
C LYS A 35 -5.14 11.62 -4.49
N ASN A 36 -5.20 11.41 -3.17
CA ASN A 36 -4.75 10.15 -2.58
C ASN A 36 -5.76 9.03 -2.83
N LYS A 37 -7.04 9.34 -2.72
CA LYS A 37 -8.08 8.34 -2.94
C LYS A 37 -8.17 7.94 -4.41
N VAL A 38 -8.02 8.91 -5.30
CA VAL A 38 -8.07 8.64 -6.73
C VAL A 38 -6.85 7.86 -7.19
N VAL A 39 -5.66 8.30 -6.75
CA VAL A 39 -4.43 7.63 -7.12
C VAL A 39 -4.42 6.19 -6.60
N GLY A 40 -4.91 6.00 -5.39
CA GLY A 40 -4.97 4.68 -4.79
C GLY A 40 -5.98 3.79 -5.49
N TRP A 41 -7.14 4.35 -5.80
CA TRP A 41 -8.19 3.60 -6.46
C TRP A 41 -7.71 3.11 -7.82
N ARG A 42 -7.31 4.03 -8.68
CA ARG A 42 -6.82 3.68 -10.02
C ARG A 42 -5.66 2.71 -9.93
N SER A 43 -4.75 2.96 -8.99
CA SER A 43 -3.59 2.09 -8.81
C SER A 43 -4.01 0.66 -8.49
N GLY A 44 -5.19 0.52 -7.90
CA GLY A 44 -5.67 -0.81 -7.55
C GLY A 44 -5.87 -0.99 -6.06
N VAL A 45 -6.47 0.01 -5.42
CA VAL A 45 -6.72 -0.04 -3.98
C VAL A 45 -8.21 0.11 -3.67
N GLU A 46 -8.69 -0.66 -2.70
CA GLU A 46 -10.09 -0.61 -2.32
C GLU A 46 -10.45 0.76 -1.75
N LYS A 47 -11.50 1.37 -2.30
CA LYS A 47 -11.94 2.69 -1.85
C LYS A 47 -13.42 2.89 -2.14
N ASP A 48 -14.07 3.72 -1.34
CA ASP A 48 -15.49 3.99 -1.52
C ASP A 48 -15.72 5.28 -2.30
N LEU A 49 -16.69 5.26 -3.21
CA LEU A 49 -17.01 6.42 -4.03
C LEU A 49 -17.41 7.61 -3.16
N ASP A 50 -18.20 7.33 -2.12
CA ASP A 50 -18.67 8.37 -1.21
C ASP A 50 -17.51 9.11 -0.55
N GLU A 51 -16.33 8.51 -0.56
CA GLU A 51 -15.15 9.13 0.06
C GLU A 51 -14.18 9.68 -0.98
N VAL A 52 -13.76 8.83 -1.91
CA VAL A 52 -12.82 9.23 -2.95
C VAL A 52 -13.33 10.43 -3.73
N LEU A 53 -14.60 10.39 -4.13
CA LEU A 53 -15.20 11.48 -4.89
C LEU A 53 -15.65 12.60 -3.94
N GLN A 54 -15.28 13.83 -4.28
CA GLN A 54 -15.65 14.99 -3.49
C GLN A 54 -17.07 15.42 -3.83
N THR A 55 -17.35 15.49 -5.14
CA THR A 55 -18.68 15.86 -5.61
C THR A 55 -19.20 14.83 -6.61
N HIS A 56 -20.24 14.12 -6.23
CA HIS A 56 -20.83 13.09 -7.09
C HIS A 56 -21.60 13.72 -8.24
N SER A 57 -20.86 14.32 -9.18
CA SER A 57 -21.46 14.96 -10.34
C SER A 57 -20.39 15.26 -11.37
N VAL A 58 -20.70 14.94 -12.63
CA VAL A 58 -19.76 15.19 -13.71
C VAL A 58 -19.69 16.67 -14.05
N PHE A 59 -18.66 17.33 -13.53
CA PHE A 59 -18.47 18.76 -13.76
C PHE A 59 -18.06 19.05 -15.20
N VAL A 60 -17.91 20.33 -15.50
CA VAL A 60 -17.51 20.77 -16.83
C VAL A 60 -16.37 21.76 -16.73
N ASN A 61 -16.51 22.72 -15.80
CA ASN A 61 -15.49 23.73 -15.58
C ASN A 61 -15.34 23.99 -14.08
N VAL A 62 -14.74 23.02 -13.38
CA VAL A 62 -14.55 23.13 -11.93
C VAL A 62 -13.79 24.41 -11.59
N SER A 63 -12.86 24.80 -12.46
CA SER A 63 -12.07 26.00 -12.24
C SER A 63 -12.96 27.22 -12.02
N LYS A 64 -14.15 27.19 -12.61
CA LYS A 64 -15.10 28.30 -12.49
C LYS A 64 -16.35 27.87 -11.71
N GLY A 65 -16.64 26.57 -11.74
CA GLY A 65 -17.81 26.06 -11.04
C GLY A 65 -18.95 25.75 -11.97
N GLN A 66 -18.69 24.97 -13.02
CA GLN A 66 -19.71 24.59 -13.98
C GLN A 66 -19.92 23.08 -14.00
N VAL A 67 -21.17 22.66 -14.02
CA VAL A 67 -21.50 21.24 -14.02
C VAL A 67 -22.22 20.84 -15.30
N ALA A 68 -21.94 19.64 -15.79
CA ALA A 68 -22.56 19.14 -17.01
C ALA A 68 -24.02 18.77 -16.76
N LYS A 69 -24.61 18.03 -17.71
CA LYS A 69 -26.00 17.61 -17.59
C LYS A 69 -26.13 16.10 -17.78
N LYS A 70 -27.13 15.52 -17.11
CA LYS A 70 -27.37 14.08 -17.21
C LYS A 70 -27.63 13.66 -18.65
N GLU A 71 -28.30 14.53 -19.41
CA GLU A 71 -28.61 14.26 -20.80
C GLU A 71 -27.34 13.97 -21.60
N ASP A 72 -26.38 14.89 -21.54
CA ASP A 72 -25.12 14.73 -22.25
C ASP A 72 -24.34 13.53 -21.69
N LEU A 73 -24.48 13.30 -20.38
CA LEU A 73 -23.79 12.20 -19.73
C LEU A 73 -24.21 10.86 -20.34
N ILE A 74 -25.51 10.64 -20.43
CA ILE A 74 -26.04 9.40 -21.00
C ILE A 74 -25.77 9.31 -22.49
N SER A 75 -25.79 10.46 -23.15
CA SER A 75 -25.55 10.52 -24.59
C SER A 75 -24.08 10.25 -24.92
N ALA A 76 -23.20 10.52 -23.96
CA ALA A 76 -21.77 10.31 -24.15
C ALA A 76 -21.29 9.03 -23.48
N PHE A 77 -22.00 8.61 -22.43
CA PHE A 77 -21.63 7.41 -21.70
C PHE A 77 -22.69 6.31 -21.85
N GLY A 78 -23.96 6.70 -21.74
CA GLY A 78 -25.05 5.75 -21.86
C GLY A 78 -25.23 4.90 -20.61
N THR A 79 -24.86 5.46 -19.46
CA THR A 79 -24.98 4.77 -18.19
C THR A 79 -26.00 5.46 -17.29
N ASP A 80 -26.05 6.78 -17.38
CA ASP A 80 -26.96 7.58 -16.57
C ASP A 80 -26.59 7.53 -15.09
N ASP A 81 -25.35 7.13 -14.82
CA ASP A 81 -24.85 7.05 -13.45
C ASP A 81 -23.57 7.86 -13.29
N GLN A 82 -23.71 9.13 -12.97
CA GLN A 82 -22.55 10.02 -12.81
C GLN A 82 -21.46 9.35 -11.99
N THR A 83 -21.85 8.61 -10.95
CA THR A 83 -20.87 7.91 -10.10
C THR A 83 -20.01 6.99 -10.95
N GLU A 84 -20.65 6.11 -11.71
CA GLU A 84 -19.93 5.18 -12.57
C GLU A 84 -19.09 5.95 -13.58
N ILE A 85 -19.64 7.06 -14.06
CA ILE A 85 -18.94 7.91 -15.03
C ILE A 85 -17.65 8.44 -14.42
N CYS A 86 -17.72 8.90 -13.18
CA CYS A 86 -16.56 9.43 -12.48
C CYS A 86 -15.48 8.36 -12.36
N LYS A 87 -15.90 7.15 -11.99
CA LYS A 87 -14.96 6.04 -11.85
C LYS A 87 -14.19 5.81 -13.14
N GLN A 88 -14.93 5.72 -14.26
CA GLN A 88 -14.31 5.50 -15.56
C GLN A 88 -13.31 6.62 -15.86
N ILE A 89 -13.69 7.85 -15.49
CA ILE A 89 -12.83 9.00 -15.72
C ILE A 89 -11.65 9.00 -14.76
N LEU A 90 -11.87 8.46 -13.57
CA LEU A 90 -10.82 8.39 -12.55
C LEU A 90 -9.75 7.38 -12.95
N THR A 91 -10.14 6.35 -13.69
CA THR A 91 -9.22 5.32 -14.13
C THR A 91 -8.76 5.56 -15.57
N LYS A 92 -9.61 6.21 -16.37
CA LYS A 92 -9.28 6.49 -17.76
C LYS A 92 -9.03 7.99 -17.98
N GLY A 93 -8.94 8.75 -16.90
CA GLY A 93 -8.71 10.18 -17.03
C GLY A 93 -7.45 10.63 -16.29
N GLU A 94 -7.13 11.92 -16.41
CA GLU A 94 -5.95 12.47 -15.76
C GLU A 94 -6.34 13.34 -14.57
N VAL A 95 -5.82 13.00 -13.39
CA VAL A 95 -6.13 13.76 -12.18
C VAL A 95 -5.14 14.91 -12.00
N GLN A 96 -5.67 16.10 -11.73
CA GLN A 96 -4.85 17.29 -11.54
C GLN A 96 -4.32 17.35 -10.11
N VAL A 97 -3.03 17.06 -9.96
CA VAL A 97 -2.39 17.08 -8.64
C VAL A 97 -1.19 18.02 -8.63
N SER A 98 -0.89 18.57 -7.45
CA SER A 98 0.23 19.49 -7.31
C SER A 98 1.56 18.75 -7.40
N ASP A 99 2.61 19.46 -7.80
CA ASP A 99 3.94 18.87 -7.92
C ASP A 99 4.41 18.31 -6.60
N LYS A 100 3.98 18.94 -5.50
CA LYS A 100 4.36 18.50 -4.17
C LYS A 100 3.88 17.08 -3.89
N GLU A 101 2.60 16.83 -4.20
CA GLU A 101 2.01 15.52 -3.99
C GLU A 101 2.74 14.46 -4.81
N ARG A 102 3.06 14.79 -6.05
CA ARG A 102 3.76 13.86 -6.94
C ARG A 102 5.16 13.58 -6.42
N HIS A 103 5.84 14.63 -5.97
CA HIS A 103 7.19 14.50 -5.44
C HIS A 103 7.21 13.60 -4.20
N THR A 104 6.25 13.82 -3.32
CA THR A 104 6.15 13.03 -2.09
C THR A 104 5.96 11.55 -2.42
N GLN A 105 5.04 11.26 -3.33
CA GLN A 105 4.77 9.89 -3.72
C GLN A 105 5.98 9.28 -4.44
N LEU A 106 6.66 10.10 -5.23
CA LEU A 106 7.83 9.64 -5.97
C LEU A 106 8.93 9.20 -5.01
N GLU A 107 9.19 10.02 -4.00
CA GLU A 107 10.22 9.72 -3.01
C GLU A 107 9.86 8.47 -2.22
N GLN A 108 8.61 8.41 -1.76
CA GLN A 108 8.14 7.27 -0.99
C GLN A 108 8.22 5.99 -1.82
N MET A 109 7.79 6.08 -3.08
CA MET A 109 7.82 4.93 -3.97
C MET A 109 9.24 4.43 -4.17
N PHE A 110 10.12 5.32 -4.60
CA PHE A 110 11.53 4.98 -4.81
C PHE A 110 12.15 4.43 -3.53
N ARG A 111 11.72 4.97 -2.40
CA ARG A 111 12.23 4.54 -1.10
C ARG A 111 11.84 3.08 -0.84
N ASP A 112 10.61 2.74 -1.17
CA ASP A 112 10.11 1.38 -0.98
C ASP A 112 10.91 0.40 -1.83
N ILE A 113 11.12 0.75 -3.09
CA ILE A 113 11.87 -0.10 -4.01
C ILE A 113 13.31 -0.27 -3.53
N ALA A 114 13.89 0.82 -3.05
CA ALA A 114 15.27 0.80 -2.55
C ALA A 114 15.35 0.00 -1.25
N THR A 115 14.28 0.06 -0.46
CA THR A 115 14.24 -0.66 0.81
C THR A 115 14.15 -2.16 0.58
N ILE A 116 13.13 -2.59 -0.17
CA ILE A 116 12.94 -4.00 -0.45
C ILE A 116 14.18 -4.60 -1.13
N VAL A 117 14.73 -3.87 -2.09
CA VAL A 117 15.92 -4.34 -2.81
C VAL A 117 17.13 -4.34 -1.90
N ALA A 118 17.16 -3.38 -0.97
CA ALA A 118 18.27 -3.26 -0.03
C ALA A 118 18.12 -4.27 1.11
N ASP A 119 16.89 -4.73 1.34
CA ASP A 119 16.62 -5.69 2.39
C ASP A 119 16.76 -7.13 1.89
N LYS A 120 16.13 -7.41 0.76
CA LYS A 120 16.18 -8.76 0.18
C LYS A 120 16.51 -8.70 -1.31
N CYS A 121 17.79 -8.56 -1.62
CA CYS A 121 18.25 -8.50 -3.01
C CYS A 121 19.77 -8.41 -3.07
N VAL A 122 20.40 -9.57 -3.23
CA VAL A 122 21.86 -9.64 -3.30
C VAL A 122 22.33 -9.92 -4.72
N ASN A 123 23.64 -9.83 -4.94
CA ASN A 123 24.23 -10.07 -6.26
C ASN A 123 24.90 -11.44 -6.29
N PRO A 124 24.73 -12.19 -7.39
CA PRO A 124 25.34 -13.52 -7.55
C PRO A 124 26.84 -13.50 -7.32
N GLU A 125 27.51 -12.48 -7.85
CA GLU A 125 28.95 -12.34 -7.70
C GLU A 125 29.29 -11.40 -6.55
N THR A 126 28.63 -11.61 -5.41
CA THR A 126 28.87 -10.78 -4.24
C THR A 126 28.31 -11.44 -2.98
N LYS A 127 27.11 -12.00 -3.09
CA LYS A 127 26.47 -12.66 -1.97
C LYS A 127 26.19 -11.67 -0.83
N ARG A 128 25.91 -10.43 -1.20
CA ARG A 128 25.62 -9.40 -0.21
C ARG A 128 24.54 -8.45 -0.71
N PRO A 129 23.67 -7.96 0.18
CA PRO A 129 22.58 -7.05 -0.18
C PRO A 129 23.09 -5.64 -0.46
N TYR A 130 22.81 -5.15 -1.67
CA TYR A 130 23.24 -3.81 -2.07
C TYR A 130 22.64 -2.76 -1.14
N THR A 131 23.11 -1.53 -1.27
CA THR A 131 22.62 -0.43 -0.45
C THR A 131 21.59 0.40 -1.21
N VAL A 132 20.72 1.08 -0.47
CA VAL A 132 19.68 1.91 -1.06
C VAL A 132 20.28 2.94 -2.02
N ILE A 133 21.49 3.40 -1.71
CA ILE A 133 22.17 4.38 -2.55
C ILE A 133 22.49 3.80 -3.92
N LEU A 134 22.80 2.50 -3.95
CA LEU A 134 23.13 1.82 -5.20
C LEU A 134 21.87 1.55 -6.00
N ILE A 135 20.82 1.10 -5.32
CA ILE A 135 19.55 0.79 -5.99
C ILE A 135 18.93 2.06 -6.58
N GLU A 136 19.05 3.17 -5.85
CA GLU A 136 18.51 4.45 -6.31
C GLU A 136 19.33 4.99 -7.47
N ARG A 137 20.65 5.00 -7.32
CA ARG A 137 21.54 5.50 -8.36
C ARG A 137 21.38 4.70 -9.64
N ALA A 138 21.36 3.38 -9.50
CA ALA A 138 21.21 2.49 -10.65
C ALA A 138 19.89 2.73 -11.37
N MET A 139 18.80 2.70 -10.61
CA MET A 139 17.47 2.93 -11.17
C MET A 139 17.38 4.30 -11.84
N LYS A 140 18.14 5.26 -11.33
CA LYS A 140 18.16 6.60 -11.88
C LYS A 140 18.92 6.64 -13.20
N ASP A 141 20.12 6.05 -13.20
CA ASP A 141 20.95 6.01 -14.40
C ASP A 141 20.18 5.40 -15.57
N ILE A 142 19.47 4.31 -15.30
CA ILE A 142 18.70 3.63 -16.32
C ILE A 142 17.44 4.42 -16.70
N HIS A 143 17.04 5.33 -15.81
CA HIS A 143 15.85 6.15 -16.04
C HIS A 143 14.59 5.29 -16.02
N TYR A 144 14.44 4.50 -14.97
CA TYR A 144 13.28 3.62 -14.83
C TYR A 144 12.04 4.43 -14.47
N SER A 145 10.87 3.82 -14.66
CA SER A 145 9.60 4.48 -14.35
C SER A 145 8.73 3.58 -13.49
N VAL A 146 8.40 4.07 -12.29
CA VAL A 146 7.56 3.30 -11.37
C VAL A 146 6.14 3.86 -11.35
N LYS A 147 6.01 5.16 -11.57
CA LYS A 147 4.70 5.80 -11.57
C LYS A 147 4.04 5.70 -10.20
N THR A 148 3.76 6.85 -9.60
CA THR A 148 3.13 6.88 -8.29
C THR A 148 1.71 6.29 -8.34
N ASN A 149 1.17 6.17 -9.55
CA ASN A 149 -0.18 5.61 -9.72
C ASN A 149 -0.15 4.09 -9.82
N LYS A 150 1.01 3.49 -9.57
CA LYS A 150 1.16 2.05 -9.64
C LYS A 150 1.59 1.48 -8.29
N SER A 151 1.75 0.15 -8.23
CA SER A 151 2.16 -0.52 -7.01
C SER A 151 3.63 -0.93 -7.08
N THR A 152 4.31 -0.87 -5.94
CA THR A 152 5.72 -1.24 -5.87
C THR A 152 5.91 -2.74 -6.04
N LYS A 153 5.13 -3.51 -5.28
CA LYS A 153 5.20 -4.97 -5.34
C LYS A 153 5.25 -5.47 -6.78
N GLN A 154 4.21 -5.17 -7.55
CA GLN A 154 4.13 -5.60 -8.94
C GLN A 154 5.31 -5.03 -9.74
N GLN A 155 5.84 -3.91 -9.29
CA GLN A 155 6.96 -3.27 -9.96
C GLN A 155 8.27 -3.98 -9.65
N ALA A 156 8.31 -4.67 -8.50
CA ALA A 156 9.51 -5.39 -8.09
C ALA A 156 10.03 -6.30 -9.20
N LEU A 157 9.12 -7.00 -9.87
CA LEU A 157 9.50 -7.89 -10.95
C LEU A 157 10.15 -7.13 -12.10
N GLU A 158 9.54 -6.02 -12.48
CA GLU A 158 10.06 -5.20 -13.58
C GLU A 158 11.39 -4.56 -13.21
N VAL A 159 11.42 -3.85 -12.09
CA VAL A 159 12.64 -3.18 -11.64
C VAL A 159 13.83 -4.14 -11.58
N ILE A 160 13.62 -5.31 -11.00
CA ILE A 160 14.68 -6.31 -10.89
C ILE A 160 15.12 -6.79 -12.27
N LYS A 161 14.15 -7.14 -13.11
CA LYS A 161 14.45 -7.63 -14.45
C LYS A 161 15.20 -6.56 -15.26
N GLN A 162 14.76 -5.32 -15.14
CA GLN A 162 15.39 -4.22 -15.86
C GLN A 162 16.82 -3.99 -15.37
N LEU A 163 16.99 -3.95 -14.06
CA LEU A 163 18.31 -3.74 -13.47
C LEU A 163 19.30 -4.79 -13.93
N LYS A 164 18.79 -5.93 -14.38
CA LYS A 164 19.63 -7.02 -14.84
C LYS A 164 20.43 -6.62 -16.08
N GLU A 165 19.97 -5.58 -16.78
CA GLU A 165 20.63 -5.11 -17.98
C GLU A 165 22.09 -4.73 -17.69
N LYS A 166 22.29 -3.89 -16.68
CA LYS A 166 23.63 -3.45 -16.31
C LYS A 166 24.09 -4.14 -15.03
N MET A 167 23.14 -4.46 -14.16
CA MET A 167 23.45 -5.12 -12.90
C MET A 167 22.94 -6.56 -12.90
N LYS A 168 22.95 -7.18 -11.72
CA LYS A 168 22.49 -8.55 -11.57
C LYS A 168 22.09 -8.85 -10.13
N ILE A 169 20.87 -8.46 -9.76
CA ILE A 169 20.38 -8.68 -8.41
C ILE A 169 19.34 -9.79 -8.38
N GLU A 170 19.03 -10.28 -7.17
CA GLU A 170 18.05 -11.35 -7.00
C GLU A 170 17.23 -11.12 -5.74
N ARG A 171 15.99 -10.71 -5.92
CA ARG A 171 15.10 -10.46 -4.78
C ARG A 171 14.47 -11.76 -4.29
N ALA A 172 14.78 -12.13 -3.06
CA ALA A 172 14.24 -13.34 -2.46
C ALA A 172 14.07 -13.20 -0.95
N HIS A 173 12.98 -13.75 -0.42
CA HIS A 173 12.71 -13.68 1.01
C HIS A 173 11.86 -14.86 1.45
N MET A 174 12.36 -15.63 2.40
CA MET A 174 11.62 -16.79 2.90
C MET A 174 12.32 -17.44 4.10
N ARG A 175 11.62 -18.37 4.73
CA ARG A 175 12.14 -19.10 5.88
C ARG A 175 12.11 -20.60 5.64
N LEU A 176 13.23 -21.26 5.86
CA LEU A 176 13.32 -22.70 5.65
C LEU A 176 13.42 -23.45 6.98
N ARG A 177 13.50 -24.77 6.90
CA ARG A 177 13.61 -25.61 8.08
C ARG A 177 14.49 -26.81 7.80
N PHE A 178 15.32 -27.19 8.77
CA PHE A 178 16.23 -28.31 8.60
C PHE A 178 16.27 -29.21 9.82
N ILE A 179 16.40 -30.51 9.59
CA ILE A 179 16.47 -31.49 10.66
C ILE A 179 17.60 -32.49 10.38
N LEU A 180 18.64 -32.42 11.21
CA LEU A 180 19.79 -33.31 11.04
C LEU A 180 19.85 -34.37 12.12
N PRO A 181 20.50 -35.51 11.83
CA PRO A 181 20.64 -36.61 12.78
C PRO A 181 21.63 -36.29 13.90
N VAL A 182 22.10 -37.33 14.58
CA VAL A 182 23.05 -37.16 15.68
C VAL A 182 24.44 -36.77 15.18
N ASN A 183 25.08 -37.69 14.45
CA ASN A 183 26.42 -37.45 13.94
C ASN A 183 26.43 -36.52 12.73
N GLU A 184 25.70 -36.89 11.69
CA GLU A 184 25.63 -36.09 10.47
C GLU A 184 25.19 -34.65 10.76
N GLY A 185 24.51 -34.47 11.89
CA GLY A 185 24.04 -33.14 12.26
C GLY A 185 25.16 -32.21 12.69
N LYS A 186 26.09 -32.73 13.48
CA LYS A 186 27.22 -31.93 13.96
C LYS A 186 28.01 -31.34 12.80
N LYS A 187 27.97 -32.01 11.65
CA LYS A 187 28.71 -31.55 10.48
C LYS A 187 27.90 -30.53 9.68
N LEU A 188 26.58 -30.61 9.75
CA LEU A 188 25.71 -29.70 9.01
C LEU A 188 25.40 -28.44 9.81
N LYS A 189 24.90 -28.63 11.03
CA LYS A 189 24.55 -27.49 11.90
C LYS A 189 25.64 -26.43 11.91
N GLU A 190 26.87 -26.85 12.17
CA GLU A 190 28.00 -25.94 12.23
C GLU A 190 28.26 -25.29 10.87
N LYS A 191 27.96 -26.01 9.79
CA LYS A 191 28.16 -25.51 8.45
C LYS A 191 27.03 -24.58 8.01
N LEU A 192 25.87 -24.70 8.65
CA LEU A 192 24.72 -23.87 8.30
C LEU A 192 24.52 -22.74 9.31
N LYS A 193 25.05 -22.92 10.52
CA LYS A 193 24.91 -21.91 11.56
C LYS A 193 25.42 -20.54 11.10
N PRO A 194 26.67 -20.47 10.64
CA PRO A 194 27.29 -19.22 10.18
C PRO A 194 26.90 -18.87 8.74
N LEU A 195 26.83 -19.88 7.88
CA LEU A 195 26.49 -19.67 6.48
C LEU A 195 25.15 -18.94 6.34
N ILE A 196 24.12 -19.46 6.99
CA ILE A 196 22.79 -18.87 6.92
C ILE A 196 22.25 -18.53 8.32
N LYS A 197 21.26 -17.66 8.37
CA LYS A 197 20.64 -17.26 9.62
C LYS A 197 19.73 -18.37 10.15
N VAL A 198 20.15 -19.01 11.23
CA VAL A 198 19.38 -20.10 11.83
C VAL A 198 18.78 -19.66 13.16
N ILE A 199 17.76 -20.40 13.61
CA ILE A 199 17.09 -20.10 14.88
C ILE A 199 16.34 -21.32 15.40
N GLU A 200 15.99 -21.28 16.68
CA GLU A 200 15.27 -22.38 17.31
C GLU A 200 16.07 -23.68 17.21
N SER A 201 17.38 -23.57 17.37
CA SER A 201 18.26 -24.73 17.30
C SER A 201 18.13 -25.58 18.56
N GLU A 202 17.61 -26.80 18.39
CA GLU A 202 17.43 -27.72 19.51
C GLU A 202 18.14 -29.04 19.24
N ASP A 203 19.10 -29.37 20.10
CA ASP A 203 19.86 -30.61 19.96
C ASP A 203 19.90 -31.38 21.27
N TYR A 204 19.79 -32.70 21.19
CA TYR A 204 19.82 -33.54 22.38
C TYR A 204 21.14 -34.29 22.47
N GLY A 205 21.58 -34.60 23.69
CA GLY A 205 22.82 -35.31 23.89
C GLY A 205 22.91 -36.57 23.06
N GLN A 206 23.77 -36.55 22.05
CA GLN A 206 23.94 -37.70 21.17
C GLN A 206 22.63 -38.02 20.45
N GLN A 207 21.94 -36.97 20.01
CA GLN A 207 20.68 -37.13 19.31
C GLN A 207 20.56 -36.17 18.13
N LEU A 208 19.45 -36.25 17.40
CA LEU A 208 19.23 -35.38 16.25
C LEU A 208 18.92 -33.96 16.69
N GLU A 209 19.32 -33.00 15.86
CA GLU A 209 19.09 -31.59 16.17
C GLU A 209 18.17 -30.94 15.14
N ILE A 210 17.24 -30.12 15.63
CA ILE A 210 16.30 -29.42 14.77
C ILE A 210 16.67 -27.94 14.66
N VAL A 211 16.84 -27.46 13.43
CA VAL A 211 17.22 -26.07 13.21
C VAL A 211 16.32 -25.43 12.16
N CYS A 212 16.02 -24.15 12.34
CA CYS A 212 15.18 -23.42 11.42
C CYS A 212 16.00 -22.40 10.63
N LEU A 213 15.64 -22.19 9.37
CA LEU A 213 16.36 -21.26 8.52
C LEU A 213 15.48 -20.07 8.13
N ILE A 214 16.09 -18.90 8.04
CA ILE A 214 15.38 -17.69 7.67
C ILE A 214 16.35 -16.64 7.13
N ASP A 215 16.09 -16.14 5.92
CA ASP A 215 16.96 -15.14 5.33
C ASP A 215 16.53 -14.78 3.91
N PRO A 216 16.80 -13.54 3.48
CA PRO A 216 16.45 -13.05 2.15
C PRO A 216 17.54 -13.34 1.12
N GLY A 217 17.45 -12.68 -0.03
CA GLY A 217 18.44 -12.88 -1.07
C GLY A 217 18.41 -14.28 -1.64
N CYS A 218 19.44 -14.63 -2.41
CA CYS A 218 19.53 -15.94 -3.01
C CYS A 218 20.42 -16.87 -2.18
N PHE A 219 20.33 -16.73 -0.86
CA PHE A 219 21.11 -17.54 0.05
C PHE A 219 20.80 -19.03 -0.13
N ARG A 220 19.59 -19.32 -0.62
CA ARG A 220 19.16 -20.70 -0.84
C ARG A 220 20.13 -21.43 -1.76
N GLU A 221 20.76 -20.69 -2.67
CA GLU A 221 21.71 -21.27 -3.61
C GLU A 221 22.86 -21.94 -2.88
N ILE A 222 23.65 -21.14 -2.16
CA ILE A 222 24.78 -21.65 -1.41
C ILE A 222 24.33 -22.52 -0.24
N ASP A 223 23.22 -22.14 0.37
CA ASP A 223 22.67 -22.88 1.50
C ASP A 223 22.31 -24.30 1.08
N GLU A 224 21.51 -24.41 0.02
CA GLU A 224 21.08 -25.72 -0.49
C GLU A 224 22.28 -26.51 -1.00
N LEU A 225 23.24 -25.81 -1.60
CA LEU A 225 24.44 -26.47 -2.13
C LEU A 225 25.17 -27.24 -1.05
N ILE A 226 25.67 -26.52 -0.04
CA ILE A 226 26.38 -27.14 1.05
C ILE A 226 25.47 -28.08 1.84
N LYS A 227 24.20 -27.71 1.93
CA LYS A 227 23.22 -28.53 2.66
C LYS A 227 23.12 -29.92 2.05
N LYS A 228 22.89 -29.97 0.74
CA LYS A 228 22.77 -31.24 0.03
C LYS A 228 24.09 -32.00 0.03
N GLU A 229 25.18 -31.25 -0.07
CA GLU A 229 26.52 -31.86 -0.10
C GLU A 229 26.94 -32.33 1.29
N THR A 230 26.29 -31.81 2.32
CA THR A 230 26.62 -32.18 3.70
C THR A 230 25.60 -33.18 4.25
N LYS A 231 24.37 -33.09 3.76
CA LYS A 231 23.31 -33.99 4.22
C LYS A 231 23.34 -35.31 3.45
N GLY A 232 23.81 -35.26 2.21
CA GLY A 232 23.89 -36.46 1.40
C GLY A 232 22.57 -37.21 1.33
N LYS A 233 21.48 -36.45 1.16
CA LYS A 233 20.15 -37.05 1.08
C LYS A 233 19.81 -37.79 2.36
N GLY A 234 20.34 -37.30 3.48
CA GLY A 234 20.08 -37.93 4.76
C GLY A 234 19.58 -36.95 5.80
N SER A 235 18.91 -35.89 5.33
CA SER A 235 18.37 -34.87 6.23
C SER A 235 16.98 -34.43 5.79
N LEU A 236 16.21 -33.89 6.73
CA LEU A 236 14.86 -33.44 6.44
C LEU A 236 14.80 -31.91 6.38
N GLU A 237 14.29 -31.38 5.27
CA GLU A 237 14.18 -29.94 5.10
C GLU A 237 12.74 -29.53 4.81
N VAL A 238 12.15 -28.77 5.73
CA VAL A 238 10.78 -28.30 5.58
C VAL A 238 10.74 -26.81 5.25
N LEU A 239 9.73 -26.42 4.47
CA LEU A 239 9.57 -25.01 4.07
C LEU A 239 8.51 -24.33 4.92
N ASN A 240 8.82 -23.12 5.40
CA ASN A 240 7.89 -22.38 6.22
C ASN A 240 6.80 -21.73 5.37
N LEU A 241 7.21 -21.05 4.30
CA LEU A 241 6.28 -20.38 3.41
C LEU A 241 6.79 -20.38 1.97
N LYS A 242 5.97 -19.89 1.06
CA LYS A 242 6.35 -19.84 -0.35
C LYS A 242 5.84 -18.56 -1.00
N ASP A 243 6.70 -17.90 -1.77
CA ASP A 243 6.33 -16.67 -2.46
C ASP A 243 6.11 -16.91 -3.95
N VAL A 244 4.85 -16.92 -4.35
CA VAL A 244 4.50 -17.14 -5.75
C VAL A 244 3.28 -16.31 -6.15
N GLU A 245 2.25 -16.34 -5.32
CA GLU A 245 1.02 -15.60 -5.59
C GLU A 245 1.17 -14.15 -5.14
N GLU A 246 0.23 -13.30 -5.56
CA GLU A 246 0.26 -11.89 -5.21
C GLU A 246 1.54 -11.23 -5.70
N GLY A 247 1.59 -10.91 -6.99
CA GLY A 247 2.76 -10.27 -7.55
C GLY A 247 3.15 -10.85 -8.90
N ASP A 248 3.31 -12.18 -8.95
CA ASP A 248 3.68 -12.86 -10.17
C ASP A 248 2.76 -14.03 -10.46
N GLU A 249 2.18 -14.05 -11.66
CA GLU A 249 1.27 -15.13 -12.04
C GLU A 249 1.70 -15.75 -13.37
N LYS A 250 0.85 -16.62 -13.91
CA LYS A 250 1.13 -17.29 -15.17
C LYS A 250 2.41 -18.13 -15.06
N PHE A 251 2.24 -19.39 -14.69
CA PHE A 251 3.39 -20.30 -14.55
C PHE A 251 3.57 -21.13 -15.82
N GLU A 252 2.46 -21.42 -16.49
CA GLU A 252 2.50 -22.22 -17.71
C GLU A 252 3.27 -21.49 -18.81
N MET A 3 -9.11 34.92 -9.29
CA MET A 3 -9.49 33.53 -9.64
C MET A 3 -9.93 32.75 -8.40
N SER A 4 -10.70 31.69 -8.62
CA SER A 4 -11.19 30.86 -7.52
C SER A 4 -12.10 31.66 -6.60
N ILE A 5 -13.36 31.26 -6.52
CA ILE A 5 -14.32 31.95 -5.67
C ILE A 5 -15.69 31.28 -5.74
N PHE A 6 -16.05 30.56 -4.69
CA PHE A 6 -17.34 29.86 -4.63
C PHE A 6 -18.50 30.85 -4.59
N THR A 7 -19.60 30.49 -5.23
CA THR A 7 -20.79 31.34 -5.28
C THR A 7 -21.58 31.27 -3.98
N PRO A 8 -21.93 30.04 -3.53
CA PRO A 8 -22.71 29.85 -2.30
C PRO A 8 -21.87 30.03 -1.05
N THR A 9 -20.58 29.73 -1.15
CA THR A 9 -19.67 29.87 -0.01
C THR A 9 -18.82 31.11 -0.14
N ASN A 10 -18.75 31.89 0.94
CA ASN A 10 -17.96 33.12 0.95
C ASN A 10 -16.80 33.01 1.94
N GLN A 11 -16.31 31.79 2.14
CA GLN A 11 -15.20 31.55 3.06
C GLN A 11 -14.03 30.92 2.32
N ILE A 12 -14.33 29.94 1.47
CA ILE A 12 -13.29 29.24 0.70
C ILE A 12 -13.25 29.73 -0.73
N ARG A 13 -12.30 29.23 -1.50
CA ARG A 13 -12.16 29.62 -2.90
C ARG A 13 -12.65 28.52 -3.83
N LEU A 14 -12.53 27.27 -3.37
CA LEU A 14 -12.96 26.12 -4.16
C LEU A 14 -12.99 24.85 -3.31
N THR A 15 -13.41 23.74 -3.92
CA THR A 15 -13.48 22.47 -3.22
C THR A 15 -12.13 22.12 -2.60
N ASN A 16 -11.06 22.61 -3.21
CA ASN A 16 -9.70 22.36 -2.71
C ASN A 16 -9.34 20.88 -2.82
N VAL A 17 -10.07 20.14 -3.66
CA VAL A 17 -9.80 18.73 -3.85
C VAL A 17 -9.17 18.48 -5.22
N ALA A 18 -8.83 17.23 -5.50
CA ALA A 18 -8.21 16.87 -6.77
C ALA A 18 -9.25 16.86 -7.89
N VAL A 19 -8.83 17.29 -9.08
CA VAL A 19 -9.72 17.34 -10.22
C VAL A 19 -9.26 16.38 -11.32
N VAL A 20 -10.19 15.60 -11.84
CA VAL A 20 -9.89 14.64 -12.89
C VAL A 20 -10.81 14.83 -14.09
N ARG A 21 -10.24 14.77 -15.29
CA ARG A 21 -11.02 14.94 -16.51
C ARG A 21 -10.57 13.96 -17.60
N MET A 22 -11.46 13.70 -18.56
CA MET A 22 -11.15 12.80 -19.65
C MET A 22 -11.89 13.21 -20.93
N LYS A 23 -11.39 12.76 -22.07
CA LYS A 23 -11.99 13.09 -23.35
C LYS A 23 -12.70 11.88 -23.94
N ARG A 24 -14.02 11.99 -24.10
CA ARG A 24 -14.81 10.90 -24.67
C ARG A 24 -16.08 11.44 -25.33
N ALA A 25 -16.50 10.78 -26.40
CA ALA A 25 -17.69 11.19 -27.13
C ALA A 25 -17.55 12.60 -27.69
N GLY A 26 -16.30 13.06 -27.83
CA GLY A 26 -16.05 14.39 -28.36
C GLY A 26 -15.99 15.43 -27.27
N LYS A 27 -16.96 15.42 -26.35
CA LYS A 27 -17.01 16.37 -25.26
C LYS A 27 -16.10 15.95 -24.12
N ARG A 28 -15.66 16.92 -23.32
CA ARG A 28 -14.79 16.64 -22.19
C ARG A 28 -15.57 16.69 -20.87
N PHE A 29 -15.19 15.83 -19.94
CA PHE A 29 -15.87 15.77 -18.64
C PHE A 29 -14.87 15.85 -17.49
N GLU A 30 -15.32 16.38 -16.36
CA GLU A 30 -14.47 16.51 -15.19
C GLU A 30 -15.21 16.06 -13.93
N ILE A 31 -14.47 15.90 -12.83
CA ILE A 31 -15.08 15.48 -11.57
C ILE A 31 -14.17 15.82 -10.38
N ALA A 32 -14.80 16.19 -9.26
CA ALA A 32 -14.07 16.56 -8.06
C ALA A 32 -13.85 15.34 -7.17
N CYS A 33 -12.59 14.91 -7.05
CA CYS A 33 -12.24 13.76 -6.23
C CYS A 33 -10.99 14.05 -5.40
N TYR A 34 -10.71 13.18 -4.43
CA TYR A 34 -9.56 13.35 -3.56
C TYR A 34 -8.28 12.87 -4.24
N LYS A 35 -7.24 13.69 -4.20
CA LYS A 35 -5.97 13.35 -4.83
C LYS A 35 -5.43 12.01 -4.31
N ASN A 36 -5.54 11.79 -3.01
CA ASN A 36 -5.05 10.56 -2.40
C ASN A 36 -5.97 9.38 -2.71
N LYS A 37 -7.27 9.60 -2.60
CA LYS A 37 -8.24 8.54 -2.87
C LYS A 37 -8.24 8.15 -4.34
N VAL A 38 -8.02 9.13 -5.21
CA VAL A 38 -7.98 8.89 -6.65
C VAL A 38 -6.72 8.13 -7.05
N VAL A 39 -5.57 8.62 -6.59
CA VAL A 39 -4.30 7.99 -6.91
C VAL A 39 -4.28 6.54 -6.44
N GLY A 40 -4.82 6.30 -5.24
CA GLY A 40 -4.87 4.95 -4.69
C GLY A 40 -5.82 4.06 -5.47
N TRP A 41 -7.03 4.57 -5.71
CA TRP A 41 -8.04 3.81 -6.46
C TRP A 41 -7.49 3.40 -7.82
N ARG A 42 -7.13 4.38 -8.63
CA ARG A 42 -6.59 4.13 -9.95
C ARG A 42 -5.33 3.28 -9.86
N SER A 43 -4.59 3.45 -8.77
CA SER A 43 -3.35 2.70 -8.56
C SER A 43 -3.63 1.21 -8.50
N GLY A 44 -4.81 0.84 -8.00
CA GLY A 44 -5.16 -0.57 -7.91
C GLY A 44 -5.78 -0.96 -6.58
N VAL A 45 -5.76 -0.04 -5.61
CA VAL A 45 -6.33 -0.32 -4.30
C VAL A 45 -7.81 -0.02 -4.26
N GLU A 46 -8.56 -0.80 -3.50
CA GLU A 46 -10.00 -0.61 -3.38
C GLU A 46 -10.33 0.54 -2.43
N LYS A 47 -11.19 1.44 -2.88
CA LYS A 47 -11.59 2.59 -2.07
C LYS A 47 -13.10 2.80 -2.15
N ASP A 48 -13.61 3.71 -1.32
CA ASP A 48 -15.04 4.00 -1.28
C ASP A 48 -15.37 5.25 -2.09
N LEU A 49 -16.40 5.14 -2.93
CA LEU A 49 -16.83 6.26 -3.77
C LEU A 49 -17.30 7.43 -2.91
N ASP A 50 -17.89 7.12 -1.77
CA ASP A 50 -18.39 8.14 -0.86
C ASP A 50 -17.26 9.04 -0.34
N GLU A 51 -16.01 8.60 -0.51
CA GLU A 51 -14.87 9.38 -0.05
C GLU A 51 -14.11 9.99 -1.22
N VAL A 52 -13.67 9.13 -2.14
CA VAL A 52 -12.92 9.57 -3.31
C VAL A 52 -13.71 10.60 -4.13
N LEU A 53 -14.99 10.30 -4.35
CA LEU A 53 -15.85 11.19 -5.13
C LEU A 53 -16.32 12.37 -4.28
N GLN A 54 -15.59 13.48 -4.35
CA GLN A 54 -15.94 14.67 -3.59
C GLN A 54 -17.32 15.17 -4.00
N THR A 55 -17.55 15.26 -5.30
CA THR A 55 -18.84 15.72 -5.81
C THR A 55 -19.49 14.65 -6.67
N HIS A 56 -20.65 14.16 -6.23
CA HIS A 56 -21.38 13.13 -6.97
C HIS A 56 -22.06 13.71 -8.19
N SER A 57 -21.26 14.23 -9.12
CA SER A 57 -21.79 14.82 -10.35
C SER A 57 -20.65 15.25 -11.26
N VAL A 58 -20.74 14.89 -12.53
CA VAL A 58 -19.70 15.24 -13.50
C VAL A 58 -19.65 16.76 -13.67
N PHE A 59 -18.56 17.24 -14.27
CA PHE A 59 -18.39 18.67 -14.48
C PHE A 59 -17.89 18.98 -15.88
N VAL A 60 -17.59 20.25 -16.11
CA VAL A 60 -17.09 20.72 -17.39
C VAL A 60 -15.95 21.69 -17.17
N ASN A 61 -16.14 22.62 -16.23
CA ASN A 61 -15.14 23.60 -15.89
C ASN A 61 -15.04 23.76 -14.38
N VAL A 62 -14.59 22.71 -13.70
CA VAL A 62 -14.47 22.71 -12.25
C VAL A 62 -13.73 23.95 -11.76
N SER A 63 -12.69 24.33 -12.48
CA SER A 63 -11.90 25.51 -12.13
C SER A 63 -12.80 26.73 -11.89
N LYS A 64 -13.95 26.73 -12.56
CA LYS A 64 -14.91 27.83 -12.42
C LYS A 64 -16.18 27.35 -11.73
N GLY A 65 -16.48 26.06 -11.85
CA GLY A 65 -17.67 25.51 -11.23
C GLY A 65 -18.78 25.24 -12.24
N GLN A 66 -18.41 24.73 -13.40
CA GLN A 66 -19.38 24.42 -14.45
C GLN A 66 -19.70 22.94 -14.46
N VAL A 67 -20.83 22.58 -13.88
CA VAL A 67 -21.27 21.20 -13.81
C VAL A 67 -21.78 20.71 -15.16
N ALA A 68 -21.76 19.40 -15.36
CA ALA A 68 -22.22 18.80 -16.61
C ALA A 68 -23.74 18.66 -16.62
N LYS A 69 -24.26 17.89 -17.57
CA LYS A 69 -25.69 17.67 -17.70
C LYS A 69 -26.02 16.18 -17.73
N LYS A 70 -27.19 15.84 -17.19
CA LYS A 70 -27.63 14.44 -17.17
C LYS A 70 -27.81 13.90 -18.58
N GLU A 71 -28.47 14.67 -19.44
CA GLU A 71 -28.70 14.26 -20.82
C GLU A 71 -27.38 13.97 -21.52
N ASP A 72 -26.47 14.94 -21.50
CA ASP A 72 -25.17 14.77 -22.13
C ASP A 72 -24.41 13.61 -21.50
N LEU A 73 -24.65 13.37 -20.22
CA LEU A 73 -23.99 12.29 -19.50
C LEU A 73 -24.35 10.94 -20.09
N ILE A 74 -25.64 10.67 -20.23
CA ILE A 74 -26.11 9.40 -20.77
C ILE A 74 -25.84 9.30 -22.27
N SER A 75 -25.88 10.45 -22.96
CA SER A 75 -25.64 10.48 -24.40
C SER A 75 -24.15 10.47 -24.72
N ALA A 76 -23.32 10.76 -23.73
CA ALA A 76 -21.88 10.77 -23.92
C ALA A 76 -21.22 9.49 -23.41
N PHE A 77 -21.78 8.93 -22.35
CA PHE A 77 -21.24 7.70 -21.77
C PHE A 77 -22.17 6.52 -22.02
N GLY A 78 -23.47 6.78 -22.04
CA GLY A 78 -24.44 5.71 -22.28
C GLY A 78 -25.15 5.30 -21.02
N THR A 79 -25.05 6.12 -19.97
CA THR A 79 -25.71 5.83 -18.70
C THR A 79 -25.92 7.11 -17.90
N ASP A 80 -26.87 7.06 -16.97
CA ASP A 80 -27.18 8.21 -16.13
C ASP A 80 -26.40 8.16 -14.81
N ASP A 81 -25.87 6.98 -14.48
CA ASP A 81 -25.12 6.81 -13.25
C ASP A 81 -23.89 7.72 -13.23
N GLN A 82 -24.06 8.92 -12.67
CA GLN A 82 -22.97 9.87 -12.60
C GLN A 82 -21.76 9.29 -11.87
N THR A 83 -22.04 8.56 -10.78
CA THR A 83 -20.97 7.95 -9.99
C THR A 83 -20.13 7.01 -10.87
N GLU A 84 -20.80 6.12 -11.59
CA GLU A 84 -20.11 5.18 -12.47
C GLU A 84 -19.22 5.94 -13.46
N ILE A 85 -19.81 6.98 -14.06
CA ILE A 85 -19.08 7.80 -15.02
C ILE A 85 -17.83 8.39 -14.38
N CYS A 86 -17.96 8.80 -13.12
CA CYS A 86 -16.85 9.36 -12.37
C CYS A 86 -15.71 8.35 -12.28
N LYS A 87 -16.07 7.10 -11.98
CA LYS A 87 -15.09 6.04 -11.87
C LYS A 87 -14.31 5.89 -13.18
N GLN A 88 -15.05 5.84 -14.29
CA GLN A 88 -14.44 5.70 -15.60
C GLN A 88 -13.43 6.83 -15.85
N ILE A 89 -13.81 8.04 -15.47
CA ILE A 89 -12.96 9.20 -15.64
C ILE A 89 -11.77 9.15 -14.69
N LEU A 90 -11.96 8.51 -13.54
CA LEU A 90 -10.91 8.39 -12.54
C LEU A 90 -9.88 7.33 -12.94
N THR A 91 -10.32 6.36 -13.75
CA THR A 91 -9.43 5.29 -14.19
C THR A 91 -8.70 5.67 -15.49
N LYS A 92 -9.41 6.36 -16.37
CA LYS A 92 -8.84 6.77 -17.65
C LYS A 92 -8.46 8.25 -17.63
N GLY A 93 -9.35 9.07 -17.10
CA GLY A 93 -9.09 10.50 -17.05
C GLY A 93 -7.87 10.84 -16.23
N GLU A 94 -7.24 11.97 -16.56
CA GLU A 94 -6.04 12.42 -15.85
C GLU A 94 -6.42 13.23 -14.62
N VAL A 95 -5.66 13.05 -13.55
CA VAL A 95 -5.90 13.76 -12.30
C VAL A 95 -4.99 14.98 -12.17
N GLN A 96 -5.53 16.15 -12.49
CA GLN A 96 -4.76 17.39 -12.40
C GLN A 96 -4.50 17.77 -10.95
N VAL A 97 -3.27 17.57 -10.50
CA VAL A 97 -2.88 17.89 -9.13
C VAL A 97 -1.69 18.84 -9.09
N SER A 98 -1.51 19.49 -7.95
CA SER A 98 -0.40 20.44 -7.77
C SER A 98 0.70 19.83 -6.90
N ASP A 99 1.79 20.57 -6.74
CA ASP A 99 2.91 20.10 -5.94
C ASP A 99 2.52 19.95 -4.47
N LYS A 100 1.46 20.65 -4.06
CA LYS A 100 0.99 20.59 -2.68
C LYS A 100 0.70 19.16 -2.26
N GLU A 101 -0.14 18.46 -3.01
CA GLU A 101 -0.48 17.08 -2.71
C GLU A 101 0.70 16.16 -3.00
N ARG A 102 1.50 16.52 -3.98
CA ARG A 102 2.67 15.73 -4.36
C ARG A 102 3.62 15.58 -3.17
N HIS A 103 3.79 16.66 -2.42
CA HIS A 103 4.65 16.67 -1.25
C HIS A 103 3.96 16.00 -0.07
N THR A 104 2.70 16.37 0.15
CA THR A 104 1.92 15.82 1.25
C THR A 104 1.77 14.31 1.08
N GLN A 105 1.57 13.87 -0.16
CA GLN A 105 1.41 12.45 -0.47
C GLN A 105 2.71 11.70 -0.21
N LEU A 106 3.83 12.33 -0.57
CA LEU A 106 5.14 11.73 -0.37
C LEU A 106 5.41 11.46 1.11
N GLU A 107 5.17 12.47 1.94
CA GLU A 107 5.37 12.34 3.38
C GLU A 107 4.38 11.35 3.97
N GLN A 108 3.12 11.45 3.57
CA GLN A 108 2.07 10.56 4.05
C GLN A 108 2.40 9.11 3.71
N MET A 109 2.73 8.86 2.45
CA MET A 109 3.07 7.52 2.00
C MET A 109 4.29 6.99 2.73
N PHE A 110 5.24 7.88 3.01
CA PHE A 110 6.47 7.50 3.71
C PHE A 110 6.14 6.92 5.08
N ARG A 111 5.42 7.70 5.89
CA ARG A 111 5.04 7.26 7.23
C ARG A 111 4.19 6.00 7.16
N ASP A 112 3.35 5.91 6.12
CA ASP A 112 2.49 4.75 5.94
C ASP A 112 3.32 3.48 5.78
N ILE A 113 4.26 3.51 4.85
CA ILE A 113 5.12 2.35 4.60
C ILE A 113 5.87 1.96 5.87
N ALA A 114 6.45 2.95 6.55
CA ALA A 114 7.20 2.70 7.77
C ALA A 114 6.30 2.06 8.83
N THR A 115 5.03 2.43 8.83
CA THR A 115 4.08 1.88 9.79
C THR A 115 3.81 0.41 9.52
N ILE A 116 3.50 0.08 8.27
CA ILE A 116 3.23 -1.30 7.89
C ILE A 116 4.43 -2.19 8.17
N VAL A 117 5.63 -1.62 8.00
CA VAL A 117 6.86 -2.36 8.23
C VAL A 117 7.09 -2.59 9.73
N ALA A 118 6.76 -1.57 10.53
CA ALA A 118 6.93 -1.66 11.97
C ALA A 118 5.74 -2.37 12.63
N ASP A 119 4.69 -2.59 11.86
CA ASP A 119 3.50 -3.26 12.39
C ASP A 119 3.44 -4.72 11.94
N LYS A 120 4.01 -5.00 10.77
CA LYS A 120 4.02 -6.36 10.24
C LYS A 120 5.45 -6.89 10.11
N CYS A 121 6.27 -6.19 9.32
CA CYS A 121 7.65 -6.60 9.11
C CYS A 121 8.45 -6.49 10.41
N VAL A 122 9.56 -7.20 10.47
CA VAL A 122 10.41 -7.18 11.66
C VAL A 122 11.86 -7.51 11.31
N ASN A 123 12.75 -7.29 12.27
CA ASN A 123 14.17 -7.56 12.08
C ASN A 123 14.57 -8.88 12.74
N PRO A 124 15.36 -9.71 12.06
CA PRO A 124 15.81 -11.01 12.59
C PRO A 124 16.95 -10.86 13.61
N GLU A 125 17.40 -9.62 13.82
CA GLU A 125 18.49 -9.36 14.76
C GLU A 125 17.97 -9.33 16.19
N THR A 126 16.93 -8.52 16.43
CA THR A 126 16.36 -8.40 17.76
C THR A 126 14.99 -9.08 17.84
N LYS A 127 14.43 -9.42 16.68
CA LYS A 127 13.13 -10.08 16.62
C LYS A 127 12.03 -9.15 17.15
N ARG A 128 12.21 -7.85 16.93
CA ARG A 128 11.23 -6.86 17.36
C ARG A 128 11.15 -5.71 16.36
N PRO A 129 9.92 -5.23 16.06
CA PRO A 129 9.72 -4.13 15.12
C PRO A 129 10.57 -2.91 15.45
N TYR A 130 11.05 -2.23 14.42
CA TYR A 130 11.88 -1.05 14.60
C TYR A 130 11.01 0.20 14.80
N THR A 131 11.67 1.35 14.90
CA THR A 131 10.96 2.61 15.08
C THR A 131 10.64 3.26 13.75
N VAL A 132 9.46 3.87 13.67
CA VAL A 132 9.01 4.53 12.45
C VAL A 132 10.05 5.52 11.95
N ILE A 133 10.67 6.25 12.88
CA ILE A 133 11.68 7.24 12.53
C ILE A 133 12.92 6.57 11.95
N LEU A 134 13.19 5.34 12.40
CA LEU A 134 14.35 4.58 11.93
C LEU A 134 14.12 4.09 10.51
N ILE A 135 12.89 3.65 10.23
CA ILE A 135 12.55 3.15 8.91
C ILE A 135 12.53 4.28 7.88
N GLU A 136 12.04 5.44 8.30
CA GLU A 136 11.98 6.60 7.41
C GLU A 136 13.37 7.12 7.09
N ARG A 137 14.20 7.28 8.12
CA ARG A 137 15.56 7.77 7.95
C ARG A 137 16.36 6.83 7.05
N ALA A 138 16.26 5.53 7.31
CA ALA A 138 16.98 4.54 6.53
C ALA A 138 16.55 4.57 5.07
N MET A 139 15.23 4.66 4.85
CA MET A 139 14.68 4.70 3.50
C MET A 139 15.25 5.87 2.71
N LYS A 140 15.26 7.05 3.34
CA LYS A 140 15.78 8.25 2.70
C LYS A 140 17.30 8.14 2.51
N ASP A 141 17.97 7.57 3.50
CA ASP A 141 19.42 7.40 3.44
C ASP A 141 19.82 6.51 2.26
N ILE A 142 18.96 5.56 1.93
CA ILE A 142 19.23 4.64 0.82
C ILE A 142 18.67 5.17 -0.50
N HIS A 143 18.25 6.44 -0.50
CA HIS A 143 17.69 7.06 -1.70
C HIS A 143 16.48 6.29 -2.20
N TYR A 144 15.56 5.98 -1.29
CA TYR A 144 14.35 5.24 -1.63
C TYR A 144 13.26 6.19 -2.10
N SER A 145 12.87 6.07 -3.37
CA SER A 145 11.83 6.92 -3.93
C SER A 145 10.46 6.24 -3.84
N VAL A 146 9.43 7.03 -3.56
CA VAL A 146 8.07 6.51 -3.44
C VAL A 146 7.22 6.94 -4.62
N LYS A 147 6.43 6.01 -5.14
CA LYS A 147 5.56 6.29 -6.29
C LYS A 147 4.12 6.49 -5.83
N THR A 148 3.69 7.74 -5.77
CA THR A 148 2.33 8.08 -5.35
C THR A 148 1.29 7.33 -6.19
N ASN A 149 1.67 6.99 -7.42
CA ASN A 149 0.77 6.27 -8.32
C ASN A 149 1.04 4.77 -8.29
N LYS A 150 1.48 4.27 -7.15
CA LYS A 150 1.78 2.85 -7.00
C LYS A 150 1.13 2.28 -5.74
N SER A 151 0.74 1.02 -5.80
CA SER A 151 0.10 0.36 -4.67
C SER A 151 1.06 0.24 -3.49
N THR A 152 0.51 0.32 -2.29
CA THR A 152 1.31 0.22 -1.07
C THR A 152 1.99 -1.14 -0.97
N LYS A 153 1.19 -2.20 -0.98
CA LYS A 153 1.72 -3.55 -0.89
C LYS A 153 2.82 -3.79 -1.92
N GLN A 154 2.63 -3.26 -3.12
CA GLN A 154 3.60 -3.41 -4.19
C GLN A 154 4.94 -2.79 -3.79
N GLN A 155 4.88 -1.67 -3.07
CA GLN A 155 6.09 -0.99 -2.62
C GLN A 155 6.78 -1.76 -1.51
N ALA A 156 5.99 -2.53 -0.75
CA ALA A 156 6.53 -3.33 0.35
C ALA A 156 7.70 -4.18 -0.10
N LEU A 157 7.59 -4.75 -1.29
CA LEU A 157 8.65 -5.59 -1.84
C LEU A 157 9.95 -4.81 -1.98
N GLU A 158 9.87 -3.64 -2.62
CA GLU A 158 11.03 -2.80 -2.82
C GLU A 158 11.62 -2.35 -1.49
N VAL A 159 10.76 -2.11 -0.52
CA VAL A 159 11.19 -1.68 0.81
C VAL A 159 12.04 -2.75 1.48
N ILE A 160 11.48 -3.94 1.63
CA ILE A 160 12.19 -5.05 2.26
C ILE A 160 13.50 -5.35 1.55
N LYS A 161 13.47 -5.24 0.21
CA LYS A 161 14.65 -5.50 -0.59
C LYS A 161 15.72 -4.43 -0.38
N GLN A 162 15.31 -3.17 -0.53
CA GLN A 162 16.22 -2.03 -0.35
C GLN A 162 16.78 -2.00 1.07
N LEU A 163 15.88 -2.00 2.05
CA LEU A 163 16.27 -1.96 3.46
C LEU A 163 17.21 -3.12 3.80
N LYS A 164 17.15 -4.19 3.01
CA LYS A 164 17.99 -5.36 3.23
C LYS A 164 19.46 -4.97 3.37
N GLU A 165 19.84 -3.85 2.77
CA GLU A 165 21.21 -3.36 2.83
C GLU A 165 21.48 -2.67 4.16
N LYS A 166 20.52 -1.86 4.61
CA LYS A 166 20.66 -1.14 5.87
C LYS A 166 20.15 -1.98 7.04
N MET A 167 18.83 -2.20 7.06
CA MET A 167 18.21 -2.98 8.12
C MET A 167 17.39 -4.13 7.53
N LYS A 168 17.88 -5.35 7.73
CA LYS A 168 17.19 -6.53 7.22
C LYS A 168 15.83 -6.70 7.88
N ILE A 169 14.78 -6.63 7.07
CA ILE A 169 13.42 -6.77 7.57
C ILE A 169 12.57 -7.61 6.62
N GLU A 170 11.63 -8.36 7.19
CA GLU A 170 10.75 -9.21 6.38
C GLU A 170 9.41 -9.43 7.08
N ARG A 171 8.46 -10.00 6.37
CA ARG A 171 7.13 -10.27 6.92
C ARG A 171 6.98 -11.75 7.26
N ALA A 172 6.81 -12.03 8.55
CA ALA A 172 6.66 -13.41 9.01
C ALA A 172 5.28 -13.64 9.60
N HIS A 173 4.67 -14.77 9.26
CA HIS A 173 3.35 -15.12 9.77
C HIS A 173 3.39 -16.45 10.54
N MET A 174 2.65 -16.50 11.63
CA MET A 174 2.62 -17.71 12.46
C MET A 174 1.36 -17.74 13.33
N ARG A 175 0.94 -18.95 13.69
CA ARG A 175 -0.24 -19.12 14.54
C ARG A 175 0.13 -18.99 16.01
N LEU A 176 -0.80 -18.47 16.81
CA LEU A 176 -0.55 -18.29 18.23
C LEU A 176 -1.65 -18.93 19.08
N ARG A 177 -1.24 -19.51 20.21
CA ARG A 177 -2.17 -20.15 21.13
C ARG A 177 -1.98 -19.59 22.54
N PHE A 178 -3.06 -19.48 23.30
CA PHE A 178 -2.97 -18.96 24.65
C PHE A 178 -3.92 -19.67 25.61
N ILE A 179 -3.44 -19.93 26.82
CA ILE A 179 -4.23 -20.58 27.85
C ILE A 179 -4.32 -19.69 29.08
N LEU A 180 -5.45 -19.00 29.21
CA LEU A 180 -5.66 -18.08 30.33
C LEU A 180 -6.34 -18.79 31.51
N PRO A 181 -5.76 -18.68 32.72
CA PRO A 181 -6.33 -19.31 33.92
C PRO A 181 -7.75 -18.85 34.19
N VAL A 182 -8.22 -19.07 35.41
CA VAL A 182 -9.57 -18.68 35.80
C VAL A 182 -9.68 -17.18 36.03
N ASN A 183 -9.04 -16.70 37.08
CA ASN A 183 -9.07 -15.27 37.43
C ASN A 183 -8.08 -14.47 36.59
N GLU A 184 -6.80 -14.84 36.68
CA GLU A 184 -5.75 -14.13 35.95
C GLU A 184 -6.09 -14.00 34.46
N GLY A 185 -6.93 -14.91 33.97
CA GLY A 185 -7.31 -14.87 32.56
C GLY A 185 -8.15 -13.66 32.22
N LYS A 186 -9.08 -13.30 33.10
CA LYS A 186 -9.96 -12.15 32.87
C LYS A 186 -9.16 -10.87 32.66
N LYS A 187 -7.92 -10.87 33.14
CA LYS A 187 -7.05 -9.71 33.00
C LYS A 187 -6.43 -9.64 31.61
N LEU A 188 -5.56 -10.60 31.31
CA LEU A 188 -4.89 -10.65 30.02
C LEU A 188 -5.88 -10.68 28.86
N LYS A 189 -7.04 -11.29 29.10
CA LYS A 189 -8.08 -11.39 28.08
C LYS A 189 -8.31 -10.06 27.39
N GLU A 190 -8.66 -9.03 28.16
CA GLU A 190 -8.91 -7.70 27.63
C GLU A 190 -7.62 -7.05 27.13
N LYS A 191 -6.48 -7.52 27.64
CA LYS A 191 -5.19 -6.97 27.25
C LYS A 191 -4.67 -7.62 25.97
N LEU A 192 -5.22 -8.78 25.62
CA LEU A 192 -4.79 -9.50 24.42
C LEU A 192 -5.59 -9.07 23.19
N LYS A 193 -6.86 -8.74 23.39
CA LYS A 193 -7.73 -8.32 22.29
C LYS A 193 -7.12 -7.14 21.53
N PRO A 194 -6.63 -6.10 22.24
CA PRO A 194 -6.03 -4.93 21.61
C PRO A 194 -4.58 -5.18 21.18
N LEU A 195 -3.91 -6.10 21.87
CA LEU A 195 -2.53 -6.44 21.56
C LEU A 195 -2.41 -6.99 20.14
N ILE A 196 -3.19 -8.02 19.84
CA ILE A 196 -3.15 -8.64 18.51
C ILE A 196 -4.46 -9.36 18.20
N LYS A 197 -4.53 -9.96 17.02
CA LYS A 197 -5.71 -10.69 16.59
C LYS A 197 -5.98 -11.89 17.48
N VAL A 198 -7.18 -11.98 18.01
CA VAL A 198 -7.57 -13.09 18.88
C VAL A 198 -8.82 -13.78 18.37
N ILE A 199 -8.78 -15.11 18.30
CA ILE A 199 -9.93 -15.88 17.82
C ILE A 199 -9.93 -17.28 18.42
N GLU A 200 -11.04 -18.00 18.22
CA GLU A 200 -11.19 -19.35 18.73
C GLU A 200 -10.96 -19.39 20.25
N SER A 201 -11.89 -18.80 20.99
CA SER A 201 -11.78 -18.76 22.44
C SER A 201 -12.87 -19.62 23.08
N GLU A 202 -12.53 -20.27 24.18
CA GLU A 202 -13.47 -21.13 24.90
C GLU A 202 -13.18 -21.12 26.40
N ASP A 203 -14.11 -20.57 27.18
CA ASP A 203 -13.95 -20.49 28.62
C ASP A 203 -15.04 -21.28 29.34
N TYR A 204 -14.75 -21.72 30.56
CA TYR A 204 -15.70 -22.49 31.36
C TYR A 204 -16.09 -21.71 32.62
N GLY A 205 -17.30 -21.94 33.09
CA GLY A 205 -17.77 -21.26 34.29
C GLY A 205 -16.76 -21.29 35.42
N GLN A 206 -16.12 -20.14 35.67
CA GLN A 206 -15.12 -20.04 36.72
C GLN A 206 -13.96 -20.99 36.45
N GLN A 207 -13.52 -21.03 35.19
CA GLN A 207 -12.41 -21.90 34.80
C GLN A 207 -11.50 -21.19 33.81
N LEU A 208 -10.43 -21.87 33.40
CA LEU A 208 -9.48 -21.30 32.46
C LEU A 208 -10.06 -21.26 31.05
N GLU A 209 -9.66 -20.26 30.28
CA GLU A 209 -10.13 -20.08 28.92
C GLU A 209 -9.03 -20.39 27.91
N ILE A 210 -9.41 -21.02 26.80
CA ILE A 210 -8.46 -21.37 25.75
C ILE A 210 -8.72 -20.55 24.49
N VAL A 211 -7.82 -19.62 24.18
CA VAL A 211 -7.98 -18.78 23.01
C VAL A 211 -6.69 -18.74 22.18
N CYS A 212 -6.83 -18.67 20.87
CA CYS A 212 -5.68 -18.63 19.97
C CYS A 212 -5.55 -17.25 19.33
N LEU A 213 -4.32 -16.82 19.11
CA LEU A 213 -4.06 -15.51 18.49
C LEU A 213 -3.17 -15.65 17.27
N ILE A 214 -2.96 -14.54 16.57
CA ILE A 214 -2.13 -14.52 15.38
C ILE A 214 -0.79 -13.86 15.67
N ASP A 215 0.21 -14.15 14.84
CA ASP A 215 1.54 -13.58 15.02
C ASP A 215 1.95 -12.76 13.80
N PRO A 216 1.47 -11.52 13.69
CA PRO A 216 1.79 -10.63 12.57
C PRO A 216 3.25 -10.18 12.61
N GLY A 217 4.13 -11.06 12.15
CA GLY A 217 5.55 -10.74 12.14
C GLY A 217 6.26 -11.23 13.39
N CYS A 218 6.68 -10.30 14.24
CA CYS A 218 7.36 -10.65 15.48
C CYS A 218 6.69 -10.00 16.68
N PHE A 219 5.36 -10.02 16.68
CA PHE A 219 4.59 -9.43 17.78
C PHE A 219 4.72 -10.27 19.05
N ARG A 220 5.10 -11.53 18.90
CA ARG A 220 5.25 -12.43 20.04
C ARG A 220 6.05 -11.78 21.16
N GLU A 221 7.01 -10.93 20.78
CA GLU A 221 7.84 -10.24 21.76
C GLU A 221 6.99 -9.40 22.71
N ILE A 222 6.20 -8.50 22.13
CA ILE A 222 5.32 -7.64 22.93
C ILE A 222 4.31 -8.48 23.71
N ASP A 223 3.91 -9.60 23.12
CA ASP A 223 2.95 -10.50 23.76
C ASP A 223 3.57 -11.20 24.96
N GLU A 224 4.87 -11.49 24.86
CA GLU A 224 5.59 -12.17 25.93
C GLU A 224 5.80 -11.24 27.12
N LEU A 225 6.17 -10.00 26.82
CA LEU A 225 6.41 -9.00 27.86
C LEU A 225 5.12 -8.63 28.57
N ILE A 226 4.07 -8.37 27.80
CA ILE A 226 2.78 -8.00 28.35
C ILE A 226 2.16 -9.14 29.17
N LYS A 227 2.26 -10.35 28.65
CA LYS A 227 1.70 -11.52 29.33
C LYS A 227 2.44 -11.78 30.64
N LYS A 228 3.76 -11.63 30.61
CA LYS A 228 4.57 -11.85 31.79
C LYS A 228 4.31 -10.79 32.86
N GLU A 229 4.06 -9.57 32.42
CA GLU A 229 3.79 -8.47 33.33
C GLU A 229 2.32 -8.43 33.77
N THR A 230 1.46 -9.11 33.02
CA THR A 230 0.04 -9.16 33.35
C THR A 230 -0.36 -10.49 33.98
N LYS A 231 0.44 -11.53 33.74
CA LYS A 231 0.15 -12.85 34.29
C LYS A 231 1.33 -13.40 35.08
N GLY A 232 2.43 -12.64 35.15
CA GLY A 232 3.59 -13.10 35.89
C GLY A 232 4.18 -14.36 35.30
N LYS A 233 3.61 -15.49 35.66
CA LYS A 233 4.09 -16.78 35.16
C LYS A 233 3.05 -17.88 35.39
N GLY A 234 1.78 -17.49 35.38
CA GLY A 234 0.71 -18.45 35.59
C GLY A 234 -0.16 -18.64 34.36
N SER A 235 0.37 -18.27 33.20
CA SER A 235 -0.38 -18.41 31.95
C SER A 235 0.40 -19.25 30.94
N LEU A 236 -0.31 -19.89 30.03
CA LEU A 236 0.33 -20.73 29.02
C LEU A 236 0.21 -20.09 27.63
N GLU A 237 1.22 -20.33 26.79
CA GLU A 237 1.22 -19.79 25.44
C GLU A 237 1.99 -20.71 24.48
N VAL A 238 1.31 -21.16 23.43
CA VAL A 238 1.92 -22.04 22.45
C VAL A 238 2.22 -21.30 21.16
N LEU A 239 3.38 -21.61 20.56
CA LEU A 239 3.80 -20.96 19.32
C LEU A 239 3.79 -21.97 18.17
N ASN A 240 3.13 -21.60 17.08
CA ASN A 240 3.04 -22.47 15.91
C ASN A 240 3.80 -21.87 14.73
N LEU A 241 3.75 -22.55 13.59
CA LEU A 241 4.44 -22.08 12.39
C LEU A 241 3.56 -22.24 11.17
N LYS A 242 3.32 -21.13 10.46
CA LYS A 242 2.49 -21.15 9.26
C LYS A 242 2.95 -20.09 8.27
N ASP A 243 3.52 -20.53 7.16
CA ASP A 243 3.99 -19.61 6.13
C ASP A 243 2.90 -19.30 5.12
N VAL A 244 3.03 -18.18 4.43
CA VAL A 244 2.04 -17.77 3.43
C VAL A 244 1.91 -18.82 2.33
N GLU A 245 3.03 -19.45 1.97
CA GLU A 245 3.03 -20.48 0.94
C GLU A 245 4.43 -21.06 0.75
N GLU A 246 5.41 -20.17 0.57
CA GLU A 246 6.79 -20.59 0.39
C GLU A 246 6.96 -21.34 -0.94
N GLY A 247 6.43 -22.56 -0.99
CA GLY A 247 6.54 -23.36 -2.20
C GLY A 247 5.77 -24.66 -2.11
N ASP A 248 4.63 -24.62 -1.41
CA ASP A 248 3.80 -25.81 -1.24
C ASP A 248 2.33 -25.47 -1.44
N GLU A 249 1.46 -26.44 -1.20
CA GLU A 249 0.02 -26.27 -1.35
C GLU A 249 -0.43 -26.43 -2.81
N LYS A 250 0.53 -26.42 -3.73
CA LYS A 250 0.22 -26.57 -5.15
C LYS A 250 0.40 -28.02 -5.60
N PHE A 251 1.52 -28.61 -5.22
CA PHE A 251 1.81 -30.00 -5.59
C PHE A 251 1.73 -30.19 -7.10
N GLU A 252 2.87 -30.10 -7.77
CA GLU A 252 2.93 -30.28 -9.22
C GLU A 252 2.47 -31.68 -9.62
N MET A 3 -14.28 38.80 -14.49
CA MET A 3 -14.21 37.95 -13.27
C MET A 3 -13.07 36.95 -13.36
N SER A 4 -12.68 36.41 -12.20
CA SER A 4 -11.59 35.44 -12.15
C SER A 4 -11.67 34.60 -10.88
N ILE A 5 -10.76 33.65 -10.74
CA ILE A 5 -10.74 32.78 -9.57
C ILE A 5 -9.31 32.34 -9.25
N PHE A 6 -8.57 31.92 -10.26
CA PHE A 6 -7.19 31.48 -10.08
C PHE A 6 -6.29 32.07 -11.15
N THR A 7 -5.06 32.41 -10.77
CA THR A 7 -4.10 32.98 -11.72
C THR A 7 -3.33 31.88 -12.45
N PRO A 8 -2.74 30.93 -11.71
CA PRO A 8 -1.98 29.82 -12.31
C PRO A 8 -2.81 29.03 -13.32
N THR A 9 -2.52 29.22 -14.60
CA THR A 9 -3.23 28.52 -15.66
C THR A 9 -2.27 27.70 -16.52
N ASN A 10 -1.35 27.01 -15.86
CA ASN A 10 -0.37 26.19 -16.56
C ASN A 10 0.13 25.05 -15.68
N GLN A 11 -0.74 24.59 -14.78
CA GLN A 11 -0.39 23.50 -13.87
C GLN A 11 -1.56 23.16 -12.96
N ILE A 12 -1.96 24.10 -12.13
CA ILE A 12 -3.07 23.90 -11.21
C ILE A 12 -3.90 25.17 -11.06
N ARG A 13 -5.18 25.09 -11.44
CA ARG A 13 -6.07 26.25 -11.35
C ARG A 13 -7.30 25.92 -10.51
N LEU A 14 -7.09 25.23 -9.40
CA LEU A 14 -8.18 24.85 -8.51
C LEU A 14 -7.66 24.54 -7.10
N THR A 15 -6.68 23.65 -7.03
CA THR A 15 -6.09 23.27 -5.75
C THR A 15 -7.17 22.78 -4.77
N ASN A 16 -6.73 22.36 -3.58
CA ASN A 16 -7.64 21.87 -2.56
C ASN A 16 -8.15 20.48 -2.90
N VAL A 17 -8.83 20.37 -4.04
CA VAL A 17 -9.37 19.10 -4.50
C VAL A 17 -8.78 18.71 -5.85
N ALA A 18 -8.62 17.41 -6.07
CA ALA A 18 -8.08 16.92 -7.33
C ALA A 18 -9.16 16.84 -8.39
N VAL A 19 -8.84 17.25 -9.61
CA VAL A 19 -9.80 17.21 -10.70
C VAL A 19 -9.33 16.30 -11.82
N VAL A 20 -10.20 15.39 -12.23
CA VAL A 20 -9.89 14.46 -13.30
C VAL A 20 -10.68 14.79 -14.56
N ARG A 21 -10.00 14.76 -15.71
CA ARG A 21 -10.64 15.08 -16.98
C ARG A 21 -10.72 13.85 -17.88
N MET A 22 -11.64 13.88 -18.83
CA MET A 22 -11.83 12.77 -19.76
C MET A 22 -12.79 13.14 -20.87
N LYS A 23 -12.25 13.31 -22.08
CA LYS A 23 -13.07 13.68 -23.24
C LYS A 23 -13.68 12.43 -23.89
N ARG A 24 -14.97 12.50 -24.17
CA ARG A 24 -15.67 11.37 -24.80
C ARG A 24 -16.78 11.87 -25.71
N ALA A 25 -16.88 11.27 -26.89
CA ALA A 25 -17.90 11.66 -27.86
C ALA A 25 -17.72 13.10 -28.30
N GLY A 26 -16.47 13.57 -28.31
CA GLY A 26 -16.19 14.93 -28.70
C GLY A 26 -16.67 15.95 -27.68
N LYS A 27 -16.48 15.64 -26.40
CA LYS A 27 -16.90 16.53 -25.32
C LYS A 27 -15.84 16.58 -24.22
N ARG A 28 -16.00 17.52 -23.30
CA ARG A 28 -15.07 17.67 -22.19
C ARG A 28 -15.76 17.41 -20.85
N PHE A 29 -15.26 16.43 -20.11
CA PHE A 29 -15.82 16.08 -18.81
C PHE A 29 -14.78 16.20 -17.70
N GLU A 30 -15.23 16.68 -16.54
CA GLU A 30 -14.34 16.85 -15.39
C GLU A 30 -15.05 16.42 -14.12
N ILE A 31 -14.28 16.02 -13.11
CA ILE A 31 -14.86 15.58 -11.84
C ILE A 31 -13.99 15.97 -10.66
N ALA A 32 -14.61 16.48 -9.61
CA ALA A 32 -13.89 16.90 -8.41
C ALA A 32 -13.77 15.74 -7.42
N CYS A 33 -12.56 15.19 -7.32
CA CYS A 33 -12.30 14.08 -6.42
C CYS A 33 -11.01 14.29 -5.64
N TYR A 34 -10.70 13.34 -4.75
CA TYR A 34 -9.50 13.42 -3.93
C TYR A 34 -8.30 12.80 -4.64
N LYS A 35 -7.18 13.51 -4.62
CA LYS A 35 -5.96 13.02 -5.25
C LYS A 35 -5.44 11.77 -4.53
N ASN A 36 -5.68 11.71 -3.23
CA ASN A 36 -5.24 10.58 -2.42
C ASN A 36 -6.12 9.36 -2.65
N LYS A 37 -7.44 9.58 -2.66
CA LYS A 37 -8.39 8.49 -2.86
C LYS A 37 -8.38 8.04 -4.32
N VAL A 38 -8.21 8.99 -5.24
CA VAL A 38 -8.17 8.67 -6.66
C VAL A 38 -6.92 7.88 -7.00
N VAL A 39 -5.77 8.36 -6.55
CA VAL A 39 -4.50 7.68 -6.81
C VAL A 39 -4.50 6.28 -6.19
N GLY A 40 -4.99 6.20 -4.95
CA GLY A 40 -5.04 4.92 -4.26
C GLY A 40 -6.01 3.95 -4.92
N TRP A 41 -7.10 4.48 -5.46
CA TRP A 41 -8.11 3.66 -6.11
C TRP A 41 -7.56 3.09 -7.41
N ARG A 42 -7.08 3.96 -8.29
CA ARG A 42 -6.52 3.54 -9.57
C ARG A 42 -5.34 2.59 -9.37
N SER A 43 -4.58 2.82 -8.31
CA SER A 43 -3.43 1.98 -8.01
C SER A 43 -3.84 0.53 -7.79
N GLY A 44 -5.08 0.34 -7.33
CA GLY A 44 -5.58 -1.01 -7.10
C GLY A 44 -5.90 -1.27 -5.64
N VAL A 45 -6.18 -0.20 -4.90
CA VAL A 45 -6.50 -0.32 -3.48
C VAL A 45 -7.99 -0.06 -3.23
N GLU A 46 -8.56 -0.77 -2.26
CA GLU A 46 -9.97 -0.63 -1.93
C GLU A 46 -10.29 0.82 -1.53
N LYS A 47 -11.47 1.29 -1.94
CA LYS A 47 -11.88 2.65 -1.63
C LYS A 47 -13.37 2.84 -1.93
N ASP A 48 -14.02 3.70 -1.15
CA ASP A 48 -15.44 3.96 -1.32
C ASP A 48 -15.67 5.20 -2.20
N LEU A 49 -16.56 5.07 -3.17
CA LEU A 49 -16.88 6.16 -4.08
C LEU A 49 -17.39 7.38 -3.32
N ASP A 50 -18.25 7.13 -2.34
CA ASP A 50 -18.83 8.20 -1.53
C ASP A 50 -17.76 9.10 -0.91
N GLU A 51 -16.52 8.59 -0.81
CA GLU A 51 -15.44 9.36 -0.22
C GLU A 51 -14.47 9.89 -1.28
N VAL A 52 -14.04 9.01 -2.19
CA VAL A 52 -13.10 9.40 -3.23
C VAL A 52 -13.58 10.62 -4.00
N LEU A 53 -14.87 10.66 -4.31
CA LEU A 53 -15.44 11.79 -5.05
C LEU A 53 -15.82 12.93 -4.11
N GLN A 54 -15.49 14.15 -4.51
CA GLN A 54 -15.79 15.33 -3.70
C GLN A 54 -17.15 15.89 -4.06
N THR A 55 -17.38 16.13 -5.35
CA THR A 55 -18.67 16.66 -5.81
C THR A 55 -19.51 15.57 -6.46
N HIS A 56 -18.90 14.41 -6.71
CA HIS A 56 -19.59 13.28 -7.33
C HIS A 56 -20.01 13.59 -8.76
N SER A 57 -21.14 14.28 -8.92
CA SER A 57 -21.66 14.63 -10.25
C SER A 57 -20.53 15.04 -11.19
N VAL A 58 -20.63 14.60 -12.45
CA VAL A 58 -19.61 14.93 -13.44
C VAL A 58 -19.73 16.39 -13.87
N PHE A 59 -18.65 17.14 -13.67
CA PHE A 59 -18.62 18.55 -14.01
C PHE A 59 -18.13 18.78 -15.44
N VAL A 60 -17.97 20.04 -15.78
CA VAL A 60 -17.48 20.44 -17.09
C VAL A 60 -16.34 21.44 -16.94
N ASN A 61 -16.55 22.39 -16.04
CA ASN A 61 -15.54 23.42 -15.75
C ASN A 61 -15.47 23.65 -14.25
N VAL A 62 -14.98 22.64 -13.53
CA VAL A 62 -14.84 22.71 -12.07
C VAL A 62 -14.14 23.98 -11.64
N SER A 63 -13.04 24.31 -12.31
CA SER A 63 -12.26 25.50 -12.00
C SER A 63 -13.16 26.74 -11.92
N LYS A 64 -14.27 26.69 -12.65
CA LYS A 64 -15.23 27.80 -12.65
C LYS A 64 -16.50 27.43 -11.91
N GLY A 65 -16.80 26.13 -11.85
CA GLY A 65 -17.99 25.67 -11.16
C GLY A 65 -19.13 25.38 -12.11
N GLN A 66 -18.82 24.68 -13.21
CA GLN A 66 -19.84 24.33 -14.20
C GLN A 66 -20.10 22.83 -14.19
N VAL A 67 -21.27 22.44 -13.73
CA VAL A 67 -21.65 21.03 -13.67
C VAL A 67 -22.15 20.52 -15.02
N ALA A 68 -21.94 19.24 -15.26
CA ALA A 68 -22.37 18.61 -16.51
C ALA A 68 -23.77 18.01 -16.37
N LYS A 69 -24.68 18.42 -17.24
CA LYS A 69 -26.04 17.92 -17.22
C LYS A 69 -26.09 16.41 -17.44
N LYS A 70 -27.00 15.74 -16.76
CA LYS A 70 -27.15 14.29 -16.88
C LYS A 70 -27.48 13.90 -18.32
N GLU A 71 -28.22 14.78 -19.01
CA GLU A 71 -28.59 14.53 -20.40
C GLU A 71 -27.36 14.31 -21.26
N ASP A 72 -26.32 15.11 -21.02
CA ASP A 72 -25.08 15.00 -21.77
C ASP A 72 -24.26 13.81 -21.28
N LEU A 73 -24.27 13.59 -19.97
CA LEU A 73 -23.53 12.48 -19.37
C LEU A 73 -23.96 11.15 -19.98
N ILE A 74 -25.26 11.04 -20.28
CA ILE A 74 -25.80 9.83 -20.86
C ILE A 74 -25.59 9.80 -22.38
N SER A 75 -25.94 10.89 -23.04
CA SER A 75 -25.78 10.99 -24.48
C SER A 75 -24.33 10.76 -24.90
N ALA A 76 -23.40 10.97 -23.98
CA ALA A 76 -21.99 10.80 -24.26
C ALA A 76 -21.49 9.41 -23.82
N PHE A 77 -21.82 9.04 -22.59
CA PHE A 77 -21.41 7.75 -22.05
C PHE A 77 -22.48 6.69 -22.26
N GLY A 78 -23.71 7.02 -21.87
CA GLY A 78 -24.81 6.08 -22.01
C GLY A 78 -25.00 5.20 -20.79
N THR A 79 -24.75 5.76 -19.62
CA THR A 79 -24.89 5.02 -18.37
C THR A 79 -25.88 5.70 -17.43
N ASP A 80 -25.82 7.03 -17.38
CA ASP A 80 -26.70 7.81 -16.52
C ASP A 80 -26.31 7.67 -15.06
N ASP A 81 -25.05 7.31 -14.82
CA ASP A 81 -24.55 7.14 -13.46
C ASP A 81 -23.24 7.90 -13.27
N GLN A 82 -23.33 9.16 -12.84
CA GLN A 82 -22.16 9.99 -12.63
C GLN A 82 -21.08 9.24 -11.83
N THR A 83 -21.51 8.37 -10.92
CA THR A 83 -20.58 7.60 -10.11
C THR A 83 -19.74 6.68 -10.99
N GLU A 84 -20.41 5.81 -11.74
CA GLU A 84 -19.72 4.88 -12.63
C GLU A 84 -18.87 5.65 -13.64
N ILE A 85 -19.43 6.72 -14.18
CA ILE A 85 -18.72 7.55 -15.14
C ILE A 85 -17.44 8.09 -14.53
N CYS A 86 -17.51 8.45 -13.25
CA CYS A 86 -16.34 8.97 -12.55
C CYS A 86 -15.27 7.90 -12.42
N LYS A 87 -15.69 6.68 -12.11
CA LYS A 87 -14.77 5.56 -11.98
C LYS A 87 -13.97 5.37 -13.26
N GLN A 88 -14.68 5.33 -14.38
CA GLN A 88 -14.03 5.18 -15.68
C GLN A 88 -13.07 6.33 -15.94
N ILE A 89 -13.48 7.54 -15.56
CA ILE A 89 -12.67 8.72 -15.73
C ILE A 89 -11.48 8.70 -14.77
N LEU A 90 -11.63 8.00 -13.66
CA LEU A 90 -10.57 7.90 -12.66
C LEU A 90 -9.50 6.91 -13.10
N THR A 91 -9.91 5.88 -13.82
CA THR A 91 -8.98 4.86 -14.30
C THR A 91 -8.53 5.13 -15.73
N LYS A 92 -9.40 5.76 -16.52
CA LYS A 92 -9.08 6.07 -17.91
C LYS A 92 -8.70 7.54 -18.08
N GLY A 93 -9.38 8.42 -17.33
CA GLY A 93 -9.10 9.84 -17.41
C GLY A 93 -7.76 10.20 -16.79
N GLU A 94 -7.44 11.49 -16.81
CA GLU A 94 -6.18 11.97 -16.26
C GLU A 94 -6.43 12.85 -15.02
N VAL A 95 -5.82 12.46 -13.91
CA VAL A 95 -5.97 13.20 -12.67
C VAL A 95 -5.01 14.39 -12.62
N GLN A 96 -5.58 15.60 -12.58
CA GLN A 96 -4.78 16.82 -12.54
C GLN A 96 -4.58 17.28 -11.10
N VAL A 97 -3.36 17.15 -10.60
CA VAL A 97 -3.03 17.56 -9.24
C VAL A 97 -2.05 18.72 -9.24
N SER A 98 -1.97 19.43 -8.11
CA SER A 98 -1.06 20.55 -7.97
C SER A 98 0.37 20.09 -7.75
N ASP A 99 1.32 21.01 -7.85
CA ASP A 99 2.73 20.69 -7.64
C ASP A 99 3.01 20.39 -6.17
N LYS A 100 2.39 21.16 -5.29
CA LYS A 100 2.58 20.97 -3.86
C LYS A 100 2.22 19.55 -3.44
N GLU A 101 1.17 19.00 -4.03
CA GLU A 101 0.73 17.65 -3.72
C GLU A 101 1.76 16.63 -4.17
N ARG A 102 2.21 16.75 -5.42
CA ARG A 102 3.20 15.84 -5.97
C ARG A 102 4.47 15.85 -5.13
N HIS A 103 4.78 17.00 -4.55
CA HIS A 103 5.98 17.14 -3.72
C HIS A 103 5.82 16.37 -2.42
N THR A 104 4.76 16.67 -1.68
CA THR A 104 4.51 16.00 -0.40
C THR A 104 4.35 14.50 -0.61
N GLN A 105 3.75 14.11 -1.73
CA GLN A 105 3.54 12.70 -2.03
C GLN A 105 4.86 12.00 -2.30
N LEU A 106 5.70 12.63 -3.13
CA LEU A 106 7.00 12.07 -3.47
C LEU A 106 7.87 11.91 -2.23
N GLU A 107 7.73 12.84 -1.29
CA GLU A 107 8.51 12.81 -0.06
C GLU A 107 8.07 11.64 0.82
N GLN A 108 6.77 11.55 1.06
CA GLN A 108 6.22 10.48 1.89
C GLN A 108 6.40 9.13 1.23
N MET A 109 6.24 9.09 -0.09
CA MET A 109 6.41 7.85 -0.85
C MET A 109 7.83 7.33 -0.74
N PHE A 110 8.79 8.19 -1.02
CA PHE A 110 10.20 7.81 -0.96
C PHE A 110 10.58 7.37 0.45
N ARG A 111 10.09 8.09 1.45
CA ARG A 111 10.36 7.76 2.84
C ARG A 111 9.80 6.38 3.19
N ASP A 112 8.60 6.10 2.70
CA ASP A 112 7.95 4.82 2.97
C ASP A 112 8.78 3.67 2.44
N ILE A 113 9.07 3.70 1.14
CA ILE A 113 9.86 2.66 0.50
C ILE A 113 11.20 2.48 1.23
N ALA A 114 11.81 3.59 1.62
CA ALA A 114 13.08 3.55 2.32
C ALA A 114 12.93 2.90 3.68
N THR A 115 11.90 3.29 4.42
CA THR A 115 11.65 2.73 5.74
C THR A 115 11.45 1.23 5.66
N ILE A 116 10.89 0.75 4.56
CA ILE A 116 10.65 -0.67 4.36
C ILE A 116 11.95 -1.41 4.05
N VAL A 117 12.79 -0.80 3.22
CA VAL A 117 14.07 -1.40 2.84
C VAL A 117 15.12 -1.24 3.95
N ALA A 118 14.94 -0.22 4.78
CA ALA A 118 15.89 0.04 5.86
C ALA A 118 15.41 -0.56 7.18
N ASP A 119 14.10 -0.49 7.43
CA ASP A 119 13.52 -1.03 8.66
C ASP A 119 12.95 -2.42 8.46
N LYS A 120 12.43 -2.68 7.26
CA LYS A 120 11.86 -3.99 6.94
C LYS A 120 12.81 -4.81 6.08
N CYS A 121 14.11 -4.68 6.34
CA CYS A 121 15.11 -5.42 5.59
C CYS A 121 16.48 -5.31 6.27
N VAL A 122 17.35 -6.28 6.00
CA VAL A 122 18.68 -6.29 6.58
C VAL A 122 19.75 -6.51 5.52
N ASN A 123 21.01 -6.37 5.92
CA ASN A 123 22.13 -6.56 5.01
C ASN A 123 22.75 -7.94 5.17
N PRO A 124 22.72 -8.77 4.10
CA PRO A 124 23.28 -10.13 4.15
C PRO A 124 24.74 -10.14 4.59
N GLU A 125 25.42 -9.01 4.42
CA GLU A 125 26.81 -8.89 4.81
C GLU A 125 27.02 -9.29 6.27
N THR A 126 26.34 -8.58 7.17
CA THR A 126 26.46 -8.87 8.60
C THR A 126 25.21 -8.39 9.35
N LYS A 127 24.07 -8.46 8.68
CA LYS A 127 22.80 -8.04 9.29
C LYS A 127 22.86 -6.57 9.69
N ARG A 128 23.65 -5.79 8.97
CA ARG A 128 23.80 -4.37 9.26
C ARG A 128 22.48 -3.63 9.04
N PRO A 129 21.85 -3.14 10.13
CA PRO A 129 20.58 -2.42 10.04
C PRO A 129 20.67 -1.20 9.12
N TYR A 130 19.88 -1.20 8.05
CA TYR A 130 19.87 -0.10 7.10
C TYR A 130 18.94 1.02 7.57
N THR A 131 19.29 2.26 7.23
CA THR A 131 18.48 3.41 7.60
C THR A 131 18.01 4.19 6.38
N VAL A 132 16.94 4.94 6.54
CA VAL A 132 16.39 5.74 5.44
C VAL A 132 17.47 6.52 4.71
N ILE A 133 18.53 6.88 5.44
CA ILE A 133 19.64 7.62 4.86
C ILE A 133 20.38 6.78 3.83
N LEU A 134 20.67 5.53 4.20
CA LEU A 134 21.39 4.62 3.31
C LEU A 134 20.52 4.26 2.10
N ILE A 135 19.22 4.11 2.33
CA ILE A 135 18.29 3.77 1.27
C ILE A 135 18.18 4.91 0.26
N GLU A 136 17.90 6.11 0.75
CA GLU A 136 17.77 7.28 -0.10
C GLU A 136 19.05 7.51 -0.90
N ARG A 137 20.19 7.34 -0.25
CA ARG A 137 21.49 7.53 -0.91
C ARG A 137 21.64 6.57 -2.09
N ALA A 138 21.42 5.28 -1.83
CA ALA A 138 21.53 4.26 -2.86
C ALA A 138 20.50 4.47 -3.96
N MET A 139 19.25 4.70 -3.55
CA MET A 139 18.17 4.91 -4.51
C MET A 139 18.47 6.10 -5.42
N LYS A 140 19.06 7.15 -4.85
CA LYS A 140 19.40 8.34 -5.62
C LYS A 140 20.64 8.10 -6.48
N ASP A 141 21.62 7.42 -5.91
CA ASP A 141 22.87 7.13 -6.62
C ASP A 141 22.58 6.34 -7.89
N ILE A 142 21.68 5.38 -7.81
CA ILE A 142 21.32 4.56 -8.95
C ILE A 142 20.24 5.22 -9.82
N HIS A 143 19.73 6.36 -9.35
CA HIS A 143 18.70 7.09 -10.09
C HIS A 143 17.43 6.24 -10.22
N TYR A 144 16.70 6.11 -9.12
CA TYR A 144 15.47 5.32 -9.11
C TYR A 144 14.27 6.18 -9.50
N SER A 145 13.22 5.55 -10.01
CA SER A 145 12.02 6.25 -10.42
C SER A 145 10.83 5.81 -9.59
N VAL A 146 10.26 6.73 -8.82
CA VAL A 146 9.11 6.43 -7.98
C VAL A 146 7.80 6.73 -8.70
N LYS A 147 6.88 5.78 -8.69
CA LYS A 147 5.59 5.94 -9.35
C LYS A 147 4.51 6.35 -8.33
N THR A 148 4.20 7.64 -8.30
CA THR A 148 3.19 8.15 -7.38
C THR A 148 1.86 7.44 -7.58
N ASN A 149 1.64 6.91 -8.77
CA ASN A 149 0.40 6.20 -9.08
C ASN A 149 0.59 4.69 -8.95
N LYS A 150 1.47 4.29 -8.04
CA LYS A 150 1.73 2.87 -7.81
C LYS A 150 1.71 2.55 -6.32
N SER A 151 1.67 1.25 -6.00
CA SER A 151 1.63 0.81 -4.62
C SER A 151 3.04 0.58 -4.09
N THR A 152 3.22 0.82 -2.79
CA THR A 152 4.53 0.64 -2.16
C THR A 152 4.96 -0.83 -2.22
N LYS A 153 4.11 -1.72 -1.72
CA LYS A 153 4.41 -3.15 -1.70
C LYS A 153 4.88 -3.61 -3.09
N GLN A 154 4.12 -3.25 -4.12
CA GLN A 154 4.46 -3.64 -5.48
C GLN A 154 5.82 -3.06 -5.88
N GLN A 155 6.15 -1.90 -5.34
CA GLN A 155 7.42 -1.25 -5.65
C GLN A 155 8.58 -1.97 -4.98
N ALA A 156 8.28 -2.66 -3.87
CA ALA A 156 9.32 -3.39 -3.14
C ALA A 156 10.12 -4.31 -4.06
N LEU A 157 9.42 -5.00 -4.95
CA LEU A 157 10.07 -5.91 -5.89
C LEU A 157 11.08 -5.16 -6.75
N GLU A 158 10.63 -4.08 -7.37
CA GLU A 158 11.50 -3.28 -8.22
C GLU A 158 12.69 -2.75 -7.44
N VAL A 159 12.45 -2.33 -6.21
CA VAL A 159 13.51 -1.79 -5.36
C VAL A 159 14.60 -2.83 -5.14
N ILE A 160 14.19 -4.05 -4.82
CA ILE A 160 15.14 -5.14 -4.57
C ILE A 160 15.98 -5.42 -5.81
N LYS A 161 15.31 -5.59 -6.95
CA LYS A 161 16.00 -5.86 -8.20
C LYS A 161 16.92 -4.70 -8.59
N GLN A 162 16.40 -3.48 -8.48
CA GLN A 162 17.17 -2.29 -8.82
C GLN A 162 18.38 -2.14 -7.88
N LEU A 163 18.11 -2.05 -6.59
CA LEU A 163 19.17 -1.90 -5.60
C LEU A 163 20.18 -3.04 -5.69
N LYS A 164 19.74 -4.17 -6.23
CA LYS A 164 20.62 -5.34 -6.38
C LYS A 164 21.89 -4.98 -7.13
N GLU A 165 21.80 -3.99 -8.01
CA GLU A 165 22.96 -3.55 -8.78
C GLU A 165 24.00 -2.88 -7.88
N LYS A 166 23.53 -2.24 -6.82
CA LYS A 166 24.42 -1.57 -5.89
C LYS A 166 24.57 -2.38 -4.60
N MET A 167 23.47 -2.50 -3.86
CA MET A 167 23.47 -3.25 -2.61
C MET A 167 22.33 -4.26 -2.58
N LYS A 168 22.67 -5.52 -2.32
CA LYS A 168 21.68 -6.58 -2.26
C LYS A 168 20.76 -6.42 -1.04
N ILE A 169 19.55 -6.93 -1.16
CA ILE A 169 18.58 -6.84 -0.07
C ILE A 169 17.98 -8.21 0.25
N GLU A 170 17.65 -8.42 1.52
CA GLU A 170 17.07 -9.69 1.96
C GLU A 170 16.12 -9.49 3.13
N ARG A 171 14.95 -10.11 3.04
CA ARG A 171 13.95 -10.00 4.09
C ARG A 171 14.07 -11.16 5.08
N ALA A 172 14.07 -10.83 6.37
CA ALA A 172 14.19 -11.84 7.41
C ALA A 172 13.11 -11.68 8.47
N HIS A 173 12.52 -12.79 8.88
CA HIS A 173 11.47 -12.77 9.90
C HIS A 173 11.80 -13.76 11.02
N MET A 174 11.11 -13.61 12.16
CA MET A 174 11.35 -14.48 13.30
C MET A 174 10.36 -14.22 14.42
N ARG A 175 9.90 -15.29 15.06
CA ARG A 175 8.95 -15.19 16.17
C ARG A 175 9.70 -15.05 17.48
N LEU A 176 9.11 -14.32 18.43
CA LEU A 176 9.76 -14.12 19.73
C LEU A 176 8.85 -14.54 20.88
N ARG A 177 9.47 -14.87 22.01
CA ARG A 177 8.75 -15.29 23.20
C ARG A 177 9.32 -14.59 24.42
N PHE A 178 8.46 -13.98 25.23
CA PHE A 178 8.91 -13.26 26.42
C PHE A 178 8.07 -13.64 27.64
N ILE A 179 8.74 -13.76 28.78
CA ILE A 179 8.07 -14.10 30.03
C ILE A 179 8.53 -13.17 31.15
N LEU A 180 7.65 -12.25 31.54
CA LEU A 180 7.97 -11.30 32.60
C LEU A 180 7.16 -11.59 33.86
N PRO A 181 7.62 -11.09 35.02
CA PRO A 181 6.93 -11.29 36.30
C PRO A 181 5.52 -10.71 36.29
N VAL A 182 4.88 -10.74 37.45
CA VAL A 182 3.52 -10.25 37.58
C VAL A 182 3.49 -8.72 37.61
N ASN A 183 4.59 -8.11 38.08
CA ASN A 183 4.68 -6.66 38.17
C ASN A 183 5.06 -6.04 36.82
N GLU A 184 6.19 -6.45 36.29
CA GLU A 184 6.66 -5.93 35.00
C GLU A 184 5.92 -6.57 33.82
N GLY A 185 5.35 -7.74 34.05
CA GLY A 185 4.63 -8.43 33.00
C GLY A 185 3.56 -7.58 32.35
N LYS A 186 3.04 -6.61 33.10
CA LYS A 186 2.00 -5.72 32.59
C LYS A 186 2.60 -4.62 31.71
N LYS A 187 3.84 -4.23 32.01
CA LYS A 187 4.51 -3.18 31.25
C LYS A 187 5.06 -3.72 29.92
N LEU A 188 5.42 -4.98 29.91
CA LEU A 188 5.96 -5.62 28.70
C LEU A 188 4.91 -5.67 27.59
N LYS A 189 3.81 -6.35 27.86
CA LYS A 189 2.73 -6.49 26.89
C LYS A 189 2.32 -5.14 26.28
N GLU A 190 1.90 -4.21 27.13
CA GLU A 190 1.48 -2.90 26.69
C GLU A 190 2.55 -2.21 25.85
N LYS A 191 3.80 -2.35 26.27
CA LYS A 191 4.92 -1.72 25.57
C LYS A 191 5.36 -2.53 24.35
N LEU A 192 4.77 -3.71 24.16
CA LEU A 192 5.13 -4.57 23.03
C LEU A 192 3.96 -4.75 22.06
N LYS A 193 2.73 -4.59 22.57
CA LYS A 193 1.55 -4.76 21.74
C LYS A 193 1.57 -3.80 20.55
N PRO A 194 1.79 -2.49 20.80
CA PRO A 194 1.83 -1.48 19.74
C PRO A 194 3.17 -1.45 19.02
N LEU A 195 4.24 -1.74 19.76
CA LEU A 195 5.58 -1.74 19.20
C LEU A 195 5.77 -2.87 18.19
N ILE A 196 5.28 -4.06 18.54
CA ILE A 196 5.41 -5.22 17.66
C ILE A 196 4.21 -6.14 17.76
N LYS A 197 3.91 -6.86 16.67
CA LYS A 197 2.79 -7.78 16.64
C LYS A 197 3.01 -8.93 17.61
N VAL A 198 2.24 -8.95 18.69
CA VAL A 198 2.36 -9.99 19.70
C VAL A 198 1.26 -11.04 19.55
N ILE A 199 1.61 -12.30 19.80
CA ILE A 199 0.67 -13.39 19.69
C ILE A 199 0.79 -14.34 20.88
N GLU A 200 -0.26 -15.11 21.12
CA GLU A 200 -0.27 -16.06 22.25
C GLU A 200 -0.08 -15.33 23.57
N SER A 201 -1.09 -14.57 23.97
CA SER A 201 -1.04 -13.83 25.23
C SER A 201 -1.53 -14.68 26.40
N GLU A 202 -0.60 -15.16 27.20
CA GLU A 202 -0.93 -15.99 28.36
C GLU A 202 -0.62 -15.25 29.66
N ASP A 203 -1.65 -14.98 30.44
CA ASP A 203 -1.48 -14.29 31.71
C ASP A 203 -2.51 -14.77 32.74
N TYR A 204 -2.02 -15.25 33.88
CA TYR A 204 -2.89 -15.75 34.94
C TYR A 204 -3.09 -14.68 36.01
N GLY A 205 -4.25 -14.72 36.66
CA GLY A 205 -4.56 -13.76 37.70
C GLY A 205 -3.45 -13.63 38.73
N GLN A 206 -2.84 -12.46 38.80
CA GLN A 206 -1.75 -12.22 39.75
C GLN A 206 -0.58 -13.17 39.47
N GLN A 207 -0.38 -13.50 38.20
CA GLN A 207 0.70 -14.39 37.80
C GLN A 207 1.60 -13.72 36.76
N LEU A 208 2.65 -14.42 36.35
CA LEU A 208 3.58 -13.91 35.37
C LEU A 208 2.96 -13.89 33.97
N GLU A 209 3.37 -12.93 33.16
CA GLU A 209 2.84 -12.81 31.80
C GLU A 209 3.76 -13.45 30.76
N ILE A 210 3.16 -14.16 29.81
CA ILE A 210 3.92 -14.82 28.76
C ILE A 210 3.35 -14.45 27.39
N VAL A 211 4.06 -13.62 26.65
CA VAL A 211 3.62 -13.20 25.33
C VAL A 211 4.71 -13.34 24.29
N CYS A 212 4.32 -13.69 23.07
CA CYS A 212 5.26 -13.85 21.97
C CYS A 212 5.08 -12.72 20.95
N LEU A 213 6.11 -12.48 20.15
CA LEU A 213 6.03 -11.41 19.16
C LEU A 213 6.89 -11.70 17.94
N ILE A 214 6.34 -11.44 16.76
CA ILE A 214 7.05 -11.67 15.51
C ILE A 214 7.53 -10.35 14.91
N ASP A 215 8.82 -10.28 14.61
CA ASP A 215 9.40 -9.06 14.04
C ASP A 215 10.40 -9.39 12.94
N PRO A 216 10.42 -8.58 11.86
CA PRO A 216 11.34 -8.79 10.75
C PRO A 216 12.75 -8.26 11.04
N GLY A 217 13.59 -8.22 10.01
CA GLY A 217 14.94 -7.73 10.20
C GLY A 217 14.98 -6.26 10.61
N CYS A 218 16.06 -5.86 11.25
CA CYS A 218 16.22 -4.48 11.71
C CYS A 218 15.34 -4.19 12.92
N PHE A 219 14.03 -4.37 12.76
CA PHE A 219 13.08 -4.13 13.84
C PHE A 219 13.56 -4.74 15.15
N ARG A 220 14.32 -5.83 15.06
CA ARG A 220 14.84 -6.51 16.24
C ARG A 220 15.53 -5.53 17.18
N GLU A 221 16.06 -4.44 16.62
CA GLU A 221 16.75 -3.43 17.41
C GLU A 221 15.79 -2.75 18.38
N ILE A 222 14.73 -2.16 17.83
CA ILE A 222 13.74 -1.47 18.64
C ILE A 222 13.04 -2.43 19.60
N ASP A 223 12.72 -3.62 19.10
CA ASP A 223 12.05 -4.63 19.90
C ASP A 223 12.91 -5.02 21.10
N GLU A 224 14.08 -5.59 20.83
CA GLU A 224 14.99 -5.99 21.89
C GLU A 224 15.28 -4.85 22.85
N LEU A 225 15.34 -3.64 22.32
CA LEU A 225 15.62 -2.45 23.12
C LEU A 225 14.55 -2.28 24.21
N ILE A 226 13.32 -2.05 23.78
CA ILE A 226 12.21 -1.87 24.72
C ILE A 226 12.04 -3.10 25.62
N LYS A 227 12.24 -4.27 25.04
CA LYS A 227 12.10 -5.52 25.79
C LYS A 227 13.12 -5.58 26.93
N LYS A 228 14.37 -5.28 26.62
CA LYS A 228 15.43 -5.30 27.63
C LYS A 228 15.21 -4.22 28.69
N GLU A 229 14.60 -3.11 28.27
CA GLU A 229 14.34 -2.00 29.18
C GLU A 229 13.16 -2.32 30.11
N THR A 230 12.25 -3.16 29.62
CA THR A 230 11.07 -3.54 30.41
C THR A 230 11.38 -4.73 31.31
N LYS A 231 12.27 -5.61 30.85
CA LYS A 231 12.64 -6.78 31.62
C LYS A 231 13.77 -6.46 32.61
N GLY A 232 14.58 -5.45 32.28
CA GLY A 232 15.68 -5.07 33.13
C GLY A 232 16.64 -6.22 33.39
N LYS A 233 16.81 -7.08 32.40
CA LYS A 233 17.71 -8.22 32.52
C LYS A 233 17.24 -9.15 33.64
N GLY A 234 15.93 -9.19 33.87
CA GLY A 234 15.37 -10.04 34.91
C GLY A 234 14.16 -10.82 34.45
N SER A 235 14.16 -11.20 33.18
CA SER A 235 13.05 -11.96 32.61
C SER A 235 13.56 -13.07 31.69
N LEU A 236 12.64 -13.92 31.24
CA LEU A 236 12.99 -15.02 30.35
C LEU A 236 12.35 -14.83 28.98
N GLU A 237 13.19 -14.83 27.93
CA GLU A 237 12.71 -14.65 26.58
C GLU A 237 13.33 -15.68 25.63
N VAL A 238 12.49 -16.41 24.92
CA VAL A 238 12.95 -17.43 23.98
C VAL A 238 12.76 -16.96 22.54
N LEU A 239 13.73 -17.28 21.68
CA LEU A 239 13.67 -16.88 20.28
C LEU A 239 13.34 -18.08 19.39
N ASN A 240 12.64 -17.83 18.30
CA ASN A 240 12.26 -18.89 17.37
C ASN A 240 13.14 -18.86 16.12
N LEU A 241 12.84 -19.75 15.17
CA LEU A 241 13.61 -19.83 13.94
C LEU A 241 13.10 -18.81 12.91
N LYS A 242 13.86 -18.64 11.84
CA LYS A 242 13.49 -17.70 10.78
C LYS A 242 12.56 -18.37 9.76
N ASP A 243 11.58 -17.60 9.27
CA ASP A 243 10.64 -18.12 8.29
C ASP A 243 10.79 -17.40 6.94
N VAL A 244 10.80 -18.18 5.87
CA VAL A 244 10.95 -17.62 4.53
C VAL A 244 9.72 -17.90 3.67
N GLU A 245 9.09 -19.06 3.89
CA GLU A 245 7.91 -19.43 3.13
C GLU A 245 6.65 -18.87 3.78
N GLU A 246 6.15 -17.76 3.25
CA GLU A 246 4.95 -17.12 3.77
C GLU A 246 3.97 -16.78 2.65
N GLY A 247 3.89 -17.66 1.66
CA GLY A 247 3.00 -17.44 0.54
C GLY A 247 3.75 -17.21 -0.77
N ASP A 248 4.94 -17.80 -0.88
CA ASP A 248 5.75 -17.66 -2.08
C ASP A 248 5.59 -18.88 -2.98
N GLU A 249 6.36 -18.90 -4.07
CA GLU A 249 6.32 -20.01 -5.03
C GLU A 249 4.88 -20.39 -5.37
N LYS A 250 4.72 -21.51 -6.06
CA LYS A 250 3.40 -22.00 -6.45
C LYS A 250 2.73 -21.02 -7.40
N PHE A 251 2.96 -21.20 -8.69
CA PHE A 251 2.38 -20.33 -9.71
C PHE A 251 1.77 -21.15 -10.84
N GLU A 252 2.57 -22.08 -11.38
CA GLU A 252 2.11 -22.93 -12.48
C GLU A 252 1.99 -24.39 -12.02
N MET A 3 -2.95 27.58 -21.86
CA MET A 3 -2.62 26.14 -21.73
C MET A 3 -3.00 25.60 -20.36
N SER A 4 -2.61 26.32 -19.32
CA SER A 4 -2.90 25.92 -17.95
C SER A 4 -4.41 25.82 -17.73
N ILE A 5 -4.80 25.50 -16.50
CA ILE A 5 -6.22 25.38 -16.15
C ILE A 5 -6.71 26.62 -15.42
N PHE A 6 -5.94 27.06 -14.42
CA PHE A 6 -6.30 28.24 -13.65
C PHE A 6 -5.13 28.71 -12.80
N THR A 7 -4.54 27.79 -12.04
CA THR A 7 -3.41 28.11 -11.18
C THR A 7 -3.79 29.15 -10.13
N PRO A 8 -3.71 28.80 -8.83
CA PRO A 8 -4.05 29.72 -7.75
C PRO A 8 -3.11 30.91 -7.68
N THR A 9 -3.55 32.05 -8.22
CA THR A 9 -2.74 33.26 -8.22
C THR A 9 -3.55 34.46 -7.74
N ASN A 10 -4.77 34.61 -8.29
CA ASN A 10 -5.64 35.72 -7.92
C ASN A 10 -7.02 35.55 -8.51
N GLN A 11 -7.08 35.07 -9.75
CA GLN A 11 -8.36 34.87 -10.43
C GLN A 11 -9.26 33.93 -9.64
N ILE A 12 -8.71 32.80 -9.21
CA ILE A 12 -9.46 31.82 -8.45
C ILE A 12 -8.53 30.85 -7.72
N ARG A 13 -8.47 30.99 -6.40
CA ARG A 13 -7.61 30.13 -5.59
C ARG A 13 -8.41 28.94 -5.03
N LEU A 14 -8.87 28.08 -5.92
CA LEU A 14 -9.64 26.91 -5.52
C LEU A 14 -8.72 25.83 -4.93
N THR A 15 -8.12 25.02 -5.80
CA THR A 15 -7.22 23.95 -5.36
C THR A 15 -7.86 23.13 -4.25
N ASN A 16 -7.03 22.38 -3.52
CA ASN A 16 -7.49 21.54 -2.42
C ASN A 16 -8.11 20.25 -2.95
N VAL A 17 -9.16 20.39 -3.74
CA VAL A 17 -9.84 19.22 -4.31
C VAL A 17 -9.23 18.83 -5.66
N ALA A 18 -9.06 17.53 -5.87
CA ALA A 18 -8.50 17.03 -7.12
C ALA A 18 -9.51 17.11 -8.25
N VAL A 19 -9.02 17.41 -9.45
CA VAL A 19 -9.89 17.51 -10.62
C VAL A 19 -9.38 16.63 -11.75
N VAL A 20 -10.19 15.64 -12.13
CA VAL A 20 -9.81 14.73 -13.20
C VAL A 20 -10.68 14.96 -14.44
N ARG A 21 -10.04 15.00 -15.60
CA ARG A 21 -10.76 15.23 -16.86
C ARG A 21 -10.56 14.05 -17.81
N MET A 22 -11.50 13.90 -18.75
CA MET A 22 -11.43 12.83 -19.73
C MET A 22 -12.26 13.16 -20.96
N LYS A 23 -11.63 13.13 -22.13
CA LYS A 23 -12.32 13.42 -23.38
C LYS A 23 -13.01 12.19 -23.94
N ARG A 24 -14.31 12.29 -24.16
CA ARG A 24 -15.09 11.18 -24.69
C ARG A 24 -16.31 11.69 -25.47
N ALA A 25 -16.59 11.05 -26.60
CA ALA A 25 -17.71 11.44 -27.44
C ALA A 25 -17.57 12.87 -27.90
N GLY A 26 -16.33 13.34 -28.04
CA GLY A 26 -16.10 14.70 -28.49
C GLY A 26 -16.09 15.69 -27.34
N LYS A 27 -17.15 15.68 -26.55
CA LYS A 27 -17.26 16.59 -25.41
C LYS A 27 -16.25 16.23 -24.33
N ARG A 28 -16.07 17.13 -23.37
CA ARG A 28 -15.13 16.91 -22.27
C ARG A 28 -15.85 16.89 -20.93
N PHE A 29 -15.43 16.01 -20.03
CA PHE A 29 -16.03 15.91 -18.72
C PHE A 29 -14.97 15.94 -17.62
N GLU A 30 -15.38 16.35 -16.42
CA GLU A 30 -14.46 16.44 -15.29
C GLU A 30 -15.18 16.14 -13.98
N ILE A 31 -14.46 15.59 -13.01
CA ILE A 31 -15.05 15.28 -11.71
C ILE A 31 -14.15 15.74 -10.57
N ALA A 32 -14.77 16.19 -9.48
CA ALA A 32 -14.04 16.66 -8.32
C ALA A 32 -13.89 15.56 -7.28
N CYS A 33 -12.67 15.02 -7.17
CA CYS A 33 -12.38 13.94 -6.23
C CYS A 33 -11.09 14.21 -5.47
N TYR A 34 -10.75 13.30 -4.55
CA TYR A 34 -9.54 13.43 -3.74
C TYR A 34 -8.30 12.97 -4.48
N LYS A 35 -7.20 13.68 -4.27
CA LYS A 35 -5.93 13.33 -4.91
C LYS A 35 -5.42 11.99 -4.40
N ASN A 36 -5.53 11.78 -3.10
CA ASN A 36 -5.08 10.55 -2.48
C ASN A 36 -6.05 9.39 -2.76
N LYS A 37 -7.34 9.69 -2.76
CA LYS A 37 -8.36 8.68 -3.03
C LYS A 37 -8.37 8.30 -4.50
N VAL A 38 -8.19 9.28 -5.37
CA VAL A 38 -8.18 9.03 -6.80
C VAL A 38 -6.95 8.22 -7.21
N VAL A 39 -5.78 8.67 -6.75
CA VAL A 39 -4.54 7.97 -7.05
C VAL A 39 -4.57 6.54 -6.51
N GLY A 40 -5.00 6.41 -5.26
CA GLY A 40 -5.08 5.10 -4.64
C GLY A 40 -6.07 4.20 -5.36
N TRP A 41 -7.21 4.76 -5.75
CA TRP A 41 -8.25 4.01 -6.45
C TRP A 41 -7.66 3.38 -7.72
N ARG A 42 -7.08 4.21 -8.56
CA ARG A 42 -6.47 3.74 -9.81
C ARG A 42 -5.40 2.69 -9.51
N SER A 43 -4.68 2.90 -8.41
CA SER A 43 -3.64 1.96 -8.01
C SER A 43 -4.21 0.57 -7.76
N GLY A 44 -5.45 0.53 -7.29
CA GLY A 44 -6.10 -0.74 -7.02
C GLY A 44 -6.38 -0.96 -5.55
N VAL A 45 -6.51 0.13 -4.80
CA VAL A 45 -6.78 0.06 -3.37
C VAL A 45 -8.28 0.13 -3.09
N GLU A 46 -8.70 -0.50 -1.99
CA GLU A 46 -10.11 -0.51 -1.61
C GLU A 46 -10.60 0.91 -1.33
N LYS A 47 -11.27 1.50 -2.32
CA LYS A 47 -11.81 2.85 -2.17
C LYS A 47 -13.25 2.92 -2.68
N ASP A 48 -14.08 3.70 -1.99
CA ASP A 48 -15.48 3.84 -2.38
C ASP A 48 -15.75 5.21 -2.98
N LEU A 49 -16.81 5.30 -3.78
CA LEU A 49 -17.19 6.55 -4.42
C LEU A 49 -17.54 7.62 -3.39
N ASP A 50 -18.15 7.18 -2.29
CA ASP A 50 -18.54 8.09 -1.22
C ASP A 50 -17.34 8.62 -0.44
N GLU A 51 -16.15 8.09 -0.73
CA GLU A 51 -14.93 8.52 -0.04
C GLU A 51 -13.90 9.08 -1.01
N VAL A 52 -14.05 8.80 -2.30
CA VAL A 52 -13.10 9.28 -3.29
C VAL A 52 -13.61 10.53 -4.02
N LEU A 53 -14.92 10.58 -4.27
CA LEU A 53 -15.51 11.72 -4.97
C LEU A 53 -15.90 12.81 -3.98
N GLN A 54 -15.54 14.05 -4.29
CA GLN A 54 -15.86 15.19 -3.44
C GLN A 54 -17.22 15.77 -3.79
N THR A 55 -17.44 15.98 -5.09
CA THR A 55 -18.71 16.53 -5.55
C THR A 55 -19.59 15.46 -6.22
N HIS A 56 -18.97 14.33 -6.57
CA HIS A 56 -19.69 13.22 -7.19
C HIS A 56 -20.15 13.58 -8.61
N SER A 57 -21.22 14.37 -8.69
CA SER A 57 -21.78 14.78 -9.98
C SER A 57 -20.68 15.12 -10.98
N VAL A 58 -20.91 14.75 -12.24
CA VAL A 58 -19.94 15.00 -13.29
C VAL A 58 -19.94 16.48 -13.68
N PHE A 59 -18.80 17.13 -13.50
CA PHE A 59 -18.66 18.55 -13.83
C PHE A 59 -18.21 18.75 -15.27
N VAL A 60 -18.03 20.02 -15.62
CA VAL A 60 -17.58 20.40 -16.95
C VAL A 60 -16.38 21.32 -16.85
N ASN A 61 -16.47 22.29 -15.95
CA ASN A 61 -15.40 23.25 -15.72
C ASN A 61 -15.20 23.46 -14.22
N VAL A 62 -14.69 22.43 -13.54
CA VAL A 62 -14.47 22.49 -12.10
C VAL A 62 -13.61 23.69 -11.73
N SER A 63 -12.65 24.02 -12.61
CA SER A 63 -11.76 25.15 -12.37
C SER A 63 -12.56 26.41 -12.06
N LYS A 64 -13.75 26.51 -12.63
CA LYS A 64 -14.62 27.66 -12.42
C LYS A 64 -15.84 27.27 -11.61
N GLY A 65 -16.22 26.00 -11.69
CA GLY A 65 -17.39 25.52 -10.96
C GLY A 65 -18.61 25.36 -11.86
N GLN A 66 -18.44 24.66 -12.96
CA GLN A 66 -19.52 24.43 -13.91
C GLN A 66 -19.90 22.95 -13.95
N VAL A 67 -21.12 22.65 -13.54
CA VAL A 67 -21.59 21.28 -13.51
C VAL A 67 -22.12 20.85 -14.88
N ALA A 68 -22.10 19.54 -15.13
CA ALA A 68 -22.57 19.00 -16.41
C ALA A 68 -24.04 18.64 -16.33
N LYS A 69 -24.61 18.23 -17.46
CA LYS A 69 -26.02 17.85 -17.51
C LYS A 69 -26.17 16.34 -17.68
N LYS A 70 -27.16 15.78 -17.02
CA LYS A 70 -27.42 14.34 -17.10
C LYS A 70 -27.66 13.91 -18.54
N GLU A 71 -28.26 14.80 -19.33
CA GLU A 71 -28.54 14.52 -20.73
C GLU A 71 -27.25 14.21 -21.50
N ASP A 72 -26.24 15.04 -21.28
CA ASP A 72 -24.95 14.86 -21.95
C ASP A 72 -24.22 13.66 -21.38
N LEU A 73 -24.40 13.42 -20.08
CA LEU A 73 -23.75 12.29 -19.41
C LEU A 73 -24.18 10.97 -20.03
N ILE A 74 -25.49 10.82 -20.23
CA ILE A 74 -26.04 9.59 -20.80
C ILE A 74 -25.81 9.55 -22.30
N SER A 75 -25.84 10.71 -22.94
CA SER A 75 -25.64 10.80 -24.39
C SER A 75 -24.17 10.56 -24.75
N ALA A 76 -23.29 10.75 -23.78
CA ALA A 76 -21.86 10.56 -24.01
C ALA A 76 -21.37 9.23 -23.44
N PHE A 77 -22.07 8.72 -22.43
CA PHE A 77 -21.69 7.46 -21.80
C PHE A 77 -22.79 6.41 -21.96
N GLY A 78 -24.03 6.83 -21.73
CA GLY A 78 -25.15 5.91 -21.85
C GLY A 78 -25.32 5.05 -20.61
N THR A 79 -24.87 5.55 -19.47
CA THR A 79 -24.98 4.82 -18.21
C THR A 79 -25.93 5.53 -17.25
N ASP A 80 -25.95 6.86 -17.33
CA ASP A 80 -26.81 7.66 -16.46
C ASP A 80 -26.36 7.57 -15.00
N ASP A 81 -25.11 7.16 -14.80
CA ASP A 81 -24.55 7.04 -13.46
C ASP A 81 -23.26 7.84 -13.33
N GLN A 82 -23.38 9.07 -12.83
CA GLN A 82 -22.21 9.94 -12.66
C GLN A 82 -21.10 9.23 -11.89
N THR A 83 -21.49 8.33 -10.98
CA THR A 83 -20.51 7.58 -10.20
C THR A 83 -19.67 6.69 -11.11
N GLU A 84 -20.35 5.85 -11.89
CA GLU A 84 -19.67 4.96 -12.82
C GLU A 84 -18.85 5.77 -13.82
N ILE A 85 -19.44 6.84 -14.32
CA ILE A 85 -18.77 7.71 -15.27
C ILE A 85 -17.50 8.29 -14.65
N CYS A 86 -17.60 8.60 -13.36
CA CYS A 86 -16.46 9.15 -12.62
C CYS A 86 -15.32 8.14 -12.59
N LYS A 87 -15.66 6.89 -12.30
CA LYS A 87 -14.66 5.83 -12.25
C LYS A 87 -13.91 5.73 -13.57
N GLN A 88 -14.66 5.71 -14.67
CA GLN A 88 -14.08 5.62 -16.00
C GLN A 88 -13.10 6.78 -16.23
N ILE A 89 -13.50 7.97 -15.83
CA ILE A 89 -12.67 9.16 -15.99
C ILE A 89 -11.50 9.13 -15.00
N LEU A 90 -11.69 8.43 -13.89
CA LEU A 90 -10.66 8.32 -12.86
C LEU A 90 -9.57 7.35 -13.29
N THR A 91 -9.96 6.32 -14.02
CA THR A 91 -9.02 5.31 -14.49
C THR A 91 -8.49 5.65 -15.88
N LYS A 92 -9.33 6.29 -16.69
CA LYS A 92 -8.94 6.67 -18.04
C LYS A 92 -8.53 8.13 -18.11
N GLY A 93 -9.30 8.99 -17.47
CA GLY A 93 -9.01 10.41 -17.47
C GLY A 93 -7.75 10.74 -16.69
N GLU A 94 -7.29 11.99 -16.82
CA GLU A 94 -6.10 12.44 -16.11
C GLU A 94 -6.48 13.21 -14.85
N VAL A 95 -5.95 12.77 -13.72
CA VAL A 95 -6.22 13.41 -12.44
C VAL A 95 -5.22 14.52 -12.15
N GLN A 96 -5.72 15.67 -11.74
CA GLN A 96 -4.87 16.82 -11.43
C GLN A 96 -4.34 16.74 -10.01
N VAL A 97 -3.06 16.39 -9.86
CA VAL A 97 -2.45 16.28 -8.55
C VAL A 97 -1.25 17.21 -8.42
N SER A 98 -0.99 17.68 -7.21
CA SER A 98 0.13 18.57 -6.95
C SER A 98 1.30 17.81 -6.33
N ASP A 99 2.45 18.48 -6.23
CA ASP A 99 3.63 17.87 -5.66
C ASP A 99 3.39 17.45 -4.21
N LYS A 100 2.52 18.20 -3.52
CA LYS A 100 2.19 17.91 -2.14
C LYS A 100 1.47 16.58 -2.01
N GLU A 101 0.37 16.44 -2.76
CA GLU A 101 -0.41 15.21 -2.73
C GLU A 101 0.43 14.02 -3.18
N ARG A 102 1.18 14.20 -4.25
CA ARG A 102 2.03 13.14 -4.78
C ARG A 102 3.11 12.75 -3.77
N HIS A 103 3.61 13.75 -3.04
CA HIS A 103 4.64 13.49 -2.03
C HIS A 103 4.04 12.81 -0.81
N THR A 104 2.84 13.20 -0.44
CA THR A 104 2.16 12.62 0.71
C THR A 104 1.95 11.13 0.52
N GLN A 105 1.50 10.75 -0.67
CA GLN A 105 1.26 9.34 -0.98
C GLN A 105 2.57 8.55 -0.94
N LEU A 106 3.64 9.16 -1.43
CA LEU A 106 4.94 8.51 -1.43
C LEU A 106 5.41 8.20 -0.02
N GLU A 107 5.32 9.20 0.86
CA GLU A 107 5.73 9.03 2.24
C GLU A 107 4.90 7.94 2.92
N GLN A 108 3.59 8.01 2.75
CA GLN A 108 2.68 7.04 3.33
C GLN A 108 2.98 5.63 2.81
N MET A 109 3.30 5.54 1.52
CA MET A 109 3.62 4.27 0.90
C MET A 109 4.91 3.70 1.47
N PHE A 110 5.90 4.57 1.68
CA PHE A 110 7.18 4.15 2.22
C PHE A 110 7.01 3.54 3.61
N ARG A 111 6.30 4.24 4.48
CA ARG A 111 6.06 3.76 5.83
C ARG A 111 5.25 2.46 5.81
N ASP A 112 4.32 2.38 4.87
CA ASP A 112 3.49 1.19 4.74
C ASP A 112 4.34 -0.04 4.45
N ILE A 113 5.19 0.05 3.44
CA ILE A 113 6.06 -1.06 3.07
C ILE A 113 6.99 -1.42 4.22
N ALA A 114 7.49 -0.40 4.92
CA ALA A 114 8.39 -0.62 6.05
C ALA A 114 7.68 -1.30 7.20
N THR A 115 6.47 -0.84 7.52
CA THR A 115 5.68 -1.41 8.60
C THR A 115 5.40 -2.89 8.35
N ILE A 116 5.08 -3.23 7.10
CA ILE A 116 4.80 -4.61 6.74
C ILE A 116 6.05 -5.47 6.81
N VAL A 117 7.18 -4.91 6.39
CA VAL A 117 8.45 -5.63 6.39
C VAL A 117 9.01 -5.72 7.81
N ALA A 118 8.67 -4.76 8.65
CA ALA A 118 9.15 -4.74 10.03
C ALA A 118 8.18 -5.44 10.97
N ASP A 119 6.89 -5.43 10.60
CA ASP A 119 5.86 -6.06 11.41
C ASP A 119 5.65 -7.52 11.00
N LYS A 120 5.29 -7.72 9.74
CA LYS A 120 5.05 -9.06 9.23
C LYS A 120 6.19 -9.52 8.32
N CYS A 121 7.40 -9.55 8.89
CA CYS A 121 8.58 -9.97 8.13
C CYS A 121 9.83 -9.93 9.00
N VAL A 122 10.85 -10.68 8.60
CA VAL A 122 12.10 -10.73 9.34
C VAL A 122 13.28 -11.01 8.41
N ASN A 123 14.49 -10.91 8.95
CA ASN A 123 15.69 -11.15 8.17
C ASN A 123 15.98 -12.66 8.07
N PRO A 124 16.17 -13.17 6.84
CA PRO A 124 16.45 -14.60 6.62
C PRO A 124 17.89 -14.97 6.90
N GLU A 125 18.69 -14.00 7.32
CA GLU A 125 20.10 -14.24 7.62
C GLU A 125 20.32 -14.39 9.13
N THR A 126 19.69 -13.52 9.90
CA THR A 126 19.82 -13.55 11.36
C THR A 126 18.52 -14.00 12.03
N LYS A 127 17.43 -13.98 11.26
CA LYS A 127 16.12 -14.38 11.79
C LYS A 127 15.68 -13.44 12.91
N ARG A 128 16.01 -12.16 12.77
CA ARG A 128 15.65 -11.16 13.77
C ARG A 128 14.87 -10.01 13.13
N PRO A 129 13.79 -9.55 13.78
CA PRO A 129 12.97 -8.45 13.27
C PRO A 129 13.74 -7.13 13.21
N TYR A 130 13.81 -6.54 12.02
CA TYR A 130 14.52 -5.28 11.85
C TYR A 130 13.62 -4.10 12.19
N THR A 131 14.17 -2.90 12.14
CA THR A 131 13.42 -1.69 12.44
C THR A 131 12.96 -0.99 11.17
N VAL A 132 11.80 -0.36 11.23
CA VAL A 132 11.25 0.35 10.07
C VAL A 132 12.25 1.34 9.50
N ILE A 133 13.10 1.88 10.37
CA ILE A 133 14.11 2.85 9.94
C ILE A 133 15.19 2.16 9.11
N LEU A 134 15.52 0.93 9.47
CA LEU A 134 16.53 0.17 8.76
C LEU A 134 16.04 -0.22 7.37
N ILE A 135 14.80 -0.71 7.31
CA ILE A 135 14.20 -1.11 6.05
C ILE A 135 14.07 0.08 5.10
N GLU A 136 13.55 1.19 5.63
CA GLU A 136 13.38 2.40 4.84
C GLU A 136 14.73 2.89 4.32
N ARG A 137 15.75 2.83 5.17
CA ARG A 137 17.08 3.27 4.80
C ARG A 137 17.60 2.45 3.63
N ALA A 138 17.39 1.13 3.68
CA ALA A 138 17.84 0.25 2.62
C ALA A 138 17.16 0.60 1.30
N MET A 139 15.85 0.82 1.36
CA MET A 139 15.09 1.16 0.16
C MET A 139 15.60 2.47 -0.45
N LYS A 140 15.95 3.41 0.41
CA LYS A 140 16.47 4.71 -0.04
C LYS A 140 17.88 4.56 -0.59
N ASP A 141 18.70 3.74 0.08
CA ASP A 141 20.07 3.52 -0.34
C ASP A 141 20.12 2.92 -1.74
N ILE A 142 19.18 2.01 -2.02
CA ILE A 142 19.11 1.36 -3.31
C ILE A 142 18.50 2.29 -4.38
N HIS A 143 18.04 3.46 -3.94
CA HIS A 143 17.43 4.43 -4.85
C HIS A 143 16.10 3.94 -5.37
N TYR A 144 15.21 3.56 -4.46
CA TYR A 144 13.89 3.07 -4.83
C TYR A 144 13.00 4.22 -5.30
N SER A 145 11.95 3.89 -6.04
CA SER A 145 11.02 4.90 -6.56
C SER A 145 9.66 4.78 -5.88
N VAL A 146 9.14 3.56 -5.82
CA VAL A 146 7.84 3.31 -5.21
C VAL A 146 6.73 4.00 -5.99
N LYS A 147 6.11 3.25 -6.91
CA LYS A 147 5.03 3.79 -7.72
C LYS A 147 3.75 3.96 -6.91
N THR A 148 3.31 5.21 -6.77
CA THR A 148 2.11 5.50 -6.01
C THR A 148 0.91 4.73 -6.56
N ASN A 149 0.99 4.34 -7.83
CA ASN A 149 -0.08 3.59 -8.47
C ASN A 149 0.18 2.09 -8.42
N LYS A 150 0.90 1.65 -7.39
CA LYS A 150 1.21 0.24 -7.21
C LYS A 150 0.76 -0.25 -5.85
N SER A 151 0.04 -1.38 -5.83
CA SER A 151 -0.46 -1.96 -4.59
C SER A 151 0.70 -2.43 -3.71
N THR A 152 0.44 -2.52 -2.40
CA THR A 152 1.45 -2.94 -1.45
C THR A 152 1.92 -4.36 -1.76
N LYS A 153 1.00 -5.32 -1.67
CA LYS A 153 1.33 -6.72 -1.93
C LYS A 153 2.03 -6.88 -3.27
N GLN A 154 1.55 -6.17 -4.28
CA GLN A 154 2.14 -6.23 -5.61
C GLN A 154 3.54 -5.62 -5.61
N GLN A 155 3.75 -4.63 -4.75
CA GLN A 155 5.04 -3.96 -4.65
C GLN A 155 6.05 -4.84 -3.91
N ALA A 156 5.56 -5.67 -3.00
CA ALA A 156 6.41 -6.56 -2.22
C ALA A 156 7.35 -7.36 -3.12
N LEU A 157 6.87 -7.68 -4.33
CA LEU A 157 7.67 -8.44 -5.28
C LEU A 157 8.93 -7.69 -5.67
N GLU A 158 8.76 -6.48 -6.16
CA GLU A 158 9.90 -5.65 -6.56
C GLU A 158 10.76 -5.29 -5.36
N VAL A 159 10.13 -5.10 -4.21
CA VAL A 159 10.84 -4.76 -2.98
C VAL A 159 11.83 -5.84 -2.61
N ILE A 160 11.34 -7.07 -2.44
CA ILE A 160 12.20 -8.20 -2.08
C ILE A 160 13.26 -8.45 -3.15
N LYS A 161 12.84 -8.39 -4.42
CA LYS A 161 13.76 -8.62 -5.52
C LYS A 161 14.87 -7.58 -5.54
N GLN A 162 14.49 -6.31 -5.41
CA GLN A 162 15.45 -5.21 -5.41
C GLN A 162 16.34 -5.28 -4.17
N LEU A 163 15.71 -5.29 -3.00
CA LEU A 163 16.43 -5.35 -1.74
C LEU A 163 17.27 -6.62 -1.64
N LYS A 164 16.90 -7.63 -2.41
CA LYS A 164 17.61 -8.91 -2.40
C LYS A 164 19.11 -8.70 -2.63
N GLU A 165 19.44 -7.63 -3.35
CA GLU A 165 20.84 -7.33 -3.64
C GLU A 165 21.56 -6.82 -2.39
N LYS A 166 20.84 -6.05 -1.57
CA LYS A 166 21.41 -5.50 -0.34
C LYS A 166 21.00 -6.34 0.86
N MET A 167 19.72 -6.24 1.23
CA MET A 167 19.19 -6.99 2.36
C MET A 167 17.96 -7.80 1.97
N LYS A 168 18.11 -9.12 1.98
CA LYS A 168 17.01 -10.01 1.61
C LYS A 168 15.91 -9.97 2.67
N ILE A 169 14.66 -10.09 2.22
CA ILE A 169 13.52 -10.07 3.12
C ILE A 169 12.92 -11.47 3.27
N GLU A 170 12.19 -11.68 4.36
CA GLU A 170 11.57 -12.97 4.62
C GLU A 170 10.18 -12.80 5.26
N ARG A 171 9.15 -13.22 4.53
CA ARG A 171 7.78 -13.11 5.02
C ARG A 171 7.21 -14.49 5.32
N ALA A 172 6.88 -14.73 6.58
CA ALA A 172 6.32 -16.02 7.00
C ALA A 172 5.51 -15.88 8.28
N HIS A 173 4.54 -16.78 8.44
CA HIS A 173 3.69 -16.77 9.63
C HIS A 173 4.15 -17.81 10.64
N MET A 174 3.58 -17.79 11.83
CA MET A 174 3.95 -18.74 12.87
C MET A 174 2.76 -19.06 13.78
N ARG A 175 2.24 -20.26 13.63
CA ARG A 175 1.11 -20.71 14.43
C ARG A 175 1.51 -21.93 15.26
N LEU A 176 1.80 -21.70 16.53
CA LEU A 176 2.22 -22.77 17.43
C LEU A 176 1.10 -23.20 18.38
N ARG A 177 1.40 -24.18 19.21
CA ARG A 177 0.46 -24.70 20.20
C ARG A 177 1.22 -25.12 21.46
N PHE A 178 0.60 -24.94 22.62
CA PHE A 178 1.26 -25.28 23.87
C PHE A 178 0.34 -26.03 24.83
N ILE A 179 0.88 -27.05 25.46
CA ILE A 179 0.16 -27.86 26.43
C ILE A 179 1.02 -28.08 27.67
N LEU A 180 0.68 -27.41 28.75
CA LEU A 180 1.46 -27.52 29.99
C LEU A 180 0.64 -28.15 31.12
N PRO A 181 1.32 -28.87 32.03
CA PRO A 181 0.66 -29.53 33.16
C PRO A 181 -0.13 -28.55 34.03
N VAL A 182 -0.40 -28.95 35.26
CA VAL A 182 -1.15 -28.11 36.20
C VAL A 182 -0.30 -26.99 36.77
N ASN A 183 0.98 -27.25 36.99
CA ASN A 183 1.88 -26.25 37.55
C ASN A 183 2.39 -25.27 36.49
N GLU A 184 3.04 -25.80 35.46
CA GLU A 184 3.58 -24.97 34.38
C GLU A 184 2.47 -24.23 33.64
N GLY A 185 1.27 -24.81 33.64
CA GLY A 185 0.15 -24.18 32.96
C GLY A 185 -0.11 -22.76 33.43
N LYS A 186 -0.26 -22.58 34.74
CA LYS A 186 -0.52 -21.26 35.32
C LYS A 186 0.66 -20.32 35.09
N LYS A 187 1.84 -20.88 34.87
CA LYS A 187 3.04 -20.07 34.65
C LYS A 187 3.17 -19.68 33.18
N LEU A 188 3.02 -20.64 32.28
CA LEU A 188 3.12 -20.39 30.85
C LEU A 188 2.02 -19.45 30.36
N LYS A 189 0.88 -19.46 31.05
CA LYS A 189 -0.24 -18.62 30.69
C LYS A 189 0.17 -17.15 30.61
N GLU A 190 0.57 -16.60 31.75
CA GLU A 190 0.97 -15.19 31.81
C GLU A 190 2.27 -14.94 31.05
N LYS A 191 3.06 -15.99 30.85
CA LYS A 191 4.32 -15.88 30.15
C LYS A 191 4.15 -15.97 28.63
N LEU A 192 2.98 -16.41 28.19
CA LEU A 192 2.70 -16.54 26.77
C LEU A 192 1.63 -15.54 26.30
N LYS A 193 0.74 -15.16 27.20
CA LYS A 193 -0.32 -14.22 26.88
C LYS A 193 0.24 -12.92 26.29
N PRO A 194 1.19 -12.27 27.00
CA PRO A 194 1.79 -11.02 26.54
C PRO A 194 2.89 -11.23 25.49
N LEU A 195 3.72 -12.25 25.71
CA LEU A 195 4.81 -12.54 24.78
C LEU A 195 4.30 -12.68 23.35
N ILE A 196 3.30 -13.54 23.15
CA ILE A 196 2.73 -13.76 21.82
C ILE A 196 1.21 -13.86 21.89
N LYS A 197 0.55 -13.62 20.76
CA LYS A 197 -0.90 -13.69 20.69
C LYS A 197 -1.39 -15.11 20.96
N VAL A 198 -2.03 -15.30 22.11
CA VAL A 198 -2.55 -16.61 22.50
C VAL A 198 -4.04 -16.70 22.25
N ILE A 199 -4.51 -17.90 21.95
CA ILE A 199 -5.93 -18.13 21.70
C ILE A 199 -6.35 -19.55 22.12
N GLU A 200 -7.65 -19.72 22.37
CA GLU A 200 -8.17 -21.01 22.78
C GLU A 200 -7.55 -21.45 24.10
N SER A 201 -7.23 -20.48 24.95
CA SER A 201 -6.63 -20.76 26.24
C SER A 201 -7.68 -21.21 27.26
N GLU A 202 -7.54 -22.43 27.75
CA GLU A 202 -8.48 -22.98 28.72
C GLU A 202 -7.78 -23.92 29.68
N ASP A 203 -8.00 -23.72 30.98
CA ASP A 203 -7.38 -24.55 32.00
C ASP A 203 -8.27 -24.65 33.23
N TYR A 204 -8.02 -25.69 34.04
CA TYR A 204 -8.80 -25.90 35.26
C TYR A 204 -8.00 -25.48 36.48
N GLY A 205 -8.71 -25.05 37.53
CA GLY A 205 -8.05 -24.62 38.76
C GLY A 205 -7.00 -25.61 39.23
N GLN A 206 -7.19 -26.88 38.88
CA GLN A 206 -6.25 -27.94 39.28
C GLN A 206 -6.04 -28.93 38.16
N GLN A 207 -5.87 -28.42 36.94
CA GLN A 207 -5.65 -29.27 35.78
C GLN A 207 -4.63 -28.64 34.82
N LEU A 208 -4.33 -29.36 33.75
CA LEU A 208 -3.36 -28.87 32.76
C LEU A 208 -3.96 -27.74 31.92
N GLU A 209 -3.11 -26.82 31.48
CA GLU A 209 -3.56 -25.69 30.68
C GLU A 209 -3.25 -25.89 29.20
N ILE A 210 -4.21 -25.55 28.35
CA ILE A 210 -4.05 -25.67 26.90
C ILE A 210 -4.17 -24.32 26.22
N VAL A 211 -3.07 -23.85 25.64
CA VAL A 211 -3.06 -22.57 24.96
C VAL A 211 -2.44 -22.69 23.58
N CYS A 212 -2.96 -21.91 22.62
CA CYS A 212 -2.45 -21.94 21.27
C CYS A 212 -1.70 -20.65 20.94
N LEU A 213 -0.65 -20.77 20.13
CA LEU A 213 0.16 -19.63 19.73
C LEU A 213 -0.07 -19.24 18.28
N ILE A 214 -0.26 -17.95 18.04
CA ILE A 214 -0.49 -17.44 16.69
C ILE A 214 0.06 -16.04 16.53
N ASP A 215 0.92 -15.85 15.52
CA ASP A 215 1.52 -14.54 15.27
C ASP A 215 2.60 -14.65 14.19
N PRO A 216 2.62 -13.71 13.21
CA PRO A 216 3.59 -13.72 12.13
C PRO A 216 4.95 -13.20 12.58
N GLY A 217 5.98 -13.51 11.80
CA GLY A 217 7.34 -13.06 12.13
C GLY A 217 8.20 -14.17 12.68
N CYS A 218 9.40 -13.81 13.13
CA CYS A 218 10.34 -14.79 13.68
C CYS A 218 10.32 -14.75 15.21
N PHE A 219 9.13 -14.69 15.78
CA PHE A 219 8.99 -14.65 17.23
C PHE A 219 9.61 -15.88 17.89
N ARG A 220 9.79 -16.95 17.11
CA ARG A 220 10.37 -18.19 17.62
C ARG A 220 11.63 -17.93 18.45
N GLU A 221 12.33 -16.84 18.12
CA GLU A 221 13.54 -16.49 18.85
C GLU A 221 13.23 -16.15 20.30
N ILE A 222 12.47 -15.08 20.51
CA ILE A 222 12.10 -14.66 21.85
C ILE A 222 11.28 -15.73 22.55
N ASP A 223 10.41 -16.38 21.78
CA ASP A 223 9.56 -17.44 22.32
C ASP A 223 10.41 -18.61 22.79
N GLU A 224 11.33 -19.04 21.95
CA GLU A 224 12.21 -20.16 22.29
C GLU A 224 12.96 -19.90 23.59
N LEU A 225 13.52 -18.70 23.70
CA LEU A 225 14.27 -18.31 24.89
C LEU A 225 13.40 -18.43 26.12
N ILE A 226 12.33 -17.64 26.18
CA ILE A 226 11.41 -17.67 27.30
C ILE A 226 10.79 -19.07 27.44
N LYS A 227 10.70 -19.78 26.31
CA LYS A 227 10.15 -21.12 26.30
C LYS A 227 10.99 -22.06 27.16
N LYS A 228 12.30 -22.03 26.94
CA LYS A 228 13.22 -22.88 27.69
C LYS A 228 13.28 -22.45 29.15
N GLU A 229 13.29 -21.14 29.39
CA GLU A 229 13.38 -20.61 30.74
C GLU A 229 12.03 -20.66 31.47
N THR A 230 10.96 -20.91 30.74
CA THR A 230 9.63 -20.96 31.34
C THR A 230 9.09 -22.38 31.41
N LYS A 231 9.47 -23.21 30.44
CA LYS A 231 9.02 -24.60 30.41
C LYS A 231 10.05 -25.53 31.03
N GLY A 232 11.32 -25.13 30.95
CA GLY A 232 12.39 -25.95 31.51
C GLY A 232 12.41 -27.35 30.91
N LYS A 233 11.92 -27.47 29.68
CA LYS A 233 11.89 -28.78 29.00
C LYS A 233 10.96 -29.74 29.73
N GLY A 234 9.90 -29.21 30.32
CA GLY A 234 8.96 -30.04 31.04
C GLY A 234 7.53 -29.86 30.55
N SER A 235 7.38 -29.31 29.36
CA SER A 235 6.06 -29.09 28.78
C SER A 235 6.00 -29.60 27.34
N LEU A 236 4.80 -29.58 26.75
CA LEU A 236 4.62 -30.04 25.38
C LEU A 236 4.30 -28.88 24.45
N GLU A 237 5.00 -28.82 23.32
CA GLU A 237 4.79 -27.77 22.34
C GLU A 237 4.53 -28.37 20.95
N VAL A 238 3.33 -28.14 20.43
CA VAL A 238 2.96 -28.66 19.12
C VAL A 238 2.91 -27.55 18.07
N LEU A 239 3.24 -27.90 16.83
CA LEU A 239 3.22 -26.93 15.74
C LEU A 239 1.98 -27.12 14.88
N ASN A 240 1.37 -26.01 14.46
CA ASN A 240 0.17 -26.06 13.64
C ASN A 240 0.54 -26.23 12.16
N LEU A 241 0.94 -25.13 11.53
CA LEU A 241 1.30 -25.16 10.11
C LEU A 241 2.29 -24.04 9.78
N LYS A 242 2.79 -24.04 8.55
CA LYS A 242 3.72 -23.03 8.09
C LYS A 242 3.19 -22.29 6.88
N ASP A 243 2.84 -21.02 7.08
CA ASP A 243 2.31 -20.20 5.99
C ASP A 243 3.41 -19.81 5.01
N VAL A 244 3.22 -20.16 3.74
CA VAL A 244 4.20 -19.84 2.71
C VAL A 244 3.51 -19.42 1.40
N GLU A 245 4.28 -18.83 0.51
CA GLU A 245 3.74 -18.38 -0.78
C GLU A 245 4.67 -18.79 -1.92
N GLU A 246 4.59 -20.06 -2.32
CA GLU A 246 5.42 -20.57 -3.40
C GLU A 246 4.86 -20.15 -4.76
N GLY A 247 3.53 -20.10 -4.85
CA GLY A 247 2.90 -19.71 -6.10
C GLY A 247 1.46 -19.30 -5.91
N ASP A 248 0.65 -20.20 -5.33
CA ASP A 248 -0.75 -19.91 -5.10
C ASP A 248 -1.08 -19.97 -3.60
N GLU A 249 -2.31 -19.59 -3.26
CA GLU A 249 -2.74 -19.60 -1.87
C GLU A 249 -2.91 -21.03 -1.36
N LYS A 250 -3.16 -21.96 -2.29
CA LYS A 250 -3.35 -23.36 -1.93
C LYS A 250 -4.60 -23.53 -1.06
N PHE A 251 -5.74 -23.70 -1.71
CA PHE A 251 -6.99 -23.89 -0.99
C PHE A 251 -7.05 -25.27 -0.34
N GLU A 252 -6.53 -26.28 -1.03
CA GLU A 252 -6.52 -27.63 -0.52
C GLU A 252 -5.39 -27.83 0.49
N MET A 3 -14.70 32.50 -1.97
CA MET A 3 -15.74 33.47 -1.55
C MET A 3 -17.06 33.20 -2.26
N SER A 4 -16.99 32.95 -3.56
CA SER A 4 -18.19 32.67 -4.35
C SER A 4 -18.28 31.18 -4.70
N ILE A 5 -19.44 30.77 -5.20
CA ILE A 5 -19.66 29.38 -5.58
C ILE A 5 -19.80 28.48 -4.36
N PHE A 6 -18.76 28.44 -3.55
CA PHE A 6 -18.76 27.62 -2.33
C PHE A 6 -19.62 28.23 -1.25
N THR A 7 -20.55 27.45 -0.73
CA THR A 7 -21.45 27.92 0.32
C THR A 7 -20.88 27.62 1.71
N PRO A 8 -20.48 26.36 1.97
CA PRO A 8 -19.92 25.96 3.27
C PRO A 8 -18.66 26.75 3.61
N THR A 9 -18.83 27.79 4.42
CA THR A 9 -17.71 28.64 4.82
C THR A 9 -17.09 29.35 3.63
N ASN A 10 -16.79 30.63 3.79
CA ASN A 10 -16.21 31.43 2.72
C ASN A 10 -14.74 31.72 3.01
N GLN A 11 -13.85 30.88 2.49
CA GLN A 11 -12.42 31.05 2.70
C GLN A 11 -11.65 30.80 1.40
N ILE A 12 -11.82 29.60 0.85
CA ILE A 12 -11.14 29.23 -0.39
C ILE A 12 -11.97 29.63 -1.60
N ARG A 13 -11.28 29.98 -2.70
CA ARG A 13 -11.96 30.38 -3.93
C ARG A 13 -12.56 29.17 -4.64
N LEU A 14 -11.75 28.13 -4.81
CA LEU A 14 -12.19 26.91 -5.48
C LEU A 14 -11.16 25.80 -5.34
N THR A 15 -9.89 26.15 -5.51
CA THR A 15 -8.81 25.19 -5.40
C THR A 15 -8.77 24.57 -4.00
N ASN A 16 -8.87 23.25 -3.94
CA ASN A 16 -8.84 22.53 -2.67
C ASN A 16 -8.92 21.03 -2.89
N VAL A 17 -9.75 20.61 -3.85
CA VAL A 17 -9.92 19.20 -4.16
C VAL A 17 -9.28 18.86 -5.50
N ALA A 18 -8.98 17.58 -5.70
CA ALA A 18 -8.37 17.12 -6.94
C ALA A 18 -9.39 17.10 -8.07
N VAL A 19 -8.97 17.53 -9.25
CA VAL A 19 -9.84 17.57 -10.42
C VAL A 19 -9.33 16.64 -11.51
N VAL A 20 -10.12 15.62 -11.82
CA VAL A 20 -9.75 14.66 -12.86
C VAL A 20 -10.59 14.86 -14.11
N ARG A 21 -9.93 15.06 -15.24
CA ARG A 21 -10.61 15.27 -16.51
C ARG A 21 -10.49 14.04 -17.40
N MET A 22 -11.42 13.92 -18.35
CA MET A 22 -11.41 12.80 -19.28
C MET A 22 -12.21 13.13 -20.54
N LYS A 23 -11.59 12.93 -21.69
CA LYS A 23 -12.24 13.21 -22.97
C LYS A 23 -13.07 12.01 -23.43
N ARG A 24 -14.25 12.31 -23.97
CA ARG A 24 -15.14 11.25 -24.46
C ARG A 24 -16.28 11.85 -25.28
N ALA A 25 -16.56 11.24 -26.43
CA ALA A 25 -17.62 11.70 -27.31
C ALA A 25 -17.37 13.13 -27.77
N GLY A 26 -16.11 13.56 -27.71
CA GLY A 26 -15.76 14.90 -28.13
C GLY A 26 -15.79 15.90 -27.00
N LYS A 27 -16.83 15.83 -26.16
CA LYS A 27 -16.97 16.72 -25.03
C LYS A 27 -15.93 16.43 -23.95
N ARG A 28 -15.80 17.33 -22.99
CA ARG A 28 -14.84 17.18 -21.90
C ARG A 28 -15.55 17.13 -20.55
N PHE A 29 -15.28 16.09 -19.78
CA PHE A 29 -15.89 15.92 -18.47
C PHE A 29 -14.83 15.89 -17.37
N GLU A 30 -15.21 16.30 -16.16
CA GLU A 30 -14.29 16.31 -15.03
C GLU A 30 -15.06 16.20 -13.72
N ILE A 31 -14.40 15.64 -12.71
CA ILE A 31 -15.02 15.45 -11.40
C ILE A 31 -14.08 15.86 -10.27
N ALA A 32 -14.66 16.18 -9.12
CA ALA A 32 -13.88 16.58 -7.95
C ALA A 32 -13.68 15.40 -7.01
N CYS A 33 -12.42 14.98 -6.85
CA CYS A 33 -12.10 13.85 -5.99
C CYS A 33 -10.78 14.10 -5.26
N TYR A 34 -10.41 13.14 -4.40
CA TYR A 34 -9.16 13.25 -3.64
C TYR A 34 -7.98 12.75 -4.45
N LYS A 35 -6.84 13.42 -4.30
CA LYS A 35 -5.62 13.04 -5.01
C LYS A 35 -5.12 11.68 -4.57
N ASN A 36 -5.09 11.46 -3.25
CA ASN A 36 -4.62 10.20 -2.69
C ASN A 36 -5.65 9.09 -2.89
N LYS A 37 -6.92 9.41 -2.70
CA LYS A 37 -7.98 8.43 -2.84
C LYS A 37 -8.11 7.97 -4.29
N VAL A 38 -7.95 8.90 -5.23
CA VAL A 38 -8.05 8.58 -6.65
C VAL A 38 -6.83 7.78 -7.11
N VAL A 39 -5.64 8.26 -6.79
CA VAL A 39 -4.41 7.56 -7.17
C VAL A 39 -4.42 6.13 -6.68
N GLY A 40 -4.87 5.94 -5.44
CA GLY A 40 -4.93 4.61 -4.87
C GLY A 40 -5.98 3.75 -5.55
N TRP A 41 -7.16 4.32 -5.78
CA TRP A 41 -8.25 3.61 -6.43
C TRP A 41 -7.84 3.18 -7.83
N ARG A 42 -7.41 4.15 -8.63
CA ARG A 42 -6.99 3.88 -10.01
C ARG A 42 -5.90 2.81 -10.04
N SER A 43 -4.92 2.93 -9.14
CA SER A 43 -3.83 1.98 -9.08
C SER A 43 -4.35 0.57 -8.81
N GLY A 44 -5.50 0.47 -8.15
CA GLY A 44 -6.09 -0.82 -7.86
C GLY A 44 -6.50 -0.96 -6.40
N VAL A 45 -5.94 -0.10 -5.54
CA VAL A 45 -6.25 -0.14 -4.11
C VAL A 45 -7.76 -0.06 -3.89
N GLU A 46 -8.24 -0.81 -2.89
CA GLU A 46 -9.66 -0.82 -2.56
C GLU A 46 -10.08 0.47 -1.86
N LYS A 47 -11.17 1.06 -2.33
CA LYS A 47 -11.67 2.30 -1.77
C LYS A 47 -13.16 2.47 -2.06
N ASP A 48 -13.77 3.50 -1.47
CA ASP A 48 -15.19 3.77 -1.67
C ASP A 48 -15.40 5.10 -2.38
N LEU A 49 -16.32 5.12 -3.34
CA LEU A 49 -16.62 6.33 -4.09
C LEU A 49 -17.15 7.43 -3.18
N ASP A 50 -17.89 7.04 -2.15
CA ASP A 50 -18.46 7.98 -1.21
C ASP A 50 -17.37 8.76 -0.47
N GLU A 51 -16.14 8.25 -0.51
CA GLU A 51 -15.03 8.92 0.17
C GLU A 51 -14.08 9.58 -0.83
N VAL A 52 -13.59 8.80 -1.79
CA VAL A 52 -12.67 9.32 -2.80
C VAL A 52 -13.30 10.47 -3.59
N LEU A 53 -14.54 10.28 -4.04
CA LEU A 53 -15.24 11.31 -4.80
C LEU A 53 -15.73 12.42 -3.87
N GLN A 54 -15.35 13.66 -4.18
CA GLN A 54 -15.77 14.81 -3.39
C GLN A 54 -17.09 15.36 -3.88
N THR A 55 -17.31 15.25 -5.19
CA THR A 55 -18.54 15.73 -5.81
C THR A 55 -19.18 14.63 -6.65
N HIS A 56 -20.34 14.15 -6.22
CA HIS A 56 -21.06 13.10 -6.93
C HIS A 56 -21.79 13.67 -8.13
N SER A 57 -21.04 14.27 -9.05
CA SER A 57 -21.62 14.86 -10.25
C SER A 57 -20.54 15.15 -11.28
N VAL A 58 -20.77 14.71 -12.50
CA VAL A 58 -19.82 14.93 -13.59
C VAL A 58 -19.81 16.39 -14.02
N PHE A 59 -18.75 17.10 -13.66
CA PHE A 59 -18.61 18.50 -14.00
C PHE A 59 -18.11 18.69 -15.42
N VAL A 60 -17.89 19.94 -15.81
CA VAL A 60 -17.40 20.27 -17.14
C VAL A 60 -16.23 21.25 -17.05
N ASN A 61 -16.43 22.30 -16.26
CA ASN A 61 -15.40 23.32 -16.06
C ASN A 61 -15.31 23.70 -14.60
N VAL A 62 -14.73 22.81 -13.80
CA VAL A 62 -14.57 23.04 -12.36
C VAL A 62 -13.83 24.35 -12.09
N SER A 63 -12.91 24.68 -12.98
CA SER A 63 -12.12 25.91 -12.85
C SER A 63 -13.03 27.14 -12.79
N LYS A 64 -14.19 27.04 -13.43
CA LYS A 64 -15.15 28.13 -13.44
C LYS A 64 -16.41 27.79 -12.66
N GLY A 65 -16.70 26.49 -12.57
CA GLY A 65 -17.88 26.04 -11.84
C GLY A 65 -19.01 25.67 -12.76
N GLN A 66 -18.72 24.81 -13.74
CA GLN A 66 -19.74 24.38 -14.69
C GLN A 66 -19.97 22.87 -14.57
N VAL A 67 -21.23 22.49 -14.39
CA VAL A 67 -21.59 21.09 -14.25
C VAL A 67 -22.29 20.57 -15.51
N ALA A 68 -22.16 19.27 -15.77
CA ALA A 68 -22.78 18.66 -16.94
C ALA A 68 -24.23 18.29 -16.66
N LYS A 69 -24.90 17.74 -17.67
CA LYS A 69 -26.30 17.34 -17.53
C LYS A 69 -26.46 15.85 -17.81
N LYS A 70 -27.60 15.30 -17.37
CA LYS A 70 -27.87 13.88 -17.56
C LYS A 70 -27.98 13.55 -19.04
N GLU A 71 -28.52 14.48 -19.82
CA GLU A 71 -28.68 14.28 -21.26
C GLU A 71 -27.33 14.03 -21.92
N ASP A 72 -26.38 14.92 -21.67
CA ASP A 72 -25.04 14.80 -22.24
C ASP A 72 -24.29 13.62 -21.63
N LEU A 73 -24.58 13.34 -20.36
CA LEU A 73 -23.93 12.23 -19.66
C LEU A 73 -24.29 10.90 -20.32
N ILE A 74 -25.58 10.68 -20.55
CA ILE A 74 -26.05 9.45 -21.18
C ILE A 74 -25.67 9.39 -22.64
N SER A 75 -25.71 10.54 -23.31
CA SER A 75 -25.37 10.62 -24.73
C SER A 75 -23.87 10.44 -24.95
N ALA A 76 -23.08 10.72 -23.91
CA ALA A 76 -21.63 10.60 -24.00
C ALA A 76 -21.12 9.33 -23.33
N PHE A 77 -21.86 8.85 -22.34
CA PHE A 77 -21.46 7.64 -21.62
C PHE A 77 -22.51 6.53 -21.78
N GLY A 78 -23.79 6.90 -21.73
CA GLY A 78 -24.85 5.92 -21.87
C GLY A 78 -25.07 5.13 -20.59
N THR A 79 -25.04 5.83 -19.46
CA THR A 79 -25.24 5.19 -18.16
C THR A 79 -26.22 5.98 -17.31
N ASP A 80 -26.07 7.31 -17.30
CA ASP A 80 -26.92 8.19 -16.52
C ASP A 80 -26.52 8.21 -15.05
N ASP A 81 -25.48 7.43 -14.71
CA ASP A 81 -25.01 7.37 -13.33
C ASP A 81 -23.69 8.15 -13.19
N GLN A 82 -23.80 9.42 -12.79
CA GLN A 82 -22.62 10.26 -12.63
C GLN A 82 -21.54 9.55 -11.81
N THR A 83 -21.97 8.77 -10.83
CA THR A 83 -21.04 8.04 -9.98
C THR A 83 -20.14 7.15 -10.81
N GLU A 84 -20.74 6.29 -11.62
CA GLU A 84 -19.99 5.39 -12.49
C GLU A 84 -19.12 6.17 -13.46
N ILE A 85 -19.67 7.28 -13.97
CA ILE A 85 -18.95 8.13 -14.90
C ILE A 85 -17.68 8.67 -14.24
N CYS A 86 -17.82 9.14 -13.00
CA CYS A 86 -16.68 9.68 -12.26
C CYS A 86 -15.61 8.60 -12.11
N LYS A 87 -16.05 7.38 -11.79
CA LYS A 87 -15.13 6.26 -11.61
C LYS A 87 -14.26 6.09 -12.86
N GLN A 88 -14.90 5.97 -14.01
CA GLN A 88 -14.20 5.79 -15.27
C GLN A 88 -13.20 6.92 -15.49
N ILE A 89 -13.62 8.15 -15.20
CA ILE A 89 -12.76 9.31 -15.38
C ILE A 89 -11.61 9.29 -14.37
N LEU A 90 -11.81 8.63 -13.25
CA LEU A 90 -10.79 8.53 -12.21
C LEU A 90 -9.69 7.56 -12.62
N THR A 91 -10.09 6.47 -13.29
CA THR A 91 -9.14 5.46 -13.73
C THR A 91 -8.63 5.75 -15.14
N LYS A 92 -9.50 6.32 -15.98
CA LYS A 92 -9.13 6.64 -17.35
C LYS A 92 -8.70 8.10 -17.48
N GLY A 93 -9.46 9.00 -16.85
CA GLY A 93 -9.14 10.41 -16.92
C GLY A 93 -7.83 10.74 -16.22
N GLU A 94 -7.37 11.97 -16.40
CA GLU A 94 -6.12 12.42 -15.79
C GLU A 94 -6.40 13.26 -14.54
N VAL A 95 -5.83 12.85 -13.41
CA VAL A 95 -6.00 13.56 -12.15
C VAL A 95 -5.00 14.70 -12.02
N GLN A 96 -5.50 15.90 -11.77
CA GLN A 96 -4.65 17.07 -11.61
C GLN A 96 -4.15 17.20 -10.19
N VAL A 97 -2.88 16.88 -9.96
CA VAL A 97 -2.29 16.96 -8.63
C VAL A 97 -1.15 17.97 -8.60
N SER A 98 -0.99 18.63 -7.46
CA SER A 98 0.05 19.63 -7.29
C SER A 98 1.44 18.98 -7.31
N ASP A 99 2.46 19.78 -7.57
CA ASP A 99 3.83 19.28 -7.62
C ASP A 99 4.23 18.65 -6.29
N LYS A 100 3.67 19.17 -5.19
CA LYS A 100 3.97 18.66 -3.86
C LYS A 100 3.51 17.21 -3.73
N GLU A 101 2.35 16.90 -4.31
CA GLU A 101 1.80 15.55 -4.25
C GLU A 101 2.64 14.58 -5.06
N ARG A 102 3.25 15.08 -6.13
CA ARG A 102 4.09 14.26 -6.99
C ARG A 102 5.42 13.95 -6.32
N HIS A 103 6.02 14.98 -5.71
CA HIS A 103 7.30 14.82 -5.03
C HIS A 103 7.17 13.90 -3.83
N THR A 104 6.16 14.16 -3.01
CA THR A 104 5.92 13.34 -1.81
C THR A 104 5.67 11.89 -2.19
N GLN A 105 4.81 11.69 -3.19
CA GLN A 105 4.47 10.35 -3.65
C GLN A 105 5.71 9.64 -4.20
N LEU A 106 6.54 10.39 -4.93
CA LEU A 106 7.75 9.83 -5.52
C LEU A 106 8.68 9.29 -4.44
N GLU A 107 8.94 10.12 -3.43
CA GLU A 107 9.81 9.72 -2.32
C GLU A 107 9.23 8.52 -1.58
N GLN A 108 7.94 8.59 -1.29
CA GLN A 108 7.27 7.50 -0.59
C GLN A 108 7.36 6.20 -1.37
N MET A 109 7.14 6.28 -2.68
CA MET A 109 7.20 5.10 -3.54
C MET A 109 8.61 4.52 -3.55
N PHE A 110 9.61 5.40 -3.55
CA PHE A 110 11.01 4.97 -3.56
C PHE A 110 11.31 4.15 -2.31
N ARG A 111 10.93 4.67 -1.16
CA ARG A 111 11.17 3.98 0.11
C ARG A 111 10.47 2.62 0.11
N ASP A 112 9.24 2.59 -0.39
CA ASP A 112 8.47 1.36 -0.45
C ASP A 112 9.20 0.28 -1.24
N ILE A 113 9.62 0.64 -2.45
CA ILE A 113 10.35 -0.28 -3.31
C ILE A 113 11.62 -0.76 -2.64
N ALA A 114 12.29 0.13 -1.91
CA ALA A 114 13.51 -0.20 -1.21
C ALA A 114 13.25 -1.25 -0.13
N THR A 115 12.11 -1.13 0.53
CA THR A 115 11.73 -2.06 1.58
C THR A 115 11.42 -3.44 1.00
N ILE A 116 10.77 -3.45 -0.16
CA ILE A 116 10.41 -4.69 -0.83
C ILE A 116 11.65 -5.40 -1.37
N VAL A 117 12.63 -4.62 -1.80
CA VAL A 117 13.87 -5.16 -2.33
C VAL A 117 14.81 -5.60 -1.22
N ALA A 118 14.70 -4.94 -0.06
CA ALA A 118 15.55 -5.27 1.08
C ALA A 118 14.89 -6.31 1.97
N ASP A 119 13.56 -6.33 1.98
CA ASP A 119 12.82 -7.29 2.79
C ASP A 119 12.25 -8.42 1.93
N LYS A 120 11.62 -8.04 0.82
CA LYS A 120 11.04 -9.02 -0.08
C LYS A 120 12.00 -9.36 -1.22
N CYS A 121 13.27 -9.55 -0.88
CA CYS A 121 14.29 -9.88 -1.86
C CYS A 121 15.66 -10.04 -1.21
N VAL A 122 16.56 -10.73 -1.89
CA VAL A 122 17.91 -10.94 -1.37
C VAL A 122 18.90 -11.23 -2.49
N ASN A 123 20.18 -11.20 -2.17
CA ASN A 123 21.22 -11.45 -3.16
C ASN A 123 21.46 -12.95 -3.33
N PRO A 124 21.48 -13.44 -4.58
CA PRO A 124 21.69 -14.86 -4.86
C PRO A 124 23.17 -15.24 -4.89
N GLU A 125 23.88 -14.91 -3.81
CA GLU A 125 25.29 -15.22 -3.71
C GLU A 125 25.68 -15.51 -2.27
N THR A 126 25.30 -14.62 -1.37
CA THR A 126 25.61 -14.77 0.05
C THR A 126 24.34 -14.72 0.91
N LYS A 127 23.23 -14.33 0.30
CA LYS A 127 21.95 -14.24 1.02
C LYS A 127 22.03 -13.21 2.14
N ARG A 128 22.00 -11.94 1.77
CA ARG A 128 22.06 -10.86 2.75
C ARG A 128 21.13 -9.71 2.37
N PRO A 129 20.03 -9.52 3.12
CA PRO A 129 19.06 -8.45 2.84
C PRO A 129 19.73 -7.09 2.69
N TYR A 130 19.62 -6.50 1.50
CA TYR A 130 20.20 -5.20 1.23
C TYR A 130 19.60 -4.14 2.13
N THR A 131 20.24 -2.97 2.17
CA THR A 131 19.76 -1.87 3.00
C THR A 131 18.98 -0.86 2.17
N VAL A 132 17.94 -0.29 2.76
CA VAL A 132 17.11 0.70 2.08
C VAL A 132 17.96 1.83 1.50
N ILE A 133 19.01 2.19 2.22
CA ILE A 133 19.91 3.26 1.78
C ILE A 133 20.69 2.84 0.54
N LEU A 134 21.01 1.55 0.46
CA LEU A 134 21.76 1.03 -0.67
C LEU A 134 20.89 1.03 -1.93
N ILE A 135 19.67 0.53 -1.81
CA ILE A 135 18.74 0.48 -2.94
C ILE A 135 18.35 1.88 -3.39
N GLU A 136 18.13 2.77 -2.41
CA GLU A 136 17.74 4.14 -2.71
C GLU A 136 18.84 4.84 -3.51
N ARG A 137 20.08 4.72 -3.04
CA ARG A 137 21.22 5.35 -3.71
C ARG A 137 21.36 4.83 -5.13
N ALA A 138 21.27 3.51 -5.28
CA ALA A 138 21.39 2.88 -6.60
C ALA A 138 20.26 3.33 -7.52
N MET A 139 19.03 3.28 -7.02
CA MET A 139 17.86 3.69 -7.80
C MET A 139 17.99 5.13 -8.27
N LYS A 140 18.50 5.99 -7.38
CA LYS A 140 18.68 7.41 -7.71
C LYS A 140 19.85 7.59 -8.67
N ASP A 141 20.89 6.80 -8.49
CA ASP A 141 22.07 6.89 -9.35
C ASP A 141 21.72 6.59 -10.80
N ILE A 142 20.85 5.60 -11.00
CA ILE A 142 20.43 5.21 -12.34
C ILE A 142 19.32 6.13 -12.87
N HIS A 143 18.92 7.11 -12.05
CA HIS A 143 17.88 8.05 -12.46
C HIS A 143 16.57 7.31 -12.74
N TYR A 144 16.23 6.36 -11.88
CA TYR A 144 15.00 5.59 -12.02
C TYR A 144 13.78 6.49 -11.99
N SER A 145 12.72 6.07 -12.67
CA SER A 145 11.48 6.83 -12.71
C SER A 145 10.28 5.95 -12.42
N VAL A 146 9.98 5.77 -11.13
CA VAL A 146 8.85 4.95 -10.72
C VAL A 146 7.53 5.66 -10.95
N LYS A 147 6.48 4.89 -11.20
CA LYS A 147 5.16 5.43 -11.44
C LYS A 147 4.35 5.49 -10.14
N THR A 148 4.29 6.67 -9.53
CA THR A 148 3.56 6.84 -8.28
C THR A 148 2.09 6.49 -8.47
N ASN A 149 1.58 6.68 -9.67
CA ASN A 149 0.18 6.39 -9.98
C ASN A 149 -0.08 4.88 -9.85
N LYS A 150 0.93 4.08 -10.12
CA LYS A 150 0.80 2.62 -10.03
C LYS A 150 1.25 2.12 -8.68
N SER A 151 1.16 0.81 -8.47
CA SER A 151 1.56 0.19 -7.21
C SER A 151 3.03 -0.23 -7.25
N THR A 152 3.67 -0.18 -6.09
CA THR A 152 5.08 -0.55 -5.98
C THR A 152 5.28 -2.03 -6.29
N LYS A 153 4.40 -2.86 -5.75
CA LYS A 153 4.48 -4.31 -5.97
C LYS A 153 4.73 -4.65 -7.43
N GLN A 154 3.83 -4.21 -8.30
CA GLN A 154 3.97 -4.46 -9.73
C GLN A 154 5.24 -3.82 -10.27
N GLN A 155 5.69 -2.74 -9.63
CA GLN A 155 6.89 -2.04 -10.05
C GLN A 155 8.14 -2.83 -9.67
N ALA A 156 8.05 -3.61 -8.60
CA ALA A 156 9.18 -4.40 -8.12
C ALA A 156 9.86 -5.15 -9.25
N LEU A 157 9.06 -5.61 -10.21
CA LEU A 157 9.59 -6.36 -11.35
C LEU A 157 10.61 -5.52 -12.12
N GLU A 158 10.16 -4.41 -12.68
CA GLU A 158 11.03 -3.52 -13.44
C GLU A 158 12.19 -3.03 -12.57
N VAL A 159 11.95 -2.90 -11.28
CA VAL A 159 12.97 -2.44 -10.35
C VAL A 159 14.14 -3.43 -10.29
N ILE A 160 13.86 -4.65 -9.85
CA ILE A 160 14.88 -5.68 -9.75
C ILE A 160 15.52 -5.96 -11.10
N LYS A 161 14.75 -5.76 -12.16
CA LYS A 161 15.26 -5.99 -13.51
C LYS A 161 16.31 -4.96 -13.89
N GLN A 162 16.00 -3.69 -13.65
CA GLN A 162 16.91 -2.60 -13.96
C GLN A 162 18.10 -2.59 -13.00
N LEU A 163 17.83 -2.87 -11.74
CA LEU A 163 18.87 -2.89 -10.72
C LEU A 163 19.98 -3.88 -11.06
N LYS A 164 19.63 -4.91 -11.84
CA LYS A 164 20.60 -5.92 -12.24
C LYS A 164 21.80 -5.29 -12.94
N GLU A 165 21.57 -4.16 -13.59
CA GLU A 165 22.62 -3.45 -14.30
C GLU A 165 23.75 -3.07 -13.35
N LYS A 166 23.40 -2.81 -12.09
CA LYS A 166 24.39 -2.43 -11.08
C LYS A 166 24.42 -3.46 -9.95
N MET A 167 23.31 -3.59 -9.24
CA MET A 167 23.22 -4.53 -8.14
C MET A 167 22.22 -5.65 -8.45
N LYS A 168 22.75 -6.84 -8.70
CA LYS A 168 21.91 -8.00 -9.02
C LYS A 168 20.96 -8.31 -7.86
N ILE A 169 19.69 -8.47 -8.19
CA ILE A 169 18.67 -8.77 -7.18
C ILE A 169 18.00 -10.12 -7.48
N GLU A 170 17.40 -10.70 -6.45
CA GLU A 170 16.72 -11.99 -6.59
C GLU A 170 15.51 -12.08 -5.68
N ARG A 171 14.39 -12.52 -6.24
CA ARG A 171 13.15 -12.66 -5.47
C ARG A 171 12.70 -14.11 -5.41
N ALA A 172 12.75 -14.69 -4.21
CA ALA A 172 12.35 -16.08 -4.02
C ALA A 172 11.36 -16.22 -2.88
N HIS A 173 10.69 -17.37 -2.80
CA HIS A 173 9.71 -17.63 -1.75
C HIS A 173 9.97 -18.97 -1.09
N MET A 174 9.12 -19.34 -0.15
CA MET A 174 9.25 -20.61 0.57
C MET A 174 8.02 -20.88 1.41
N ARG A 175 7.53 -22.12 1.36
CA ARG A 175 6.35 -22.50 2.13
C ARG A 175 6.74 -23.01 3.51
N LEU A 176 6.01 -22.56 4.52
CA LEU A 176 6.27 -22.95 5.90
C LEU A 176 5.03 -23.56 6.54
N ARG A 177 5.25 -24.55 7.41
CA ARG A 177 4.16 -25.21 8.11
C ARG A 177 4.28 -24.97 9.61
N PHE A 178 3.36 -24.17 10.15
CA PHE A 178 3.38 -23.85 11.57
C PHE A 178 2.37 -24.67 12.35
N ILE A 179 2.86 -25.38 13.35
CA ILE A 179 2.01 -26.21 14.20
C ILE A 179 2.03 -25.66 15.62
N LEU A 180 0.96 -24.99 16.01
CA LEU A 180 0.88 -24.38 17.34
C LEU A 180 -0.16 -25.08 18.21
N PRO A 181 0.05 -25.07 19.53
CA PRO A 181 -0.88 -25.69 20.49
C PRO A 181 -2.15 -24.88 20.66
N VAL A 182 -2.91 -25.18 21.71
CA VAL A 182 -4.16 -24.49 21.98
C VAL A 182 -3.93 -23.09 22.56
N ASN A 183 -3.13 -23.00 23.61
CA ASN A 183 -2.86 -21.73 24.26
C ASN A 183 -1.79 -20.92 23.53
N GLU A 184 -0.59 -21.50 23.39
CA GLU A 184 0.52 -20.82 22.74
C GLU A 184 0.19 -20.45 21.29
N GLY A 185 -0.82 -21.10 20.73
CA GLY A 185 -1.21 -20.83 19.35
C GLY A 185 -1.90 -19.49 19.19
N LYS A 186 -2.96 -19.27 19.96
CA LYS A 186 -3.73 -18.03 19.88
C LYS A 186 -2.85 -16.82 20.24
N LYS A 187 -1.73 -17.07 20.91
CA LYS A 187 -0.83 -15.99 21.31
C LYS A 187 0.14 -15.63 20.19
N LEU A 188 0.72 -16.65 19.56
CA LEU A 188 1.69 -16.41 18.48
C LEU A 188 0.98 -16.19 17.15
N LYS A 189 -0.16 -16.85 16.96
CA LYS A 189 -0.91 -16.71 15.71
C LYS A 189 -1.28 -15.25 15.44
N GLU A 190 -1.65 -14.53 16.50
CA GLU A 190 -2.03 -13.14 16.37
C GLU A 190 -0.84 -12.26 15.99
N LYS A 191 0.32 -12.58 16.55
CA LYS A 191 1.53 -11.82 16.29
C LYS A 191 2.26 -12.29 15.02
N LEU A 192 1.77 -13.37 14.42
CA LEU A 192 2.39 -13.91 13.21
C LEU A 192 1.52 -13.67 11.98
N LYS A 193 0.20 -13.65 12.19
CA LYS A 193 -0.73 -13.44 11.09
C LYS A 193 -0.46 -12.12 10.37
N PRO A 194 -0.33 -11.01 11.11
CA PRO A 194 -0.07 -9.69 10.51
C PRO A 194 1.38 -9.47 10.13
N LEU A 195 2.29 -9.96 10.98
CA LEU A 195 3.72 -9.81 10.73
C LEU A 195 4.12 -10.40 9.38
N ILE A 196 3.72 -11.66 9.14
CA ILE A 196 4.04 -12.33 7.89
C ILE A 196 2.79 -12.90 7.24
N LYS A 197 2.88 -13.20 5.95
CA LYS A 197 1.76 -13.76 5.20
C LYS A 197 1.58 -15.24 5.52
N VAL A 198 0.39 -15.58 6.01
CA VAL A 198 0.08 -16.97 6.35
C VAL A 198 -1.01 -17.54 5.46
N ILE A 199 -0.76 -18.72 4.92
CA ILE A 199 -1.74 -19.37 4.04
C ILE A 199 -2.26 -20.66 4.67
N GLU A 200 -3.51 -20.99 4.36
CA GLU A 200 -4.13 -22.20 4.91
C GLU A 200 -4.15 -22.17 6.43
N SER A 201 -5.13 -21.45 6.99
CA SER A 201 -5.25 -21.35 8.44
C SER A 201 -6.46 -22.14 8.95
N GLU A 202 -6.20 -23.10 9.83
CA GLU A 202 -7.25 -23.92 10.40
C GLU A 202 -7.05 -24.14 11.89
N ASP A 203 -8.06 -23.78 12.69
CA ASP A 203 -7.98 -23.94 14.13
C ASP A 203 -9.33 -24.38 14.69
N TYR A 204 -9.28 -25.24 15.71
CA TYR A 204 -10.49 -25.75 16.34
C TYR A 204 -10.70 -25.11 17.70
N GLY A 205 -11.97 -24.99 18.10
CA GLY A 205 -12.30 -24.39 19.39
C GLY A 205 -11.54 -25.06 20.53
N GLN A 206 -10.63 -24.32 21.14
CA GLN A 206 -9.83 -24.85 22.25
C GLN A 206 -8.97 -26.00 21.78
N GLN A 207 -8.48 -25.90 20.54
CA GLN A 207 -7.65 -26.94 19.96
C GLN A 207 -6.39 -26.34 19.32
N LEU A 208 -5.52 -27.21 18.82
CA LEU A 208 -4.28 -26.75 18.19
C LEU A 208 -4.57 -26.14 16.82
N GLU A 209 -3.76 -25.18 16.42
CA GLU A 209 -3.95 -24.50 15.14
C GLU A 209 -2.88 -24.88 14.13
N ILE A 210 -3.31 -25.06 12.87
CA ILE A 210 -2.40 -25.41 11.78
C ILE A 210 -2.40 -24.31 10.73
N VAL A 211 -1.31 -23.56 10.66
CA VAL A 211 -1.18 -22.46 9.71
C VAL A 211 0.13 -22.53 8.95
N CYS A 212 0.13 -22.13 7.69
CA CYS A 212 1.33 -22.16 6.87
C CYS A 212 1.81 -20.75 6.60
N LEU A 213 3.13 -20.57 6.54
CA LEU A 213 3.70 -19.25 6.32
C LEU A 213 4.58 -19.20 5.08
N ILE A 214 4.68 -18.01 4.49
CA ILE A 214 5.51 -17.81 3.31
C ILE A 214 6.70 -16.92 3.63
N ASP A 215 7.85 -17.21 3.04
CA ASP A 215 9.06 -16.42 3.28
C ASP A 215 9.53 -15.72 2.02
N PRO A 216 9.05 -14.48 1.79
CA PRO A 216 9.42 -13.69 0.62
C PRO A 216 10.79 -13.03 0.79
N GLY A 217 11.82 -13.70 0.30
CA GLY A 217 13.17 -13.17 0.41
C GLY A 217 13.90 -13.67 1.64
N CYS A 218 13.82 -12.92 2.73
CA CYS A 218 14.48 -13.30 3.97
C CYS A 218 13.70 -12.82 5.19
N PHE A 219 12.37 -12.93 5.11
CA PHE A 219 11.51 -12.51 6.20
C PHE A 219 11.64 -13.42 7.42
N ARG A 220 12.14 -14.64 7.19
CA ARG A 220 12.32 -15.62 8.25
C ARG A 220 13.00 -15.00 9.47
N GLU A 221 13.82 -13.98 9.24
CA GLU A 221 14.54 -13.31 10.33
C GLU A 221 13.56 -12.74 11.35
N ILE A 222 12.74 -11.78 10.93
CA ILE A 222 11.76 -11.16 11.80
C ILE A 222 10.78 -12.19 12.33
N ASP A 223 10.40 -13.13 11.47
CA ASP A 223 9.47 -14.18 11.86
C ASP A 223 10.01 -15.00 13.04
N GLU A 224 11.22 -15.51 12.87
CA GLU A 224 11.85 -16.31 13.92
C GLU A 224 11.98 -15.51 15.21
N LEU A 225 12.30 -14.23 15.08
CA LEU A 225 12.45 -13.34 16.23
C LEU A 225 11.13 -13.22 17.00
N ILE A 226 10.12 -12.68 16.34
CA ILE A 226 8.81 -12.50 16.96
C ILE A 226 8.24 -13.84 17.42
N LYS A 227 8.36 -14.85 16.56
CA LYS A 227 7.85 -16.18 16.87
C LYS A 227 8.51 -16.74 18.13
N LYS A 228 9.83 -16.96 18.05
CA LYS A 228 10.58 -17.50 19.17
C LYS A 228 10.37 -16.66 20.43
N GLU A 229 10.07 -15.37 20.23
CA GLU A 229 9.85 -14.46 21.35
C GLU A 229 8.50 -14.71 22.01
N THR A 230 7.48 -14.95 21.20
CA THR A 230 6.14 -15.21 21.71
C THR A 230 5.76 -16.69 21.59
N LYS A 231 6.75 -17.53 21.34
CA LYS A 231 6.52 -18.96 21.20
C LYS A 231 7.38 -19.77 22.18
N GLY A 232 8.61 -19.32 22.40
CA GLY A 232 9.51 -20.01 23.30
C GLY A 232 9.87 -21.40 22.80
N LYS A 233 8.94 -22.33 22.96
CA LYS A 233 9.15 -23.71 22.53
C LYS A 233 7.83 -24.47 22.51
N GLY A 234 6.74 -23.76 22.23
CA GLY A 234 5.43 -24.39 22.19
C GLY A 234 5.06 -24.89 20.81
N SER A 235 5.22 -24.03 19.80
CA SER A 235 4.90 -24.40 18.43
C SER A 235 6.15 -24.60 17.59
N LEU A 236 5.97 -25.08 16.37
CA LEU A 236 7.10 -25.31 15.48
C LEU A 236 6.76 -24.87 14.05
N GLU A 237 7.80 -24.65 13.25
CA GLU A 237 7.62 -24.21 11.86
C GLU A 237 8.52 -25.00 10.92
N VAL A 238 7.91 -25.77 10.04
CA VAL A 238 8.65 -26.58 9.07
C VAL A 238 8.56 -26.01 7.67
N LEU A 239 9.70 -25.59 7.13
CA LEU A 239 9.74 -25.03 5.78
C LEU A 239 10.33 -26.06 4.82
N ASN A 240 9.83 -26.09 3.58
CA ASN A 240 10.35 -27.05 2.61
C ASN A 240 9.71 -26.92 1.22
N LEU A 241 8.44 -26.57 1.17
CA LEU A 241 7.75 -26.43 -0.10
C LEU A 241 8.05 -25.10 -0.77
N LYS A 242 8.77 -25.15 -1.88
CA LYS A 242 9.14 -23.94 -2.61
C LYS A 242 8.60 -23.98 -4.04
N ASP A 243 8.27 -22.81 -4.58
CA ASP A 243 7.75 -22.72 -5.95
C ASP A 243 8.86 -22.90 -6.97
N VAL A 244 8.50 -23.36 -8.16
CA VAL A 244 9.47 -23.59 -9.22
C VAL A 244 10.40 -24.74 -8.89
N GLU A 245 11.26 -24.54 -7.90
CA GLU A 245 12.22 -25.56 -7.49
C GLU A 245 11.51 -26.69 -6.75
N GLU A 246 10.76 -27.49 -7.49
CA GLU A 246 10.03 -28.61 -6.91
C GLU A 246 10.41 -29.93 -7.59
N GLY A 247 11.65 -30.01 -8.04
CA GLY A 247 12.12 -31.21 -8.70
C GLY A 247 12.81 -30.91 -10.02
N ASP A 248 12.05 -30.97 -11.11
CA ASP A 248 12.58 -30.70 -12.44
C ASP A 248 13.65 -31.73 -12.81
N GLU A 249 14.86 -31.53 -12.30
CA GLU A 249 15.97 -32.44 -12.58
C GLU A 249 16.30 -32.45 -14.07
N LYS A 250 17.57 -32.67 -14.39
CA LYS A 250 18.02 -32.70 -15.78
C LYS A 250 19.32 -33.48 -15.91
N PHE A 251 19.40 -34.61 -15.22
CA PHE A 251 20.59 -35.45 -15.26
C PHE A 251 20.47 -36.52 -16.34
N GLU A 252 21.60 -36.86 -16.97
CA GLU A 252 21.62 -37.86 -18.01
C GLU A 252 22.38 -39.11 -17.57
N MET A 3 -13.36 38.81 -4.53
CA MET A 3 -12.28 38.08 -3.82
C MET A 3 -12.29 36.60 -4.20
N SER A 4 -13.41 35.93 -3.93
CA SER A 4 -13.56 34.52 -4.24
C SER A 4 -13.72 34.30 -5.74
N ILE A 5 -13.74 33.04 -6.15
CA ILE A 5 -13.90 32.70 -7.57
C ILE A 5 -15.25 32.07 -7.83
N PHE A 6 -15.69 31.20 -6.92
CA PHE A 6 -16.98 30.54 -7.06
C PHE A 6 -17.97 31.02 -5.99
N THR A 7 -17.45 31.43 -4.85
CA THR A 7 -18.28 31.92 -3.76
C THR A 7 -19.17 30.80 -3.22
N PRO A 8 -19.12 30.54 -1.90
CA PRO A 8 -19.93 29.49 -1.28
C PRO A 8 -21.42 29.84 -1.24
N THR A 9 -22.23 29.02 -1.90
CA THR A 9 -23.67 29.26 -1.95
C THR A 9 -24.37 28.55 -0.79
N ASN A 10 -24.06 27.27 -0.61
CA ASN A 10 -24.66 26.48 0.46
C ASN A 10 -23.61 26.05 1.47
N GLN A 11 -22.52 25.45 0.98
CA GLN A 11 -21.45 24.99 1.84
C GLN A 11 -20.20 24.66 1.02
N ILE A 12 -19.61 25.68 0.40
CA ILE A 12 -18.42 25.51 -0.40
C ILE A 12 -18.65 24.51 -1.53
N ARG A 13 -17.74 24.48 -2.49
CA ARG A 13 -17.86 23.57 -3.62
C ARG A 13 -16.53 22.88 -3.90
N LEU A 14 -15.46 23.68 -4.00
CA LEU A 14 -14.13 23.14 -4.27
C LEU A 14 -13.05 24.18 -3.99
N THR A 15 -12.11 23.84 -3.12
CA THR A 15 -11.03 24.74 -2.76
C THR A 15 -9.69 24.20 -3.26
N ASN A 16 -9.35 22.98 -2.84
CA ASN A 16 -8.11 22.34 -3.23
C ASN A 16 -8.34 20.86 -3.55
N VAL A 17 -9.54 20.55 -4.01
CA VAL A 17 -9.89 19.17 -4.34
C VAL A 17 -9.24 18.74 -5.65
N ALA A 18 -9.04 17.43 -5.81
CA ALA A 18 -8.44 16.89 -7.01
C ALA A 18 -9.43 16.89 -8.17
N VAL A 19 -8.97 17.35 -9.33
CA VAL A 19 -9.83 17.40 -10.51
C VAL A 19 -9.36 16.41 -11.57
N VAL A 20 -10.27 15.52 -11.96
CA VAL A 20 -9.97 14.51 -12.97
C VAL A 20 -10.73 14.78 -14.26
N ARG A 21 -10.02 14.79 -15.37
CA ARG A 21 -10.64 15.04 -16.68
C ARG A 21 -10.47 13.85 -17.61
N MET A 22 -11.41 13.69 -18.55
CA MET A 22 -11.37 12.60 -19.50
C MET A 22 -12.18 12.93 -20.75
N LYS A 23 -11.77 12.39 -21.88
CA LYS A 23 -12.45 12.64 -23.15
C LYS A 23 -13.30 11.44 -23.56
N ARG A 24 -14.46 11.70 -24.14
CA ARG A 24 -15.35 10.63 -24.59
C ARG A 24 -16.49 11.20 -25.42
N ALA A 25 -16.78 10.55 -26.54
CA ALA A 25 -17.85 10.99 -27.43
C ALA A 25 -17.61 12.42 -27.91
N GLY A 26 -16.36 12.74 -28.18
CA GLY A 26 -16.01 14.08 -28.65
C GLY A 26 -16.34 15.15 -27.63
N LYS A 27 -16.33 14.78 -26.36
CA LYS A 27 -16.62 15.72 -25.28
C LYS A 27 -15.64 15.55 -24.12
N ARG A 28 -15.49 16.61 -23.33
CA ARG A 28 -14.58 16.58 -22.18
C ARG A 28 -15.33 16.75 -20.88
N PHE A 29 -15.17 15.79 -19.97
CA PHE A 29 -15.84 15.84 -18.67
C PHE A 29 -14.82 15.93 -17.54
N GLU A 30 -15.25 16.45 -16.39
CA GLU A 30 -14.38 16.59 -15.24
C GLU A 30 -15.16 16.44 -13.94
N ILE A 31 -14.59 15.71 -12.98
CA ILE A 31 -15.24 15.51 -11.69
C ILE A 31 -14.30 15.86 -10.54
N ALA A 32 -14.87 16.36 -9.45
CA ALA A 32 -14.10 16.75 -8.28
C ALA A 32 -13.94 15.57 -7.32
N CYS A 33 -12.73 15.03 -7.29
CA CYS A 33 -12.41 13.88 -6.43
C CYS A 33 -11.20 14.16 -5.56
N TYR A 34 -10.85 13.20 -4.70
CA TYR A 34 -9.70 13.34 -3.81
C TYR A 34 -8.42 12.88 -4.49
N LYS A 35 -7.31 13.55 -4.20
CA LYS A 35 -6.03 13.19 -4.79
C LYS A 35 -5.47 11.92 -4.15
N ASN A 36 -5.71 11.76 -2.86
CA ASN A 36 -5.23 10.59 -2.13
C ASN A 36 -6.05 9.35 -2.46
N LYS A 37 -7.38 9.51 -2.49
CA LYS A 37 -8.27 8.39 -2.80
C LYS A 37 -8.15 8.00 -4.26
N VAL A 38 -8.02 8.99 -5.13
CA VAL A 38 -7.90 8.73 -6.56
C VAL A 38 -6.58 8.03 -6.88
N VAL A 39 -5.48 8.56 -6.33
CA VAL A 39 -4.18 7.95 -6.56
C VAL A 39 -4.17 6.50 -6.05
N GLY A 40 -4.74 6.30 -4.86
CA GLY A 40 -4.79 4.97 -4.29
C GLY A 40 -5.77 4.07 -5.04
N TRP A 41 -6.74 4.69 -5.70
CA TRP A 41 -7.74 3.95 -6.47
C TRP A 41 -7.18 3.58 -7.84
N ARG A 42 -6.95 4.59 -8.67
CA ARG A 42 -6.43 4.37 -10.02
C ARG A 42 -5.07 3.69 -9.98
N SER A 43 -4.33 3.88 -8.88
CA SER A 43 -3.00 3.30 -8.74
C SER A 43 -2.97 2.26 -7.63
N GLY A 44 -4.13 1.66 -7.32
CA GLY A 44 -4.18 0.67 -6.27
C GLY A 44 -5.36 -0.28 -6.41
N VAL A 45 -6.52 0.15 -5.94
CA VAL A 45 -7.73 -0.67 -6.02
C VAL A 45 -8.97 0.16 -5.73
N GLU A 46 -10.13 -0.35 -6.15
CA GLU A 46 -11.40 0.33 -5.93
C GLU A 46 -11.50 0.90 -4.52
N LYS A 47 -12.12 2.07 -4.39
CA LYS A 47 -12.27 2.71 -3.09
C LYS A 47 -13.68 3.25 -2.91
N ASP A 48 -13.99 3.70 -1.69
CA ASP A 48 -15.32 4.23 -1.39
C ASP A 48 -15.64 5.45 -2.25
N LEU A 49 -16.73 5.36 -3.01
CA LEU A 49 -17.17 6.44 -3.88
C LEU A 49 -17.31 7.75 -3.11
N ASP A 50 -18.10 7.72 -2.05
CA ASP A 50 -18.34 8.89 -1.23
C ASP A 50 -17.05 9.39 -0.57
N GLU A 51 -16.01 8.55 -0.56
CA GLU A 51 -14.74 8.91 0.05
C GLU A 51 -13.74 9.35 -1.01
N VAL A 52 -13.88 8.85 -2.22
CA VAL A 52 -12.96 9.19 -3.32
C VAL A 52 -13.48 10.39 -4.11
N LEU A 53 -14.80 10.55 -4.15
CA LEU A 53 -15.40 11.65 -4.89
C LEU A 53 -15.80 12.79 -3.95
N GLN A 54 -15.49 14.01 -4.35
CA GLN A 54 -15.82 15.18 -3.55
C GLN A 54 -17.24 15.64 -3.87
N THR A 55 -17.56 15.69 -5.15
CA THR A 55 -18.89 16.10 -5.59
C THR A 55 -19.51 15.04 -6.51
N HIS A 56 -20.63 14.46 -6.07
CA HIS A 56 -21.31 13.44 -6.85
C HIS A 56 -22.00 14.05 -8.07
N SER A 57 -21.21 14.39 -9.07
CA SER A 57 -21.73 14.98 -10.29
C SER A 57 -20.61 15.29 -11.27
N VAL A 58 -20.84 14.98 -12.55
CA VAL A 58 -19.85 15.23 -13.57
C VAL A 58 -19.83 16.70 -13.97
N PHE A 59 -18.72 17.38 -13.67
CA PHE A 59 -18.58 18.78 -13.97
C PHE A 59 -17.98 19.01 -15.35
N VAL A 60 -17.79 20.28 -15.68
CA VAL A 60 -17.21 20.68 -16.96
C VAL A 60 -16.03 21.61 -16.72
N ASN A 61 -16.20 22.54 -15.79
CA ASN A 61 -15.16 23.50 -15.44
C ASN A 61 -15.06 23.62 -13.92
N VAL A 62 -14.71 22.51 -13.27
CA VAL A 62 -14.59 22.46 -11.82
C VAL A 62 -13.75 23.64 -11.30
N SER A 63 -12.68 23.96 -12.02
CA SER A 63 -11.79 25.05 -11.63
C SER A 63 -12.57 26.34 -11.44
N LYS A 64 -13.70 26.46 -12.14
CA LYS A 64 -14.55 27.64 -12.05
C LYS A 64 -15.87 27.33 -11.35
N GLY A 65 -16.29 26.07 -11.44
CA GLY A 65 -17.53 25.67 -10.80
C GLY A 65 -18.64 25.44 -11.80
N GLN A 66 -18.30 24.87 -12.96
CA GLN A 66 -19.28 24.60 -14.00
C GLN A 66 -19.66 23.12 -14.01
N VAL A 67 -20.94 22.84 -13.89
CA VAL A 67 -21.43 21.47 -13.89
C VAL A 67 -21.99 21.05 -15.25
N ALA A 68 -22.00 19.75 -15.50
CA ALA A 68 -22.50 19.22 -16.77
C ALA A 68 -23.99 18.92 -16.67
N LYS A 69 -24.51 18.20 -17.66
CA LYS A 69 -25.92 17.84 -17.68
C LYS A 69 -26.09 16.32 -17.78
N LYS A 70 -27.20 15.83 -17.23
CA LYS A 70 -27.49 14.40 -17.24
C LYS A 70 -27.68 13.90 -18.68
N GLU A 71 -28.28 14.74 -19.51
CA GLU A 71 -28.52 14.38 -20.91
C GLU A 71 -27.21 14.06 -21.63
N ASP A 72 -26.21 14.91 -21.43
CA ASP A 72 -24.91 14.71 -22.05
C ASP A 72 -24.17 13.54 -21.41
N LEU A 73 -24.34 13.39 -20.09
CA LEU A 73 -23.70 12.31 -19.36
C LEU A 73 -24.09 10.94 -19.94
N ILE A 74 -25.38 10.79 -20.24
CA ILE A 74 -25.90 9.54 -20.79
C ILE A 74 -25.65 9.47 -22.29
N SER A 75 -25.79 10.61 -22.96
CA SER A 75 -25.59 10.68 -24.41
C SER A 75 -24.15 10.34 -24.78
N ALA A 76 -23.23 10.53 -23.84
CA ALA A 76 -21.82 10.25 -24.07
C ALA A 76 -21.41 8.91 -23.46
N PHE A 77 -21.80 8.68 -22.20
CA PHE A 77 -21.46 7.45 -21.52
C PHE A 77 -22.56 6.40 -21.66
N GLY A 78 -23.81 6.83 -21.54
CA GLY A 78 -24.93 5.92 -21.66
C GLY A 78 -25.12 5.08 -20.41
N THR A 79 -24.72 5.61 -19.26
CA THR A 79 -24.85 4.91 -18.00
C THR A 79 -25.90 5.58 -17.11
N ASP A 80 -26.01 6.89 -17.24
CA ASP A 80 -26.97 7.66 -16.45
C ASP A 80 -26.60 7.62 -14.96
N ASP A 81 -25.35 7.30 -14.67
CA ASP A 81 -24.88 7.24 -13.29
C ASP A 81 -23.54 7.96 -13.15
N GLN A 82 -23.58 9.20 -12.65
CA GLN A 82 -22.37 9.99 -12.47
C GLN A 82 -21.30 9.21 -11.71
N THR A 83 -21.72 8.48 -10.68
CA THR A 83 -20.79 7.68 -9.89
C THR A 83 -19.96 6.76 -10.78
N GLU A 84 -20.64 5.91 -11.53
CA GLU A 84 -19.97 4.98 -12.43
C GLU A 84 -19.12 5.76 -13.44
N ILE A 85 -19.73 6.76 -14.07
CA ILE A 85 -19.03 7.59 -15.04
C ILE A 85 -17.75 8.15 -14.43
N CYS A 86 -17.81 8.52 -13.15
CA CYS A 86 -16.66 9.05 -12.44
C CYS A 86 -15.56 7.99 -12.39
N LYS A 87 -15.95 6.76 -12.06
CA LYS A 87 -15.00 5.66 -11.99
C LYS A 87 -14.24 5.54 -13.30
N GLN A 88 -14.99 5.68 -14.40
CA GLN A 88 -14.41 5.61 -15.74
C GLN A 88 -13.35 6.69 -15.92
N ILE A 89 -13.71 7.93 -15.59
CA ILE A 89 -12.80 9.06 -15.71
C ILE A 89 -11.68 8.97 -14.69
N LEU A 90 -11.94 8.29 -13.58
CA LEU A 90 -10.96 8.12 -12.52
C LEU A 90 -9.87 7.12 -12.92
N THR A 91 -10.25 6.14 -13.74
CA THR A 91 -9.32 5.12 -14.19
C THR A 91 -8.79 5.44 -15.58
N LYS A 92 -9.67 5.94 -16.45
CA LYS A 92 -9.29 6.28 -17.82
C LYS A 92 -8.82 7.73 -17.90
N GLY A 93 -9.44 8.60 -17.11
CA GLY A 93 -9.07 10.01 -17.13
C GLY A 93 -7.82 10.28 -16.33
N GLU A 94 -7.37 11.54 -16.35
CA GLU A 94 -6.18 11.94 -15.61
C GLU A 94 -6.53 12.90 -14.48
N VAL A 95 -5.96 12.66 -13.31
CA VAL A 95 -6.21 13.50 -12.15
C VAL A 95 -5.20 14.63 -12.06
N GLN A 96 -5.65 15.78 -11.55
CA GLN A 96 -4.78 16.95 -11.42
C GLN A 96 -4.31 17.11 -9.97
N VAL A 97 -3.04 16.80 -9.73
CA VAL A 97 -2.46 16.91 -8.40
C VAL A 97 -1.49 18.08 -8.31
N SER A 98 -1.29 18.59 -7.10
CA SER A 98 -0.37 19.70 -6.88
C SER A 98 1.06 19.21 -6.71
N ASP A 99 1.99 20.15 -6.58
CA ASP A 99 3.40 19.81 -6.41
C ASP A 99 3.63 19.13 -5.06
N LYS A 100 2.99 19.67 -4.02
CA LYS A 100 3.13 19.12 -2.68
C LYS A 100 2.66 17.66 -2.64
N GLU A 101 1.45 17.43 -3.13
CA GLU A 101 0.89 16.08 -3.16
C GLU A 101 1.75 15.14 -4.00
N ARG A 102 2.35 15.69 -5.05
CA ARG A 102 3.20 14.90 -5.94
C ARG A 102 4.43 14.40 -5.19
N HIS A 103 5.02 15.28 -4.38
CA HIS A 103 6.20 14.93 -3.61
C HIS A 103 5.86 13.93 -2.51
N THR A 104 4.73 14.14 -1.85
CA THR A 104 4.28 13.26 -0.78
C THR A 104 4.09 11.84 -1.30
N GLN A 105 3.43 11.72 -2.45
CA GLN A 105 3.17 10.42 -3.06
C GLN A 105 4.47 9.76 -3.48
N LEU A 106 5.41 10.56 -3.96
CA LEU A 106 6.71 10.06 -4.39
C LEU A 106 7.44 9.38 -3.25
N GLU A 107 7.53 10.06 -2.12
CA GLU A 107 8.20 9.53 -0.94
C GLU A 107 7.50 8.25 -0.45
N GLN A 108 6.18 8.35 -0.27
CA GLN A 108 5.40 7.20 0.19
C GLN A 108 5.55 6.03 -0.78
N MET A 109 5.52 6.32 -2.07
CA MET A 109 5.65 5.29 -3.09
C MET A 109 7.03 4.64 -3.02
N PHE A 110 8.04 5.46 -2.77
CA PHE A 110 9.41 4.95 -2.67
C PHE A 110 9.54 3.93 -1.56
N ARG A 111 9.10 4.30 -0.35
CA ARG A 111 9.16 3.41 0.79
C ARG A 111 8.27 2.19 0.56
N ASP A 112 7.20 2.37 -0.18
CA ASP A 112 6.27 1.28 -0.48
C ASP A 112 6.94 0.23 -1.36
N ILE A 113 7.51 0.68 -2.47
CA ILE A 113 8.19 -0.23 -3.40
C ILE A 113 9.32 -0.98 -2.70
N ALA A 114 10.12 -0.26 -1.93
CA ALA A 114 11.24 -0.85 -1.22
C ALA A 114 10.76 -1.93 -0.25
N THR A 115 9.73 -1.62 0.53
CA THR A 115 9.19 -2.56 1.50
C THR A 115 8.68 -3.83 0.81
N ILE A 116 8.01 -3.65 -0.33
CA ILE A 116 7.46 -4.78 -1.07
C ILE A 116 8.56 -5.64 -1.66
N VAL A 117 9.58 -5.01 -2.24
CA VAL A 117 10.68 -5.74 -2.85
C VAL A 117 11.62 -6.33 -1.78
N ALA A 118 11.54 -5.81 -0.56
CA ALA A 118 12.38 -6.29 0.52
C ALA A 118 11.63 -7.25 1.44
N ASP A 119 10.30 -7.28 1.33
CA ASP A 119 9.48 -8.15 2.16
C ASP A 119 8.82 -9.25 1.33
N LYS A 120 8.41 -8.90 0.12
CA LYS A 120 7.75 -9.86 -0.76
C LYS A 120 8.74 -10.50 -1.73
N CYS A 121 10.00 -10.56 -1.34
CA CYS A 121 11.05 -11.15 -2.17
C CYS A 121 12.13 -11.79 -1.32
N VAL A 122 12.61 -12.95 -1.76
CA VAL A 122 13.66 -13.67 -1.04
C VAL A 122 14.83 -14.00 -1.96
N ASN A 123 16.03 -13.63 -1.54
CA ASN A 123 17.23 -13.88 -2.33
C ASN A 123 17.46 -15.38 -2.50
N PRO A 124 17.78 -15.83 -3.72
CA PRO A 124 18.02 -17.25 -4.02
C PRO A 124 19.43 -17.69 -3.59
N GLU A 125 19.74 -17.50 -2.32
CA GLU A 125 21.04 -17.89 -1.79
C GLU A 125 20.89 -18.73 -0.52
N THR A 126 20.06 -18.25 0.40
CA THR A 126 19.84 -18.96 1.66
C THR A 126 18.55 -18.48 2.33
N LYS A 127 17.58 -18.04 1.51
CA LYS A 127 16.31 -17.55 2.02
C LYS A 127 16.52 -16.39 2.99
N ARG A 128 16.81 -15.22 2.44
CA ARG A 128 17.04 -14.03 3.26
C ARG A 128 16.91 -12.76 2.41
N PRO A 129 15.86 -11.96 2.64
CA PRO A 129 15.64 -10.72 1.88
C PRO A 129 16.69 -9.66 2.22
N TYR A 130 17.03 -8.84 1.22
CA TYR A 130 18.01 -7.78 1.41
C TYR A 130 17.44 -6.65 2.26
N THR A 131 18.30 -5.70 2.62
CA THR A 131 17.88 -4.55 3.43
C THR A 131 17.30 -3.45 2.56
N VAL A 132 16.35 -2.70 3.11
CA VAL A 132 15.71 -1.61 2.38
C VAL A 132 16.75 -0.63 1.83
N ILE A 133 17.84 -0.46 2.57
CA ILE A 133 18.91 0.44 2.16
C ILE A 133 19.64 -0.10 0.95
N LEU A 134 19.75 -1.42 0.86
CA LEU A 134 20.43 -2.07 -0.25
C LEU A 134 19.60 -1.98 -1.53
N ILE A 135 18.37 -2.47 -1.46
CA ILE A 135 17.48 -2.45 -2.61
C ILE A 135 17.24 -1.01 -3.09
N GLU A 136 17.17 -0.08 -2.14
CA GLU A 136 16.94 1.32 -2.45
C GLU A 136 18.15 1.91 -3.16
N ARG A 137 19.34 1.62 -2.64
CA ARG A 137 20.58 2.12 -3.22
C ARG A 137 20.71 1.67 -4.68
N ALA A 138 20.40 0.41 -4.93
CA ALA A 138 20.48 -0.14 -6.28
C ALA A 138 19.47 0.54 -7.20
N MET A 139 18.23 0.68 -6.72
CA MET A 139 17.18 1.31 -7.50
C MET A 139 17.60 2.71 -7.95
N LYS A 140 18.28 3.42 -7.06
CA LYS A 140 18.74 4.78 -7.36
C LYS A 140 19.96 4.74 -8.28
N ASP A 141 20.82 3.75 -8.07
CA ASP A 141 22.02 3.59 -8.88
C ASP A 141 21.67 3.37 -10.34
N ILE A 142 20.54 2.70 -10.57
CA ILE A 142 20.09 2.43 -11.94
C ILE A 142 19.08 3.48 -12.42
N HIS A 143 19.13 4.66 -11.79
CA HIS A 143 18.23 5.76 -12.15
C HIS A 143 16.80 5.27 -12.36
N TYR A 144 16.22 4.66 -11.33
CA TYR A 144 14.86 4.15 -11.40
C TYR A 144 13.87 5.17 -10.85
N SER A 145 13.14 5.82 -11.75
CA SER A 145 12.16 6.82 -11.37
C SER A 145 10.92 6.16 -10.78
N VAL A 146 10.02 6.97 -10.24
CA VAL A 146 8.78 6.46 -9.64
C VAL A 146 7.56 7.15 -10.24
N LYS A 147 6.48 6.39 -10.40
CA LYS A 147 5.25 6.92 -10.95
C LYS A 147 4.11 6.86 -9.93
N THR A 148 3.85 7.99 -9.28
CA THR A 148 2.80 8.07 -8.27
C THR A 148 1.46 7.63 -8.84
N ASN A 149 1.31 7.72 -10.16
CA ASN A 149 0.07 7.33 -10.83
C ASN A 149 0.15 5.89 -11.35
N LYS A 150 0.95 5.07 -10.69
CA LYS A 150 1.10 3.67 -11.10
C LYS A 150 0.83 2.73 -9.94
N SER A 151 0.40 1.52 -10.25
CA SER A 151 0.10 0.52 -9.23
C SER A 151 1.39 -0.04 -8.63
N THR A 152 1.38 -0.25 -7.31
CA THR A 152 2.54 -0.78 -6.62
C THR A 152 2.83 -2.22 -7.06
N LYS A 153 1.83 -3.07 -6.98
CA LYS A 153 1.97 -4.48 -7.36
C LYS A 153 2.67 -4.60 -8.71
N GLN A 154 2.09 -3.97 -9.73
CA GLN A 154 2.66 -4.01 -11.07
C GLN A 154 4.05 -3.38 -11.10
N GLN A 155 4.30 -2.46 -10.18
CA GLN A 155 5.59 -1.79 -10.09
C GLN A 155 6.69 -2.75 -9.66
N ALA A 156 6.36 -3.62 -8.70
CA ALA A 156 7.32 -4.60 -8.21
C ALA A 156 7.90 -5.44 -9.34
N LEU A 157 7.07 -5.75 -10.33
CA LEU A 157 7.49 -6.54 -11.48
C LEU A 157 8.62 -5.85 -12.24
N GLU A 158 8.39 -4.58 -12.57
CA GLU A 158 9.39 -3.81 -13.31
C GLU A 158 10.62 -3.54 -12.45
N VAL A 159 10.39 -3.28 -11.16
CA VAL A 159 11.47 -3.00 -10.23
C VAL A 159 12.39 -4.20 -10.07
N ILE A 160 11.82 -5.34 -9.68
CA ILE A 160 12.59 -6.56 -9.49
C ILE A 160 13.27 -6.99 -10.78
N LYS A 161 12.56 -6.88 -11.89
CA LYS A 161 13.11 -7.26 -13.19
C LYS A 161 14.27 -6.35 -13.58
N GLN A 162 14.11 -5.04 -13.33
CA GLN A 162 15.14 -4.08 -13.66
C GLN A 162 16.36 -4.23 -12.75
N LEU A 163 16.11 -4.29 -11.44
CA LEU A 163 17.17 -4.43 -10.47
C LEU A 163 17.96 -5.72 -10.70
N LYS A 164 17.29 -6.73 -11.27
CA LYS A 164 17.94 -8.01 -11.55
C LYS A 164 19.18 -7.82 -12.41
N GLU A 165 19.16 -6.79 -13.24
CA GLU A 165 20.29 -6.50 -14.12
C GLU A 165 21.54 -6.16 -13.32
N LYS A 166 21.34 -5.55 -12.17
CA LYS A 166 22.45 -5.17 -11.29
C LYS A 166 22.69 -6.23 -10.22
N MET A 167 21.70 -6.43 -9.35
CA MET A 167 21.80 -7.41 -8.29
C MET A 167 20.98 -8.66 -8.62
N LYS A 168 20.93 -9.60 -7.68
CA LYS A 168 20.19 -10.83 -7.88
C LYS A 168 18.95 -10.88 -6.98
N ILE A 169 17.78 -10.92 -7.60
CA ILE A 169 16.53 -10.97 -6.84
C ILE A 169 15.67 -12.14 -7.31
N GLU A 170 14.73 -12.55 -6.45
CA GLU A 170 13.85 -13.66 -6.79
C GLU A 170 12.48 -13.49 -6.15
N ARG A 171 11.43 -13.58 -6.98
CA ARG A 171 10.06 -13.44 -6.50
C ARG A 171 9.32 -14.76 -6.59
N ALA A 172 8.77 -15.21 -5.46
CA ALA A 172 8.04 -16.47 -5.42
C ALA A 172 6.56 -16.25 -5.17
N HIS A 173 5.73 -16.98 -5.90
CA HIS A 173 4.28 -16.88 -5.76
C HIS A 173 3.69 -18.26 -5.48
N MET A 174 2.42 -18.29 -5.08
CA MET A 174 1.75 -19.55 -4.78
C MET A 174 0.26 -19.36 -4.54
N ARG A 175 -0.56 -19.99 -5.38
CA ARG A 175 -2.00 -19.90 -5.26
C ARG A 175 -2.54 -21.17 -4.58
N LEU A 176 -3.31 -20.98 -3.52
CA LEU A 176 -3.86 -22.12 -2.79
C LEU A 176 -5.39 -22.14 -2.81
N ARG A 177 -5.95 -23.34 -2.91
CA ARG A 177 -7.39 -23.52 -2.92
C ARG A 177 -7.83 -24.21 -1.64
N PHE A 178 -8.86 -23.68 -0.99
CA PHE A 178 -9.34 -24.26 0.27
C PHE A 178 -10.85 -24.43 0.28
N ILE A 179 -11.30 -25.46 0.97
CA ILE A 179 -12.73 -25.74 1.10
C ILE A 179 -13.07 -26.07 2.56
N LEU A 180 -13.61 -25.09 3.26
CA LEU A 180 -13.96 -25.27 4.68
C LEU A 180 -15.45 -25.55 4.86
N PRO A 181 -15.80 -26.52 5.73
CA PRO A 181 -17.19 -26.87 5.99
C PRO A 181 -18.00 -25.68 6.51
N VAL A 182 -19.09 -25.97 7.20
CA VAL A 182 -19.96 -24.92 7.74
C VAL A 182 -19.35 -24.29 8.99
N ASN A 183 -19.15 -25.09 10.03
CA ASN A 183 -18.59 -24.60 11.28
C ASN A 183 -17.09 -24.34 11.17
N GLU A 184 -16.34 -25.34 10.71
CA GLU A 184 -14.89 -25.22 10.57
C GLU A 184 -14.51 -23.94 9.82
N GLY A 185 -15.10 -23.76 8.64
CA GLY A 185 -14.81 -22.57 7.85
C GLY A 185 -15.07 -21.28 8.60
N LYS A 186 -15.92 -21.34 9.61
CA LYS A 186 -16.27 -20.16 10.40
C LYS A 186 -15.03 -19.55 11.04
N LYS A 187 -14.38 -20.32 11.92
CA LYS A 187 -13.19 -19.86 12.61
C LYS A 187 -11.96 -19.92 11.71
N LEU A 188 -11.99 -20.81 10.73
CA LEU A 188 -10.87 -20.97 9.80
C LEU A 188 -10.70 -19.73 8.92
N LYS A 189 -11.74 -19.39 8.18
CA LYS A 189 -11.71 -18.23 7.29
C LYS A 189 -11.21 -16.98 8.02
N GLU A 190 -11.83 -16.70 9.17
CA GLU A 190 -11.45 -15.53 9.97
C GLU A 190 -10.00 -15.62 10.42
N LYS A 191 -9.48 -16.84 10.53
CA LYS A 191 -8.11 -17.06 10.96
C LYS A 191 -7.12 -16.82 9.81
N LEU A 192 -7.50 -17.27 8.62
CA LEU A 192 -6.64 -17.11 7.44
C LEU A 192 -6.86 -15.76 6.76
N LYS A 193 -8.01 -15.14 7.03
CA LYS A 193 -8.33 -13.84 6.43
C LYS A 193 -7.22 -12.82 6.70
N PRO A 194 -6.95 -12.53 7.98
CA PRO A 194 -5.91 -11.56 8.38
C PRO A 194 -4.50 -12.12 8.24
N LEU A 195 -4.32 -13.38 8.60
CA LEU A 195 -3.02 -14.02 8.54
C LEU A 195 -2.44 -13.95 7.13
N ILE A 196 -3.22 -14.38 6.14
CA ILE A 196 -2.78 -14.37 4.75
C ILE A 196 -3.83 -13.75 3.85
N LYS A 197 -3.49 -13.60 2.57
CA LYS A 197 -4.40 -13.01 1.60
C LYS A 197 -5.35 -14.07 1.05
N VAL A 198 -6.65 -13.86 1.23
CA VAL A 198 -7.66 -14.79 0.76
C VAL A 198 -8.40 -14.23 -0.45
N ILE A 199 -8.63 -15.08 -1.45
CA ILE A 199 -9.33 -14.67 -2.66
C ILE A 199 -10.37 -15.70 -3.07
N GLU A 200 -11.38 -15.27 -3.80
CA GLU A 200 -12.44 -16.15 -4.25
C GLU A 200 -13.18 -16.77 -3.07
N SER A 201 -13.27 -16.01 -1.97
CA SER A 201 -13.95 -16.49 -0.78
C SER A 201 -15.47 -16.43 -0.95
N GLU A 202 -16.11 -17.59 -0.80
CA GLU A 202 -17.56 -17.65 -0.94
C GLU A 202 -18.15 -18.60 0.12
N ASP A 203 -18.94 -18.03 1.03
CA ASP A 203 -19.56 -18.82 2.09
C ASP A 203 -21.08 -18.73 2.00
N TYR A 204 -21.74 -19.86 2.31
CA TYR A 204 -23.20 -19.91 2.27
C TYR A 204 -23.78 -19.89 3.68
N GLY A 205 -24.99 -19.33 3.80
CA GLY A 205 -25.63 -19.25 5.10
C GLY A 205 -25.65 -20.59 5.83
N GLN A 206 -24.80 -20.73 6.83
CA GLN A 206 -24.71 -21.98 7.59
C GLN A 206 -24.31 -23.13 6.68
N GLN A 207 -23.41 -22.84 5.74
CA GLN A 207 -22.94 -23.84 4.79
C GLN A 207 -21.42 -23.75 4.60
N LEU A 208 -20.88 -24.65 3.79
CA LEU A 208 -19.45 -24.66 3.51
C LEU A 208 -19.04 -23.51 2.61
N GLU A 209 -17.82 -23.05 2.77
CA GLU A 209 -17.30 -21.94 1.99
C GLU A 209 -16.00 -22.30 1.28
N ILE A 210 -15.80 -21.73 0.10
CA ILE A 210 -14.60 -21.98 -0.69
C ILE A 210 -13.70 -20.75 -0.71
N VAL A 211 -12.50 -20.89 -0.15
CA VAL A 211 -11.55 -19.78 -0.09
C VAL A 211 -10.16 -20.22 -0.58
N CYS A 212 -9.48 -19.31 -1.25
CA CYS A 212 -8.13 -19.58 -1.76
C CYS A 212 -7.09 -18.80 -0.97
N LEU A 213 -5.92 -19.39 -0.78
CA LEU A 213 -4.85 -18.73 -0.04
C LEU A 213 -3.64 -18.45 -0.92
N ILE A 214 -3.17 -17.21 -0.90
CA ILE A 214 -2.01 -16.80 -1.69
C ILE A 214 -0.84 -16.45 -0.77
N ASP A 215 0.33 -17.01 -1.09
CA ASP A 215 1.53 -16.76 -0.29
C ASP A 215 2.64 -16.17 -1.14
N PRO A 216 2.63 -14.85 -1.36
CA PRO A 216 3.66 -14.16 -2.16
C PRO A 216 5.03 -14.18 -1.48
N GLY A 217 5.80 -15.22 -1.77
CA GLY A 217 7.13 -15.35 -1.17
C GLY A 217 7.27 -16.61 -0.35
N CYS A 218 7.64 -16.44 0.92
CA CYS A 218 7.83 -17.58 1.81
C CYS A 218 6.80 -17.56 2.94
N PHE A 219 5.63 -17.00 2.65
CA PHE A 219 4.56 -16.93 3.64
C PHE A 219 3.82 -18.26 3.76
N ARG A 220 3.94 -19.09 2.72
CA ARG A 220 3.29 -20.39 2.70
C ARG A 220 3.49 -21.15 4.01
N GLU A 221 4.66 -20.99 4.62
CA GLU A 221 4.96 -21.67 5.87
C GLU A 221 3.96 -21.29 6.96
N ILE A 222 3.83 -20.00 7.22
CA ILE A 222 2.90 -19.51 8.24
C ILE A 222 1.47 -19.89 7.88
N ASP A 223 1.14 -19.79 6.61
CA ASP A 223 -0.20 -20.13 6.13
C ASP A 223 -0.51 -21.60 6.38
N GLU A 224 0.26 -22.48 5.74
CA GLU A 224 0.07 -23.93 5.89
C GLU A 224 -0.03 -24.32 7.36
N LEU A 225 0.77 -23.68 8.21
CA LEU A 225 0.78 -23.98 9.63
C LEU A 225 -0.56 -23.61 10.29
N ILE A 226 -0.94 -22.34 10.18
CA ILE A 226 -2.18 -21.86 10.76
C ILE A 226 -3.41 -22.56 10.17
N LYS A 227 -3.41 -22.75 8.86
CA LYS A 227 -4.53 -23.39 8.19
C LYS A 227 -4.62 -24.87 8.53
N LYS A 228 -3.47 -25.49 8.79
CA LYS A 228 -3.43 -26.91 9.13
C LYS A 228 -3.93 -27.14 10.55
N GLU A 229 -3.58 -26.23 11.45
CA GLU A 229 -4.00 -26.35 12.85
C GLU A 229 -5.44 -25.88 13.03
N THR A 230 -5.90 -24.99 12.16
CA THR A 230 -7.26 -24.48 12.23
C THR A 230 -8.24 -25.42 11.54
N LYS A 231 -7.78 -26.11 10.50
CA LYS A 231 -8.62 -27.03 9.76
C LYS A 231 -8.48 -28.46 10.29
N GLY A 232 -7.31 -28.75 10.88
CA GLY A 232 -7.07 -30.08 11.42
C GLY A 232 -7.08 -31.13 10.34
N LYS A 233 -8.28 -31.56 9.93
CA LYS A 233 -8.41 -32.58 8.90
C LYS A 233 -9.86 -32.65 8.43
N GLY A 234 -10.55 -31.51 8.45
CA GLY A 234 -11.94 -31.47 8.02
C GLY A 234 -12.13 -30.69 6.74
N SER A 235 -11.16 -29.85 6.39
CA SER A 235 -11.25 -29.06 5.17
C SER A 235 -10.29 -29.59 4.11
N LEU A 236 -10.50 -29.17 2.86
CA LEU A 236 -9.66 -29.60 1.75
C LEU A 236 -8.71 -28.50 1.33
N GLU A 237 -7.58 -28.89 0.74
CA GLU A 237 -6.59 -27.92 0.28
C GLU A 237 -5.96 -28.35 -1.04
N VAL A 238 -6.20 -27.57 -2.09
CA VAL A 238 -5.65 -27.87 -3.40
C VAL A 238 -4.51 -26.91 -3.75
N LEU A 239 -3.45 -27.44 -4.35
CA LEU A 239 -2.31 -26.63 -4.74
C LEU A 239 -2.40 -26.22 -6.21
N ASN A 240 -2.38 -24.92 -6.45
CA ASN A 240 -2.46 -24.39 -7.81
C ASN A 240 -1.07 -24.21 -8.41
N LEU A 241 -0.38 -23.15 -7.97
CA LEU A 241 0.96 -22.86 -8.45
C LEU A 241 2.01 -23.21 -7.40
N LYS A 242 3.09 -23.86 -7.86
CA LYS A 242 4.16 -24.26 -6.96
C LYS A 242 5.53 -24.02 -7.61
N ASP A 243 6.44 -23.41 -6.86
CA ASP A 243 7.77 -23.12 -7.37
C ASP A 243 8.65 -24.37 -7.31
N VAL A 244 9.66 -24.42 -8.17
CA VAL A 244 10.58 -25.55 -8.22
C VAL A 244 11.50 -25.56 -7.00
N GLU A 245 11.83 -24.37 -6.50
CA GLU A 245 12.71 -24.24 -5.34
C GLU A 245 11.90 -23.87 -4.09
N GLU A 246 12.17 -24.58 -3.00
CA GLU A 246 11.48 -24.32 -1.75
C GLU A 246 12.48 -24.22 -0.59
N GLY A 247 13.68 -23.74 -0.90
CA GLY A 247 14.70 -23.60 0.13
C GLY A 247 15.65 -24.78 0.17
N ASP A 248 15.11 -25.98 0.02
CA ASP A 248 15.92 -27.20 0.03
C ASP A 248 15.25 -28.30 -0.79
N GLU A 249 16.04 -28.96 -1.63
CA GLU A 249 15.53 -30.04 -2.47
C GLU A 249 15.96 -31.40 -1.93
N LYS A 250 17.22 -31.76 -2.18
CA LYS A 250 17.75 -33.04 -1.71
C LYS A 250 18.80 -32.83 -0.62
N PHE A 251 19.43 -31.67 -0.62
CA PHE A 251 20.45 -31.35 0.37
C PHE A 251 21.66 -32.28 0.22
N GLU A 252 21.93 -32.70 -1.00
CA GLU A 252 23.06 -33.58 -1.28
C GLU A 252 23.83 -33.12 -2.51
N MET A 3 -10.07 38.16 -14.62
CA MET A 3 -10.16 37.97 -13.15
C MET A 3 -10.91 36.69 -12.81
N SER A 4 -11.04 36.39 -11.52
CA SER A 4 -11.74 35.20 -11.07
C SER A 4 -11.05 33.94 -11.59
N ILE A 5 -10.47 33.16 -10.69
CA ILE A 5 -9.78 31.93 -11.06
C ILE A 5 -9.40 31.13 -9.82
N PHE A 6 -10.38 30.84 -8.98
CA PHE A 6 -10.14 30.08 -7.75
C PHE A 6 -9.27 30.86 -6.78
N THR A 7 -7.99 30.97 -7.09
CA THR A 7 -7.05 31.70 -6.24
C THR A 7 -6.97 31.06 -4.84
N PRO A 8 -5.81 30.51 -4.46
CA PRO A 8 -5.63 29.87 -3.16
C PRO A 8 -5.70 30.88 -2.01
N THR A 9 -6.92 31.33 -1.70
CA THR A 9 -7.12 32.30 -0.63
C THR A 9 -8.55 32.24 -0.11
N ASN A 10 -8.76 32.75 1.11
CA ASN A 10 -10.07 32.75 1.72
C ASN A 10 -11.02 33.67 0.96
N GLN A 11 -11.55 33.17 -0.16
CA GLN A 11 -12.47 33.95 -0.98
C GLN A 11 -13.62 33.07 -1.47
N ILE A 12 -13.28 31.94 -2.08
CA ILE A 12 -14.28 31.03 -2.61
C ILE A 12 -13.86 29.57 -2.40
N ARG A 13 -14.80 28.65 -2.59
CA ARG A 13 -14.53 27.23 -2.43
C ARG A 13 -15.53 26.40 -3.24
N LEU A 14 -15.13 26.06 -4.46
CA LEU A 14 -15.99 25.27 -5.35
C LEU A 14 -15.42 23.87 -5.57
N THR A 15 -14.13 23.72 -5.34
CA THR A 15 -13.47 22.43 -5.53
C THR A 15 -12.74 22.00 -4.25
N ASN A 16 -11.67 22.72 -3.90
CA ASN A 16 -10.90 22.41 -2.71
C ASN A 16 -10.47 20.95 -2.70
N VAL A 17 -10.30 20.37 -3.89
CA VAL A 17 -9.90 18.98 -4.02
C VAL A 17 -9.25 18.74 -5.38
N ALA A 18 -8.88 17.49 -5.66
CA ALA A 18 -8.25 17.15 -6.93
C ALA A 18 -9.27 17.12 -8.06
N VAL A 19 -8.83 17.46 -9.26
CA VAL A 19 -9.70 17.48 -10.43
C VAL A 19 -9.22 16.52 -11.50
N VAL A 20 -10.13 15.69 -12.00
CA VAL A 20 -9.79 14.72 -13.03
C VAL A 20 -10.64 14.93 -14.29
N ARG A 21 -9.99 14.91 -15.44
CA ARG A 21 -10.67 15.11 -16.71
C ARG A 21 -10.48 13.92 -17.64
N MET A 22 -11.40 13.77 -18.59
CA MET A 22 -11.34 12.67 -19.55
C MET A 22 -12.07 13.02 -20.83
N LYS A 23 -11.61 12.45 -21.95
CA LYS A 23 -12.22 12.70 -23.25
C LYS A 23 -13.25 11.64 -23.58
N ARG A 24 -14.47 12.06 -23.87
CA ARG A 24 -15.56 11.14 -24.21
C ARG A 24 -16.53 11.77 -25.19
N ALA A 25 -16.73 11.11 -26.33
CA ALA A 25 -17.65 11.60 -27.35
C ALA A 25 -17.24 12.99 -27.83
N GLY A 26 -15.93 13.24 -27.88
CA GLY A 26 -15.43 14.52 -28.32
C GLY A 26 -15.83 15.65 -27.38
N LYS A 27 -16.08 15.32 -26.12
CA LYS A 27 -16.47 16.30 -25.12
C LYS A 27 -15.45 16.38 -24.00
N ARG A 28 -15.63 17.34 -23.10
CA ARG A 28 -14.72 17.52 -21.97
C ARG A 28 -15.46 17.38 -20.64
N PHE A 29 -15.25 16.24 -19.98
CA PHE A 29 -15.89 15.99 -18.69
C PHE A 29 -14.85 15.95 -17.56
N GLU A 30 -15.26 16.40 -16.38
CA GLU A 30 -14.37 16.43 -15.23
C GLU A 30 -15.12 16.10 -13.94
N ILE A 31 -14.39 15.70 -12.91
CA ILE A 31 -15.00 15.36 -11.63
C ILE A 31 -14.11 15.81 -10.48
N ALA A 32 -14.74 16.21 -9.37
CA ALA A 32 -14.01 16.66 -8.19
C ALA A 32 -13.78 15.51 -7.22
N CYS A 33 -12.53 15.05 -7.16
CA CYS A 33 -12.16 13.94 -6.28
C CYS A 33 -10.82 14.22 -5.59
N TYR A 34 -10.45 13.36 -4.66
CA TYR A 34 -9.21 13.50 -3.92
C TYR A 34 -8.02 12.90 -4.68
N LYS A 35 -6.91 13.63 -4.70
CA LYS A 35 -5.71 13.15 -5.38
C LYS A 35 -5.14 11.93 -4.67
N ASN A 36 -5.32 11.88 -3.36
CA ASN A 36 -4.82 10.77 -2.56
C ASN A 36 -5.73 9.55 -2.69
N LYS A 37 -7.04 9.78 -2.62
CA LYS A 37 -8.01 8.70 -2.75
C LYS A 37 -8.07 8.20 -4.17
N VAL A 38 -7.87 9.10 -5.13
CA VAL A 38 -7.89 8.75 -6.54
C VAL A 38 -6.64 7.98 -6.93
N VAL A 39 -5.48 8.46 -6.47
CA VAL A 39 -4.22 7.80 -6.77
C VAL A 39 -4.20 6.38 -6.20
N GLY A 40 -4.64 6.26 -4.95
CA GLY A 40 -4.69 4.95 -4.31
C GLY A 40 -5.68 4.03 -4.99
N TRP A 41 -6.83 4.58 -5.35
CA TRP A 41 -7.86 3.81 -6.03
C TRP A 41 -7.36 3.32 -7.38
N ARG A 42 -6.73 4.22 -8.13
CA ARG A 42 -6.20 3.88 -9.44
C ARG A 42 -5.17 2.76 -9.34
N SER A 43 -4.33 2.83 -8.31
CA SER A 43 -3.30 1.81 -8.10
C SER A 43 -3.93 0.43 -7.94
N GLY A 44 -5.20 0.40 -7.55
CA GLY A 44 -5.89 -0.87 -7.36
C GLY A 44 -6.32 -1.08 -5.92
N VAL A 45 -6.37 0.00 -5.13
CA VAL A 45 -6.78 -0.09 -3.74
C VAL A 45 -8.28 0.10 -3.61
N GLU A 46 -8.93 -0.84 -2.92
CA GLU A 46 -10.37 -0.77 -2.71
C GLU A 46 -10.77 0.55 -2.07
N LYS A 47 -11.84 1.16 -2.58
CA LYS A 47 -12.31 2.43 -2.05
C LYS A 47 -13.76 2.68 -2.42
N ASP A 48 -14.35 3.72 -1.85
CA ASP A 48 -15.74 4.08 -2.13
C ASP A 48 -15.85 5.47 -2.73
N LEU A 49 -16.80 5.65 -3.63
CA LEU A 49 -17.01 6.94 -4.29
C LEU A 49 -17.23 8.05 -3.27
N ASP A 50 -18.13 7.80 -2.33
CA ASP A 50 -18.45 8.79 -1.29
C ASP A 50 -17.19 9.29 -0.58
N GLU A 51 -16.13 8.49 -0.63
CA GLU A 51 -14.87 8.87 0.02
C GLU A 51 -13.90 9.52 -0.97
N VAL A 52 -13.63 8.82 -2.07
CA VAL A 52 -12.70 9.32 -3.08
C VAL A 52 -13.28 10.52 -3.83
N LEU A 53 -14.53 10.41 -4.26
CA LEU A 53 -15.18 11.49 -4.99
C LEU A 53 -15.67 12.57 -4.04
N GLN A 54 -15.30 13.81 -4.33
CA GLN A 54 -15.72 14.95 -3.51
C GLN A 54 -17.14 15.36 -3.87
N THR A 55 -17.43 15.38 -5.16
CA THR A 55 -18.76 15.73 -5.64
C THR A 55 -19.28 14.68 -6.60
N HIS A 56 -20.38 14.01 -6.22
CA HIS A 56 -20.97 12.98 -7.04
C HIS A 56 -21.69 13.57 -8.25
N SER A 57 -20.93 14.16 -9.16
CA SER A 57 -21.49 14.76 -10.36
C SER A 57 -20.40 15.04 -11.38
N VAL A 58 -20.69 14.78 -12.65
CA VAL A 58 -19.73 15.02 -13.71
C VAL A 58 -19.69 16.50 -14.09
N PHE A 59 -18.63 17.18 -13.65
CA PHE A 59 -18.46 18.60 -13.92
C PHE A 59 -17.97 18.84 -15.35
N VAL A 60 -17.73 20.11 -15.66
CA VAL A 60 -17.26 20.52 -16.96
C VAL A 60 -16.12 21.52 -16.82
N ASN A 61 -16.33 22.50 -15.94
CA ASN A 61 -15.34 23.53 -15.67
C ASN A 61 -15.20 23.74 -14.17
N VAL A 62 -14.62 22.73 -13.50
CA VAL A 62 -14.43 22.79 -12.05
C VAL A 62 -13.76 24.08 -11.61
N SER A 63 -12.83 24.57 -12.44
CA SER A 63 -12.12 25.80 -12.13
C SER A 63 -13.06 27.00 -12.04
N LYS A 64 -14.20 26.91 -12.74
CA LYS A 64 -15.17 27.99 -12.74
C LYS A 64 -16.44 27.57 -12.01
N GLY A 65 -16.67 26.26 -11.90
CA GLY A 65 -17.85 25.77 -11.23
C GLY A 65 -18.97 25.45 -12.20
N GLN A 66 -18.64 24.75 -13.28
CA GLN A 66 -19.61 24.38 -14.30
C GLN A 66 -19.90 22.89 -14.25
N VAL A 67 -21.15 22.53 -14.01
CA VAL A 67 -21.54 21.13 -13.94
C VAL A 67 -22.29 20.70 -15.19
N ALA A 68 -22.05 19.47 -15.63
CA ALA A 68 -22.70 18.93 -16.82
C ALA A 68 -24.15 18.54 -16.51
N LYS A 69 -24.85 18.06 -17.54
CA LYS A 69 -26.24 17.64 -17.37
C LYS A 69 -26.38 16.13 -17.54
N LYS A 70 -27.36 15.55 -16.84
CA LYS A 70 -27.59 14.12 -16.90
C LYS A 70 -27.91 13.69 -18.33
N GLU A 71 -28.55 14.57 -19.09
CA GLU A 71 -28.91 14.28 -20.47
C GLU A 71 -27.65 14.04 -21.31
N ASP A 72 -26.72 14.99 -21.26
CA ASP A 72 -25.48 14.88 -22.01
C ASP A 72 -24.65 13.70 -21.51
N LEU A 73 -24.76 13.42 -20.23
CA LEU A 73 -24.02 12.31 -19.63
C LEU A 73 -24.41 10.98 -20.26
N ILE A 74 -25.70 10.73 -20.32
CA ILE A 74 -26.22 9.48 -20.90
C ILE A 74 -26.06 9.50 -22.43
N SER A 75 -26.10 10.68 -23.01
CA SER A 75 -25.96 10.82 -24.46
C SER A 75 -24.51 10.64 -24.90
N ALA A 76 -23.58 10.86 -23.98
CA ALA A 76 -22.16 10.72 -24.28
C ALA A 76 -21.60 9.42 -23.74
N PHE A 77 -22.15 8.94 -22.62
CA PHE A 77 -21.68 7.70 -22.01
C PHE A 77 -22.68 6.57 -22.26
N GLY A 78 -23.97 6.88 -22.16
CA GLY A 78 -24.99 5.87 -22.37
C GLY A 78 -25.73 5.52 -21.10
N THR A 79 -25.09 5.76 -19.96
CA THR A 79 -25.70 5.47 -18.67
C THR A 79 -25.90 6.75 -17.86
N ASP A 80 -26.76 6.68 -16.86
CA ASP A 80 -27.05 7.83 -16.00
C ASP A 80 -26.20 7.79 -14.73
N ASP A 81 -25.64 6.62 -14.43
CA ASP A 81 -24.81 6.45 -13.24
C ASP A 81 -23.61 7.40 -13.28
N GLN A 82 -23.81 8.61 -12.80
CA GLN A 82 -22.74 9.61 -12.78
C GLN A 82 -21.51 9.07 -12.04
N THR A 83 -21.74 8.36 -10.95
CA THR A 83 -20.66 7.78 -10.18
C THR A 83 -19.79 6.87 -11.06
N GLU A 84 -20.46 6.02 -11.84
CA GLU A 84 -19.75 5.11 -12.74
C GLU A 84 -18.92 5.90 -13.74
N ILE A 85 -19.51 6.97 -14.28
CA ILE A 85 -18.83 7.83 -15.22
C ILE A 85 -17.55 8.39 -14.60
N CYS A 86 -17.63 8.72 -13.31
CA CYS A 86 -16.48 9.24 -12.59
C CYS A 86 -15.38 8.20 -12.50
N LYS A 87 -15.78 6.95 -12.21
CA LYS A 87 -14.82 5.86 -12.10
C LYS A 87 -14.01 5.73 -13.39
N GLN A 88 -14.72 5.70 -14.51
CA GLN A 88 -14.07 5.59 -15.82
C GLN A 88 -13.09 6.74 -16.03
N ILE A 89 -13.55 7.96 -15.76
CA ILE A 89 -12.72 9.14 -15.92
C ILE A 89 -11.55 9.12 -14.94
N LEU A 90 -11.72 8.41 -13.82
CA LEU A 90 -10.68 8.32 -12.81
C LEU A 90 -9.61 7.32 -13.24
N THR A 91 -10.01 6.31 -14.00
CA THR A 91 -9.10 5.28 -14.47
C THR A 91 -8.53 5.64 -15.85
N LYS A 92 -9.32 6.34 -16.64
CA LYS A 92 -8.89 6.73 -17.98
C LYS A 92 -8.50 8.21 -18.02
N GLY A 93 -9.31 9.05 -17.39
CA GLY A 93 -9.03 10.48 -17.38
C GLY A 93 -7.73 10.81 -16.67
N GLU A 94 -7.28 12.05 -16.81
CA GLU A 94 -6.04 12.48 -16.19
C GLU A 94 -6.32 13.21 -14.88
N VAL A 95 -5.71 12.73 -13.80
CA VAL A 95 -5.89 13.32 -12.48
C VAL A 95 -4.87 14.42 -12.22
N GLN A 96 -5.35 15.63 -12.01
CA GLN A 96 -4.47 16.77 -11.74
C GLN A 96 -4.00 16.78 -10.30
N VAL A 97 -2.72 17.05 -10.09
CA VAL A 97 -2.14 17.08 -8.76
C VAL A 97 -1.28 18.31 -8.56
N SER A 98 -1.24 18.82 -7.33
CA SER A 98 -0.45 20.00 -7.01
C SER A 98 0.97 19.60 -6.60
N ASP A 99 1.85 20.60 -6.51
CA ASP A 99 3.24 20.34 -6.13
C ASP A 99 3.32 19.71 -4.75
N LYS A 100 2.42 20.12 -3.86
CA LYS A 100 2.39 19.60 -2.50
C LYS A 100 1.95 18.14 -2.48
N GLU A 101 0.89 17.84 -3.22
CA GLU A 101 0.37 16.47 -3.28
C GLU A 101 1.34 15.56 -4.03
N ARG A 102 2.11 16.14 -4.95
CA ARG A 102 3.07 15.38 -5.73
C ARG A 102 4.34 15.10 -4.92
N HIS A 103 4.69 16.03 -4.05
CA HIS A 103 5.87 15.90 -3.21
C HIS A 103 5.66 14.85 -2.13
N THR A 104 4.53 14.96 -1.43
CA THR A 104 4.21 14.03 -0.35
C THR A 104 4.15 12.59 -0.88
N GLN A 105 3.41 12.41 -1.97
CA GLN A 105 3.28 11.08 -2.58
C GLN A 105 4.63 10.53 -3.00
N LEU A 106 5.45 11.38 -3.61
CA LEU A 106 6.78 10.97 -4.07
C LEU A 106 7.66 10.60 -2.89
N GLU A 107 7.72 11.48 -1.89
CA GLU A 107 8.53 11.25 -0.70
C GLU A 107 8.07 10.00 0.03
N GLN A 108 6.76 9.83 0.15
CA GLN A 108 6.19 8.68 0.84
C GLN A 108 6.60 7.38 0.14
N MET A 109 6.33 7.31 -1.17
CA MET A 109 6.67 6.12 -1.94
C MET A 109 8.16 5.81 -1.86
N PHE A 110 8.99 6.81 -2.19
CA PHE A 110 10.43 6.64 -2.14
C PHE A 110 10.89 6.21 -0.76
N ARG A 111 10.37 6.88 0.27
CA ARG A 111 10.74 6.56 1.65
C ARG A 111 10.29 5.15 2.02
N ASP A 112 9.10 4.78 1.57
CA ASP A 112 8.54 3.46 1.86
C ASP A 112 9.46 2.36 1.33
N ILE A 113 9.77 2.41 0.03
CA ILE A 113 10.64 1.43 -0.59
C ILE A 113 12.01 1.37 0.09
N ALA A 114 12.56 2.55 0.36
CA ALA A 114 13.87 2.63 1.02
C ALA A 114 13.81 2.07 2.44
N THR A 115 12.65 2.23 3.07
CA THR A 115 12.46 1.75 4.43
C THR A 115 12.27 0.23 4.47
N ILE A 116 11.28 -0.25 3.73
CA ILE A 116 11.01 -1.68 3.68
C ILE A 116 12.22 -2.48 3.21
N VAL A 117 13.02 -1.88 2.33
CA VAL A 117 14.21 -2.54 1.81
C VAL A 117 15.35 -2.49 2.83
N ALA A 118 15.56 -1.33 3.43
CA ALA A 118 16.62 -1.15 4.41
C ALA A 118 16.22 -1.71 5.78
N ASP A 119 14.93 -2.00 5.95
CA ASP A 119 14.44 -2.54 7.21
C ASP A 119 14.29 -4.06 7.15
N LYS A 120 13.45 -4.52 6.23
CA LYS A 120 13.23 -5.96 6.08
C LYS A 120 13.64 -6.44 4.69
N CYS A 121 14.95 -6.49 4.46
CA CYS A 121 15.48 -6.94 3.18
C CYS A 121 17.00 -6.88 3.17
N VAL A 122 17.64 -8.02 2.97
CA VAL A 122 19.09 -8.10 2.93
C VAL A 122 19.58 -8.72 1.62
N ASN A 123 20.89 -8.64 1.39
CA ASN A 123 21.49 -9.19 0.17
C ASN A 123 22.27 -10.47 0.48
N PRO A 124 22.30 -11.41 -0.47
CA PRO A 124 23.01 -12.68 -0.29
C PRO A 124 24.53 -12.51 -0.37
N GLU A 125 24.98 -11.34 -0.84
CA GLU A 125 26.40 -11.06 -0.95
C GLU A 125 26.97 -10.53 0.35
N THR A 126 26.24 -9.62 0.99
CA THR A 126 26.67 -9.02 2.25
C THR A 126 25.99 -9.69 3.43
N LYS A 127 24.75 -10.14 3.23
CA LYS A 127 24.00 -10.81 4.28
C LYS A 127 23.75 -9.86 5.44
N ARG A 128 23.53 -8.59 5.13
CA ARG A 128 23.27 -7.58 6.16
C ARG A 128 22.40 -6.45 5.60
N PRO A 129 21.49 -5.91 6.42
CA PRO A 129 20.59 -4.82 6.00
C PRO A 129 21.37 -3.61 5.48
N TYR A 130 21.22 -3.35 4.18
CA TYR A 130 21.92 -2.23 3.56
C TYR A 130 21.42 -0.90 4.13
N THR A 131 22.02 0.19 3.67
CA THR A 131 21.64 1.52 4.14
C THR A 131 20.84 2.26 3.08
N VAL A 132 20.00 3.19 3.54
CA VAL A 132 19.16 3.97 2.63
C VAL A 132 19.99 4.60 1.51
N ILE A 133 21.25 4.86 1.79
CA ILE A 133 22.14 5.47 0.80
C ILE A 133 22.46 4.48 -0.32
N LEU A 134 22.66 3.22 0.05
CA LEU A 134 22.97 2.18 -0.92
C LEU A 134 21.76 1.86 -1.77
N ILE A 135 20.59 1.84 -1.14
CA ILE A 135 19.34 1.55 -1.85
C ILE A 135 18.98 2.69 -2.80
N GLU A 136 19.21 3.92 -2.36
CA GLU A 136 18.92 5.08 -3.18
C GLU A 136 19.82 5.13 -4.42
N ARG A 137 21.11 4.91 -4.20
CA ARG A 137 22.08 4.91 -5.29
C ARG A 137 21.74 3.84 -6.32
N ALA A 138 21.50 2.62 -5.83
CA ALA A 138 21.16 1.51 -6.71
C ALA A 138 19.90 1.79 -7.52
N MET A 139 18.86 2.26 -6.83
CA MET A 139 17.60 2.58 -7.48
C MET A 139 17.80 3.60 -8.61
N LYS A 140 18.65 4.59 -8.35
CA LYS A 140 18.93 5.62 -9.34
C LYS A 140 19.86 5.09 -10.42
N ASP A 141 20.77 4.21 -10.02
CA ASP A 141 21.73 3.62 -10.96
C ASP A 141 21.01 2.81 -12.03
N ILE A 142 19.90 2.17 -11.65
CA ILE A 142 19.12 1.37 -12.57
C ILE A 142 18.05 2.20 -13.28
N HIS A 143 18.12 3.52 -13.12
CA HIS A 143 17.15 4.42 -13.73
C HIS A 143 15.73 4.07 -13.30
N TYR A 144 15.59 3.66 -12.04
CA TYR A 144 14.28 3.31 -11.50
C TYR A 144 13.42 4.55 -11.30
N SER A 145 12.23 4.53 -11.89
CA SER A 145 11.31 5.65 -11.78
C SER A 145 9.94 5.18 -11.27
N VAL A 146 9.83 5.04 -9.96
CA VAL A 146 8.58 4.60 -9.34
C VAL A 146 7.45 5.55 -9.68
N LYS A 147 6.32 4.99 -10.12
CA LYS A 147 5.16 5.79 -10.49
C LYS A 147 4.29 6.04 -9.26
N THR A 148 4.13 7.32 -8.91
CA THR A 148 3.31 7.70 -7.76
C THR A 148 1.89 7.17 -7.91
N ASN A 149 1.45 6.99 -9.14
CA ASN A 149 0.11 6.48 -9.42
C ASN A 149 -0.04 5.03 -8.95
N LYS A 150 1.08 4.37 -8.70
CA LYS A 150 1.06 2.99 -8.25
C LYS A 150 1.28 2.89 -6.74
N SER A 151 1.24 1.67 -6.22
CA SER A 151 1.45 1.44 -4.79
C SER A 151 2.84 0.91 -4.51
N THR A 152 3.35 1.20 -3.32
CA THR A 152 4.68 0.75 -2.93
C THR A 152 4.75 -0.76 -2.85
N LYS A 153 3.94 -1.35 -1.97
CA LYS A 153 3.91 -2.80 -1.79
C LYS A 153 3.84 -3.52 -3.13
N GLN A 154 2.91 -3.09 -3.98
CA GLN A 154 2.74 -3.70 -5.29
C GLN A 154 4.01 -3.52 -6.13
N GLN A 155 4.69 -2.41 -5.94
CA GLN A 155 5.91 -2.12 -6.67
C GLN A 155 7.09 -2.93 -6.12
N ALA A 156 6.99 -3.32 -4.85
CA ALA A 156 8.05 -4.09 -4.20
C ALA A 156 8.46 -5.29 -5.06
N LEU A 157 7.48 -5.91 -5.71
CA LEU A 157 7.75 -7.06 -6.57
C LEU A 157 8.66 -6.68 -7.73
N GLU A 158 8.34 -5.57 -8.40
CA GLU A 158 9.13 -5.10 -9.52
C GLU A 158 10.53 -4.71 -9.07
N VAL A 159 10.61 -4.09 -7.90
CA VAL A 159 11.90 -3.66 -7.35
C VAL A 159 12.83 -4.85 -7.15
N ILE A 160 12.31 -5.90 -6.52
CA ILE A 160 13.10 -7.10 -6.26
C ILE A 160 13.52 -7.76 -7.56
N LYS A 161 12.59 -7.82 -8.52
CA LYS A 161 12.86 -8.43 -9.81
C LYS A 161 13.95 -7.67 -10.56
N GLN A 162 13.88 -6.34 -10.48
CA GLN A 162 14.86 -5.49 -11.16
C GLN A 162 16.24 -5.64 -10.50
N LEU A 163 16.30 -5.31 -9.21
CA LEU A 163 17.55 -5.41 -8.46
C LEU A 163 18.03 -6.85 -8.36
N LYS A 164 17.12 -7.80 -8.61
CA LYS A 164 17.45 -9.22 -8.54
C LYS A 164 18.69 -9.54 -9.38
N GLU A 165 18.80 -8.88 -10.54
CA GLU A 165 19.94 -9.09 -11.43
C GLU A 165 21.13 -8.23 -11.01
N LYS A 166 20.85 -7.18 -10.24
CA LYS A 166 21.91 -6.28 -9.77
C LYS A 166 22.71 -6.90 -8.64
N MET A 167 22.08 -7.02 -7.47
CA MET A 167 22.75 -7.60 -6.30
C MET A 167 21.85 -8.59 -5.56
N LYS A 168 20.69 -8.88 -6.13
CA LYS A 168 19.75 -9.82 -5.51
C LYS A 168 19.27 -9.30 -4.16
N ILE A 169 17.97 -9.43 -3.92
CA ILE A 169 17.37 -8.98 -2.67
C ILE A 169 16.34 -9.99 -2.17
N GLU A 170 16.25 -10.14 -0.85
CA GLU A 170 15.31 -11.08 -0.25
C GLU A 170 14.54 -10.41 0.89
N ARG A 171 13.23 -10.56 0.89
CA ARG A 171 12.38 -9.98 1.92
C ARG A 171 11.84 -11.05 2.86
N ALA A 172 12.28 -11.01 4.11
CA ALA A 172 11.85 -11.98 5.10
C ALA A 172 11.92 -11.41 6.52
N HIS A 173 11.10 -11.94 7.42
CA HIS A 173 11.08 -11.47 8.80
C HIS A 173 10.18 -12.35 9.66
N MET A 174 10.71 -12.79 10.80
CA MET A 174 9.95 -13.64 11.71
C MET A 174 10.74 -13.88 13.00
N ARG A 175 10.02 -14.23 14.07
CA ARG A 175 10.65 -14.50 15.36
C ARG A 175 11.21 -15.92 15.40
N LEU A 176 12.49 -16.03 15.73
CA LEU A 176 13.15 -17.33 15.80
C LEU A 176 13.45 -17.74 17.24
N ARG A 177 13.76 -19.02 17.43
CA ARG A 177 14.07 -19.56 18.75
C ARG A 177 15.06 -20.73 18.61
N PHE A 178 16.02 -20.80 19.52
CA PHE A 178 17.01 -21.87 19.47
C PHE A 178 17.15 -22.56 20.83
N ILE A 179 17.34 -23.87 20.78
CA ILE A 179 17.50 -24.67 22.00
C ILE A 179 18.90 -25.27 22.05
N LEU A 180 19.79 -24.65 22.82
CA LEU A 180 21.15 -25.11 22.94
C LEU A 180 21.27 -26.23 23.98
N PRO A 181 21.96 -27.33 23.64
CA PRO A 181 22.14 -28.46 24.54
C PRO A 181 23.06 -28.12 25.71
N VAL A 182 23.53 -29.16 26.41
CA VAL A 182 24.42 -28.95 27.55
C VAL A 182 25.82 -28.54 27.11
N ASN A 183 26.53 -29.47 26.47
CA ASN A 183 27.89 -29.20 26.00
C ASN A 183 27.89 -28.47 24.66
N GLU A 184 27.25 -29.08 23.66
CA GLU A 184 27.17 -28.50 22.33
C GLU A 184 26.61 -27.08 22.36
N GLY A 185 25.86 -26.76 23.41
CA GLY A 185 25.27 -25.44 23.53
C GLY A 185 26.28 -24.32 23.38
N LYS A 186 27.31 -24.35 24.22
CA LYS A 186 28.36 -23.32 24.19
C LYS A 186 28.99 -23.21 22.80
N LYS A 187 28.88 -24.28 22.02
CA LYS A 187 29.45 -24.31 20.68
C LYS A 187 28.72 -23.35 19.74
N LEU A 188 27.47 -23.66 19.46
CA LEU A 188 26.65 -22.84 18.57
C LEU A 188 26.28 -21.51 19.23
N LYS A 189 26.33 -21.47 20.55
CA LYS A 189 25.99 -20.25 21.29
C LYS A 189 26.77 -19.05 20.77
N GLU A 190 28.10 -19.10 20.90
CA GLU A 190 28.96 -18.01 20.44
C GLU A 190 28.92 -17.87 18.92
N LYS A 191 28.54 -18.93 18.24
CA LYS A 191 28.48 -18.92 16.78
C LYS A 191 27.20 -18.25 16.28
N LEU A 192 26.17 -18.26 17.12
CA LEU A 192 24.89 -17.65 16.74
C LEU A 192 24.73 -16.25 17.33
N LYS A 193 25.31 -16.05 18.51
CA LYS A 193 25.21 -14.76 19.19
C LYS A 193 25.54 -13.60 18.24
N PRO A 194 26.68 -13.67 17.53
CA PRO A 194 27.09 -12.62 16.60
C PRO A 194 26.40 -12.74 15.23
N LEU A 195 26.45 -13.93 14.65
CA LEU A 195 25.83 -14.18 13.35
C LEU A 195 24.42 -13.60 13.26
N ILE A 196 23.58 -13.96 14.23
CA ILE A 196 22.20 -13.48 14.25
C ILE A 196 21.88 -12.75 15.55
N LYS A 197 20.64 -12.29 15.67
CA LYS A 197 20.20 -11.56 16.86
C LYS A 197 19.46 -12.48 17.81
N VAL A 198 19.98 -12.62 19.03
CA VAL A 198 19.37 -13.46 20.05
C VAL A 198 18.82 -12.61 21.19
N ILE A 199 18.19 -13.28 22.16
CA ILE A 199 17.61 -12.58 23.31
C ILE A 199 16.98 -13.57 24.28
N GLU A 200 17.08 -13.27 25.58
CA GLU A 200 16.51 -14.12 26.62
C GLU A 200 17.16 -15.50 26.60
N SER A 201 18.34 -15.60 27.21
CA SER A 201 19.05 -16.86 27.28
C SER A 201 19.12 -17.38 28.72
N GLU A 202 18.54 -18.56 28.94
CA GLU A 202 18.52 -19.16 30.27
C GLU A 202 19.22 -20.51 30.27
N ASP A 203 20.30 -20.61 31.06
CA ASP A 203 21.06 -21.86 31.15
C ASP A 203 21.42 -22.16 32.60
N TYR A 204 21.60 -23.44 32.92
CA TYR A 204 21.95 -23.85 34.26
C TYR A 204 23.28 -24.59 34.29
N GLY A 205 24.33 -23.88 34.68
CA GLY A 205 25.66 -24.50 34.74
C GLY A 205 25.95 -25.40 33.56
N GLN A 206 25.75 -26.70 33.76
CA GLN A 206 25.98 -27.68 32.70
C GLN A 206 24.66 -28.24 32.20
N GLN A 207 23.81 -27.36 31.69
CA GLN A 207 22.50 -27.74 31.17
C GLN A 207 22.19 -27.05 29.85
N LEU A 208 21.04 -27.36 29.28
CA LEU A 208 20.63 -26.77 28.01
C LEU A 208 20.23 -25.31 28.20
N GLU A 209 20.52 -24.49 27.18
CA GLU A 209 20.20 -23.08 27.24
C GLU A 209 19.10 -22.70 26.26
N ILE A 210 18.05 -22.07 26.77
CA ILE A 210 16.93 -21.64 25.94
C ILE A 210 17.10 -20.18 25.53
N VAL A 211 17.28 -19.95 24.23
CA VAL A 211 17.49 -18.60 23.72
C VAL A 211 16.57 -18.32 22.53
N CYS A 212 16.11 -17.08 22.42
CA CYS A 212 15.23 -16.69 21.33
C CYS A 212 15.97 -15.77 20.38
N LEU A 213 15.66 -15.88 19.09
CA LEU A 213 16.32 -15.06 18.08
C LEU A 213 15.31 -14.44 17.11
N ILE A 214 15.83 -13.64 16.19
CA ILE A 214 14.99 -12.98 15.19
C ILE A 214 15.71 -12.95 13.84
N ASP A 215 14.97 -13.27 12.78
CA ASP A 215 15.54 -13.30 11.44
C ASP A 215 15.03 -12.14 10.59
N PRO A 216 15.64 -10.95 10.73
CA PRO A 216 15.23 -9.76 9.98
C PRO A 216 15.74 -9.82 8.53
N GLY A 217 15.06 -10.61 7.71
CA GLY A 217 15.44 -10.74 6.32
C GLY A 217 15.68 -12.18 5.92
N CYS A 218 16.62 -12.40 5.01
CA CYS A 218 16.94 -13.75 4.55
C CYS A 218 18.13 -14.33 5.33
N PHE A 219 18.12 -14.12 6.64
CA PHE A 219 19.18 -14.62 7.50
C PHE A 219 19.00 -16.11 7.78
N ARG A 220 17.78 -16.60 7.61
CA ARG A 220 17.47 -18.01 7.85
C ARG A 220 18.43 -18.92 7.09
N GLU A 221 18.98 -18.42 5.99
CA GLU A 221 19.90 -19.20 5.17
C GLU A 221 21.23 -19.40 5.89
N ILE A 222 21.95 -18.31 6.13
CA ILE A 222 23.23 -18.37 6.81
C ILE A 222 23.07 -18.87 8.24
N ASP A 223 21.94 -18.57 8.86
CA ASP A 223 21.67 -18.99 10.23
C ASP A 223 21.54 -20.50 10.32
N GLU A 224 20.67 -21.07 9.49
CA GLU A 224 20.45 -22.51 9.49
C GLU A 224 21.72 -23.26 9.11
N LEU A 225 22.47 -22.70 8.15
CA LEU A 225 23.71 -23.33 7.70
C LEU A 225 24.73 -23.43 8.84
N ILE A 226 25.15 -22.28 9.35
CA ILE A 226 26.13 -22.24 10.44
C ILE A 226 25.65 -23.02 11.66
N LYS A 227 24.38 -22.86 12.00
CA LYS A 227 23.81 -23.55 13.15
C LYS A 227 23.85 -25.06 12.96
N LYS A 228 23.28 -25.54 11.86
CA LYS A 228 23.27 -26.96 11.56
C LYS A 228 24.68 -27.53 11.51
N GLU A 229 25.64 -26.69 11.14
CA GLU A 229 27.04 -27.11 11.05
C GLU A 229 27.70 -27.11 12.42
N THR A 230 27.19 -26.27 13.33
CA THR A 230 27.75 -26.17 14.67
C THR A 230 26.99 -27.05 15.66
N LYS A 231 25.75 -27.42 15.30
CA LYS A 231 24.92 -28.26 16.16
C LYS A 231 24.96 -29.70 15.71
N GLY A 232 25.14 -29.91 14.41
CA GLY A 232 25.19 -31.26 13.87
C GLY A 232 23.88 -31.99 14.04
N LYS A 233 23.66 -32.53 15.24
CA LYS A 233 22.44 -33.26 15.54
C LYS A 233 22.22 -33.38 17.04
N GLY A 234 22.70 -32.38 17.78
CA GLY A 234 22.55 -32.37 19.22
C GLY A 234 21.88 -31.12 19.74
N SER A 235 21.22 -30.38 18.86
CA SER A 235 20.53 -29.16 19.24
C SER A 235 19.14 -29.10 18.62
N LEU A 236 18.31 -28.19 19.12
CA LEU A 236 16.95 -28.03 18.61
C LEU A 236 16.69 -26.58 18.19
N GLU A 237 15.78 -26.41 17.23
CA GLU A 237 15.46 -25.08 16.74
C GLU A 237 13.94 -24.85 16.72
N VAL A 238 13.47 -23.93 17.54
CA VAL A 238 12.06 -23.61 17.60
C VAL A 238 11.76 -22.27 16.95
N LEU A 239 10.62 -22.20 16.25
CA LEU A 239 10.22 -20.98 15.57
C LEU A 239 8.99 -20.36 16.24
N ASN A 240 8.97 -19.04 16.32
CA ASN A 240 7.84 -18.34 16.94
C ASN A 240 6.90 -17.78 15.88
N LEU A 241 7.45 -17.44 14.71
CA LEU A 241 6.66 -16.90 13.62
C LEU A 241 7.05 -17.54 12.30
N LYS A 242 6.05 -17.97 11.53
CA LYS A 242 6.29 -18.60 10.24
C LYS A 242 5.22 -18.20 9.23
N ASP A 243 5.64 -17.56 8.15
CA ASP A 243 4.70 -17.13 7.11
C ASP A 243 4.35 -18.28 6.18
N VAL A 244 3.17 -18.86 6.38
CA VAL A 244 2.72 -19.97 5.56
C VAL A 244 2.05 -19.47 4.28
N GLU A 245 0.96 -18.73 4.43
CA GLU A 245 0.22 -18.19 3.29
C GLU A 245 0.40 -16.67 3.20
N GLU A 246 0.63 -16.04 4.34
CA GLU A 246 0.82 -14.59 4.39
C GLU A 246 1.97 -14.16 3.49
N GLY A 247 1.67 -13.30 2.52
CA GLY A 247 2.70 -12.82 1.61
C GLY A 247 2.53 -13.38 0.20
N ASP A 248 1.28 -13.65 -0.17
CA ASP A 248 0.99 -14.18 -1.49
C ASP A 248 -0.32 -13.60 -2.03
N GLU A 249 -1.36 -13.62 -1.21
CA GLU A 249 -2.66 -13.11 -1.59
C GLU A 249 -2.95 -11.78 -0.90
N LYS A 250 -3.67 -10.90 -1.58
CA LYS A 250 -4.02 -9.59 -1.02
C LYS A 250 -5.11 -9.73 0.02
N PHE A 251 -6.31 -10.11 -0.41
CA PHE A 251 -7.44 -10.28 0.50
C PHE A 251 -7.76 -8.97 1.21
N GLU A 252 -7.56 -7.86 0.52
CA GLU A 252 -7.83 -6.54 1.09
C GLU A 252 -8.13 -5.52 -0.01
N MET A 3 -15.25 28.23 -20.54
CA MET A 3 -14.27 27.40 -21.28
C MET A 3 -12.89 27.48 -20.64
N SER A 4 -12.37 28.69 -20.50
CA SER A 4 -11.06 28.89 -19.89
C SER A 4 -10.90 30.32 -19.39
N ILE A 5 -9.68 30.70 -19.04
CA ILE A 5 -9.40 32.03 -18.54
C ILE A 5 -10.08 32.28 -17.21
N PHE A 6 -9.28 32.32 -16.14
CA PHE A 6 -9.79 32.55 -14.81
C PHE A 6 -8.68 32.98 -13.85
N THR A 7 -8.55 34.29 -13.67
CA THR A 7 -7.53 34.83 -12.79
C THR A 7 -8.01 36.13 -12.13
N PRO A 8 -8.18 36.13 -10.79
CA PRO A 8 -8.65 37.31 -10.06
C PRO A 8 -7.52 38.27 -9.71
N THR A 9 -6.40 38.16 -10.41
CA THR A 9 -5.26 39.04 -10.16
C THR A 9 -4.69 38.81 -8.77
N ASN A 10 -4.68 37.55 -8.34
CA ASN A 10 -4.16 37.20 -7.02
C ASN A 10 -3.49 35.82 -7.04
N GLN A 11 -4.31 34.78 -7.17
CA GLN A 11 -3.80 33.41 -7.21
C GLN A 11 -4.94 32.42 -7.38
N ILE A 12 -5.79 32.67 -8.37
CA ILE A 12 -6.93 31.79 -8.65
C ILE A 12 -8.00 31.92 -7.58
N ARG A 13 -7.65 31.59 -6.34
CA ARG A 13 -8.59 31.67 -5.22
C ARG A 13 -9.69 30.61 -5.37
N LEU A 14 -9.32 29.45 -5.85
CA LEU A 14 -10.26 28.35 -6.04
C LEU A 14 -9.56 27.00 -6.03
N THR A 15 -9.14 26.57 -4.85
CA THR A 15 -8.44 25.29 -4.71
C THR A 15 -8.84 24.60 -3.40
N ASN A 16 -8.99 23.28 -3.46
CA ASN A 16 -9.36 22.51 -2.28
C ASN A 16 -9.40 21.01 -2.61
N VAL A 17 -10.24 20.64 -3.57
CA VAL A 17 -10.38 19.25 -3.98
C VAL A 17 -9.71 19.01 -5.32
N ALA A 18 -9.32 17.76 -5.57
CA ALA A 18 -8.68 17.38 -6.82
C ALA A 18 -9.69 17.31 -7.96
N VAL A 19 -9.24 17.64 -9.17
CA VAL A 19 -10.11 17.62 -10.33
C VAL A 19 -9.57 16.70 -11.41
N VAL A 20 -10.35 15.70 -11.78
CA VAL A 20 -9.96 14.75 -12.81
C VAL A 20 -10.76 14.97 -14.09
N ARG A 21 -10.09 14.84 -15.24
CA ARG A 21 -10.75 15.05 -16.52
C ARG A 21 -10.70 13.79 -17.38
N MET A 22 -11.62 13.70 -18.35
CA MET A 22 -11.68 12.56 -19.25
C MET A 22 -12.24 12.97 -20.61
N LYS A 23 -11.79 12.30 -21.66
CA LYS A 23 -12.23 12.60 -23.02
C LYS A 23 -13.12 11.48 -23.55
N ARG A 24 -14.34 11.83 -23.95
CA ARG A 24 -15.28 10.85 -24.49
C ARG A 24 -16.25 11.50 -25.47
N ALA A 25 -16.35 10.92 -26.66
CA ALA A 25 -17.25 11.44 -27.68
C ALA A 25 -16.93 12.89 -28.02
N GLY A 26 -15.63 13.20 -28.08
CA GLY A 26 -15.21 14.55 -28.39
C GLY A 26 -15.64 15.55 -27.32
N LYS A 27 -15.81 15.07 -26.09
CA LYS A 27 -16.23 15.92 -24.98
C LYS A 27 -15.20 15.87 -23.85
N ARG A 28 -15.29 16.85 -22.95
CA ARG A 28 -14.37 16.91 -21.82
C ARG A 28 -15.13 17.02 -20.50
N PHE A 29 -15.17 15.93 -19.75
CA PHE A 29 -15.86 15.90 -18.47
C PHE A 29 -14.86 15.96 -17.32
N GLU A 30 -15.35 16.37 -16.14
CA GLU A 30 -14.48 16.48 -14.97
C GLU A 30 -15.26 16.22 -13.68
N ILE A 31 -14.59 15.65 -12.69
CA ILE A 31 -15.23 15.37 -11.40
C ILE A 31 -14.32 15.80 -10.24
N ALA A 32 -14.94 16.07 -9.09
CA ALA A 32 -14.21 16.49 -7.91
C ALA A 32 -13.93 15.31 -6.99
N CYS A 33 -12.64 15.01 -6.82
CA CYS A 33 -12.24 13.89 -5.97
C CYS A 33 -10.90 14.20 -5.28
N TYR A 34 -10.46 13.26 -4.44
CA TYR A 34 -9.20 13.44 -3.71
C TYR A 34 -8.00 13.03 -4.56
N LYS A 35 -6.90 13.74 -4.39
CA LYS A 35 -5.69 13.44 -5.16
C LYS A 35 -5.12 12.08 -4.78
N ASN A 36 -4.86 11.87 -3.49
CA ASN A 36 -4.30 10.61 -3.01
C ASN A 36 -5.29 9.46 -3.19
N LYS A 37 -6.54 9.67 -2.78
CA LYS A 37 -7.56 8.63 -2.89
C LYS A 37 -7.76 8.20 -4.34
N VAL A 38 -7.72 9.16 -5.26
CA VAL A 38 -7.91 8.87 -6.67
C VAL A 38 -6.74 8.06 -7.21
N VAL A 39 -5.52 8.48 -6.88
CA VAL A 39 -4.33 7.77 -7.34
C VAL A 39 -4.34 6.33 -6.85
N GLY A 40 -4.70 6.14 -5.58
CA GLY A 40 -4.75 4.80 -5.02
C GLY A 40 -5.78 3.93 -5.71
N TRP A 41 -6.97 4.48 -5.94
CA TRP A 41 -8.04 3.75 -6.59
C TRP A 41 -7.61 3.30 -7.99
N ARG A 42 -7.10 4.25 -8.78
CA ARG A 42 -6.65 3.95 -10.13
C ARG A 42 -5.58 2.85 -10.11
N SER A 43 -4.69 2.92 -9.13
CA SER A 43 -3.62 1.93 -9.01
C SER A 43 -4.19 0.54 -8.73
N GLY A 44 -5.38 0.51 -8.12
CA GLY A 44 -6.01 -0.76 -7.80
C GLY A 44 -6.14 -0.99 -6.31
N VAL A 45 -6.30 0.10 -5.56
CA VAL A 45 -6.43 0.01 -4.11
C VAL A 45 -7.90 0.08 -3.68
N GLU A 46 -8.28 -0.79 -2.75
CA GLU A 46 -9.65 -0.83 -2.27
C GLU A 46 -10.03 0.49 -1.62
N LYS A 47 -10.82 1.30 -2.33
CA LYS A 47 -11.24 2.59 -1.82
C LYS A 47 -12.75 2.80 -2.04
N ASP A 48 -13.34 3.69 -1.26
CA ASP A 48 -14.77 3.97 -1.36
C ASP A 48 -15.03 5.24 -2.17
N LEU A 49 -16.03 5.18 -3.05
CA LEU A 49 -16.38 6.32 -3.88
C LEU A 49 -16.76 7.53 -3.04
N ASP A 50 -17.54 7.30 -2.00
CA ASP A 50 -17.98 8.37 -1.11
C ASP A 50 -16.77 9.08 -0.49
N GLU A 51 -15.63 8.42 -0.47
CA GLU A 51 -14.42 8.99 0.10
C GLU A 51 -13.55 9.66 -0.97
N VAL A 52 -13.20 8.89 -2.00
CA VAL A 52 -12.38 9.39 -3.09
C VAL A 52 -13.15 10.40 -3.94
N LEU A 53 -14.39 10.07 -4.26
CA LEU A 53 -15.23 10.94 -5.08
C LEU A 53 -16.07 11.86 -4.17
N GLN A 54 -15.73 13.15 -4.18
CA GLN A 54 -16.44 14.12 -3.37
C GLN A 54 -17.74 14.54 -4.04
N THR A 55 -17.63 15.06 -5.26
CA THR A 55 -18.80 15.50 -6.01
C THR A 55 -19.37 14.37 -6.85
N HIS A 56 -20.56 13.90 -6.47
CA HIS A 56 -21.22 12.82 -7.20
C HIS A 56 -21.96 13.38 -8.41
N SER A 57 -21.23 14.06 -9.28
CA SER A 57 -21.82 14.65 -10.49
C SER A 57 -20.74 15.00 -11.49
N VAL A 58 -20.97 14.62 -12.75
CA VAL A 58 -20.01 14.90 -13.80
C VAL A 58 -20.01 16.37 -14.18
N PHE A 59 -18.95 17.07 -13.79
CA PHE A 59 -18.82 18.50 -14.07
C PHE A 59 -18.26 18.72 -15.46
N VAL A 60 -18.03 20.00 -15.79
CA VAL A 60 -17.48 20.38 -17.09
C VAL A 60 -16.32 21.34 -16.90
N ASN A 61 -16.58 22.45 -16.22
CA ASN A 61 -15.56 23.45 -15.96
C ASN A 61 -15.43 23.70 -14.46
N VAL A 62 -14.87 22.72 -13.76
CA VAL A 62 -14.69 22.82 -12.31
C VAL A 62 -13.92 24.09 -11.94
N SER A 63 -13.00 24.48 -12.79
CA SER A 63 -12.19 25.67 -12.56
C SER A 63 -13.07 26.91 -12.36
N LYS A 64 -14.25 26.89 -13.00
CA LYS A 64 -15.18 28.01 -12.90
C LYS A 64 -16.44 27.60 -12.13
N GLY A 65 -16.75 26.31 -12.15
CA GLY A 65 -17.94 25.82 -11.46
C GLY A 65 -19.08 25.53 -12.40
N GLN A 66 -18.81 24.79 -13.47
CA GLN A 66 -19.84 24.44 -14.45
C GLN A 66 -20.10 22.94 -14.45
N VAL A 67 -21.33 22.57 -14.14
CA VAL A 67 -21.71 21.17 -14.10
C VAL A 67 -22.27 20.71 -15.45
N ALA A 68 -22.11 19.42 -15.75
CA ALA A 68 -22.60 18.86 -17.00
C ALA A 68 -24.07 18.48 -16.89
N LYS A 69 -24.79 18.56 -18.01
CA LYS A 69 -26.20 18.21 -18.04
C LYS A 69 -26.39 16.70 -18.11
N LYS A 70 -27.50 16.22 -17.53
CA LYS A 70 -27.80 14.79 -17.54
C LYS A 70 -27.92 14.26 -18.96
N GLU A 71 -28.48 15.09 -19.85
CA GLU A 71 -28.65 14.70 -21.24
C GLU A 71 -27.31 14.37 -21.88
N ASP A 72 -26.36 15.29 -21.76
CA ASP A 72 -25.03 15.11 -22.32
C ASP A 72 -24.30 13.97 -21.62
N LEU A 73 -24.56 13.82 -20.33
CA LEU A 73 -23.93 12.77 -19.54
C LEU A 73 -24.26 11.39 -20.10
N ILE A 74 -25.53 11.19 -20.44
CA ILE A 74 -25.99 9.92 -20.99
C ILE A 74 -25.71 9.83 -22.49
N SER A 75 -26.03 10.91 -23.21
CA SER A 75 -25.82 10.95 -24.66
C SER A 75 -24.33 10.79 -24.99
N ALA A 76 -23.46 11.09 -24.04
CA ALA A 76 -22.03 10.99 -24.25
C ALA A 76 -21.48 9.65 -23.73
N PHE A 77 -21.74 9.36 -22.45
CA PHE A 77 -21.28 8.13 -21.84
C PHE A 77 -22.26 6.98 -22.08
N GLY A 78 -23.55 7.26 -21.87
CA GLY A 78 -24.56 6.23 -22.05
C GLY A 78 -24.74 5.35 -20.83
N THR A 79 -24.97 5.99 -19.69
CA THR A 79 -25.16 5.26 -18.43
C THR A 79 -26.13 5.99 -17.52
N ASP A 80 -25.96 7.30 -17.40
CA ASP A 80 -26.83 8.13 -16.55
C ASP A 80 -26.40 8.04 -15.09
N ASP A 81 -25.36 7.25 -14.81
CA ASP A 81 -24.87 7.10 -13.44
C ASP A 81 -23.65 7.97 -13.22
N GLN A 82 -23.89 9.20 -12.77
CA GLN A 82 -22.81 10.15 -12.52
C GLN A 82 -21.71 9.52 -11.65
N THR A 83 -22.12 8.62 -10.75
CA THR A 83 -21.17 7.94 -9.88
C THR A 83 -20.31 6.97 -10.69
N GLU A 84 -20.97 6.09 -11.45
CA GLU A 84 -20.27 5.13 -12.28
C GLU A 84 -19.33 5.84 -13.25
N ILE A 85 -19.82 6.93 -13.83
CA ILE A 85 -19.03 7.72 -14.77
C ILE A 85 -17.82 8.32 -14.06
N CYS A 86 -18.04 8.78 -12.83
CA CYS A 86 -16.96 9.35 -12.03
C CYS A 86 -15.85 8.32 -11.88
N LYS A 87 -16.25 7.07 -11.68
CA LYS A 87 -15.30 5.98 -11.54
C LYS A 87 -14.47 5.82 -12.81
N GLN A 88 -15.15 5.61 -13.93
CA GLN A 88 -14.48 5.43 -15.22
C GLN A 88 -13.48 6.56 -15.46
N ILE A 89 -13.81 7.75 -15.00
CA ILE A 89 -12.92 8.90 -15.17
C ILE A 89 -11.76 8.84 -14.17
N LEU A 90 -12.02 8.24 -13.01
CA LEU A 90 -10.99 8.11 -11.98
C LEU A 90 -10.02 6.98 -12.31
N THR A 91 -10.44 6.09 -13.20
CA THR A 91 -9.61 4.96 -13.59
C THR A 91 -8.74 5.28 -14.81
N LYS A 92 -9.30 6.03 -15.75
CA LYS A 92 -8.57 6.39 -16.97
C LYS A 92 -8.34 7.89 -17.06
N GLY A 93 -9.30 8.67 -16.55
CA GLY A 93 -9.16 10.12 -16.59
C GLY A 93 -7.87 10.61 -15.95
N GLU A 94 -7.39 11.76 -16.42
CA GLU A 94 -6.15 12.33 -15.88
C GLU A 94 -6.45 13.28 -14.73
N VAL A 95 -5.99 12.92 -13.54
CA VAL A 95 -6.21 13.74 -12.36
C VAL A 95 -5.31 14.98 -12.37
N GLN A 96 -5.93 16.14 -12.52
CA GLN A 96 -5.18 17.39 -12.56
C GLN A 96 -4.73 17.79 -11.16
N VAL A 97 -3.42 17.67 -10.91
CA VAL A 97 -2.85 18.01 -9.62
C VAL A 97 -1.73 19.03 -9.76
N SER A 98 -1.55 19.86 -8.72
CA SER A 98 -0.51 20.88 -8.74
C SER A 98 0.88 20.24 -8.65
N ASP A 99 1.90 21.02 -8.99
CA ASP A 99 3.28 20.53 -8.94
C ASP A 99 3.65 20.10 -7.53
N LYS A 100 3.06 20.74 -6.53
CA LYS A 100 3.34 20.43 -5.14
C LYS A 100 2.94 18.99 -4.82
N GLU A 101 1.68 18.65 -5.10
CA GLU A 101 1.18 17.30 -4.84
C GLU A 101 1.96 16.27 -5.64
N ARG A 102 2.20 16.56 -6.91
CA ARG A 102 2.95 15.65 -7.78
C ARG A 102 4.37 15.44 -7.26
N HIS A 103 4.94 16.50 -6.69
CA HIS A 103 6.29 16.44 -6.15
C HIS A 103 6.33 15.64 -4.85
N THR A 104 5.33 15.85 -4.00
CA THR A 104 5.24 15.16 -2.72
C THR A 104 5.17 13.65 -2.94
N GLN A 105 4.31 13.22 -3.86
CA GLN A 105 4.15 11.81 -4.16
C GLN A 105 5.40 11.24 -4.81
N LEU A 106 6.00 12.01 -5.69
CA LEU A 106 7.22 11.60 -6.39
C LEU A 106 8.37 11.43 -5.41
N GLU A 107 8.56 12.41 -4.54
CA GLU A 107 9.62 12.36 -3.55
C GLU A 107 9.44 11.17 -2.62
N GLN A 108 8.26 11.03 -2.05
CA GLN A 108 7.96 9.94 -1.14
C GLN A 108 8.16 8.59 -1.83
N MET A 109 7.84 8.54 -3.12
CA MET A 109 7.98 7.31 -3.90
C MET A 109 9.45 6.95 -4.08
N PHE A 110 10.25 7.94 -4.46
CA PHE A 110 11.68 7.73 -4.67
C PHE A 110 12.34 7.18 -3.41
N ARG A 111 12.06 7.83 -2.28
CA ARG A 111 12.62 7.41 -1.01
C ARG A 111 12.21 5.99 -0.66
N ASP A 112 10.93 5.70 -0.80
CA ASP A 112 10.39 4.37 -0.49
C ASP A 112 11.00 3.32 -1.42
N ILE A 113 10.93 3.56 -2.72
CA ILE A 113 11.47 2.63 -3.70
C ILE A 113 12.97 2.41 -3.49
N ALA A 114 13.64 3.42 -2.94
CA ALA A 114 15.08 3.33 -2.70
C ALA A 114 15.38 2.40 -1.53
N THR A 115 14.69 2.58 -0.42
CA THR A 115 14.89 1.74 0.76
C THR A 115 14.58 0.29 0.45
N ILE A 116 13.50 0.07 -0.31
CA ILE A 116 13.10 -1.29 -0.68
C ILE A 116 14.13 -1.93 -1.61
N VAL A 117 14.41 -1.27 -2.73
CA VAL A 117 15.38 -1.79 -3.68
C VAL A 117 16.75 -1.98 -3.04
N ALA A 118 17.20 -0.97 -2.30
CA ALA A 118 18.49 -1.03 -1.63
C ALA A 118 18.56 -2.23 -0.67
N ASP A 119 17.46 -2.47 0.04
CA ASP A 119 17.39 -3.57 0.98
C ASP A 119 17.26 -4.91 0.24
N LYS A 120 16.53 -4.90 -0.87
CA LYS A 120 16.32 -6.10 -1.66
C LYS A 120 17.53 -6.38 -2.56
N CYS A 121 17.65 -5.59 -3.64
CA CYS A 121 18.75 -5.74 -4.58
C CYS A 121 20.08 -5.93 -3.85
N VAL A 122 20.70 -7.09 -4.05
CA VAL A 122 21.98 -7.40 -3.42
C VAL A 122 22.97 -7.98 -4.42
N ASN A 123 24.25 -7.70 -4.20
CA ASN A 123 25.30 -8.20 -5.07
C ASN A 123 25.70 -9.62 -4.71
N PRO A 124 25.91 -10.50 -5.72
CA PRO A 124 26.29 -11.89 -5.48
C PRO A 124 27.70 -12.02 -4.93
N GLU A 125 27.92 -11.48 -3.73
CA GLU A 125 29.22 -11.53 -3.09
C GLU A 125 29.08 -11.51 -1.57
N THR A 126 28.86 -12.68 -0.99
CA THR A 126 28.70 -12.79 0.46
C THR A 126 27.50 -11.98 0.95
N LYS A 127 26.35 -12.20 0.32
CA LYS A 127 25.12 -11.48 0.66
C LYS A 127 25.38 -10.01 0.96
N ARG A 128 26.05 -9.33 0.04
CA ARG A 128 26.36 -7.91 0.20
C ARG A 128 25.22 -7.05 -0.36
N PRO A 129 24.46 -6.39 0.53
CA PRO A 129 23.34 -5.53 0.11
C PRO A 129 23.82 -4.19 -0.45
N TYR A 130 22.91 -3.48 -1.11
CA TYR A 130 23.24 -2.19 -1.70
C TYR A 130 22.84 -1.05 -0.75
N THR A 131 23.46 0.11 -0.94
CA THR A 131 23.17 1.28 -0.10
C THR A 131 22.34 2.30 -0.87
N VAL A 132 21.60 3.13 -0.13
CA VAL A 132 20.77 4.16 -0.74
C VAL A 132 21.57 5.01 -1.71
N ILE A 133 22.87 5.16 -1.45
CA ILE A 133 23.73 5.95 -2.31
C ILE A 133 23.97 5.24 -3.64
N LEU A 134 24.09 3.92 -3.58
CA LEU A 134 24.30 3.13 -4.79
C LEU A 134 23.06 3.14 -5.67
N ILE A 135 21.94 2.76 -5.10
CA ILE A 135 20.67 2.74 -5.83
C ILE A 135 20.32 4.13 -6.34
N GLU A 136 20.67 5.15 -5.55
CA GLU A 136 20.40 6.53 -5.93
C GLU A 136 21.15 6.89 -7.20
N ARG A 137 22.45 6.61 -7.21
CA ARG A 137 23.28 6.92 -8.38
C ARG A 137 22.73 6.24 -9.63
N ALA A 138 22.51 4.93 -9.53
CA ALA A 138 22.00 4.16 -10.66
C ALA A 138 20.59 4.61 -11.03
N MET A 139 19.67 4.51 -10.08
CA MET A 139 18.28 4.91 -10.30
C MET A 139 18.19 6.31 -10.90
N LYS A 140 19.20 7.13 -10.62
CA LYS A 140 19.23 8.50 -11.14
C LYS A 140 19.75 8.51 -12.57
N ASP A 141 20.89 7.87 -12.80
CA ASP A 141 21.48 7.81 -14.13
C ASP A 141 20.44 7.40 -15.17
N ILE A 142 19.61 6.42 -14.80
CA ILE A 142 18.55 5.95 -15.68
C ILE A 142 17.29 6.80 -15.51
N HIS A 143 17.17 7.46 -14.36
CA HIS A 143 16.02 8.30 -14.07
C HIS A 143 14.72 7.50 -14.11
N TYR A 144 14.54 6.64 -13.10
CA TYR A 144 13.34 5.82 -13.03
C TYR A 144 13.13 5.27 -11.62
N SER A 145 12.07 5.72 -10.97
CA SER A 145 11.75 5.27 -9.62
C SER A 145 10.45 5.91 -9.13
N VAL A 146 9.41 5.85 -9.95
CA VAL A 146 8.12 6.43 -9.60
C VAL A 146 6.97 5.66 -10.25
N LYS A 147 5.86 5.54 -9.53
CA LYS A 147 4.69 4.83 -10.03
C LYS A 147 3.50 5.01 -9.11
N THR A 148 3.22 6.26 -8.75
CA THR A 148 2.11 6.58 -7.87
C THR A 148 0.80 6.02 -8.40
N ASN A 149 0.70 5.92 -9.73
CA ASN A 149 -0.50 5.41 -10.37
C ASN A 149 -0.32 3.94 -10.75
N LYS A 150 0.44 3.21 -9.94
CA LYS A 150 0.69 1.80 -10.19
C LYS A 150 1.35 1.14 -8.98
N SER A 151 1.30 -0.19 -8.94
CA SER A 151 1.90 -0.94 -7.84
C SER A 151 3.41 -0.77 -7.83
N THR A 152 3.96 -0.51 -6.64
CA THR A 152 5.41 -0.34 -6.49
C THR A 152 6.16 -1.58 -6.93
N LYS A 153 5.94 -2.68 -6.22
CA LYS A 153 6.60 -3.95 -6.53
C LYS A 153 6.48 -4.28 -8.02
N GLN A 154 5.33 -3.93 -8.60
CA GLN A 154 5.08 -4.19 -10.00
C GLN A 154 6.06 -3.43 -10.88
N GLN A 155 6.32 -2.18 -10.51
CA GLN A 155 7.25 -1.34 -11.26
C GLN A 155 8.70 -1.74 -11.00
N ALA A 156 8.94 -2.30 -9.82
CA ALA A 156 10.28 -2.74 -9.45
C ALA A 156 10.88 -3.66 -10.51
N LEU A 157 10.04 -4.51 -11.08
CA LEU A 157 10.49 -5.45 -12.11
C LEU A 157 11.06 -4.70 -13.31
N GLU A 158 10.34 -3.70 -13.79
CA GLU A 158 10.78 -2.90 -14.93
C GLU A 158 12.08 -2.19 -14.62
N VAL A 159 12.19 -1.66 -13.41
CA VAL A 159 13.38 -0.94 -12.99
C VAL A 159 14.62 -1.85 -13.02
N ILE A 160 14.49 -3.03 -12.42
CA ILE A 160 15.59 -3.98 -12.38
C ILE A 160 15.91 -4.50 -13.79
N LYS A 161 14.90 -4.58 -14.63
CA LYS A 161 15.07 -5.05 -16.00
C LYS A 161 15.98 -4.13 -16.80
N GLN A 162 15.59 -2.86 -16.90
CA GLN A 162 16.38 -1.88 -17.64
C GLN A 162 17.73 -1.64 -16.98
N LEU A 163 17.78 -1.75 -15.66
CA LEU A 163 19.01 -1.54 -14.91
C LEU A 163 20.07 -2.59 -15.26
N LYS A 164 19.61 -3.72 -15.78
CA LYS A 164 20.52 -4.80 -16.16
C LYS A 164 21.60 -4.32 -17.12
N GLU A 165 21.29 -3.27 -17.87
CA GLU A 165 22.23 -2.71 -18.85
C GLU A 165 23.51 -2.25 -18.15
N LYS A 166 23.35 -1.46 -17.10
CA LYS A 166 24.48 -0.94 -16.34
C LYS A 166 25.10 -2.03 -15.48
N MET A 167 24.28 -2.68 -14.67
CA MET A 167 24.75 -3.74 -13.78
C MET A 167 23.64 -4.73 -13.47
N LYS A 168 24.02 -5.90 -12.96
CA LYS A 168 23.05 -6.93 -12.63
C LYS A 168 22.64 -6.85 -11.15
N ILE A 169 21.34 -6.82 -10.90
CA ILE A 169 20.83 -6.72 -9.54
C ILE A 169 19.60 -7.61 -9.35
N GLU A 170 19.42 -8.10 -8.13
CA GLU A 170 18.28 -8.96 -7.80
C GLU A 170 17.65 -8.54 -6.48
N ARG A 171 16.43 -8.04 -6.53
CA ARG A 171 15.71 -7.61 -5.33
C ARG A 171 14.84 -8.71 -4.76
N ALA A 172 15.18 -9.19 -3.56
CA ALA A 172 14.42 -10.25 -2.92
C ALA A 172 14.87 -10.45 -1.47
N HIS A 173 14.16 -11.32 -0.76
CA HIS A 173 14.48 -11.61 0.64
C HIS A 173 13.58 -12.71 1.19
N MET A 174 14.20 -13.82 1.62
CA MET A 174 13.44 -14.94 2.16
C MET A 174 14.35 -16.03 2.72
N ARG A 175 13.73 -17.00 3.40
CA ARG A 175 14.47 -18.13 3.98
C ARG A 175 14.20 -19.38 3.15
N LEU A 176 15.24 -19.87 2.48
CA LEU A 176 15.12 -21.05 1.63
C LEU A 176 15.43 -22.35 2.37
N ARG A 177 14.43 -23.20 2.51
CA ARG A 177 14.61 -24.49 3.17
C ARG A 177 14.81 -25.58 2.12
N PHE A 178 15.87 -26.37 2.28
CA PHE A 178 16.17 -27.42 1.32
C PHE A 178 16.24 -28.79 1.98
N ILE A 179 15.52 -29.74 1.39
CA ILE A 179 15.50 -31.11 1.89
C ILE A 179 16.13 -32.04 0.86
N LEU A 180 17.38 -32.39 1.07
CA LEU A 180 18.11 -33.27 0.15
C LEU A 180 18.03 -34.73 0.57
N PRO A 181 17.99 -35.65 -0.42
CA PRO A 181 17.92 -37.09 -0.16
C PRO A 181 19.28 -37.68 0.20
N VAL A 182 19.37 -39.00 0.17
CA VAL A 182 20.61 -39.70 0.49
C VAL A 182 21.61 -39.61 -0.65
N ASN A 183 21.23 -40.12 -1.82
CA ASN A 183 22.11 -40.11 -2.98
C ASN A 183 22.12 -38.75 -3.68
N GLU A 184 20.95 -38.29 -4.10
CA GLU A 184 20.83 -37.00 -4.77
C GLU A 184 21.27 -35.85 -3.86
N GLY A 185 21.26 -36.10 -2.55
CA GLY A 185 21.65 -35.08 -1.60
C GLY A 185 23.15 -35.01 -1.39
N LYS A 186 23.84 -36.11 -1.66
CA LYS A 186 25.30 -36.18 -1.49
C LYS A 186 26.00 -34.96 -2.09
N LYS A 187 25.71 -34.67 -3.35
CA LYS A 187 26.32 -33.55 -4.03
C LYS A 187 25.53 -32.25 -3.79
N LEU A 188 24.21 -32.36 -3.73
CA LEU A 188 23.37 -31.20 -3.50
C LEU A 188 23.73 -30.46 -2.21
N LYS A 189 24.09 -31.23 -1.18
CA LYS A 189 24.46 -30.64 0.10
C LYS A 189 25.57 -29.61 -0.05
N GLU A 190 26.73 -30.06 -0.50
CA GLU A 190 27.88 -29.16 -0.69
C GLU A 190 27.61 -28.14 -1.79
N LYS A 191 26.62 -28.41 -2.64
CA LYS A 191 26.28 -27.51 -3.73
C LYS A 191 25.42 -26.35 -3.25
N LEU A 192 24.75 -26.53 -2.11
CA LEU A 192 23.88 -25.49 -1.56
C LEU A 192 24.52 -24.79 -0.36
N LYS A 193 25.46 -25.48 0.28
CA LYS A 193 26.14 -24.94 1.45
C LYS A 193 26.79 -23.58 1.14
N PRO A 194 27.73 -23.55 0.19
CA PRO A 194 28.43 -22.32 -0.20
C PRO A 194 27.56 -21.39 -1.04
N LEU A 195 26.78 -21.97 -1.94
CA LEU A 195 25.92 -21.19 -2.83
C LEU A 195 25.00 -20.26 -2.03
N ILE A 196 24.28 -20.84 -1.07
CA ILE A 196 23.36 -20.07 -0.24
C ILE A 196 23.70 -20.20 1.23
N LYS A 197 23.24 -19.23 2.03
CA LYS A 197 23.50 -19.23 3.47
C LYS A 197 22.68 -20.30 4.17
N VAL A 198 23.35 -21.39 4.58
CA VAL A 198 22.70 -22.50 5.27
C VAL A 198 22.51 -22.19 6.76
N ILE A 199 21.72 -23.03 7.41
CA ILE A 199 21.46 -22.87 8.84
C ILE A 199 20.69 -24.07 9.39
N GLU A 200 21.14 -24.60 10.52
CA GLU A 200 20.50 -25.74 11.14
C GLU A 200 20.37 -26.90 10.17
N SER A 201 21.48 -27.58 9.89
CA SER A 201 21.48 -28.71 8.97
C SER A 201 21.68 -30.03 9.71
N GLU A 202 20.79 -30.99 9.45
CA GLU A 202 20.87 -32.29 10.10
C GLU A 202 20.87 -33.41 9.08
N ASP A 203 21.88 -34.27 9.16
CA ASP A 203 22.01 -35.39 8.23
C ASP A 203 22.17 -36.72 8.98
N TYR A 204 21.59 -37.78 8.44
CA TYR A 204 21.67 -39.09 9.06
C TYR A 204 22.52 -40.04 8.20
N GLY A 205 23.17 -40.99 8.86
CA GLY A 205 24.01 -41.95 8.14
C GLY A 205 23.31 -42.53 6.92
N GLN A 206 23.69 -42.07 5.74
CA GLN A 206 23.09 -42.55 4.51
C GLN A 206 21.60 -42.20 4.46
N GLN A 207 21.27 -41.00 4.90
CA GLN A 207 19.88 -40.54 4.92
C GLN A 207 19.76 -39.14 4.37
N LEU A 208 18.53 -38.64 4.29
CA LEU A 208 18.27 -37.30 3.78
C LEU A 208 18.71 -36.23 4.78
N GLU A 209 19.13 -35.09 4.26
CA GLU A 209 19.59 -33.99 5.10
C GLU A 209 18.64 -32.80 5.01
N ILE A 210 18.20 -32.31 6.17
CA ILE A 210 17.29 -31.18 6.22
C ILE A 210 18.03 -29.92 6.66
N VAL A 211 18.14 -28.95 5.75
CA VAL A 211 18.84 -27.70 6.05
C VAL A 211 18.00 -26.49 5.65
N CYS A 212 18.11 -25.42 6.44
CA CYS A 212 17.37 -24.19 6.17
C CYS A 212 18.33 -23.10 5.71
N LEU A 213 17.84 -22.21 4.87
CA LEU A 213 18.67 -21.12 4.35
C LEU A 213 17.98 -19.77 4.46
N ILE A 214 18.79 -18.72 4.47
CA ILE A 214 18.28 -17.35 4.56
C ILE A 214 19.21 -16.40 3.81
N ASP A 215 18.65 -15.64 2.87
CA ASP A 215 19.46 -14.70 2.10
C ASP A 215 18.60 -13.76 1.28
N PRO A 216 19.09 -12.53 1.03
CA PRO A 216 18.36 -11.53 0.26
C PRO A 216 18.54 -11.69 -1.25
N GLY A 217 18.00 -10.76 -2.01
CA GLY A 217 18.10 -10.80 -3.45
C GLY A 217 17.46 -12.04 -4.06
N CYS A 218 17.13 -11.95 -5.34
CA CYS A 218 16.50 -13.07 -6.05
C CYS A 218 17.52 -14.17 -6.34
N PHE A 219 18.10 -14.72 -5.28
CA PHE A 219 19.09 -15.79 -5.42
C PHE A 219 18.41 -17.12 -5.76
N ARG A 220 17.12 -17.22 -5.45
CA ARG A 220 16.36 -18.44 -5.71
C ARG A 220 16.61 -18.96 -7.13
N GLU A 221 16.91 -18.05 -8.05
CA GLU A 221 17.17 -18.43 -9.43
C GLU A 221 18.37 -19.35 -9.52
N ILE A 222 19.55 -18.85 -9.16
CA ILE A 222 20.77 -19.63 -9.20
C ILE A 222 20.66 -20.87 -8.30
N ASP A 223 19.90 -20.74 -7.22
CA ASP A 223 19.72 -21.84 -6.29
C ASP A 223 19.02 -23.02 -6.96
N GLU A 224 17.82 -22.77 -7.48
CA GLU A 224 17.04 -23.80 -8.16
C GLU A 224 17.78 -24.32 -9.39
N LEU A 225 18.58 -23.46 -10.00
CA LEU A 225 19.34 -23.83 -11.19
C LEU A 225 20.44 -24.84 -10.85
N ILE A 226 21.38 -24.43 -10.00
CA ILE A 226 22.48 -25.30 -9.60
C ILE A 226 21.96 -26.57 -8.94
N LYS A 227 20.81 -26.48 -8.29
CA LYS A 227 20.21 -27.63 -7.62
C LYS A 227 19.73 -28.66 -8.64
N LYS A 228 18.89 -28.20 -9.56
CA LYS A 228 18.35 -29.08 -10.59
C LYS A 228 19.46 -29.59 -11.51
N GLU A 229 20.43 -28.72 -11.79
CA GLU A 229 21.54 -29.07 -12.65
C GLU A 229 22.44 -30.11 -11.98
N THR A 230 22.54 -30.02 -10.65
CA THR A 230 23.38 -30.96 -9.89
C THR A 230 22.67 -32.31 -9.75
N LYS A 231 21.34 -32.27 -9.70
CA LYS A 231 20.56 -33.49 -9.57
C LYS A 231 19.06 -33.18 -9.62
N GLY A 232 18.57 -32.86 -10.82
CA GLY A 232 17.16 -32.54 -10.99
C GLY A 232 16.24 -33.51 -10.29
N LYS A 233 15.17 -32.99 -9.70
CA LYS A 233 14.21 -33.82 -8.99
C LYS A 233 14.88 -34.59 -7.85
N GLY A 234 16.03 -34.10 -7.40
CA GLY A 234 16.75 -34.76 -6.33
C GLY A 234 16.27 -34.32 -4.96
N SER A 235 16.28 -33.01 -4.72
CA SER A 235 15.85 -32.47 -3.44
C SER A 235 14.63 -31.55 -3.61
N LEU A 236 13.94 -31.29 -2.51
CA LEU A 236 12.77 -30.43 -2.53
C LEU A 236 13.05 -29.11 -1.83
N GLU A 237 12.52 -28.02 -2.37
CA GLU A 237 12.73 -26.70 -1.79
C GLU A 237 11.47 -26.20 -1.08
N VAL A 238 11.57 -26.04 0.23
CA VAL A 238 10.45 -25.56 1.03
C VAL A 238 10.67 -24.12 1.49
N LEU A 239 9.62 -23.32 1.47
CA LEU A 239 9.72 -21.92 1.88
C LEU A 239 9.52 -21.80 3.38
N ASN A 240 10.53 -21.28 4.08
CA ASN A 240 10.46 -21.12 5.53
C ASN A 240 9.48 -20.01 5.89
N LEU A 241 9.90 -18.76 5.67
CA LEU A 241 9.05 -17.61 5.99
C LEU A 241 9.25 -16.50 4.97
N LYS A 242 8.16 -15.84 4.61
CA LYS A 242 8.21 -14.75 3.64
C LYS A 242 8.25 -13.39 4.34
N ASP A 243 9.31 -12.62 4.08
CA ASP A 243 9.47 -11.31 4.68
C ASP A 243 8.57 -10.28 4.00
N VAL A 244 7.92 -9.45 4.80
CA VAL A 244 7.03 -8.42 4.27
C VAL A 244 7.07 -7.17 5.14
N GLU A 245 7.31 -6.03 4.51
CA GLU A 245 7.37 -4.76 5.23
C GLU A 245 6.34 -3.77 4.68
N GLU A 246 5.09 -3.93 5.13
CA GLU A 246 4.02 -3.05 4.69
C GLU A 246 3.75 -1.95 5.71
N GLY A 247 3.32 -2.35 6.90
CA GLY A 247 3.04 -1.38 7.94
C GLY A 247 4.23 -1.16 8.86
N ASP A 248 4.61 -2.19 9.60
CA ASP A 248 5.74 -2.10 10.51
C ASP A 248 6.11 -3.47 11.07
N GLU A 249 5.13 -4.14 11.67
CA GLU A 249 5.35 -5.46 12.24
C GLU A 249 4.03 -6.09 12.67
N LYS A 250 3.21 -5.33 13.37
CA LYS A 250 1.91 -5.81 13.83
C LYS A 250 1.15 -4.71 14.56
N PHE A 251 0.13 -4.17 13.89
CA PHE A 251 -0.68 -3.10 14.47
C PHE A 251 -1.97 -3.67 15.07
N GLU A 252 -1.90 -4.91 15.55
CA GLU A 252 -3.06 -5.55 16.15
C GLU A 252 -2.62 -6.68 17.09
N MET A 3 -5.54 26.89 1.88
CA MET A 3 -4.98 28.18 2.35
C MET A 3 -5.07 29.25 1.27
N SER A 4 -6.07 29.12 0.40
CA SER A 4 -6.28 30.08 -0.69
C SER A 4 -7.48 29.69 -1.53
N ILE A 5 -8.13 30.69 -2.12
CA ILE A 5 -9.31 30.45 -2.94
C ILE A 5 -8.91 30.01 -4.35
N PHE A 6 -8.45 30.97 -5.16
CA PHE A 6 -8.03 30.67 -6.53
C PHE A 6 -7.55 31.93 -7.23
N THR A 7 -6.43 32.48 -6.76
CA THR A 7 -5.86 33.68 -7.35
C THR A 7 -5.44 33.44 -8.81
N PRO A 8 -6.14 34.05 -9.77
CA PRO A 8 -5.83 33.88 -11.20
C PRO A 8 -4.40 34.30 -11.53
N THR A 9 -3.55 33.33 -11.87
CA THR A 9 -2.17 33.61 -12.21
C THR A 9 -1.47 32.34 -12.70
N ASN A 10 -0.18 32.46 -13.00
CA ASN A 10 0.61 31.33 -13.48
C ASN A 10 1.39 30.69 -12.34
N GLN A 11 0.79 30.64 -11.17
CA GLN A 11 1.43 30.06 -9.99
C GLN A 11 0.83 28.69 -9.67
N ILE A 12 -0.47 28.55 -9.92
CA ILE A 12 -1.17 27.30 -9.65
C ILE A 12 -1.94 26.83 -10.87
N ARG A 13 -2.64 25.70 -10.74
CA ARG A 13 -3.42 25.14 -11.83
C ARG A 13 -4.89 25.05 -11.46
N LEU A 14 -5.18 24.33 -10.38
CA LEU A 14 -6.56 24.17 -9.92
C LEU A 14 -6.60 23.70 -8.47
N THR A 15 -7.16 24.53 -7.59
CA THR A 15 -7.26 24.20 -6.17
C THR A 15 -8.65 23.68 -5.84
N ASN A 16 -8.93 23.54 -4.54
CA ASN A 16 -10.23 23.05 -4.09
C ASN A 16 -10.49 21.65 -4.62
N VAL A 17 -9.90 20.65 -3.96
CA VAL A 17 -10.07 19.26 -4.37
C VAL A 17 -9.46 19.01 -5.75
N ALA A 18 -9.07 17.77 -5.99
CA ALA A 18 -8.47 17.40 -7.27
C ALA A 18 -9.52 17.31 -8.37
N VAL A 19 -9.12 17.65 -9.59
CA VAL A 19 -10.03 17.60 -10.73
C VAL A 19 -9.53 16.64 -11.80
N VAL A 20 -10.28 15.57 -12.01
CA VAL A 20 -9.92 14.57 -13.01
C VAL A 20 -10.85 14.64 -14.21
N ARG A 21 -10.27 14.87 -15.39
CA ARG A 21 -11.05 14.96 -16.62
C ARG A 21 -10.76 13.77 -17.54
N MET A 22 -11.69 13.50 -18.45
CA MET A 22 -11.54 12.39 -19.38
C MET A 22 -12.08 12.78 -20.77
N LYS A 23 -11.66 12.04 -21.79
CA LYS A 23 -12.10 12.31 -23.15
C LYS A 23 -13.13 11.27 -23.60
N ARG A 24 -14.25 11.76 -24.15
CA ARG A 24 -15.31 10.88 -24.61
C ARG A 24 -16.35 11.67 -25.41
N ALA A 25 -16.59 11.23 -26.64
CA ALA A 25 -17.55 11.89 -27.51
C ALA A 25 -17.16 13.34 -27.78
N GLY A 26 -15.85 13.60 -27.78
CA GLY A 26 -15.37 14.94 -28.03
C GLY A 26 -15.90 15.95 -27.02
N LYS A 27 -16.19 15.48 -25.82
CA LYS A 27 -16.72 16.34 -24.77
C LYS A 27 -15.75 16.42 -23.60
N ARG A 28 -15.95 17.41 -22.74
CA ARG A 28 -15.09 17.62 -21.58
C ARG A 28 -15.84 17.28 -20.29
N PHE A 29 -15.42 16.22 -19.61
CA PHE A 29 -16.05 15.80 -18.37
C PHE A 29 -15.02 15.66 -17.25
N GLU A 30 -15.21 16.44 -16.19
CA GLU A 30 -14.29 16.40 -15.06
C GLU A 30 -15.07 16.30 -13.74
N ILE A 31 -14.44 15.70 -12.73
CA ILE A 31 -15.07 15.54 -11.42
C ILE A 31 -14.13 15.94 -10.29
N ALA A 32 -14.71 16.33 -9.16
CA ALA A 32 -13.93 16.73 -8.00
C ALA A 32 -13.64 15.52 -7.11
N CYS A 33 -12.39 15.09 -7.10
CA CYS A 33 -11.98 13.94 -6.31
C CYS A 33 -10.71 14.23 -5.51
N TYR A 34 -10.28 13.25 -4.72
CA TYR A 34 -9.10 13.39 -3.89
C TYR A 34 -7.84 12.94 -4.63
N LYS A 35 -6.71 13.58 -4.32
CA LYS A 35 -5.44 13.24 -4.96
C LYS A 35 -4.95 11.87 -4.50
N ASN A 36 -4.86 11.70 -3.18
CA ASN A 36 -4.39 10.44 -2.60
C ASN A 36 -5.39 9.31 -2.82
N LYS A 37 -6.66 9.61 -2.65
CA LYS A 37 -7.72 8.62 -2.82
C LYS A 37 -7.83 8.17 -4.28
N VAL A 38 -7.67 9.12 -5.20
CA VAL A 38 -7.75 8.81 -6.62
C VAL A 38 -6.57 7.95 -7.07
N VAL A 39 -5.36 8.34 -6.67
CA VAL A 39 -4.16 7.60 -7.03
C VAL A 39 -4.23 6.16 -6.52
N GLY A 40 -4.62 6.01 -5.26
CA GLY A 40 -4.72 4.67 -4.68
C GLY A 40 -5.83 3.87 -5.32
N TRP A 41 -6.90 4.54 -5.70
CA TRP A 41 -8.05 3.89 -6.32
C TRP A 41 -7.68 3.41 -7.73
N ARG A 42 -7.13 4.31 -8.52
CA ARG A 42 -6.72 3.98 -9.89
C ARG A 42 -5.70 2.84 -9.89
N SER A 43 -4.81 2.86 -8.91
CA SER A 43 -3.78 1.83 -8.78
C SER A 43 -4.42 0.45 -8.64
N GLY A 44 -5.63 0.42 -8.08
CA GLY A 44 -6.32 -0.85 -7.89
C GLY A 44 -6.53 -1.18 -6.43
N VAL A 45 -6.59 -0.15 -5.59
CA VAL A 45 -6.79 -0.35 -4.16
C VAL A 45 -8.26 -0.20 -3.78
N GLU A 46 -8.71 -1.05 -2.87
CA GLU A 46 -10.11 -1.01 -2.42
C GLU A 46 -10.43 0.34 -1.79
N LYS A 47 -11.36 1.06 -2.39
CA LYS A 47 -11.77 2.37 -1.89
C LYS A 47 -13.30 2.50 -1.90
N ASP A 48 -13.80 3.64 -1.45
CA ASP A 48 -15.24 3.89 -1.41
C ASP A 48 -15.64 5.06 -2.29
N LEU A 49 -16.86 5.01 -2.82
CA LEU A 49 -17.38 6.07 -3.67
C LEU A 49 -17.32 7.42 -2.99
N ASP A 50 -17.88 7.51 -1.79
CA ASP A 50 -17.90 8.75 -1.04
C ASP A 50 -16.56 9.02 -0.35
N GLU A 51 -15.60 8.14 -0.56
CA GLU A 51 -14.28 8.28 0.06
C GLU A 51 -13.29 8.93 -0.91
N VAL A 52 -13.42 8.62 -2.19
CA VAL A 52 -12.53 9.16 -3.21
C VAL A 52 -13.18 10.30 -4.00
N LEU A 53 -14.50 10.20 -4.19
CA LEU A 53 -15.22 11.23 -4.94
C LEU A 53 -15.76 12.32 -4.01
N GLN A 54 -15.26 13.53 -4.19
CA GLN A 54 -15.70 14.66 -3.39
C GLN A 54 -17.04 15.18 -3.89
N THR A 55 -17.23 15.11 -5.20
CA THR A 55 -18.47 15.57 -5.83
C THR A 55 -19.04 14.49 -6.76
N HIS A 56 -20.12 13.85 -6.32
CA HIS A 56 -20.75 12.81 -7.13
C HIS A 56 -21.53 13.42 -8.29
N SER A 57 -20.82 14.08 -9.19
CA SER A 57 -21.44 14.71 -10.35
C SER A 57 -20.40 15.07 -11.40
N VAL A 58 -20.68 14.69 -12.65
CA VAL A 58 -19.77 14.99 -13.75
C VAL A 58 -19.79 16.47 -14.09
N PHE A 59 -18.75 17.18 -13.70
CA PHE A 59 -18.66 18.61 -13.96
C PHE A 59 -18.14 18.88 -15.37
N VAL A 60 -18.00 20.16 -15.71
CA VAL A 60 -17.51 20.56 -17.02
C VAL A 60 -16.38 21.57 -16.87
N ASN A 61 -16.63 22.61 -16.08
CA ASN A 61 -15.64 23.65 -15.83
C ASN A 61 -15.52 23.93 -14.34
N VAL A 62 -15.00 22.95 -13.60
CA VAL A 62 -14.84 23.07 -12.16
C VAL A 62 -14.09 24.35 -11.80
N SER A 63 -13.15 24.73 -12.65
CA SER A 63 -12.35 25.93 -12.43
C SER A 63 -13.24 27.16 -12.30
N LYS A 64 -14.41 27.13 -12.94
CA LYS A 64 -15.35 28.24 -12.90
C LYS A 64 -16.61 27.85 -12.14
N GLY A 65 -16.93 26.56 -12.11
CA GLY A 65 -18.11 26.09 -11.42
C GLY A 65 -19.23 25.70 -12.37
N GLN A 66 -18.89 24.94 -13.41
CA GLN A 66 -19.88 24.51 -14.39
C GLN A 66 -20.07 23.00 -14.34
N VAL A 67 -21.32 22.56 -14.30
CA VAL A 67 -21.63 21.14 -14.25
C VAL A 67 -22.29 20.67 -15.54
N ALA A 68 -22.13 19.39 -15.85
CA ALA A 68 -22.70 18.81 -17.05
C ALA A 68 -24.18 18.49 -16.86
N LYS A 69 -24.79 17.91 -17.89
CA LYS A 69 -26.21 17.55 -17.83
C LYS A 69 -26.40 16.06 -18.10
N LYS A 70 -27.53 15.53 -17.63
CA LYS A 70 -27.84 14.12 -17.82
C LYS A 70 -27.91 13.77 -19.31
N GLU A 71 -28.44 14.69 -20.10
CA GLU A 71 -28.56 14.49 -21.55
C GLU A 71 -27.20 14.22 -22.17
N ASP A 72 -26.21 15.03 -21.80
CA ASP A 72 -24.87 14.88 -22.33
C ASP A 72 -24.15 13.69 -21.70
N LEU A 73 -24.43 13.46 -20.42
CA LEU A 73 -23.83 12.35 -19.69
C LEU A 73 -24.23 11.01 -20.30
N ILE A 74 -25.53 10.83 -20.51
CA ILE A 74 -26.05 9.60 -21.09
C ILE A 74 -25.75 9.52 -22.58
N SER A 75 -25.79 10.67 -23.25
CA SER A 75 -25.53 10.73 -24.68
C SER A 75 -24.05 10.50 -24.99
N ALA A 76 -23.20 10.74 -23.99
CA ALA A 76 -21.76 10.57 -24.16
C ALA A 76 -21.27 9.28 -23.52
N PHE A 77 -21.98 8.81 -22.50
CA PHE A 77 -21.61 7.59 -21.80
C PHE A 77 -22.68 6.51 -21.93
N GLY A 78 -23.93 6.91 -21.79
CA GLY A 78 -25.03 5.97 -21.91
C GLY A 78 -25.23 5.15 -20.65
N THR A 79 -24.79 5.70 -19.51
CA THR A 79 -24.92 5.01 -18.23
C THR A 79 -25.91 5.74 -17.32
N ASP A 80 -25.94 7.07 -17.44
CA ASP A 80 -26.84 7.89 -16.64
C ASP A 80 -26.46 7.82 -15.16
N ASP A 81 -25.24 7.40 -14.87
CA ASP A 81 -24.76 7.30 -13.50
C ASP A 81 -23.53 8.18 -13.29
N GLN A 82 -23.77 9.46 -12.98
CA GLN A 82 -22.69 10.42 -12.76
C GLN A 82 -21.55 9.79 -11.94
N THR A 83 -21.90 9.16 -10.83
CA THR A 83 -20.90 8.52 -9.98
C THR A 83 -20.07 7.52 -10.79
N GLU A 84 -20.76 6.53 -11.35
CA GLU A 84 -20.10 5.50 -12.15
C GLU A 84 -19.19 6.14 -13.20
N ILE A 85 -19.68 7.21 -13.82
CA ILE A 85 -18.90 7.93 -14.82
C ILE A 85 -17.66 8.54 -14.19
N CYS A 86 -17.79 9.00 -12.95
CA CYS A 86 -16.67 9.59 -12.24
C CYS A 86 -15.56 8.57 -12.02
N LYS A 87 -15.96 7.33 -11.73
CA LYS A 87 -14.98 6.26 -11.51
C LYS A 87 -14.28 5.93 -12.82
N GLN A 88 -15.05 5.86 -13.90
CA GLN A 88 -14.50 5.56 -15.21
C GLN A 88 -13.49 6.63 -15.61
N ILE A 89 -13.76 7.86 -15.19
CA ILE A 89 -12.89 8.99 -15.50
C ILE A 89 -11.69 9.01 -14.55
N LEU A 90 -11.87 8.44 -13.36
CA LEU A 90 -10.80 8.39 -12.36
C LEU A 90 -9.75 7.36 -12.74
N THR A 91 -10.18 6.28 -13.38
CA THR A 91 -9.27 5.21 -13.78
C THR A 91 -8.77 5.43 -15.22
N LYS A 92 -9.62 6.04 -16.04
CA LYS A 92 -9.26 6.29 -17.44
C LYS A 92 -8.81 7.73 -17.64
N GLY A 93 -9.55 8.67 -17.05
CA GLY A 93 -9.21 10.08 -17.18
C GLY A 93 -7.88 10.41 -16.54
N GLU A 94 -7.58 11.71 -16.45
CA GLU A 94 -6.33 12.17 -15.85
C GLU A 94 -6.60 13.20 -14.76
N VAL A 95 -5.84 13.12 -13.67
CA VAL A 95 -5.99 14.05 -12.57
C VAL A 95 -5.18 15.32 -12.80
N GLN A 96 -5.87 16.43 -13.03
CA GLN A 96 -5.22 17.71 -13.27
C GLN A 96 -4.85 18.39 -11.96
N VAL A 97 -3.56 18.37 -11.63
CA VAL A 97 -3.08 18.98 -10.41
C VAL A 97 -1.87 19.88 -10.67
N SER A 98 -1.72 20.91 -9.85
CA SER A 98 -0.61 21.85 -10.00
C SER A 98 0.68 21.25 -9.47
N ASP A 99 1.78 21.98 -9.63
CA ASP A 99 3.08 21.52 -9.18
C ASP A 99 3.07 21.27 -7.66
N LYS A 100 2.36 22.13 -6.94
CA LYS A 100 2.27 22.00 -5.49
C LYS A 100 1.46 20.77 -5.11
N GLU A 101 0.31 20.60 -5.75
CA GLU A 101 -0.56 19.46 -5.48
C GLU A 101 0.16 18.15 -5.77
N ARG A 102 1.00 18.15 -6.80
CA ARG A 102 1.76 16.96 -7.18
C ARG A 102 2.94 16.76 -6.24
N HIS A 103 3.57 17.86 -5.83
CA HIS A 103 4.70 17.80 -4.93
C HIS A 103 4.32 17.16 -3.60
N THR A 104 3.11 17.48 -3.12
CA THR A 104 2.62 16.93 -1.86
C THR A 104 2.54 15.40 -1.94
N GLN A 105 2.20 14.90 -3.10
CA GLN A 105 2.08 13.45 -3.31
C GLN A 105 3.44 12.79 -3.17
N LEU A 106 4.45 13.37 -3.81
CA LEU A 106 5.81 12.82 -3.76
C LEU A 106 6.36 12.90 -2.33
N GLU A 107 6.15 14.03 -1.68
CA GLU A 107 6.62 14.23 -0.31
C GLU A 107 5.91 13.28 0.63
N GLN A 108 4.60 13.17 0.49
CA GLN A 108 3.80 12.30 1.34
C GLN A 108 4.19 10.84 1.12
N MET A 109 4.37 10.46 -0.13
CA MET A 109 4.77 9.09 -0.47
C MET A 109 6.15 8.77 0.09
N PHE A 110 7.07 9.72 -0.06
CA PHE A 110 8.44 9.55 0.42
C PHE A 110 8.44 9.25 1.92
N ARG A 111 7.80 10.11 2.69
CA ARG A 111 7.72 9.94 4.14
C ARG A 111 7.00 8.64 4.49
N ASP A 112 6.03 8.27 3.66
CA ASP A 112 5.26 7.04 3.86
C ASP A 112 6.16 5.82 3.79
N ILE A 113 6.90 5.70 2.69
CA ILE A 113 7.81 4.58 2.49
C ILE A 113 8.86 4.55 3.59
N ALA A 114 9.32 5.74 4.00
CA ALA A 114 10.32 5.84 5.05
C ALA A 114 9.84 5.21 6.34
N THR A 115 8.61 5.54 6.73
CA THR A 115 8.02 5.00 7.94
C THR A 115 7.85 3.49 7.84
N ILE A 116 7.45 3.03 6.66
CA ILE A 116 7.25 1.60 6.42
C ILE A 116 8.57 0.84 6.56
N VAL A 117 9.63 1.41 6.01
CA VAL A 117 10.95 0.80 6.08
C VAL A 117 11.61 1.02 7.44
N ALA A 118 11.11 2.00 8.19
CA ALA A 118 11.66 2.30 9.51
C ALA A 118 10.88 1.61 10.61
N ASP A 119 9.61 1.32 10.35
CA ASP A 119 8.75 0.67 11.34
C ASP A 119 8.46 -0.78 10.95
N LYS A 120 8.00 -0.97 9.72
CA LYS A 120 7.67 -2.30 9.23
C LYS A 120 8.91 -3.03 8.71
N CYS A 121 10.08 -2.41 8.85
CA CYS A 121 11.32 -3.03 8.39
C CYS A 121 12.50 -2.59 9.25
N VAL A 122 13.56 -3.39 9.26
CA VAL A 122 14.75 -3.10 10.04
C VAL A 122 16.01 -3.56 9.30
N ASN A 123 17.17 -3.35 9.92
CA ASN A 123 18.43 -3.74 9.32
C ASN A 123 18.86 -5.12 9.80
N PRO A 124 19.04 -6.08 8.88
CA PRO A 124 19.46 -7.45 9.22
C PRO A 124 20.90 -7.53 9.72
N GLU A 125 21.66 -6.47 9.47
CA GLU A 125 23.06 -6.43 9.89
C GLU A 125 23.19 -6.67 11.39
N THR A 126 22.57 -5.79 12.18
CA THR A 126 22.62 -5.91 13.64
C THR A 126 21.24 -5.65 14.26
N LYS A 127 20.19 -5.89 13.48
CA LYS A 127 18.83 -5.69 13.95
C LYS A 127 18.64 -4.26 14.46
N ARG A 128 19.22 -3.30 13.75
CA ARG A 128 19.11 -1.89 14.13
C ARG A 128 18.13 -1.17 13.22
N PRO A 129 16.91 -0.87 13.72
CA PRO A 129 15.89 -0.18 12.94
C PRO A 129 16.38 1.16 12.41
N TYR A 130 16.21 1.36 11.10
CA TYR A 130 16.65 2.60 10.46
C TYR A 130 15.64 3.72 10.71
N THR A 131 16.05 4.96 10.45
CA THR A 131 15.18 6.11 10.64
C THR A 131 14.69 6.65 9.30
N VAL A 132 13.62 7.43 9.34
CA VAL A 132 13.04 8.00 8.13
C VAL A 132 14.10 8.79 7.35
N ILE A 133 15.06 9.37 8.06
CA ILE A 133 16.12 10.14 7.42
C ILE A 133 17.10 9.23 6.70
N LEU A 134 17.29 8.02 7.23
CA LEU A 134 18.19 7.05 6.64
C LEU A 134 17.61 6.49 5.34
N ILE A 135 16.36 6.02 5.41
CA ILE A 135 15.68 5.46 4.25
C ILE A 135 15.48 6.52 3.18
N GLU A 136 15.17 7.74 3.61
CA GLU A 136 14.97 8.85 2.68
C GLU A 136 16.25 9.19 1.94
N ARG A 137 17.34 9.28 2.69
CA ARG A 137 18.64 9.60 2.11
C ARG A 137 19.06 8.54 1.08
N ALA A 138 18.94 7.28 1.46
CA ALA A 138 19.29 6.18 0.58
C ALA A 138 18.41 6.16 -0.66
N MET A 139 17.11 6.27 -0.46
CA MET A 139 16.15 6.27 -1.57
C MET A 139 16.46 7.39 -2.56
N LYS A 140 16.93 8.52 -2.02
CA LYS A 140 17.27 9.68 -2.85
C LYS A 140 18.63 9.49 -3.51
N ASP A 141 19.54 8.86 -2.80
CA ASP A 141 20.89 8.62 -3.32
C ASP A 141 20.84 7.72 -4.56
N ILE A 142 19.93 6.76 -4.54
CA ILE A 142 19.78 5.83 -5.66
C ILE A 142 18.86 6.41 -6.75
N HIS A 143 18.42 7.65 -6.56
CA HIS A 143 17.54 8.30 -7.52
C HIS A 143 16.26 7.51 -7.72
N TYR A 144 15.74 6.95 -6.63
CA TYR A 144 14.51 6.16 -6.69
C TYR A 144 13.30 7.05 -7.00
N SER A 145 12.57 6.69 -8.05
CA SER A 145 11.40 7.45 -8.46
C SER A 145 10.14 6.90 -7.79
N VAL A 146 9.40 7.79 -7.14
CA VAL A 146 8.16 7.40 -6.45
C VAL A 146 6.97 7.42 -7.42
N LYS A 147 6.37 6.25 -7.64
CA LYS A 147 5.24 6.14 -8.53
C LYS A 147 3.93 6.33 -7.76
N THR A 148 3.40 7.55 -7.79
CA THR A 148 2.15 7.87 -7.10
C THR A 148 1.01 6.96 -7.58
N ASN A 149 1.16 6.39 -8.77
CA ASN A 149 0.14 5.51 -9.32
C ASN A 149 0.40 4.05 -8.96
N LYS A 150 1.13 3.83 -7.87
CA LYS A 150 1.44 2.47 -7.43
C LYS A 150 1.16 2.32 -5.94
N SER A 151 0.59 1.16 -5.56
CA SER A 151 0.27 0.89 -4.17
C SER A 151 1.53 0.89 -3.31
N THR A 152 1.42 1.45 -2.11
CA THR A 152 2.56 1.53 -1.19
C THR A 152 3.09 0.13 -0.87
N LYS A 153 2.24 -0.71 -0.30
CA LYS A 153 2.62 -2.07 0.06
C LYS A 153 3.31 -2.78 -1.12
N GLN A 154 2.69 -2.70 -2.28
CA GLN A 154 3.24 -3.31 -3.49
C GLN A 154 4.57 -2.67 -3.86
N GLN A 155 4.70 -1.39 -3.56
CA GLN A 155 5.93 -0.65 -3.87
C GLN A 155 7.08 -1.10 -2.98
N ALA A 156 6.75 -1.53 -1.76
CA ALA A 156 7.76 -1.98 -0.80
C ALA A 156 8.66 -3.06 -1.42
N LEU A 157 8.09 -3.84 -2.33
CA LEU A 157 8.84 -4.90 -2.98
C LEU A 157 9.98 -4.32 -3.82
N GLU A 158 9.65 -3.44 -4.74
CA GLU A 158 10.64 -2.80 -5.60
C GLU A 158 11.62 -1.97 -4.77
N VAL A 159 11.12 -1.33 -3.74
CA VAL A 159 11.95 -0.50 -2.87
C VAL A 159 13.07 -1.31 -2.24
N ILE A 160 12.70 -2.40 -1.57
CA ILE A 160 13.67 -3.27 -0.92
C ILE A 160 14.63 -3.90 -1.94
N LYS A 161 14.06 -4.39 -3.04
CA LYS A 161 14.86 -5.01 -4.09
C LYS A 161 15.87 -4.03 -4.66
N GLN A 162 15.38 -2.89 -5.14
CA GLN A 162 16.25 -1.87 -5.71
C GLN A 162 17.29 -1.40 -4.70
N LEU A 163 16.82 -1.02 -3.52
CA LEU A 163 17.72 -0.55 -2.46
C LEU A 163 18.72 -1.63 -2.07
N LYS A 164 18.33 -2.89 -2.24
CA LYS A 164 19.20 -4.01 -1.90
C LYS A 164 20.53 -3.92 -2.62
N GLU A 165 20.54 -3.20 -3.75
CA GLU A 165 21.75 -3.04 -4.54
C GLU A 165 22.87 -2.41 -3.71
N LYS A 166 22.51 -1.45 -2.88
CA LYS A 166 23.49 -0.76 -2.03
C LYS A 166 23.08 -0.80 -0.56
N MET A 167 22.01 -1.53 -0.25
CA MET A 167 21.53 -1.63 1.13
C MET A 167 20.37 -2.61 1.23
N LYS A 168 20.59 -3.73 1.90
CA LYS A 168 19.56 -4.74 2.08
C LYS A 168 18.56 -4.32 3.15
N ILE A 169 17.32 -4.78 3.01
CA ILE A 169 16.27 -4.45 3.96
C ILE A 169 15.49 -5.69 4.37
N GLU A 170 14.94 -5.66 5.59
CA GLU A 170 14.16 -6.79 6.10
C GLU A 170 13.00 -6.30 6.94
N ARG A 171 11.97 -7.13 7.07
CA ARG A 171 10.80 -6.78 7.86
C ARG A 171 11.11 -6.80 9.35
N ALA A 172 10.50 -5.87 10.09
CA ALA A 172 10.71 -5.78 11.53
C ALA A 172 9.51 -6.32 12.30
N HIS A 173 9.72 -6.64 13.58
CA HIS A 173 8.65 -7.15 14.42
C HIS A 173 9.00 -7.02 15.89
N MET A 174 8.06 -7.42 16.75
CA MET A 174 8.27 -7.34 18.19
C MET A 174 7.23 -8.15 18.94
N ARG A 175 7.45 -8.30 20.24
CA ARG A 175 6.54 -9.07 21.10
C ARG A 175 5.20 -8.33 21.24
N LEU A 176 4.13 -9.09 21.38
CA LEU A 176 2.80 -8.52 21.51
C LEU A 176 2.07 -9.09 22.72
N ARG A 177 1.34 -8.23 23.42
CA ARG A 177 0.57 -8.65 24.59
C ARG A 177 -0.92 -8.39 24.36
N PHE A 178 -1.67 -9.46 24.17
CA PHE A 178 -3.11 -9.34 23.93
C PHE A 178 -3.93 -9.71 25.16
N ILE A 179 -4.90 -8.87 25.47
CA ILE A 179 -5.78 -9.10 26.62
C ILE A 179 -7.23 -8.99 26.20
N LEU A 180 -7.88 -10.13 26.00
CA LEU A 180 -9.28 -10.16 25.57
C LEU A 180 -10.20 -10.55 26.73
N PRO A 181 -11.44 -10.04 26.72
CA PRO A 181 -12.43 -10.35 27.77
C PRO A 181 -12.74 -11.84 27.85
N VAL A 182 -13.82 -12.16 28.54
CA VAL A 182 -14.23 -13.55 28.72
C VAL A 182 -14.88 -14.13 27.45
N ASN A 183 -15.93 -13.46 26.97
CA ASN A 183 -16.65 -13.93 25.79
C ASN A 183 -15.96 -13.53 24.49
N GLU A 184 -15.76 -12.24 24.29
CA GLU A 184 -15.12 -11.73 23.08
C GLU A 184 -13.78 -12.40 22.82
N GLY A 185 -13.17 -12.93 23.87
CA GLY A 185 -11.87 -13.58 23.73
C GLY A 185 -11.93 -14.82 22.84
N LYS A 186 -12.85 -15.71 23.15
CA LYS A 186 -13.00 -16.94 22.37
C LYS A 186 -13.25 -16.65 20.90
N LYS A 187 -13.72 -15.44 20.60
CA LYS A 187 -14.00 -15.05 19.22
C LYS A 187 -12.75 -14.53 18.53
N LEU A 188 -12.06 -13.59 19.17
CA LEU A 188 -10.85 -13.00 18.60
C LEU A 188 -9.67 -13.95 18.71
N LYS A 189 -9.58 -14.65 19.84
CA LYS A 189 -8.48 -15.59 20.07
C LYS A 189 -8.35 -16.57 18.91
N GLU A 190 -9.48 -17.05 18.41
CA GLU A 190 -9.48 -18.00 17.30
C GLU A 190 -8.95 -17.37 16.02
N LYS A 191 -9.27 -16.08 15.83
CA LYS A 191 -8.83 -15.36 14.64
C LYS A 191 -7.41 -14.81 14.80
N LEU A 192 -6.90 -14.84 16.03
CA LEU A 192 -5.56 -14.33 16.31
C LEU A 192 -4.50 -15.40 16.07
N LYS A 193 -4.81 -16.63 16.46
CA LYS A 193 -3.88 -17.75 16.29
C LYS A 193 -3.41 -17.87 14.84
N PRO A 194 -4.35 -17.91 13.87
CA PRO A 194 -4.02 -18.03 12.46
C PRO A 194 -3.36 -16.78 11.90
N LEU A 195 -3.78 -15.62 12.41
CA LEU A 195 -3.25 -14.34 11.96
C LEU A 195 -1.74 -14.28 12.17
N ILE A 196 -1.29 -14.55 13.39
CA ILE A 196 0.13 -14.53 13.70
C ILE A 196 0.48 -15.58 14.75
N LYS A 197 1.78 -15.73 15.01
CA LYS A 197 2.26 -16.70 15.98
C LYS A 197 1.98 -16.23 17.41
N VAL A 198 1.30 -17.08 18.18
CA VAL A 198 0.96 -16.76 19.56
C VAL A 198 1.86 -17.52 20.54
N ILE A 199 1.80 -17.13 21.81
CA ILE A 199 2.61 -17.76 22.85
C ILE A 199 2.18 -17.29 24.23
N GLU A 200 2.35 -18.17 25.23
CA GLU A 200 1.99 -17.83 26.60
C GLU A 200 0.50 -17.54 26.71
N SER A 201 -0.32 -18.46 26.21
CA SER A 201 -1.77 -18.29 26.26
C SER A 201 -2.32 -18.73 27.62
N GLU A 202 -2.72 -17.76 28.43
CA GLU A 202 -3.26 -18.04 29.75
C GLU A 202 -4.67 -17.46 29.90
N ASP A 203 -5.62 -18.32 30.23
CA ASP A 203 -7.01 -17.89 30.40
C ASP A 203 -7.62 -18.47 31.67
N TYR A 204 -8.59 -17.77 32.23
CA TYR A 204 -9.26 -18.22 33.45
C TYR A 204 -10.69 -18.67 33.15
N GLY A 205 -11.13 -19.73 33.82
CA GLY A 205 -12.48 -20.23 33.61
C GLY A 205 -13.52 -19.13 33.66
N GLN A 206 -14.21 -18.93 32.53
CA GLN A 206 -15.24 -17.90 32.45
C GLN A 206 -14.65 -16.54 32.79
N GLN A 207 -13.41 -16.32 32.36
CA GLN A 207 -12.71 -15.07 32.63
C GLN A 207 -11.96 -14.58 31.38
N LEU A 208 -11.32 -13.43 31.50
CA LEU A 208 -10.59 -12.84 30.39
C LEU A 208 -9.30 -13.63 30.12
N GLU A 209 -8.89 -13.63 28.85
CA GLU A 209 -7.69 -14.35 28.46
C GLU A 209 -6.54 -13.40 28.15
N ILE A 210 -5.33 -13.83 28.47
CA ILE A 210 -4.14 -13.02 28.23
C ILE A 210 -3.07 -13.83 27.49
N VAL A 211 -2.87 -13.50 26.22
CA VAL A 211 -1.88 -14.20 25.40
C VAL A 211 -0.97 -13.21 24.68
N CYS A 212 0.29 -13.58 24.52
CA CYS A 212 1.26 -12.73 23.85
C CYS A 212 1.64 -13.33 22.49
N LEU A 213 1.88 -12.48 21.51
CA LEU A 213 2.25 -12.95 20.18
C LEU A 213 3.27 -12.04 19.50
N ILE A 214 3.79 -12.49 18.37
CA ILE A 214 4.76 -11.72 17.61
C ILE A 214 4.10 -11.10 16.39
N ASP A 215 4.27 -9.79 16.22
CA ASP A 215 3.66 -9.11 15.09
C ASP A 215 4.60 -8.06 14.47
N PRO A 216 4.84 -8.14 13.15
CA PRO A 216 5.71 -7.19 12.46
C PRO A 216 5.12 -5.78 12.44
N GLY A 217 5.96 -4.80 12.13
CA GLY A 217 5.50 -3.42 12.08
C GLY A 217 4.36 -3.21 11.11
N CYS A 218 4.26 -4.09 10.11
CA CYS A 218 3.21 -3.98 9.09
C CYS A 218 1.90 -4.58 9.58
N PHE A 219 1.96 -5.81 10.09
CA PHE A 219 0.77 -6.51 10.59
C PHE A 219 0.02 -5.67 11.62
N ARG A 220 0.72 -4.74 12.26
CA ARG A 220 0.12 -3.87 13.27
C ARG A 220 -1.24 -3.36 12.83
N GLU A 221 -1.37 -3.08 11.54
CA GLU A 221 -2.62 -2.59 10.98
C GLU A 221 -3.68 -3.69 10.96
N ILE A 222 -3.27 -4.89 10.55
CA ILE A 222 -4.18 -6.03 10.49
C ILE A 222 -4.63 -6.45 11.89
N ASP A 223 -3.67 -6.55 12.81
CA ASP A 223 -3.97 -6.93 14.18
C ASP A 223 -4.93 -5.94 14.83
N GLU A 224 -4.66 -4.65 14.65
CA GLU A 224 -5.50 -3.60 15.21
C GLU A 224 -6.89 -3.63 14.59
N LEU A 225 -6.95 -3.97 13.31
CA LEU A 225 -8.22 -4.03 12.60
C LEU A 225 -9.12 -5.11 13.19
N ILE A 226 -8.68 -6.36 13.10
CA ILE A 226 -9.45 -7.48 13.63
C ILE A 226 -9.72 -7.31 15.13
N LYS A 227 -8.79 -6.62 15.80
CA LYS A 227 -8.93 -6.39 17.24
C LYS A 227 -10.11 -5.47 17.53
N LYS A 228 -10.25 -4.42 16.73
CA LYS A 228 -11.34 -3.47 16.91
C LYS A 228 -12.63 -3.98 16.27
N GLU A 229 -12.49 -4.74 15.18
CA GLU A 229 -13.64 -5.28 14.47
C GLU A 229 -14.23 -6.48 15.21
N THR A 230 -13.42 -7.13 16.04
CA THR A 230 -13.88 -8.29 16.79
C THR A 230 -14.14 -7.94 18.25
N LYS A 231 -13.42 -6.94 18.76
CA LYS A 231 -13.59 -6.53 20.15
C LYS A 231 -14.23 -5.15 20.26
N GLY A 232 -14.57 -4.55 19.12
CA GLY A 232 -15.19 -3.24 19.13
C GLY A 232 -14.36 -2.19 19.85
N LYS A 233 -13.05 -2.42 19.92
CA LYS A 233 -12.14 -1.50 20.59
C LYS A 233 -12.34 -1.53 22.10
N GLY A 234 -12.70 -2.70 22.62
CA GLY A 234 -12.92 -2.84 24.05
C GLY A 234 -11.96 -3.83 24.68
N SER A 235 -10.78 -3.97 24.07
CA SER A 235 -9.77 -4.89 24.58
C SER A 235 -8.50 -4.14 24.96
N LEU A 236 -7.55 -4.86 25.56
CA LEU A 236 -6.29 -4.26 25.98
C LEU A 236 -5.12 -4.96 25.29
N GLU A 237 -4.34 -4.20 24.53
CA GLU A 237 -3.19 -4.75 23.82
C GLU A 237 -1.94 -3.90 24.06
N VAL A 238 -0.93 -4.50 24.66
CA VAL A 238 0.32 -3.79 24.94
C VAL A 238 1.43 -4.24 24.00
N LEU A 239 2.03 -3.29 23.30
CA LEU A 239 3.11 -3.57 22.37
C LEU A 239 4.47 -3.54 23.07
N ASN A 240 5.23 -4.62 22.92
CA ASN A 240 6.55 -4.71 23.54
C ASN A 240 7.50 -3.65 22.98
N LEU A 241 8.78 -3.78 23.28
CA LEU A 241 9.78 -2.83 22.82
C LEU A 241 10.39 -3.29 21.50
N LYS A 242 11.16 -2.41 20.87
CA LYS A 242 11.80 -2.72 19.59
C LYS A 242 13.30 -2.96 19.79
N ASP A 243 13.85 -3.88 19.00
CA ASP A 243 15.27 -4.20 19.07
C ASP A 243 16.12 -2.98 18.78
N VAL A 244 16.89 -2.55 19.78
CA VAL A 244 17.76 -1.37 19.62
C VAL A 244 19.13 -1.63 20.25
N GLU A 245 19.13 -2.16 21.47
CA GLU A 245 20.37 -2.44 22.17
C GLU A 245 20.69 -3.94 22.14
N GLU A 246 20.61 -4.54 20.96
CA GLU A 246 20.88 -5.96 20.81
C GLU A 246 22.35 -6.26 21.02
N GLY A 247 23.21 -5.33 20.64
CA GLY A 247 24.64 -5.51 20.80
C GLY A 247 25.39 -4.19 20.83
N ASP A 248 25.04 -3.28 19.93
CA ASP A 248 25.69 -1.97 19.85
C ASP A 248 25.60 -1.25 21.19
N GLU A 249 26.10 -0.02 21.21
CA GLU A 249 26.07 0.79 22.43
C GLU A 249 24.64 1.20 22.78
N LYS A 250 24.10 2.15 22.01
CA LYS A 250 22.74 2.62 22.23
C LYS A 250 22.60 3.21 23.64
N PHE A 251 22.93 4.49 23.78
CA PHE A 251 22.84 5.17 25.05
C PHE A 251 22.25 6.56 24.89
N GLU A 252 21.29 6.90 25.75
CA GLU A 252 20.64 8.21 25.70
C GLU A 252 20.82 8.96 27.02
N MET A 3 -1.87 27.13 2.68
CA MET A 3 -0.87 28.12 2.19
C MET A 3 -0.86 28.19 0.67
N SER A 4 -2.01 27.94 0.05
CA SER A 4 -2.13 27.96 -1.39
C SER A 4 -3.39 28.71 -1.83
N ILE A 5 -3.22 29.67 -2.74
CA ILE A 5 -4.34 30.45 -3.23
C ILE A 5 -4.78 29.97 -4.62
N PHE A 6 -4.02 30.36 -5.64
CA PHE A 6 -4.32 29.98 -7.01
C PHE A 6 -3.14 30.23 -7.93
N THR A 7 -3.36 30.09 -9.23
CA THR A 7 -2.31 30.30 -10.21
C THR A 7 -2.48 31.64 -10.95
N PRO A 8 -3.54 31.78 -11.77
CA PRO A 8 -3.79 33.02 -12.51
C PRO A 8 -4.25 34.16 -11.60
N THR A 9 -5.22 33.87 -10.74
CA THR A 9 -5.74 34.88 -9.82
C THR A 9 -5.23 34.65 -8.40
N ASN A 10 -5.66 35.50 -7.48
CA ASN A 10 -5.24 35.40 -6.09
C ASN A 10 -6.25 36.06 -5.16
N GLN A 11 -7.38 35.41 -4.94
CA GLN A 11 -8.43 35.94 -4.07
C GLN A 11 -9.16 34.82 -3.34
N ILE A 12 -9.51 33.77 -4.06
CA ILE A 12 -10.21 32.63 -3.48
C ILE A 12 -9.28 31.44 -3.31
N ARG A 13 -9.82 30.35 -2.77
CA ARG A 13 -9.04 29.14 -2.55
C ARG A 13 -9.71 27.93 -3.20
N LEU A 14 -9.52 27.80 -4.51
CA LEU A 14 -10.10 26.69 -5.26
C LEU A 14 -9.23 25.44 -5.15
N THR A 15 -7.91 25.64 -5.14
CA THR A 15 -6.98 24.52 -5.04
C THR A 15 -7.11 23.81 -3.70
N ASN A 16 -7.50 22.54 -3.75
CA ASN A 16 -7.69 21.75 -2.54
C ASN A 16 -8.09 20.32 -2.89
N VAL A 17 -8.96 20.18 -3.89
CA VAL A 17 -9.42 18.87 -4.31
C VAL A 17 -8.94 18.55 -5.71
N ALA A 18 -8.80 17.25 -6.01
CA ALA A 18 -8.35 16.81 -7.31
C ALA A 18 -9.45 16.95 -8.36
N VAL A 19 -9.06 17.23 -9.59
CA VAL A 19 -10.02 17.40 -10.68
C VAL A 19 -9.63 16.58 -11.90
N VAL A 20 -10.35 15.48 -12.12
CA VAL A 20 -10.08 14.61 -13.26
C VAL A 20 -10.80 15.12 -14.50
N ARG A 21 -10.11 15.10 -15.63
CA ARG A 21 -10.68 15.56 -16.89
C ARG A 21 -10.47 14.53 -18.00
N MET A 22 -11.49 14.34 -18.83
CA MET A 22 -11.42 13.39 -19.93
C MET A 22 -12.17 13.92 -21.15
N LYS A 23 -11.77 13.47 -22.33
CA LYS A 23 -12.39 13.91 -23.57
C LYS A 23 -12.87 12.72 -24.41
N ARG A 24 -14.19 12.56 -24.49
CA ARG A 24 -14.78 11.46 -25.27
C ARG A 24 -16.01 11.96 -26.01
N ALA A 25 -16.30 11.34 -27.15
CA ALA A 25 -17.47 11.73 -27.94
C ALA A 25 -17.41 13.20 -28.33
N GLY A 26 -16.20 13.75 -28.35
CA GLY A 26 -16.03 15.15 -28.71
C GLY A 26 -16.07 16.06 -27.51
N LYS A 27 -17.12 15.94 -26.71
CA LYS A 27 -17.28 16.77 -25.51
C LYS A 27 -16.29 16.33 -24.42
N ARG A 28 -16.15 17.16 -23.39
CA ARG A 28 -15.25 16.88 -22.29
C ARG A 28 -15.97 17.01 -20.95
N PHE A 29 -15.48 16.29 -19.95
CA PHE A 29 -16.08 16.34 -18.62
C PHE A 29 -15.01 16.36 -17.53
N GLU A 30 -15.41 16.75 -16.33
CA GLU A 30 -14.50 16.82 -15.20
C GLU A 30 -15.23 16.53 -13.89
N ILE A 31 -14.52 15.99 -12.91
CA ILE A 31 -15.13 15.67 -11.61
C ILE A 31 -14.14 15.91 -10.46
N ALA A 32 -14.68 16.26 -9.30
CA ALA A 32 -13.86 16.52 -8.11
C ALA A 32 -13.62 15.24 -7.32
N CYS A 33 -12.35 14.87 -7.19
CA CYS A 33 -11.98 13.66 -6.47
C CYS A 33 -10.85 13.92 -5.48
N TYR A 34 -10.47 12.90 -4.73
CA TYR A 34 -9.40 13.00 -3.74
C TYR A 34 -8.08 12.50 -4.32
N LYS A 35 -7.03 13.28 -4.13
CA LYS A 35 -5.71 12.93 -4.64
C LYS A 35 -5.25 11.57 -4.10
N ASN A 36 -5.35 11.39 -2.78
CA ASN A 36 -4.93 10.15 -2.13
C ASN A 36 -5.90 9.01 -2.44
N LYS A 37 -7.20 9.30 -2.40
CA LYS A 37 -8.22 8.29 -2.66
C LYS A 37 -8.16 7.81 -4.11
N VAL A 38 -7.91 8.74 -5.03
CA VAL A 38 -7.83 8.41 -6.44
C VAL A 38 -6.58 7.59 -6.74
N VAL A 39 -5.43 8.07 -6.30
CA VAL A 39 -4.17 7.38 -6.52
C VAL A 39 -4.25 5.95 -5.99
N GLY A 40 -4.80 5.79 -4.80
CA GLY A 40 -4.95 4.47 -4.21
C GLY A 40 -5.97 3.63 -4.95
N TRP A 41 -7.02 4.29 -5.44
CA TRP A 41 -8.08 3.62 -6.19
C TRP A 41 -7.52 3.03 -7.48
N ARG A 42 -6.94 3.89 -8.31
CA ARG A 42 -6.37 3.46 -9.58
C ARG A 42 -5.30 2.40 -9.36
N SER A 43 -4.50 2.58 -8.31
CA SER A 43 -3.43 1.64 -7.99
C SER A 43 -3.98 0.24 -7.75
N GLY A 44 -5.24 0.17 -7.32
CA GLY A 44 -5.86 -1.11 -7.06
C GLY A 44 -6.57 -1.15 -5.71
N VAL A 45 -6.17 -0.27 -4.80
CA VAL A 45 -6.77 -0.22 -3.47
C VAL A 45 -8.27 0.02 -3.56
N GLU A 46 -9.04 -0.82 -2.87
CA GLU A 46 -10.49 -0.71 -2.87
C GLU A 46 -10.93 0.58 -2.17
N LYS A 47 -11.61 1.45 -2.92
CA LYS A 47 -12.09 2.71 -2.37
C LYS A 47 -13.51 3.00 -2.84
N ASP A 48 -14.28 3.71 -2.01
CA ASP A 48 -15.66 4.04 -2.34
C ASP A 48 -15.79 5.49 -2.84
N LEU A 49 -16.73 5.72 -3.74
CA LEU A 49 -16.96 7.04 -4.29
C LEU A 49 -17.30 8.04 -3.19
N ASP A 50 -17.95 7.54 -2.13
CA ASP A 50 -18.35 8.39 -1.01
C ASP A 50 -17.15 9.05 -0.37
N GLU A 51 -15.95 8.54 -0.63
CA GLU A 51 -14.73 9.10 -0.04
C GLU A 51 -13.76 9.60 -1.12
N VAL A 52 -13.67 8.86 -2.23
CA VAL A 52 -12.77 9.25 -3.31
C VAL A 52 -13.37 10.34 -4.18
N LEU A 53 -14.69 10.37 -4.30
CA LEU A 53 -15.37 11.37 -5.10
C LEU A 53 -15.87 12.52 -4.24
N GLN A 54 -15.19 13.66 -4.33
CA GLN A 54 -15.57 14.84 -3.56
C GLN A 54 -16.90 15.39 -4.07
N THR A 55 -17.14 15.19 -5.37
CA THR A 55 -18.37 15.66 -5.99
C THR A 55 -19.05 14.53 -6.77
N HIS A 56 -20.26 14.17 -6.36
CA HIS A 56 -21.01 13.11 -7.03
C HIS A 56 -21.79 13.66 -8.21
N SER A 57 -21.07 14.35 -9.10
CA SER A 57 -21.69 14.94 -10.29
C SER A 57 -20.63 15.26 -11.32
N VAL A 58 -20.86 14.84 -12.57
CA VAL A 58 -19.91 15.09 -13.64
C VAL A 58 -19.94 16.56 -14.05
N PHE A 59 -18.88 17.28 -13.69
CA PHE A 59 -18.78 18.70 -14.01
C PHE A 59 -18.31 18.91 -15.44
N VAL A 60 -18.07 20.17 -15.79
CA VAL A 60 -17.61 20.52 -17.14
C VAL A 60 -16.41 21.46 -17.05
N ASN A 61 -16.55 22.50 -16.22
CA ASN A 61 -15.49 23.48 -16.03
C ASN A 61 -15.33 23.79 -14.54
N VAL A 62 -14.79 22.84 -13.81
CA VAL A 62 -14.58 22.99 -12.36
C VAL A 62 -13.78 24.26 -12.06
N SER A 63 -12.85 24.59 -12.94
CA SER A 63 -12.02 25.77 -12.77
C SER A 63 -12.88 27.02 -12.63
N LYS A 64 -14.06 26.99 -13.24
CA LYS A 64 -14.98 28.13 -13.18
C LYS A 64 -16.23 27.79 -12.37
N GLY A 65 -16.55 26.50 -12.30
CA GLY A 65 -17.73 26.06 -11.55
C GLY A 65 -18.90 25.75 -12.44
N GLN A 66 -18.66 24.98 -13.49
CA GLN A 66 -19.72 24.60 -14.42
C GLN A 66 -19.98 23.10 -14.35
N VAL A 67 -21.24 22.75 -14.12
CA VAL A 67 -21.63 21.34 -14.02
C VAL A 67 -22.30 20.86 -15.30
N ALA A 68 -22.17 19.56 -15.58
CA ALA A 68 -22.76 18.98 -16.78
C ALA A 68 -24.24 18.66 -16.56
N LYS A 69 -24.84 17.99 -17.54
CA LYS A 69 -26.25 17.62 -17.45
C LYS A 69 -26.43 16.10 -17.51
N LYS A 70 -27.52 15.62 -16.93
CA LYS A 70 -27.80 14.19 -16.92
C LYS A 70 -27.94 13.65 -18.33
N GLU A 71 -28.64 14.40 -19.19
CA GLU A 71 -28.85 13.99 -20.57
C GLU A 71 -27.51 13.80 -21.29
N ASP A 72 -26.72 14.86 -21.32
CA ASP A 72 -25.40 14.81 -21.98
C ASP A 72 -24.52 13.75 -21.34
N LEU A 73 -24.72 13.52 -20.05
CA LEU A 73 -23.94 12.53 -19.31
C LEU A 73 -24.17 11.14 -19.88
N ILE A 74 -25.44 10.78 -20.07
CA ILE A 74 -25.80 9.48 -20.60
C ILE A 74 -25.57 9.41 -22.11
N SER A 75 -25.79 10.54 -22.80
CA SER A 75 -25.60 10.61 -24.24
C SER A 75 -24.12 10.49 -24.61
N ALA A 76 -23.26 10.88 -23.69
CA ALA A 76 -21.82 10.84 -23.92
C ALA A 76 -21.22 9.50 -23.49
N PHE A 77 -21.66 9.01 -22.34
CA PHE A 77 -21.17 7.74 -21.81
C PHE A 77 -22.12 6.60 -22.14
N GLY A 78 -23.40 6.79 -21.82
CA GLY A 78 -24.39 5.76 -22.08
C GLY A 78 -25.19 5.40 -20.84
N THR A 79 -24.71 5.80 -19.67
CA THR A 79 -25.39 5.49 -18.42
C THR A 79 -25.64 6.76 -17.62
N ASP A 80 -26.53 6.68 -16.64
CA ASP A 80 -26.86 7.81 -15.80
C ASP A 80 -26.06 7.79 -14.49
N ASP A 81 -25.53 6.62 -14.15
CA ASP A 81 -24.74 6.47 -12.93
C ASP A 81 -23.51 7.37 -12.96
N GLN A 82 -23.65 8.58 -12.46
CA GLN A 82 -22.53 9.53 -12.43
C GLN A 82 -21.35 8.95 -11.66
N THR A 83 -21.65 8.12 -10.66
CA THR A 83 -20.61 7.49 -9.86
C THR A 83 -19.72 6.62 -10.75
N GLU A 84 -20.35 5.74 -11.54
CA GLU A 84 -19.61 4.87 -12.44
C GLU A 84 -18.80 5.68 -13.44
N ILE A 85 -19.43 6.69 -14.02
CA ILE A 85 -18.76 7.55 -14.98
C ILE A 85 -17.52 8.19 -14.35
N CYS A 86 -17.68 8.63 -13.10
CA CYS A 86 -16.58 9.26 -12.39
C CYS A 86 -15.44 8.26 -12.19
N LYS A 87 -15.80 6.99 -11.94
CA LYS A 87 -14.81 5.95 -11.75
C LYS A 87 -13.92 5.83 -12.99
N GLN A 88 -14.56 5.67 -14.14
CA GLN A 88 -13.84 5.54 -15.40
C GLN A 88 -12.91 6.73 -15.62
N ILE A 89 -13.44 7.94 -15.44
CA ILE A 89 -12.65 9.15 -15.60
C ILE A 89 -11.51 9.20 -14.59
N LEU A 90 -11.72 8.56 -13.44
CA LEU A 90 -10.71 8.55 -12.39
C LEU A 90 -9.59 7.55 -12.73
N THR A 91 -9.94 6.51 -13.48
CA THR A 91 -8.96 5.50 -13.87
C THR A 91 -8.36 5.79 -15.24
N LYS A 92 -9.17 6.39 -16.12
CA LYS A 92 -8.70 6.73 -17.46
C LYS A 92 -8.40 8.23 -17.58
N GLY A 93 -9.29 9.06 -17.05
CA GLY A 93 -9.09 10.49 -17.11
C GLY A 93 -7.85 10.94 -16.39
N GLU A 94 -7.40 12.16 -16.69
CA GLU A 94 -6.20 12.71 -16.06
C GLU A 94 -6.55 13.50 -14.81
N VAL A 95 -6.11 13.02 -13.66
CA VAL A 95 -6.38 13.68 -12.39
C VAL A 95 -5.41 14.83 -12.15
N GLN A 96 -5.93 16.03 -11.96
CA GLN A 96 -5.11 17.21 -11.72
C GLN A 96 -4.66 17.27 -10.27
N VAL A 97 -3.36 17.09 -10.05
CA VAL A 97 -2.81 17.12 -8.70
C VAL A 97 -1.65 18.11 -8.61
N SER A 98 -1.34 18.53 -7.39
CA SER A 98 -0.24 19.48 -7.16
C SER A 98 1.10 18.77 -7.20
N ASP A 99 2.19 19.54 -7.15
CA ASP A 99 3.52 18.98 -7.17
C ASP A 99 3.92 18.44 -5.80
N LYS A 100 3.47 19.12 -4.75
CA LYS A 100 3.78 18.70 -3.38
C LYS A 100 3.07 17.40 -3.05
N GLU A 101 1.86 17.22 -3.57
CA GLU A 101 1.09 16.00 -3.33
C GLU A 101 1.69 14.83 -4.08
N ARG A 102 2.24 15.10 -5.26
CA ARG A 102 2.86 14.06 -6.07
C ARG A 102 4.23 13.69 -5.53
N HIS A 103 4.92 14.67 -4.95
CA HIS A 103 6.25 14.46 -4.39
C HIS A 103 6.16 13.59 -3.14
N THR A 104 5.29 13.97 -2.23
CA THR A 104 5.10 13.23 -0.99
C THR A 104 4.62 11.80 -1.27
N GLN A 105 3.75 11.67 -2.27
CA GLN A 105 3.21 10.37 -2.65
C GLN A 105 4.31 9.48 -3.22
N LEU A 106 5.10 10.05 -4.12
CA LEU A 106 6.19 9.31 -4.76
C LEU A 106 7.20 8.84 -3.72
N GLU A 107 7.53 9.72 -2.78
CA GLU A 107 8.47 9.38 -1.72
C GLU A 107 7.88 8.35 -0.77
N GLN A 108 6.59 8.49 -0.49
CA GLN A 108 5.91 7.56 0.41
C GLN A 108 5.93 6.15 -0.17
N MET A 109 5.58 6.03 -1.45
CA MET A 109 5.57 4.73 -2.11
C MET A 109 6.99 4.16 -2.19
N PHE A 110 7.96 5.03 -2.44
CA PHE A 110 9.35 4.60 -2.54
C PHE A 110 9.82 4.00 -1.22
N ARG A 111 9.37 4.60 -0.12
CA ARG A 111 9.74 4.12 1.21
C ARG A 111 9.03 2.80 1.50
N ASP A 112 7.80 2.69 1.02
CA ASP A 112 7.01 1.48 1.24
C ASP A 112 7.58 0.31 0.44
N ILE A 113 7.78 0.51 -0.86
CA ILE A 113 8.33 -0.52 -1.72
C ILE A 113 9.70 -0.96 -1.22
N ALA A 114 10.54 0.00 -0.88
CA ALA A 114 11.88 -0.27 -0.38
C ALA A 114 11.81 -1.11 0.89
N THR A 115 10.90 -0.74 1.79
CA THR A 115 10.74 -1.47 3.05
C THR A 115 10.38 -2.92 2.78
N ILE A 116 9.47 -3.13 1.83
CA ILE A 116 9.04 -4.48 1.48
C ILE A 116 10.21 -5.30 0.97
N VAL A 117 11.07 -4.67 0.16
CA VAL A 117 12.23 -5.35 -0.39
C VAL A 117 13.32 -5.52 0.67
N ALA A 118 13.26 -4.72 1.73
CA ALA A 118 14.24 -4.78 2.81
C ALA A 118 13.77 -5.71 3.93
N ASP A 119 12.46 -5.85 4.08
CA ASP A 119 11.90 -6.70 5.13
C ASP A 119 11.43 -8.04 4.57
N LYS A 120 11.01 -8.05 3.31
CA LYS A 120 10.54 -9.27 2.67
C LYS A 120 11.66 -9.94 1.87
N CYS A 121 12.90 -9.61 2.20
CA CYS A 121 14.05 -10.19 1.49
C CYS A 121 15.24 -10.34 2.43
N VAL A 122 16.05 -11.36 2.19
CA VAL A 122 17.23 -11.62 3.01
C VAL A 122 18.29 -12.38 2.23
N ASN A 123 19.55 -12.02 2.46
CA ASN A 123 20.67 -12.67 1.76
C ASN A 123 21.03 -13.99 2.45
N PRO A 124 21.31 -15.05 1.67
CA PRO A 124 21.66 -16.36 2.21
C PRO A 124 23.10 -16.40 2.74
N GLU A 125 23.87 -15.36 2.44
CA GLU A 125 25.25 -15.28 2.88
C GLU A 125 25.35 -15.41 4.40
N THR A 126 24.75 -14.46 5.12
CA THR A 126 24.77 -14.48 6.57
C THR A 126 23.35 -14.48 7.15
N LYS A 127 22.36 -14.77 6.31
CA LYS A 127 20.97 -14.80 6.74
C LYS A 127 20.58 -13.51 7.45
N ARG A 128 20.48 -12.42 6.68
CA ARG A 128 20.12 -11.12 7.23
C ARG A 128 19.58 -10.20 6.15
N PRO A 129 18.56 -9.38 6.47
CA PRO A 129 17.96 -8.45 5.51
C PRO A 129 18.84 -7.23 5.26
N TYR A 130 18.67 -6.61 4.10
CA TYR A 130 19.46 -5.43 3.74
C TYR A 130 18.93 -4.19 4.47
N THR A 131 19.54 -3.04 4.18
CA THR A 131 19.13 -1.80 4.80
C THR A 131 18.45 -0.88 3.80
N VAL A 132 17.44 -0.16 4.28
CA VAL A 132 16.68 0.76 3.42
C VAL A 132 17.61 1.74 2.72
N ILE A 133 18.70 2.11 3.38
CA ILE A 133 19.66 3.03 2.81
C ILE A 133 20.34 2.43 1.59
N LEU A 134 20.59 1.12 1.65
CA LEU A 134 21.24 0.41 0.55
C LEU A 134 20.28 0.29 -0.64
N ILE A 135 19.07 -0.18 -0.37
CA ILE A 135 18.07 -0.34 -1.41
C ILE A 135 17.70 1.00 -2.03
N GLU A 136 17.63 2.02 -1.18
CA GLU A 136 17.30 3.37 -1.64
C GLU A 136 18.36 3.88 -2.61
N ARG A 137 19.62 3.78 -2.19
CA ARG A 137 20.73 4.23 -3.02
C ARG A 137 20.71 3.54 -4.38
N ALA A 138 20.50 2.23 -4.37
CA ALA A 138 20.45 1.46 -5.60
C ALA A 138 19.27 1.88 -6.47
N MET A 139 18.07 1.87 -5.88
CA MET A 139 16.86 2.25 -6.59
C MET A 139 17.03 3.62 -7.25
N LYS A 140 17.82 4.48 -6.63
CA LYS A 140 18.08 5.81 -7.15
C LYS A 140 18.96 5.74 -8.39
N ASP A 141 20.13 5.13 -8.24
CA ASP A 141 21.08 4.98 -9.35
C ASP A 141 20.37 4.49 -10.61
N ILE A 142 19.50 3.50 -10.44
CA ILE A 142 18.76 2.94 -11.56
C ILE A 142 17.45 3.70 -11.79
N HIS A 143 17.01 4.44 -10.77
CA HIS A 143 15.77 5.20 -10.85
C HIS A 143 14.60 4.29 -11.21
N TYR A 144 14.25 3.40 -10.29
CA TYR A 144 13.14 2.47 -10.51
C TYR A 144 12.47 2.08 -9.21
N SER A 145 11.63 1.06 -9.26
CA SER A 145 10.92 0.57 -8.08
C SER A 145 9.92 1.62 -7.59
N VAL A 146 8.78 1.71 -8.27
CA VAL A 146 7.74 2.66 -7.90
C VAL A 146 6.36 2.01 -7.99
N LYS A 147 5.45 2.46 -7.13
CA LYS A 147 4.09 1.92 -7.11
C LYS A 147 3.06 3.03 -6.88
N THR A 148 3.48 4.28 -7.04
CA THR A 148 2.60 5.43 -6.85
C THR A 148 1.21 5.17 -7.43
N ASN A 149 1.16 4.55 -8.60
CA ASN A 149 -0.10 4.24 -9.24
C ASN A 149 -0.06 2.87 -9.91
N LYS A 150 0.51 1.89 -9.21
CA LYS A 150 0.61 0.54 -9.73
C LYS A 150 0.56 -0.49 -8.60
N SER A 151 1.02 -1.71 -8.90
CA SER A 151 1.04 -2.78 -7.91
C SER A 151 2.46 -3.06 -7.42
N THR A 152 2.62 -3.20 -6.11
CA THR A 152 3.92 -3.46 -5.53
C THR A 152 4.50 -4.79 -6.00
N LYS A 153 3.83 -5.88 -5.61
CA LYS A 153 4.27 -7.23 -5.99
C LYS A 153 4.57 -7.31 -7.48
N GLN A 154 3.81 -6.57 -8.28
CA GLN A 154 3.99 -6.57 -9.73
C GLN A 154 5.33 -5.93 -10.10
N GLN A 155 5.66 -4.83 -9.42
CA GLN A 155 6.91 -4.12 -9.68
C GLN A 155 8.07 -4.79 -8.97
N ALA A 156 7.79 -5.44 -7.85
CA ALA A 156 8.82 -6.12 -7.06
C ALA A 156 9.65 -7.05 -7.94
N LEU A 157 9.00 -7.73 -8.87
CA LEU A 157 9.67 -8.65 -9.77
C LEU A 157 10.72 -7.92 -10.61
N GLU A 158 10.30 -6.87 -11.29
CA GLU A 158 11.19 -6.08 -12.13
C GLU A 158 12.30 -5.45 -11.31
N VAL A 159 11.97 -5.04 -10.09
CA VAL A 159 12.94 -4.42 -9.20
C VAL A 159 14.07 -5.38 -8.86
N ILE A 160 13.72 -6.55 -8.34
CA ILE A 160 14.72 -7.55 -7.99
C ILE A 160 15.52 -7.99 -9.20
N LYS A 161 14.87 -8.06 -10.35
CA LYS A 161 15.52 -8.47 -11.59
C LYS A 161 16.65 -7.52 -11.95
N GLN A 162 16.34 -6.22 -11.95
CA GLN A 162 17.33 -5.20 -12.29
C GLN A 162 18.33 -5.02 -11.15
N LEU A 163 17.83 -5.07 -9.92
CA LEU A 163 18.68 -4.90 -8.75
C LEU A 163 19.71 -6.02 -8.65
N LYS A 164 19.40 -7.18 -9.22
CA LYS A 164 20.31 -8.32 -9.19
C LYS A 164 21.71 -7.93 -9.66
N GLU A 165 21.78 -6.90 -10.50
CA GLU A 165 23.06 -6.43 -11.02
C GLU A 165 23.85 -5.73 -9.92
N LYS A 166 23.16 -4.93 -9.11
CA LYS A 166 23.81 -4.20 -8.03
C LYS A 166 23.62 -4.92 -6.71
N MET A 167 22.38 -4.98 -6.23
CA MET A 167 22.08 -5.64 -4.97
C MET A 167 21.10 -6.79 -5.19
N LYS A 168 21.43 -7.96 -4.64
CA LYS A 168 20.59 -9.14 -4.77
C LYS A 168 19.67 -9.29 -3.57
N ILE A 169 18.43 -9.67 -3.82
CA ILE A 169 17.44 -9.86 -2.76
C ILE A 169 16.67 -11.16 -2.93
N GLU A 170 16.52 -11.90 -1.84
CA GLU A 170 15.80 -13.17 -1.88
C GLU A 170 14.47 -13.06 -1.14
N ARG A 171 13.37 -13.03 -1.89
CA ARG A 171 12.04 -12.93 -1.31
C ARG A 171 11.49 -14.32 -0.96
N ALA A 172 11.35 -14.58 0.33
CA ALA A 172 10.84 -15.86 0.79
C ALA A 172 9.91 -15.69 1.98
N HIS A 173 8.85 -16.50 2.03
CA HIS A 173 7.88 -16.44 3.13
C HIS A 173 8.16 -17.53 4.16
N MET A 174 7.49 -17.44 5.31
CA MET A 174 7.67 -18.43 6.37
C MET A 174 6.69 -18.19 7.52
N ARG A 175 6.20 -19.28 8.09
CA ARG A 175 5.26 -19.22 9.20
C ARG A 175 5.80 -19.99 10.40
N LEU A 176 5.74 -19.38 11.57
CA LEU A 176 6.25 -20.01 12.79
C LEU A 176 5.12 -20.28 13.79
N ARG A 177 5.49 -20.92 14.90
CA ARG A 177 4.54 -21.26 15.95
C ARG A 177 5.25 -21.24 17.31
N PHE A 178 4.54 -20.81 18.34
CA PHE A 178 5.12 -20.74 19.68
C PHE A 178 4.16 -21.27 20.75
N ILE A 179 4.73 -21.85 21.78
CA ILE A 179 3.95 -22.38 22.90
C ILE A 179 4.60 -21.96 24.22
N LEU A 180 4.01 -20.96 24.87
CA LEU A 180 4.56 -20.44 26.12
C LEU A 180 3.77 -20.93 27.32
N PRO A 181 4.45 -21.15 28.47
CA PRO A 181 3.81 -21.62 29.71
C PRO A 181 2.92 -20.55 30.33
N VAL A 182 2.69 -20.66 31.63
CA VAL A 182 1.86 -19.71 32.35
C VAL A 182 2.60 -18.39 32.59
N ASN A 183 3.62 -18.44 33.43
CA ASN A 183 4.40 -17.25 33.76
C ASN A 183 5.35 -16.87 32.61
N GLU A 184 6.14 -17.83 32.17
CA GLU A 184 7.10 -17.58 31.09
C GLU A 184 6.40 -17.00 29.85
N GLY A 185 5.11 -17.24 29.73
CA GLY A 185 4.36 -16.73 28.59
C GLY A 185 4.27 -15.22 28.59
N LYS A 186 3.81 -14.65 29.69
CA LYS A 186 3.67 -13.20 29.81
C LYS A 186 4.94 -12.48 29.36
N LYS A 187 6.08 -13.13 29.56
CA LYS A 187 7.37 -12.54 29.18
C LYS A 187 7.69 -12.83 27.72
N LEU A 188 7.85 -14.12 27.38
CA LEU A 188 8.18 -14.52 26.02
C LEU A 188 7.15 -13.99 25.02
N LYS A 189 5.90 -13.87 25.46
CA LYS A 189 4.83 -13.38 24.60
C LYS A 189 5.07 -11.94 24.19
N GLU A 190 5.09 -11.04 25.17
CA GLU A 190 5.30 -9.62 24.91
C GLU A 190 6.57 -9.38 24.11
N LYS A 191 7.52 -10.31 24.20
CA LYS A 191 8.79 -10.18 23.50
C LYS A 191 8.66 -10.61 22.04
N LEU A 192 7.62 -11.38 21.73
CA LEU A 192 7.41 -11.86 20.36
C LEU A 192 6.27 -11.10 19.69
N LYS A 193 5.35 -10.57 20.48
CA LYS A 193 4.22 -9.82 19.94
C LYS A 193 4.68 -8.70 19.00
N PRO A 194 5.63 -7.86 19.45
CA PRO A 194 6.14 -6.76 18.64
C PRO A 194 7.24 -7.20 17.68
N LEU A 195 8.07 -8.14 18.11
CA LEU A 195 9.16 -8.65 17.27
C LEU A 195 8.64 -9.13 15.92
N ILE A 196 7.66 -10.04 15.95
CA ILE A 196 7.09 -10.59 14.72
C ILE A 196 5.57 -10.60 14.79
N LYS A 197 4.94 -10.67 13.62
CA LYS A 197 3.48 -10.70 13.54
C LYS A 197 2.94 -12.04 14.03
N VAL A 198 2.08 -11.99 15.05
CA VAL A 198 1.49 -13.19 15.62
C VAL A 198 -0.02 -13.24 15.40
N ILE A 199 -0.60 -14.42 15.55
CA ILE A 199 -2.02 -14.62 15.37
C ILE A 199 -2.52 -15.84 16.12
N GLU A 200 -3.83 -15.90 16.36
CA GLU A 200 -4.43 -17.03 17.07
C GLU A 200 -3.86 -17.15 18.48
N SER A 201 -3.68 -16.01 19.14
CA SER A 201 -3.15 -15.99 20.50
C SER A 201 -4.22 -16.42 21.50
N GLU A 202 -4.01 -17.57 22.13
CA GLU A 202 -4.96 -18.10 23.11
C GLU A 202 -4.27 -18.38 24.44
N ASP A 203 -4.65 -17.61 25.46
CA ASP A 203 -4.07 -17.78 26.80
C ASP A 203 -5.14 -18.13 27.81
N TYR A 204 -4.89 -19.17 28.61
CA TYR A 204 -5.86 -19.58 29.62
C TYR A 204 -5.45 -19.04 31.00
N GLY A 205 -6.46 -18.66 31.79
CA GLY A 205 -6.20 -18.11 33.11
C GLY A 205 -5.14 -18.88 33.87
N GLN A 206 -4.03 -18.21 34.18
CA GLN A 206 -2.92 -18.83 34.90
C GLN A 206 -2.52 -20.15 34.23
N GLN A 207 -2.45 -20.13 32.91
CA GLN A 207 -2.10 -21.31 32.14
C GLN A 207 -1.26 -20.96 30.92
N LEU A 208 -0.87 -21.98 30.17
CA LEU A 208 -0.03 -21.79 28.99
C LEU A 208 -0.82 -21.18 27.84
N GLU A 209 -0.12 -20.41 27.01
CA GLU A 209 -0.73 -19.75 25.87
C GLU A 209 -0.12 -20.24 24.56
N ILE A 210 -0.98 -20.43 23.55
CA ILE A 210 -0.53 -20.89 22.24
C ILE A 210 -0.66 -19.78 21.21
N VAL A 211 0.45 -19.37 20.63
CA VAL A 211 0.46 -18.31 19.63
C VAL A 211 1.24 -18.72 18.38
N CYS A 212 0.77 -18.27 17.23
CA CYS A 212 1.42 -18.59 15.96
C CYS A 212 2.10 -17.34 15.38
N LEU A 213 3.19 -17.56 14.65
CA LEU A 213 3.93 -16.46 14.03
C LEU A 213 3.96 -16.57 12.52
N ILE A 214 4.14 -15.42 11.86
CA ILE A 214 4.19 -15.36 10.41
C ILE A 214 4.92 -14.10 9.95
N ASP A 215 5.96 -14.29 9.13
CA ASP A 215 6.72 -13.15 8.62
C ASP A 215 7.82 -13.62 7.66
N PRO A 216 7.73 -13.22 6.38
CA PRO A 216 8.73 -13.61 5.37
C PRO A 216 10.13 -13.14 5.74
N GLY A 217 11.13 -13.71 5.07
CA GLY A 217 12.51 -13.34 5.35
C GLY A 217 13.20 -14.30 6.30
N CYS A 218 14.33 -13.89 6.85
CA CYS A 218 15.08 -14.72 7.77
C CYS A 218 14.98 -14.19 9.20
N PHE A 219 13.78 -13.72 9.56
CA PHE A 219 13.54 -13.18 10.89
C PHE A 219 13.84 -14.22 11.97
N ARG A 220 13.83 -15.50 11.58
CA ARG A 220 14.11 -16.58 12.52
C ARG A 220 15.35 -16.29 13.36
N GLU A 221 16.28 -15.54 12.79
CA GLU A 221 17.51 -15.20 13.49
C GLU A 221 17.21 -14.37 14.74
N ILE A 222 16.67 -13.18 14.53
CA ILE A 222 16.32 -12.29 15.64
C ILE A 222 15.33 -12.96 16.58
N ASP A 223 14.46 -13.80 16.01
CA ASP A 223 13.46 -14.52 16.80
C ASP A 223 14.11 -15.60 17.64
N GLU A 224 15.11 -16.27 17.07
CA GLU A 224 15.81 -17.35 17.77
C GLU A 224 16.58 -16.80 18.96
N LEU A 225 17.21 -15.64 18.78
CA LEU A 225 17.98 -15.01 19.84
C LEU A 225 17.07 -14.50 20.96
N ILE A 226 16.05 -13.75 20.58
CA ILE A 226 15.11 -13.19 21.54
C ILE A 226 14.32 -14.28 22.24
N LYS A 227 13.88 -15.28 21.48
CA LYS A 227 13.10 -16.37 22.05
C LYS A 227 13.91 -17.15 23.07
N LYS A 228 15.14 -17.52 22.70
CA LYS A 228 16.01 -18.27 23.58
C LYS A 228 16.41 -17.44 24.80
N GLU A 229 16.56 -16.14 24.60
CA GLU A 229 16.94 -15.24 25.68
C GLU A 229 15.75 -14.92 26.60
N THR A 230 14.54 -15.10 26.09
CA THR A 230 13.34 -14.83 26.86
C THR A 230 12.69 -16.13 27.35
N LYS A 231 13.00 -17.25 26.69
CA LYS A 231 12.42 -18.53 27.08
C LYS A 231 13.37 -19.32 27.98
N GLY A 232 14.67 -19.07 27.82
CA GLY A 232 15.66 -19.75 28.62
C GLY A 232 15.51 -21.26 28.59
N LYS A 233 15.27 -21.80 27.40
CA LYS A 233 15.11 -23.24 27.22
C LYS A 233 13.92 -23.75 28.05
N GLY A 234 12.94 -22.89 28.26
CA GLY A 234 11.78 -23.27 29.04
C GLY A 234 10.49 -23.28 28.22
N SER A 235 10.52 -22.61 27.07
CA SER A 235 9.35 -22.54 26.20
C SER A 235 9.54 -23.41 24.96
N LEU A 236 8.47 -23.58 24.19
CA LEU A 236 8.52 -24.38 22.98
C LEU A 236 8.23 -23.53 21.75
N GLU A 237 8.53 -24.08 20.57
CA GLU A 237 8.31 -23.38 19.31
C GLU A 237 8.21 -24.35 18.15
N VAL A 238 7.07 -24.32 17.46
CA VAL A 238 6.85 -25.21 16.32
C VAL A 238 6.93 -24.44 15.01
N LEU A 239 7.40 -25.11 13.95
CA LEU A 239 7.52 -24.48 12.65
C LEU A 239 6.39 -24.94 11.72
N ASN A 240 5.91 -24.01 10.89
CA ASN A 240 4.83 -24.33 9.96
C ASN A 240 5.37 -24.50 8.54
N LEU A 241 5.88 -23.40 7.97
CA LEU A 241 6.42 -23.43 6.62
C LEU A 241 7.89 -23.02 6.62
N LYS A 242 8.67 -23.61 5.71
CA LYS A 242 10.09 -23.30 5.61
C LYS A 242 10.55 -23.33 4.16
N ASP A 243 11.45 -22.43 3.81
CA ASP A 243 11.98 -22.35 2.45
C ASP A 243 12.76 -23.61 2.10
N VAL A 244 12.13 -24.48 1.31
CA VAL A 244 12.76 -25.73 0.89
C VAL A 244 13.29 -25.63 -0.54
N GLU A 245 14.51 -26.11 -0.76
CA GLU A 245 15.11 -26.08 -2.09
C GLU A 245 15.98 -27.31 -2.32
N GLU A 246 15.36 -28.48 -2.23
CA GLU A 246 16.08 -29.74 -2.44
C GLU A 246 15.14 -30.83 -2.96
N GLY A 247 14.17 -30.42 -3.77
CA GLY A 247 13.22 -31.37 -4.32
C GLY A 247 11.79 -30.90 -4.21
N ASP A 248 10.86 -31.68 -4.75
CA ASP A 248 9.44 -31.33 -4.70
C ASP A 248 9.16 -30.05 -5.48
N GLU A 249 9.46 -28.92 -4.86
CA GLU A 249 9.24 -27.62 -5.50
C GLU A 249 10.41 -27.26 -6.42
N LYS A 250 10.27 -26.15 -7.14
CA LYS A 250 11.31 -25.69 -8.05
C LYS A 250 11.64 -24.23 -7.81
N PHE A 251 10.76 -23.34 -8.26
CA PHE A 251 10.96 -21.91 -8.09
C PHE A 251 9.79 -21.28 -7.33
N GLU A 252 8.58 -21.68 -7.70
CA GLU A 252 7.38 -21.16 -7.05
C GLU A 252 6.61 -22.27 -6.36
N MET A 3 -4.19 28.34 -11.93
CA MET A 3 -3.07 28.22 -10.96
C MET A 3 -3.31 29.11 -9.74
N SER A 4 -3.16 30.41 -9.94
CA SER A 4 -3.35 31.38 -8.85
C SER A 4 -4.25 32.52 -9.30
N ILE A 5 -5.23 32.21 -10.14
CA ILE A 5 -6.16 33.22 -10.63
C ILE A 5 -7.28 33.48 -9.63
N PHE A 6 -7.61 32.46 -8.85
CA PHE A 6 -8.68 32.59 -7.85
C PHE A 6 -8.10 32.64 -6.44
N THR A 7 -6.79 32.87 -6.33
CA THR A 7 -6.13 32.94 -5.04
C THR A 7 -6.42 31.70 -4.19
N PRO A 8 -5.70 30.59 -4.44
CA PRO A 8 -5.89 29.34 -3.70
C PRO A 8 -5.65 29.52 -2.20
N THR A 9 -6.67 29.99 -1.49
CA THR A 9 -6.57 30.21 -0.06
C THR A 9 -7.75 29.58 0.67
N ASN A 10 -7.89 29.91 1.96
CA ASN A 10 -8.97 29.36 2.77
C ASN A 10 -10.12 30.36 2.86
N GLN A 11 -10.30 31.15 1.82
CA GLN A 11 -11.37 32.14 1.78
C GLN A 11 -12.49 31.70 0.85
N ILE A 12 -12.14 30.89 -0.14
CA ILE A 12 -13.12 30.38 -1.10
C ILE A 12 -13.19 28.86 -1.05
N ARG A 13 -14.05 28.28 -1.88
CA ARG A 13 -14.21 26.84 -1.92
C ARG A 13 -14.67 26.37 -3.30
N LEU A 14 -13.90 26.72 -4.33
CA LEU A 14 -14.23 26.34 -5.70
C LEU A 14 -14.16 24.83 -5.89
N THR A 15 -13.57 24.13 -4.93
CA THR A 15 -13.44 22.67 -4.98
C THR A 15 -12.40 22.19 -3.95
N ASN A 16 -11.18 22.72 -4.06
CA ASN A 16 -10.10 22.35 -3.15
C ASN A 16 -9.55 20.97 -3.49
N VAL A 17 -10.42 19.96 -3.42
CA VAL A 17 -10.02 18.59 -3.72
C VAL A 17 -9.32 18.51 -5.08
N ALA A 18 -8.87 17.31 -5.44
CA ALA A 18 -8.19 17.10 -6.72
C ALA A 18 -9.19 17.12 -7.87
N VAL A 19 -8.74 17.59 -9.03
CA VAL A 19 -9.58 17.67 -10.21
C VAL A 19 -9.04 16.80 -11.34
N VAL A 20 -9.92 15.96 -11.89
CA VAL A 20 -9.55 15.07 -12.98
C VAL A 20 -10.36 15.40 -14.23
N ARG A 21 -9.71 15.40 -15.39
CA ARG A 21 -10.37 15.70 -16.65
C ARG A 21 -10.18 14.59 -17.67
N MET A 22 -11.19 14.39 -18.52
CA MET A 22 -11.14 13.37 -19.54
C MET A 22 -11.86 13.83 -20.80
N LYS A 23 -11.38 13.38 -21.95
CA LYS A 23 -11.98 13.78 -23.23
C LYS A 23 -12.56 12.56 -23.95
N ARG A 24 -13.87 12.60 -24.19
CA ARG A 24 -14.55 11.50 -24.88
C ARG A 24 -15.78 12.02 -25.62
N ALA A 25 -16.00 11.51 -26.83
CA ALA A 25 -17.14 11.91 -27.65
C ALA A 25 -17.08 13.41 -27.96
N GLY A 26 -15.90 13.99 -27.85
CA GLY A 26 -15.74 15.41 -28.15
C GLY A 26 -15.93 16.29 -26.93
N LYS A 27 -16.99 16.01 -26.17
CA LYS A 27 -17.28 16.78 -24.96
C LYS A 27 -16.22 16.56 -23.89
N ARG A 28 -16.07 17.54 -23.01
CA ARG A 28 -15.09 17.46 -21.93
C ARG A 28 -15.78 17.30 -20.58
N PHE A 29 -15.39 16.26 -19.84
CA PHE A 29 -15.97 16.00 -18.53
C PHE A 29 -14.90 16.05 -17.44
N GLU A 30 -15.29 16.58 -16.28
CA GLU A 30 -14.38 16.69 -15.15
C GLU A 30 -15.08 16.31 -13.85
N ILE A 31 -14.30 15.85 -12.87
CA ILE A 31 -14.87 15.45 -11.58
C ILE A 31 -13.93 15.81 -10.43
N ALA A 32 -14.52 16.11 -9.27
CA ALA A 32 -13.73 16.46 -8.09
C ALA A 32 -13.48 15.23 -7.22
N CYS A 33 -12.24 14.75 -7.24
CA CYS A 33 -11.85 13.58 -6.46
C CYS A 33 -10.62 13.87 -5.60
N TYR A 34 -10.29 12.96 -4.70
CA TYR A 34 -9.15 13.12 -3.81
C TYR A 34 -7.87 12.64 -4.48
N LYS A 35 -6.78 13.36 -4.26
CA LYS A 35 -5.50 13.00 -4.85
C LYS A 35 -5.06 11.61 -4.41
N ASN A 36 -5.08 11.36 -3.10
CA ASN A 36 -4.68 10.07 -2.54
C ASN A 36 -5.71 8.99 -2.88
N LYS A 37 -6.98 9.33 -2.77
CA LYS A 37 -8.05 8.37 -3.06
C LYS A 37 -8.10 8.03 -4.55
N VAL A 38 -7.78 9.02 -5.39
CA VAL A 38 -7.78 8.81 -6.84
C VAL A 38 -6.63 7.90 -7.25
N VAL A 39 -5.43 8.20 -6.77
CA VAL A 39 -4.27 7.37 -7.09
C VAL A 39 -4.49 5.93 -6.66
N GLY A 40 -4.95 5.75 -5.42
CA GLY A 40 -5.22 4.42 -4.92
C GLY A 40 -6.37 3.77 -5.66
N TRP A 41 -7.38 4.58 -6.01
CA TRP A 41 -8.53 4.09 -6.73
C TRP A 41 -8.12 3.57 -8.09
N ARG A 42 -7.32 4.35 -8.81
CA ARG A 42 -6.83 3.95 -10.12
C ARG A 42 -6.07 2.63 -10.01
N SER A 43 -5.22 2.54 -9.00
CA SER A 43 -4.44 1.32 -8.78
C SER A 43 -5.37 0.14 -8.53
N GLY A 44 -6.58 0.42 -8.03
CA GLY A 44 -7.54 -0.64 -7.77
C GLY A 44 -7.43 -1.22 -6.36
N VAL A 45 -7.23 -0.36 -5.38
CA VAL A 45 -7.11 -0.82 -4.00
C VAL A 45 -8.40 -0.61 -3.23
N GLU A 46 -9.52 -0.61 -3.94
CA GLU A 46 -10.84 -0.43 -3.32
C GLU A 46 -10.92 0.92 -2.60
N LYS A 47 -11.60 1.87 -3.21
CA LYS A 47 -11.77 3.21 -2.63
C LYS A 47 -13.25 3.57 -2.52
N ASP A 48 -13.67 3.93 -1.32
CA ASP A 48 -15.06 4.32 -1.08
C ASP A 48 -15.44 5.51 -1.95
N LEU A 49 -16.44 5.31 -2.81
CA LEU A 49 -16.89 6.36 -3.71
C LEU A 49 -17.23 7.64 -2.93
N ASP A 50 -17.80 7.48 -1.75
CA ASP A 50 -18.17 8.62 -0.91
C ASP A 50 -16.93 9.31 -0.32
N GLU A 51 -15.78 8.68 -0.46
CA GLU A 51 -14.53 9.24 0.07
C GLU A 51 -13.62 9.73 -1.05
N VAL A 52 -13.62 9.01 -2.17
CA VAL A 52 -12.78 9.37 -3.30
C VAL A 52 -13.39 10.52 -4.11
N LEU A 53 -14.69 10.43 -4.40
CA LEU A 53 -15.38 11.46 -5.16
C LEU A 53 -15.99 12.50 -4.24
N GLN A 54 -15.43 13.70 -4.23
CA GLN A 54 -15.93 14.77 -3.39
C GLN A 54 -17.13 15.46 -4.04
N THR A 55 -17.15 15.46 -5.37
CA THR A 55 -18.23 16.09 -6.11
C THR A 55 -19.31 15.08 -6.51
N HIS A 56 -18.89 13.88 -6.90
CA HIS A 56 -19.80 12.81 -7.32
C HIS A 56 -20.42 13.10 -8.68
N SER A 57 -21.09 14.25 -8.81
CA SER A 57 -21.71 14.63 -10.07
C SER A 57 -20.66 14.93 -11.11
N VAL A 58 -20.91 14.51 -12.35
CA VAL A 58 -19.98 14.74 -13.44
C VAL A 58 -19.98 16.20 -13.85
N PHE A 59 -18.82 16.85 -13.68
CA PHE A 59 -18.69 18.26 -14.04
C PHE A 59 -18.13 18.43 -15.43
N VAL A 60 -17.88 19.69 -15.81
CA VAL A 60 -17.34 20.01 -17.12
C VAL A 60 -16.16 20.97 -16.97
N ASN A 61 -16.37 22.02 -16.18
CA ASN A 61 -15.34 23.02 -15.93
C ASN A 61 -15.28 23.34 -14.44
N VAL A 62 -14.67 22.44 -13.68
CA VAL A 62 -14.56 22.63 -12.24
C VAL A 62 -13.80 23.91 -11.90
N SER A 63 -12.85 24.27 -12.75
CA SER A 63 -12.07 25.48 -12.55
C SER A 63 -12.98 26.70 -12.37
N LYS A 64 -14.14 26.65 -13.00
CA LYS A 64 -15.11 27.75 -12.91
C LYS A 64 -16.37 27.31 -12.18
N GLY A 65 -16.65 26.01 -12.22
CA GLY A 65 -17.83 25.48 -11.56
C GLY A 65 -18.96 25.22 -12.52
N GLN A 66 -18.70 24.42 -13.54
CA GLN A 66 -19.73 24.10 -14.54
C GLN A 66 -20.02 22.61 -14.55
N VAL A 67 -21.24 22.25 -14.15
CA VAL A 67 -21.65 20.86 -14.11
C VAL A 67 -22.29 20.42 -15.42
N ALA A 68 -22.31 19.12 -15.66
CA ALA A 68 -22.89 18.57 -16.88
C ALA A 68 -24.33 18.13 -16.65
N LYS A 69 -25.02 17.76 -17.72
CA LYS A 69 -26.40 17.31 -17.63
C LYS A 69 -26.50 15.80 -17.79
N LYS A 70 -27.54 15.21 -17.21
CA LYS A 70 -27.75 13.77 -17.30
C LYS A 70 -27.92 13.32 -18.75
N GLU A 71 -28.56 14.16 -19.54
CA GLU A 71 -28.78 13.87 -20.95
C GLU A 71 -27.46 13.63 -21.67
N ASP A 72 -26.52 14.54 -21.49
CA ASP A 72 -25.21 14.43 -22.12
C ASP A 72 -24.41 13.29 -21.51
N LEU A 73 -24.60 13.05 -20.22
CA LEU A 73 -23.90 11.99 -19.52
C LEU A 73 -24.25 10.63 -20.10
N ILE A 74 -25.54 10.44 -20.41
CA ILE A 74 -26.01 9.18 -20.98
C ILE A 74 -25.67 9.09 -22.46
N SER A 75 -25.71 10.22 -23.15
CA SER A 75 -25.40 10.26 -24.57
C SER A 75 -23.91 10.06 -24.82
N ALA A 76 -23.09 10.36 -23.83
CA ALA A 76 -21.64 10.20 -23.95
C ALA A 76 -21.14 8.94 -23.27
N PHE A 77 -21.87 8.47 -22.27
CA PHE A 77 -21.47 7.27 -21.54
C PHE A 77 -22.56 6.19 -21.62
N GLY A 78 -23.81 6.60 -21.52
CA GLY A 78 -24.91 5.67 -21.58
C GLY A 78 -25.06 4.87 -20.29
N THR A 79 -24.66 5.48 -19.18
CA THR A 79 -24.75 4.82 -17.88
C THR A 79 -25.81 5.49 -17.01
N ASP A 80 -25.95 6.81 -17.18
CA ASP A 80 -26.92 7.58 -16.41
C ASP A 80 -26.54 7.63 -14.93
N ASP A 81 -25.26 7.37 -14.65
CA ASP A 81 -24.77 7.38 -13.28
C ASP A 81 -23.49 8.20 -13.18
N GLN A 82 -23.62 9.43 -12.68
CA GLN A 82 -22.46 10.32 -12.55
C GLN A 82 -21.35 9.65 -11.75
N THR A 83 -21.72 8.84 -10.77
CA THR A 83 -20.73 8.14 -9.95
C THR A 83 -19.91 7.19 -10.80
N GLU A 84 -20.59 6.31 -11.55
CA GLU A 84 -19.92 5.36 -12.41
C GLU A 84 -19.06 6.09 -13.44
N ILE A 85 -19.68 7.08 -14.09
CA ILE A 85 -18.98 7.88 -15.10
C ILE A 85 -17.73 8.50 -14.50
N CYS A 86 -17.88 9.13 -13.33
CA CYS A 86 -16.76 9.74 -12.65
C CYS A 86 -15.66 8.71 -12.43
N LYS A 87 -16.03 7.58 -11.83
CA LYS A 87 -15.09 6.50 -11.57
C LYS A 87 -14.20 6.24 -12.79
N GLN A 88 -14.84 6.13 -13.95
CA GLN A 88 -14.12 5.88 -15.20
C GLN A 88 -13.27 7.08 -15.59
N ILE A 89 -13.72 8.28 -15.20
CA ILE A 89 -13.00 9.50 -15.54
C ILE A 89 -11.76 9.71 -14.67
N LEU A 90 -11.92 9.53 -13.35
CA LEU A 90 -10.79 9.71 -12.43
C LEU A 90 -9.89 8.48 -12.42
N THR A 91 -10.40 7.35 -12.89
CA THR A 91 -9.63 6.12 -12.92
C THR A 91 -8.88 5.98 -14.26
N LYS A 92 -9.38 6.66 -15.29
CA LYS A 92 -8.74 6.61 -16.60
C LYS A 92 -8.22 7.99 -17.01
N GLY A 93 -9.03 9.02 -16.78
CA GLY A 93 -8.62 10.37 -17.13
C GLY A 93 -7.34 10.80 -16.44
N GLU A 94 -7.04 12.09 -16.50
CA GLU A 94 -5.84 12.64 -15.89
C GLU A 94 -6.18 13.38 -14.59
N VAL A 95 -5.53 12.97 -13.50
CA VAL A 95 -5.76 13.59 -12.20
C VAL A 95 -4.73 14.68 -11.93
N GLN A 96 -5.20 15.80 -11.36
CA GLN A 96 -4.31 16.92 -11.03
C GLN A 96 -3.84 16.83 -9.59
N VAL A 97 -2.57 16.49 -9.41
CA VAL A 97 -1.99 16.39 -8.08
C VAL A 97 -1.05 17.55 -7.78
N SER A 98 -1.08 18.02 -6.53
CA SER A 98 -0.23 19.13 -6.12
C SER A 98 1.02 18.63 -5.41
N ASP A 99 1.91 19.55 -5.06
CA ASP A 99 3.15 19.19 -4.38
C ASP A 99 2.89 18.91 -2.90
N LYS A 100 1.98 19.67 -2.31
CA LYS A 100 1.65 19.51 -0.90
C LYS A 100 1.15 18.09 -0.62
N GLU A 101 0.20 17.63 -1.41
CA GLU A 101 -0.37 16.29 -1.25
C GLU A 101 0.64 15.24 -1.70
N ARG A 102 1.36 15.53 -2.78
CA ARG A 102 2.36 14.62 -3.31
C ARG A 102 3.45 14.34 -2.27
N HIS A 103 3.73 15.34 -1.43
CA HIS A 103 4.75 15.21 -0.40
C HIS A 103 4.20 14.44 0.80
N THR A 104 3.04 14.87 1.30
CA THR A 104 2.42 14.21 2.44
C THR A 104 2.15 12.73 2.15
N GLN A 105 1.72 12.46 0.92
CA GLN A 105 1.43 11.08 0.51
C GLN A 105 2.69 10.22 0.59
N LEU A 106 3.82 10.77 0.12
CA LEU A 106 5.08 10.05 0.15
C LEU A 106 5.47 9.72 1.59
N GLU A 107 5.38 10.72 2.46
CA GLU A 107 5.72 10.53 3.87
C GLU A 107 4.82 9.48 4.51
N GLN A 108 3.53 9.58 4.22
CA GLN A 108 2.55 8.64 4.76
C GLN A 108 2.86 7.22 4.31
N MET A 109 3.25 7.08 3.04
CA MET A 109 3.59 5.78 2.48
C MET A 109 4.79 5.18 3.20
N PHE A 110 5.78 6.03 3.48
CA PHE A 110 6.99 5.58 4.16
C PHE A 110 6.66 5.05 5.56
N ARG A 111 5.83 5.79 6.27
CA ARG A 111 5.43 5.39 7.62
C ARG A 111 4.53 4.16 7.58
N ASP A 112 3.62 4.13 6.60
CA ASP A 112 2.71 3.01 6.45
C ASP A 112 3.47 1.73 6.10
N ILE A 113 4.22 1.77 5.00
CA ILE A 113 5.00 0.62 4.56
C ILE A 113 5.91 0.12 5.67
N ALA A 114 6.59 1.05 6.33
CA ALA A 114 7.50 0.72 7.42
C ALA A 114 6.76 0.03 8.55
N THR A 115 5.53 0.46 8.80
CA THR A 115 4.71 -0.12 9.87
C THR A 115 4.37 -1.57 9.55
N ILE A 116 3.97 -1.82 8.31
CA ILE A 116 3.61 -3.16 7.88
C ILE A 116 4.81 -4.09 7.95
N VAL A 117 5.98 -3.56 7.63
CA VAL A 117 7.21 -4.35 7.66
C VAL A 117 7.66 -4.61 9.10
N ALA A 118 7.34 -3.68 10.00
CA ALA A 118 7.70 -3.81 11.39
C ALA A 118 6.62 -4.55 12.18
N ASP A 119 5.39 -4.50 11.68
CA ASP A 119 4.28 -5.17 12.35
C ASP A 119 4.03 -6.55 11.75
N LYS A 120 3.92 -6.59 10.42
CA LYS A 120 3.67 -7.86 9.73
C LYS A 120 4.98 -8.47 9.23
N CYS A 121 6.02 -8.37 10.04
CA CYS A 121 7.32 -8.92 9.68
C CYS A 121 8.32 -8.78 10.84
N VAL A 122 9.15 -9.80 11.02
CA VAL A 122 10.15 -9.79 12.08
C VAL A 122 11.55 -9.99 11.52
N ASN A 123 12.55 -9.51 12.25
CA ASN A 123 13.94 -9.64 11.83
C ASN A 123 14.53 -10.96 12.30
N PRO A 124 15.47 -11.53 11.52
CA PRO A 124 16.11 -12.80 11.86
C PRO A 124 17.08 -12.68 13.02
N GLU A 125 17.46 -11.45 13.36
CA GLU A 125 18.38 -11.20 14.46
C GLU A 125 17.89 -11.84 15.75
N THR A 126 16.72 -11.41 16.21
CA THR A 126 16.14 -11.94 17.44
C THR A 126 14.65 -12.19 17.28
N LYS A 127 14.19 -12.30 16.04
CA LYS A 127 12.78 -12.55 15.75
C LYS A 127 11.90 -11.50 16.44
N ARG A 128 12.41 -10.28 16.56
CA ARG A 128 11.68 -9.20 17.19
C ARG A 128 11.34 -8.10 16.19
N PRO A 129 10.17 -7.46 16.33
CA PRO A 129 9.74 -6.38 15.43
C PRO A 129 10.78 -5.28 15.31
N TYR A 130 10.91 -4.73 14.11
CA TYR A 130 11.88 -3.66 13.86
C TYR A 130 11.26 -2.29 14.18
N THR A 131 12.11 -1.34 14.54
CA THR A 131 11.66 0.00 14.88
C THR A 131 11.40 0.82 13.62
N VAL A 132 10.27 1.52 13.60
CA VAL A 132 9.90 2.35 12.46
C VAL A 132 11.02 3.30 12.08
N ILE A 133 11.80 3.71 13.08
CA ILE A 133 12.91 4.63 12.85
C ILE A 133 14.06 3.93 12.11
N LEU A 134 14.26 2.66 12.43
CA LEU A 134 15.32 1.89 11.80
C LEU A 134 14.98 1.60 10.34
N ILE A 135 13.72 1.29 10.08
CA ILE A 135 13.26 0.99 8.73
C ILE A 135 13.29 2.24 7.86
N GLU A 136 12.85 3.35 8.41
CA GLU A 136 12.83 4.62 7.69
C GLU A 136 14.25 5.04 7.31
N ARG A 137 15.15 5.02 8.28
CA ARG A 137 16.54 5.40 8.05
C ARG A 137 17.18 4.49 7.00
N ALA A 138 16.97 3.19 7.13
CA ALA A 138 17.52 2.21 6.20
C ALA A 138 16.96 2.43 4.80
N MET A 139 15.65 2.67 4.72
CA MET A 139 15.00 2.90 3.44
C MET A 139 15.62 4.07 2.69
N LYS A 140 15.83 5.17 3.40
CA LYS A 140 16.42 6.36 2.81
C LYS A 140 17.89 6.13 2.49
N ASP A 141 18.58 5.42 3.38
CA ASP A 141 20.00 5.13 3.19
C ASP A 141 20.23 4.32 1.92
N ILE A 142 19.30 3.42 1.62
CA ILE A 142 19.40 2.58 0.44
C ILE A 142 18.90 3.30 -0.82
N HIS A 143 18.46 4.55 -0.65
CA HIS A 143 17.96 5.35 -1.77
C HIS A 143 16.69 4.73 -2.34
N TYR A 144 15.84 4.18 -1.47
CA TYR A 144 14.60 3.57 -1.89
C TYR A 144 13.57 4.62 -2.31
N SER A 145 12.47 4.16 -2.89
CA SER A 145 11.41 5.07 -3.33
C SER A 145 10.07 4.34 -3.42
N VAL A 146 9.10 4.79 -2.62
CA VAL A 146 7.79 4.18 -2.61
C VAL A 146 6.88 4.81 -3.68
N LYS A 147 6.63 4.06 -4.74
CA LYS A 147 5.77 4.55 -5.83
C LYS A 147 4.34 4.75 -5.34
N THR A 148 3.97 6.01 -5.11
CA THR A 148 2.63 6.35 -4.65
C THR A 148 1.57 5.79 -5.59
N ASN A 149 1.92 5.67 -6.86
CA ASN A 149 0.98 5.15 -7.86
C ASN A 149 0.95 3.63 -7.84
N LYS A 150 2.05 3.02 -7.39
CA LYS A 150 2.14 1.57 -7.32
C LYS A 150 1.57 1.05 -6.00
N SER A 151 1.01 -0.15 -6.05
CA SER A 151 0.43 -0.77 -4.86
C SER A 151 1.51 -1.03 -3.80
N THR A 152 1.20 -0.71 -2.56
CA THR A 152 2.14 -0.91 -1.46
C THR A 152 2.49 -2.39 -1.31
N LYS A 153 1.47 -3.22 -1.08
CA LYS A 153 1.67 -4.65 -0.91
C LYS A 153 2.56 -5.21 -2.01
N GLN A 154 2.26 -4.85 -3.26
CA GLN A 154 3.04 -5.31 -4.39
C GLN A 154 4.49 -4.84 -4.29
N GLN A 155 4.68 -3.65 -3.76
CA GLN A 155 6.00 -3.08 -3.61
C GLN A 155 6.72 -3.66 -2.39
N ALA A 156 5.93 -4.13 -1.42
CA ALA A 156 6.49 -4.71 -0.19
C ALA A 156 7.54 -5.77 -0.51
N LEU A 157 7.34 -6.49 -1.62
CA LEU A 157 8.27 -7.53 -2.03
C LEU A 157 9.66 -6.95 -2.29
N GLU A 158 9.70 -5.91 -3.10
CA GLU A 158 10.96 -5.25 -3.45
C GLU A 158 11.60 -4.63 -2.21
N VAL A 159 10.76 -4.10 -1.31
CA VAL A 159 11.24 -3.48 -0.09
C VAL A 159 12.03 -4.47 0.76
N ILE A 160 11.42 -5.63 1.00
CA ILE A 160 12.07 -6.67 1.81
C ILE A 160 13.35 -7.17 1.15
N LYS A 161 13.26 -7.48 -0.15
CA LYS A 161 14.41 -7.97 -0.90
C LYS A 161 15.54 -6.94 -0.89
N GLN A 162 15.22 -5.72 -1.30
CA GLN A 162 16.21 -4.64 -1.34
C GLN A 162 16.74 -4.35 0.06
N LEU A 163 15.85 -4.35 1.06
CA LEU A 163 16.24 -4.09 2.42
C LEU A 163 17.28 -5.10 2.92
N LYS A 164 17.34 -6.25 2.24
CA LYS A 164 18.29 -7.29 2.61
C LYS A 164 19.72 -6.74 2.69
N GLU A 165 20.00 -5.72 1.87
CA GLU A 165 21.32 -5.11 1.85
C GLU A 165 21.65 -4.48 3.20
N LYS A 166 20.63 -4.02 3.90
CA LYS A 166 20.81 -3.40 5.22
C LYS A 166 20.09 -4.20 6.30
N MET A 167 18.77 -4.18 6.27
CA MET A 167 17.96 -4.90 7.24
C MET A 167 17.21 -6.05 6.59
N LYS A 168 17.35 -7.25 7.15
CA LYS A 168 16.68 -8.43 6.62
C LYS A 168 15.29 -8.59 7.22
N ILE A 169 14.27 -8.45 6.38
CA ILE A 169 12.88 -8.57 6.82
C ILE A 169 12.32 -9.95 6.46
N GLU A 170 11.53 -10.52 7.37
CA GLU A 170 10.93 -11.82 7.14
C GLU A 170 9.46 -11.82 7.54
N ARG A 171 8.62 -12.38 6.68
CA ARG A 171 7.18 -12.45 6.95
C ARG A 171 6.76 -13.87 7.32
N ALA A 172 6.06 -13.99 8.44
CA ALA A 172 5.61 -15.30 8.91
C ALA A 172 4.11 -15.27 9.26
N HIS A 173 3.40 -16.31 8.85
CA HIS A 173 1.97 -16.42 9.12
C HIS A 173 1.61 -17.83 9.57
N MET A 174 0.62 -17.92 10.44
CA MET A 174 0.18 -19.21 10.96
C MET A 174 -1.26 -19.13 11.51
N ARG A 175 -1.99 -20.22 11.37
CA ARG A 175 -3.36 -20.28 11.85
C ARG A 175 -3.40 -20.61 13.34
N LEU A 176 -4.39 -20.06 14.04
CA LEU A 176 -4.53 -20.29 15.46
C LEU A 176 -5.93 -20.77 15.82
N ARG A 177 -6.01 -21.74 16.73
CA ARG A 177 -7.28 -22.30 17.17
C ARG A 177 -7.25 -22.54 18.67
N PHE A 178 -7.96 -21.71 19.43
CA PHE A 178 -7.99 -21.84 20.88
C PHE A 178 -9.39 -22.21 21.38
N ILE A 179 -9.42 -22.89 22.53
CA ILE A 179 -10.68 -23.31 23.13
C ILE A 179 -10.82 -22.70 24.53
N LEU A 180 -11.63 -21.65 24.64
CA LEU A 180 -11.85 -20.98 25.90
C LEU A 180 -13.02 -21.59 26.66
N PRO A 181 -12.87 -21.79 27.99
CA PRO A 181 -13.92 -22.36 28.82
C PRO A 181 -15.14 -21.45 28.96
N VAL A 182 -16.01 -21.77 29.91
CA VAL A 182 -17.21 -20.99 30.14
C VAL A 182 -16.90 -19.68 30.87
N ASN A 183 -16.41 -19.80 32.10
CA ASN A 183 -16.08 -18.62 32.91
C ASN A 183 -14.71 -18.06 32.54
N GLU A 184 -13.67 -18.90 32.64
CA GLU A 184 -12.32 -18.48 32.32
C GLU A 184 -12.22 -17.97 30.89
N GLY A 185 -13.17 -18.38 30.05
CA GLY A 185 -13.16 -17.96 28.66
C GLY A 185 -13.77 -16.59 28.46
N LYS A 186 -14.62 -16.17 29.38
CA LYS A 186 -15.27 -14.87 29.29
C LYS A 186 -14.25 -13.74 29.17
N LYS A 187 -13.14 -13.88 29.90
CA LYS A 187 -12.08 -12.88 29.88
C LYS A 187 -11.11 -13.11 28.73
N LEU A 188 -10.89 -14.39 28.39
CA LEU A 188 -9.98 -14.74 27.32
C LEU A 188 -10.40 -14.10 26.00
N LYS A 189 -11.70 -14.06 25.74
CA LYS A 189 -12.22 -13.47 24.52
C LYS A 189 -11.79 -12.01 24.38
N GLU A 190 -12.21 -11.18 25.33
CA GLU A 190 -11.87 -9.76 25.31
C GLU A 190 -10.36 -9.56 25.37
N LYS A 191 -9.63 -10.57 25.83
CA LYS A 191 -8.18 -10.48 25.95
C LYS A 191 -7.50 -10.80 24.62
N LEU A 192 -8.19 -11.53 23.75
CA LEU A 192 -7.63 -11.90 22.45
C LEU A 192 -8.28 -11.11 21.31
N LYS A 193 -9.54 -10.77 21.47
CA LYS A 193 -10.28 -10.01 20.46
C LYS A 193 -9.49 -8.79 19.99
N PRO A 194 -9.12 -7.89 20.94
CA PRO A 194 -8.37 -6.69 20.62
C PRO A 194 -6.87 -6.95 20.43
N LEU A 195 -6.34 -7.89 21.21
CA LEU A 195 -4.93 -8.24 21.12
C LEU A 195 -4.55 -8.69 19.72
N ILE A 196 -5.30 -9.66 19.19
CA ILE A 196 -5.03 -10.18 17.85
C ILE A 196 -6.33 -10.39 17.07
N LYS A 197 -6.19 -10.85 15.83
CA LYS A 197 -7.34 -11.09 14.97
C LYS A 197 -7.94 -12.47 15.25
N VAL A 198 -9.25 -12.50 15.50
CA VAL A 198 -9.96 -13.74 15.77
C VAL A 198 -10.93 -14.07 14.65
N ILE A 199 -11.54 -15.25 14.72
CA ILE A 199 -12.49 -15.68 13.70
C ILE A 199 -13.07 -17.05 14.03
N GLU A 200 -14.36 -17.22 13.73
CA GLU A 200 -15.05 -18.49 13.99
C GLU A 200 -15.21 -18.74 15.49
N SER A 201 -16.14 -18.01 16.10
CA SER A 201 -16.41 -18.14 17.54
C SER A 201 -17.72 -18.87 17.77
N GLU A 202 -17.63 -20.10 18.28
CA GLU A 202 -18.82 -20.90 18.55
C GLU A 202 -18.88 -21.33 20.02
N ASP A 203 -20.05 -21.21 20.63
CA ASP A 203 -20.23 -21.58 22.03
C ASP A 203 -21.71 -21.84 22.32
N TYR A 204 -21.98 -22.56 23.40
CA TYR A 204 -23.35 -22.88 23.79
C TYR A 204 -23.69 -22.25 25.15
N GLY A 205 -24.40 -21.13 25.11
CA GLY A 205 -24.79 -20.44 26.32
C GLY A 205 -23.65 -20.34 27.33
N GLN A 206 -23.71 -21.17 28.37
CA GLN A 206 -22.68 -21.18 29.40
C GLN A 206 -21.71 -22.35 29.19
N GLN A 207 -21.04 -22.35 28.04
CA GLN A 207 -20.10 -23.41 27.71
C GLN A 207 -18.82 -22.83 27.11
N LEU A 208 -17.88 -23.72 26.80
CA LEU A 208 -16.60 -23.30 26.23
C LEU A 208 -16.77 -22.85 24.78
N GLU A 209 -16.06 -21.80 24.41
CA GLU A 209 -16.15 -21.26 23.06
C GLU A 209 -14.92 -21.60 22.23
N ILE A 210 -15.14 -21.90 20.96
CA ILE A 210 -14.05 -22.23 20.04
C ILE A 210 -13.79 -21.06 19.11
N VAL A 211 -12.61 -20.47 19.22
CA VAL A 211 -12.24 -19.33 18.38
C VAL A 211 -10.87 -19.51 17.75
N CYS A 212 -10.73 -19.02 16.52
CA CYS A 212 -9.46 -19.12 15.80
C CYS A 212 -8.82 -17.75 15.69
N LEU A 213 -7.49 -17.71 15.73
CA LEU A 213 -6.77 -16.45 15.64
C LEU A 213 -5.70 -16.49 14.55
N ILE A 214 -5.17 -15.33 14.21
CA ILE A 214 -4.15 -15.23 13.18
C ILE A 214 -2.81 -14.81 13.79
N ASP A 215 -1.72 -15.41 13.32
CA ASP A 215 -0.40 -15.09 13.82
C ASP A 215 0.46 -14.42 12.75
N PRO A 216 0.18 -13.13 12.45
CA PRO A 216 0.92 -12.38 11.44
C PRO A 216 2.28 -11.89 11.95
N GLY A 217 3.23 -12.82 12.07
CA GLY A 217 4.55 -12.46 12.55
C GLY A 217 4.95 -13.26 13.78
N CYS A 218 5.39 -12.56 14.82
CA CYS A 218 5.81 -13.22 16.06
C CYS A 218 4.85 -12.90 17.20
N PHE A 219 3.56 -12.78 16.87
CA PHE A 219 2.54 -12.47 17.87
C PHE A 219 2.47 -13.56 18.94
N ARG A 220 2.96 -14.75 18.60
CA ARG A 220 2.95 -15.88 19.53
C ARG A 220 3.51 -15.49 20.89
N GLU A 221 4.41 -14.51 20.90
CA GLU A 221 5.02 -14.04 22.14
C GLU A 221 3.98 -13.37 23.04
N ILE A 222 3.43 -12.25 22.57
CA ILE A 222 2.43 -11.51 23.32
C ILE A 222 1.19 -12.36 23.55
N ASP A 223 0.80 -13.14 22.54
CA ASP A 223 -0.36 -14.01 22.63
C ASP A 223 -0.20 -15.05 23.73
N GLU A 224 0.94 -15.73 23.72
CA GLU A 224 1.23 -16.76 24.72
C GLU A 224 1.22 -16.17 26.12
N LEU A 225 1.82 -14.98 26.26
CA LEU A 225 1.89 -14.31 27.56
C LEU A 225 0.50 -14.06 28.12
N ILE A 226 -0.28 -13.24 27.41
CA ILE A 226 -1.64 -12.92 27.83
C ILE A 226 -2.50 -14.17 27.90
N LYS A 227 -2.25 -15.10 26.99
CA LYS A 227 -3.00 -16.36 26.93
C LYS A 227 -2.83 -17.14 28.23
N LYS A 228 -1.58 -17.35 28.63
CA LYS A 228 -1.28 -18.09 29.85
C LYS A 228 -1.73 -17.31 31.09
N GLU A 229 -1.74 -15.99 30.98
CA GLU A 229 -2.14 -15.13 32.08
C GLU A 229 -3.65 -15.16 32.28
N THR A 230 -4.38 -15.42 31.20
CA THR A 230 -5.85 -15.46 31.26
C THR A 230 -6.35 -16.91 31.36
N LYS A 231 -5.58 -17.84 30.82
CA LYS A 231 -5.96 -19.25 30.85
C LYS A 231 -5.59 -19.89 32.19
N GLY A 232 -4.42 -19.53 32.71
CA GLY A 232 -3.97 -20.08 33.97
C GLY A 232 -3.89 -21.60 33.94
N LYS A 233 -3.59 -22.13 32.76
CA LYS A 233 -3.48 -23.58 32.58
C LYS A 233 -4.84 -24.25 32.77
N GLY A 234 -5.91 -23.53 32.43
CA GLY A 234 -7.25 -24.07 32.56
C GLY A 234 -8.05 -23.97 31.27
N SER A 235 -7.35 -23.87 30.14
CA SER A 235 -8.00 -23.78 28.84
C SER A 235 -7.18 -24.51 27.78
N LEU A 236 -7.73 -24.62 26.58
CA LEU A 236 -7.05 -25.31 25.49
C LEU A 236 -6.55 -24.33 24.44
N GLU A 237 -5.38 -24.62 23.87
CA GLU A 237 -4.79 -23.76 22.85
C GLU A 237 -4.12 -24.60 21.76
N VAL A 238 -4.64 -24.52 20.55
CA VAL A 238 -4.10 -25.26 19.42
C VAL A 238 -3.35 -24.34 18.46
N LEU A 239 -2.24 -24.82 17.92
CA LEU A 239 -1.44 -24.04 16.98
C LEU A 239 -1.28 -24.78 15.66
N ASN A 240 -1.67 -24.13 14.57
CA ASN A 240 -1.57 -24.73 13.24
C ASN A 240 -0.12 -24.77 12.77
N LEU A 241 0.08 -25.29 11.57
CA LEU A 241 1.42 -25.38 10.99
C LEU A 241 1.84 -24.07 10.35
N LYS A 242 3.15 -23.82 10.29
CA LYS A 242 3.67 -22.60 9.71
C LYS A 242 4.29 -22.88 8.34
N ASP A 243 3.81 -22.17 7.33
CA ASP A 243 4.31 -22.33 5.97
C ASP A 243 5.33 -21.24 5.63
N VAL A 244 6.57 -21.66 5.39
CA VAL A 244 7.63 -20.71 5.05
C VAL A 244 8.67 -21.37 4.15
N GLU A 245 8.71 -20.95 2.88
CA GLU A 245 9.66 -21.50 1.92
C GLU A 245 9.81 -20.56 0.73
N GLU A 246 10.84 -20.82 -0.09
CA GLU A 246 11.09 -20.00 -1.27
C GLU A 246 11.46 -20.86 -2.46
N GLY A 247 12.37 -21.81 -2.24
CA GLY A 247 12.80 -22.70 -3.31
C GLY A 247 11.75 -23.73 -3.68
N ASP A 248 10.69 -23.82 -2.87
CA ASP A 248 9.63 -24.77 -3.13
C ASP A 248 8.48 -24.13 -3.91
N GLU A 249 8.20 -22.87 -3.63
CA GLU A 249 7.14 -22.14 -4.31
C GLU A 249 7.72 -21.11 -5.27
N LYS A 250 6.94 -20.76 -6.29
CA LYS A 250 7.37 -19.78 -7.28
C LYS A 250 6.17 -19.11 -7.95
N PHE A 251 5.20 -19.91 -8.36
CA PHE A 251 4.00 -19.39 -9.00
C PHE A 251 3.24 -18.45 -8.08
N GLU A 252 3.02 -17.22 -8.54
CA GLU A 252 2.30 -16.23 -7.75
C GLU A 252 0.89 -16.01 -8.29
N MET A 3 -14.21 36.09 -7.79
CA MET A 3 -14.70 36.83 -6.59
C MET A 3 -16.01 36.25 -6.08
N SER A 4 -16.99 36.13 -6.98
CA SER A 4 -18.29 35.60 -6.62
C SER A 4 -18.87 34.77 -7.76
N ILE A 5 -18.73 33.46 -7.66
CA ILE A 5 -19.24 32.55 -8.69
C ILE A 5 -19.90 31.33 -8.05
N PHE A 6 -20.58 31.53 -6.93
CA PHE A 6 -21.25 30.45 -6.23
C PHE A 6 -22.25 31.00 -5.22
N THR A 7 -21.80 31.93 -4.39
CA THR A 7 -22.66 32.54 -3.38
C THR A 7 -23.31 31.48 -2.49
N PRO A 8 -22.50 30.60 -1.86
CA PRO A 8 -22.99 29.55 -0.98
C PRO A 8 -23.07 29.99 0.48
N THR A 9 -24.04 30.84 0.79
CA THR A 9 -24.23 31.35 2.14
C THR A 9 -23.09 32.30 2.52
N ASN A 10 -21.87 31.77 2.61
CA ASN A 10 -20.71 32.57 2.96
C ASN A 10 -19.75 32.68 1.78
N GLN A 11 -18.90 31.68 1.61
CA GLN A 11 -17.93 31.67 0.52
C GLN A 11 -17.14 30.37 0.50
N ILE A 12 -17.52 29.46 -0.41
CA ILE A 12 -16.84 28.17 -0.52
C ILE A 12 -15.34 28.35 -0.67
N ARG A 13 -14.60 28.05 0.38
CA ARG A 13 -13.15 28.18 0.37
C ARG A 13 -12.54 27.43 -0.82
N LEU A 14 -13.25 26.42 -1.29
CA LEU A 14 -12.80 25.61 -2.42
C LEU A 14 -11.56 24.81 -2.05
N THR A 15 -11.76 23.54 -1.71
CA THR A 15 -10.65 22.65 -1.34
C THR A 15 -9.75 22.37 -2.54
N ASN A 16 -10.23 22.71 -3.73
CA ASN A 16 -9.48 22.48 -4.97
C ASN A 16 -9.54 21.02 -5.40
N VAL A 17 -9.02 20.15 -4.55
CA VAL A 17 -9.01 18.70 -4.83
C VAL A 17 -8.49 18.42 -6.24
N ALA A 18 -8.43 17.13 -6.60
CA ALA A 18 -7.95 16.74 -7.91
C ALA A 18 -9.12 16.66 -8.89
N VAL A 19 -8.92 17.21 -10.09
CA VAL A 19 -9.96 17.20 -11.10
C VAL A 19 -9.60 16.29 -12.26
N VAL A 20 -10.32 15.18 -12.37
CA VAL A 20 -10.10 14.22 -13.43
C VAL A 20 -10.88 14.60 -14.68
N ARG A 21 -10.17 14.99 -15.73
CA ARG A 21 -10.81 15.40 -16.97
C ARG A 21 -10.57 14.37 -18.08
N MET A 22 -11.55 14.24 -18.97
CA MET A 22 -11.45 13.31 -20.09
C MET A 22 -12.04 13.91 -21.36
N LYS A 23 -11.79 13.26 -22.49
CA LYS A 23 -12.30 13.73 -23.77
C LYS A 23 -13.04 12.62 -24.51
N ARG A 24 -14.37 12.66 -24.45
CA ARG A 24 -15.19 11.66 -25.11
C ARG A 24 -16.37 12.31 -25.82
N ALA A 25 -16.65 11.86 -27.04
CA ALA A 25 -17.76 12.38 -27.83
C ALA A 25 -17.54 13.84 -28.19
N GLY A 26 -16.31 14.32 -28.03
CA GLY A 26 -15.99 15.70 -28.36
C GLY A 26 -16.12 16.63 -27.16
N LYS A 27 -17.07 16.32 -26.27
CA LYS A 27 -17.30 17.14 -25.08
C LYS A 27 -16.30 16.79 -23.99
N ARG A 28 -15.87 17.79 -23.23
CA ARG A 28 -14.93 17.59 -22.15
C ARG A 28 -15.65 17.49 -20.81
N PHE A 29 -15.32 16.44 -20.04
CA PHE A 29 -15.95 16.23 -18.73
C PHE A 29 -14.91 16.32 -17.62
N GLU A 30 -15.25 17.06 -16.57
CA GLU A 30 -14.35 17.21 -15.42
C GLU A 30 -15.06 16.86 -14.12
N ILE A 31 -14.42 16.02 -13.32
CA ILE A 31 -15.00 15.59 -12.06
C ILE A 31 -14.06 15.90 -10.89
N ALA A 32 -14.64 16.26 -9.75
CA ALA A 32 -13.86 16.59 -8.55
C ALA A 32 -13.62 15.35 -7.69
N CYS A 33 -12.38 14.86 -7.71
CA CYS A 33 -12.00 13.69 -6.94
C CYS A 33 -10.73 13.96 -6.14
N TYR A 34 -10.47 13.13 -5.13
CA TYR A 34 -9.30 13.28 -4.28
C TYR A 34 -8.10 12.53 -4.85
N LYS A 35 -7.09 13.28 -5.30
CA LYS A 35 -5.88 12.69 -5.87
C LYS A 35 -5.39 11.52 -5.03
N ASN A 36 -5.52 11.63 -3.71
CA ASN A 36 -5.09 10.57 -2.81
C ASN A 36 -5.92 9.31 -3.01
N LYS A 37 -7.24 9.46 -2.91
CA LYS A 37 -8.15 8.34 -3.09
C LYS A 37 -8.18 7.88 -4.54
N VAL A 38 -7.78 8.77 -5.45
CA VAL A 38 -7.76 8.44 -6.87
C VAL A 38 -6.62 7.48 -7.18
N VAL A 39 -5.43 7.82 -6.69
CA VAL A 39 -4.25 6.98 -6.92
C VAL A 39 -4.39 5.65 -6.18
N GLY A 40 -4.89 5.71 -4.94
CA GLY A 40 -5.07 4.50 -4.16
C GLY A 40 -6.12 3.59 -4.76
N TRP A 41 -7.17 4.20 -5.30
CA TRP A 41 -8.26 3.46 -5.92
C TRP A 41 -7.78 2.81 -7.21
N ARG A 42 -7.14 3.60 -8.07
CA ARG A 42 -6.62 3.09 -9.33
C ARG A 42 -5.58 1.99 -9.09
N SER A 43 -4.79 2.17 -8.04
CA SER A 43 -3.76 1.18 -7.69
C SER A 43 -4.38 -0.17 -7.42
N GLY A 44 -5.66 -0.19 -7.04
CA GLY A 44 -6.34 -1.43 -6.76
C GLY A 44 -6.70 -1.57 -5.29
N VAL A 45 -6.83 -0.44 -4.60
CA VAL A 45 -7.17 -0.44 -3.18
C VAL A 45 -8.64 -0.11 -2.97
N GLU A 46 -9.31 -0.90 -2.14
CA GLU A 46 -10.72 -0.68 -1.85
C GLU A 46 -10.95 0.70 -1.23
N LYS A 47 -11.79 1.50 -1.88
CA LYS A 47 -12.09 2.84 -1.40
C LYS A 47 -13.57 3.18 -1.58
N ASP A 48 -14.09 4.02 -0.70
CA ASP A 48 -15.50 4.41 -0.77
C ASP A 48 -15.69 5.62 -1.69
N LEU A 49 -16.65 5.50 -2.60
CA LEU A 49 -16.95 6.58 -3.55
C LEU A 49 -17.32 7.85 -2.83
N ASP A 50 -18.11 7.73 -1.77
CA ASP A 50 -18.57 8.86 -0.98
C ASP A 50 -17.40 9.72 -0.49
N GLU A 51 -16.21 9.13 -0.44
CA GLU A 51 -15.02 9.85 0.04
C GLU A 51 -14.10 10.25 -1.11
N VAL A 52 -13.77 9.29 -1.97
CA VAL A 52 -12.88 9.55 -3.09
C VAL A 52 -13.37 10.73 -3.95
N LEU A 53 -14.66 10.74 -4.26
CA LEU A 53 -15.23 11.81 -5.06
C LEU A 53 -15.72 12.96 -4.17
N GLN A 54 -15.12 14.12 -4.34
CA GLN A 54 -15.49 15.30 -3.55
C GLN A 54 -16.70 16.00 -4.16
N THR A 55 -16.94 15.76 -5.45
CA THR A 55 -18.06 16.38 -6.14
C THR A 55 -19.10 15.34 -6.59
N HIS A 56 -18.63 14.16 -6.94
CA HIS A 56 -19.51 13.08 -7.40
C HIS A 56 -20.07 13.37 -8.78
N SER A 57 -20.98 14.33 -8.86
CA SER A 57 -21.59 14.70 -10.14
C SER A 57 -20.52 15.20 -11.12
N VAL A 58 -20.63 14.79 -12.38
CA VAL A 58 -19.67 15.20 -13.39
C VAL A 58 -19.84 16.67 -13.74
N PHE A 59 -18.74 17.41 -13.70
CA PHE A 59 -18.78 18.84 -13.99
C PHE A 59 -18.26 19.15 -15.39
N VAL A 60 -18.24 20.45 -15.70
CA VAL A 60 -17.77 20.93 -17.00
C VAL A 60 -16.65 21.95 -16.79
N ASN A 61 -16.78 22.74 -15.73
CA ASN A 61 -15.79 23.76 -15.39
C ASN A 61 -15.70 23.92 -13.89
N VAL A 62 -15.33 22.84 -13.21
CA VAL A 62 -15.22 22.83 -11.75
C VAL A 62 -14.53 24.08 -11.22
N SER A 63 -13.37 24.41 -11.79
CA SER A 63 -12.62 25.58 -11.37
C SER A 63 -13.50 26.84 -11.41
N LYS A 64 -14.52 26.82 -12.24
CA LYS A 64 -15.43 27.95 -12.37
C LYS A 64 -16.75 27.68 -11.66
N GLY A 65 -17.10 26.40 -11.54
CA GLY A 65 -18.34 26.03 -10.88
C GLY A 65 -19.43 25.63 -11.87
N GLN A 66 -19.03 25.02 -12.98
CA GLN A 66 -19.98 24.59 -13.99
C GLN A 66 -20.20 23.08 -13.93
N VAL A 67 -21.46 22.68 -13.87
CA VAL A 67 -21.81 21.27 -13.81
C VAL A 67 -22.40 20.78 -15.13
N ALA A 68 -22.21 19.49 -15.41
CA ALA A 68 -22.73 18.91 -16.64
C ALA A 68 -24.18 18.47 -16.47
N LYS A 69 -24.76 17.95 -17.54
CA LYS A 69 -26.16 17.51 -17.51
C LYS A 69 -26.24 16.01 -17.74
N LYS A 70 -27.22 15.37 -17.10
CA LYS A 70 -27.41 13.93 -17.23
C LYS A 70 -27.67 13.55 -18.68
N GLU A 71 -28.33 14.44 -19.42
CA GLU A 71 -28.64 14.18 -20.82
C GLU A 71 -27.37 13.92 -21.62
N ASP A 72 -26.33 14.70 -21.35
CA ASP A 72 -25.05 14.54 -22.04
C ASP A 72 -24.29 13.35 -21.48
N LEU A 73 -24.39 13.14 -20.17
CA LEU A 73 -23.70 12.04 -19.52
C LEU A 73 -24.13 10.70 -20.11
N ILE A 74 -25.42 10.57 -20.38
CA ILE A 74 -25.97 9.34 -20.94
C ILE A 74 -25.71 9.28 -22.45
N SER A 75 -26.08 10.33 -23.15
CA SER A 75 -25.89 10.39 -24.60
C SER A 75 -24.43 10.16 -24.98
N ALA A 76 -23.53 10.43 -24.03
CA ALA A 76 -22.10 10.25 -24.28
C ALA A 76 -21.60 8.92 -23.72
N PHE A 77 -21.70 8.76 -22.40
CA PHE A 77 -21.25 7.54 -21.75
C PHE A 77 -22.29 6.42 -21.89
N GLY A 78 -23.56 6.77 -21.71
CA GLY A 78 -24.62 5.79 -21.81
C GLY A 78 -24.76 4.95 -20.55
N THR A 79 -24.41 5.54 -19.41
CA THR A 79 -24.51 4.85 -18.14
C THR A 79 -25.52 5.52 -17.22
N ASP A 80 -25.57 6.85 -17.29
CA ASP A 80 -26.50 7.63 -16.47
C ASP A 80 -26.10 7.59 -14.99
N ASP A 81 -24.83 7.25 -14.73
CA ASP A 81 -24.34 7.17 -13.37
C ASP A 81 -23.02 7.94 -13.24
N GLN A 82 -23.11 9.19 -12.80
CA GLN A 82 -21.93 10.03 -12.65
C GLN A 82 -20.84 9.31 -11.84
N THR A 83 -21.26 8.49 -10.88
CA THR A 83 -20.32 7.73 -10.06
C THR A 83 -19.55 6.73 -10.91
N GLU A 84 -20.28 5.97 -11.70
CA GLU A 84 -19.66 4.97 -12.57
C GLU A 84 -18.78 5.66 -13.61
N ILE A 85 -19.29 6.75 -14.18
CA ILE A 85 -18.53 7.50 -15.18
C ILE A 85 -17.27 8.09 -14.55
N CYS A 86 -17.40 8.58 -13.33
CA CYS A 86 -16.26 9.17 -12.62
C CYS A 86 -15.14 8.15 -12.49
N LYS A 87 -15.48 6.96 -11.99
CA LYS A 87 -14.48 5.91 -11.84
C LYS A 87 -13.89 5.57 -13.21
N GLN A 88 -14.75 5.60 -14.21
CA GLN A 88 -14.35 5.34 -15.59
C GLN A 88 -13.36 6.40 -16.05
N ILE A 89 -13.57 7.63 -15.60
CA ILE A 89 -12.70 8.73 -15.94
C ILE A 89 -11.45 8.72 -15.07
N LEU A 90 -11.56 8.10 -13.89
CA LEU A 90 -10.45 8.02 -12.96
C LEU A 90 -9.43 6.97 -13.42
N THR A 91 -9.92 5.93 -14.09
CA THR A 91 -9.05 4.86 -14.57
C THR A 91 -8.59 5.11 -16.01
N LYS A 92 -9.44 5.80 -16.78
CA LYS A 92 -9.11 6.10 -18.17
C LYS A 92 -8.73 7.57 -18.35
N GLY A 93 -9.50 8.45 -17.72
CA GLY A 93 -9.22 9.87 -17.83
C GLY A 93 -7.87 10.26 -17.24
N GLU A 94 -7.64 11.55 -17.08
CA GLU A 94 -6.38 12.05 -16.54
C GLU A 94 -6.64 12.94 -15.32
N VAL A 95 -5.98 12.64 -14.21
CA VAL A 95 -6.13 13.41 -12.99
C VAL A 95 -5.20 14.62 -12.98
N GLN A 96 -5.78 15.81 -13.07
CA GLN A 96 -5.01 17.04 -13.08
C GLN A 96 -4.53 17.39 -11.67
N VAL A 97 -3.22 17.23 -11.45
CA VAL A 97 -2.63 17.53 -10.15
C VAL A 97 -1.73 18.76 -10.22
N SER A 98 -1.45 19.34 -9.06
CA SER A 98 -0.60 20.52 -8.99
C SER A 98 0.73 20.20 -8.31
N ASP A 99 1.62 21.19 -8.27
CA ASP A 99 2.93 21.01 -7.66
C ASP A 99 2.79 20.66 -6.17
N LYS A 100 1.79 21.26 -5.52
CA LYS A 100 1.55 21.01 -4.10
C LYS A 100 1.43 19.51 -3.83
N GLU A 101 0.70 18.81 -4.69
CA GLU A 101 0.52 17.37 -4.53
C GLU A 101 1.83 16.63 -4.79
N ARG A 102 2.54 17.03 -5.83
CA ARG A 102 3.81 16.41 -6.19
C ARG A 102 4.78 16.43 -5.00
N HIS A 103 4.73 17.51 -4.22
CA HIS A 103 5.58 17.66 -3.06
C HIS A 103 5.09 16.79 -1.90
N THR A 104 3.79 16.85 -1.65
CA THR A 104 3.19 16.07 -0.57
C THR A 104 3.27 14.58 -0.87
N GLN A 105 3.08 14.21 -2.13
CA GLN A 105 3.14 12.81 -2.54
C GLN A 105 4.56 12.27 -2.39
N LEU A 106 5.54 13.08 -2.76
CA LEU A 106 6.94 12.68 -2.66
C LEU A 106 7.33 12.45 -1.21
N GLU A 107 6.94 13.39 -0.35
CA GLU A 107 7.25 13.29 1.08
C GLU A 107 6.47 12.15 1.73
N GLN A 108 5.15 12.14 1.51
CA GLN A 108 4.30 11.10 2.07
C GLN A 108 4.72 9.72 1.57
N MET A 109 4.83 9.59 0.25
CA MET A 109 5.21 8.33 -0.36
C MET A 109 6.56 7.85 0.19
N PHE A 110 7.54 8.76 0.21
CA PHE A 110 8.87 8.43 0.72
C PHE A 110 8.78 7.86 2.12
N ARG A 111 7.97 8.51 2.97
CA ARG A 111 7.79 8.05 4.34
C ARG A 111 7.20 6.65 4.37
N ASP A 112 6.31 6.37 3.42
CA ASP A 112 5.66 5.08 3.32
C ASP A 112 6.69 3.98 3.01
N ILE A 113 7.44 4.17 1.93
CA ILE A 113 8.45 3.21 1.52
C ILE A 113 9.43 2.94 2.65
N ALA A 114 9.78 3.99 3.39
CA ALA A 114 10.70 3.87 4.51
C ALA A 114 10.11 3.00 5.61
N THR A 115 8.83 3.21 5.90
CA THR A 115 8.14 2.44 6.93
C THR A 115 8.17 0.96 6.59
N ILE A 116 7.91 0.63 5.33
CA ILE A 116 7.90 -0.76 4.89
C ILE A 116 9.29 -1.37 5.02
N VAL A 117 10.25 -0.81 4.31
CA VAL A 117 11.63 -1.30 4.34
C VAL A 117 12.19 -1.25 5.77
N ALA A 118 11.58 -0.44 6.62
CA ALA A 118 12.02 -0.30 8.00
C ALA A 118 11.60 -1.49 8.84
N ASP A 119 10.32 -1.88 8.72
CA ASP A 119 9.79 -3.00 9.48
C ASP A 119 9.79 -4.29 8.64
N LYS A 120 9.16 -4.23 7.48
CA LYS A 120 9.08 -5.40 6.60
C LYS A 120 10.48 -5.91 6.26
N CYS A 121 11.38 -4.99 5.95
CA CYS A 121 12.76 -5.36 5.60
C CYS A 121 13.71 -5.10 6.77
N VAL A 122 14.88 -5.70 6.72
CA VAL A 122 15.87 -5.54 7.77
C VAL A 122 17.30 -5.66 7.22
N ASN A 123 18.27 -5.53 8.11
CA ASN A 123 19.67 -5.64 7.72
C ASN A 123 20.23 -7.04 7.99
N PRO A 124 20.85 -7.67 6.99
CA PRO A 124 21.42 -9.02 7.14
C PRO A 124 22.49 -9.08 8.22
N GLU A 125 23.01 -7.92 8.60
CA GLU A 125 24.05 -7.85 9.62
C GLU A 125 23.60 -8.52 10.92
N THR A 126 22.44 -8.09 11.42
CA THR A 126 21.89 -8.65 12.66
C THR A 126 20.37 -8.67 12.63
N LYS A 127 19.81 -8.67 11.42
CA LYS A 127 18.35 -8.68 11.26
C LYS A 127 17.71 -7.54 12.04
N ARG A 128 18.43 -6.43 12.19
CA ARG A 128 17.93 -5.28 12.91
C ARG A 128 17.17 -4.34 11.97
N PRO A 129 15.91 -3.99 12.33
CA PRO A 129 15.09 -3.10 11.51
C PRO A 129 15.75 -1.74 11.29
N TYR A 130 15.79 -1.29 10.03
CA TYR A 130 16.39 -0.01 9.69
C TYR A 130 15.54 1.14 10.20
N THR A 131 16.00 2.37 9.95
CA THR A 131 15.28 3.56 10.38
C THR A 131 14.73 4.32 9.19
N VAL A 132 13.54 4.91 9.36
CA VAL A 132 12.91 5.68 8.30
C VAL A 132 13.86 6.73 7.71
N ILE A 133 14.63 7.37 8.58
CA ILE A 133 15.59 8.39 8.16
C ILE A 133 16.74 7.76 7.38
N LEU A 134 17.07 6.52 7.72
CA LEU A 134 18.16 5.81 7.03
C LEU A 134 17.77 5.47 5.60
N ILE A 135 16.64 4.78 5.45
CA ILE A 135 16.16 4.39 4.13
C ILE A 135 15.90 5.61 3.26
N GLU A 136 15.32 6.64 3.86
CA GLU A 136 15.02 7.88 3.13
C GLU A 136 16.30 8.50 2.58
N ARG A 137 17.30 8.65 3.46
CA ARG A 137 18.58 9.23 3.06
C ARG A 137 19.22 8.41 1.94
N ALA A 138 19.25 7.10 2.12
CA ALA A 138 19.84 6.20 1.13
C ALA A 138 19.08 6.28 -0.19
N MET A 139 17.76 6.27 -0.11
CA MET A 139 16.92 6.33 -1.31
C MET A 139 17.23 7.59 -2.11
N LYS A 140 17.43 8.70 -1.42
CA LYS A 140 17.74 9.97 -2.07
C LYS A 140 19.15 9.96 -2.63
N ASP A 141 20.06 9.31 -1.91
CA ASP A 141 21.46 9.22 -2.34
C ASP A 141 21.57 8.49 -3.67
N ILE A 142 20.76 7.46 -3.84
CA ILE A 142 20.77 6.67 -5.07
C ILE A 142 19.89 7.30 -6.15
N HIS A 143 19.32 8.46 -5.85
CA HIS A 143 18.46 9.17 -6.80
C HIS A 143 17.23 8.33 -7.14
N TYR A 144 16.67 7.67 -6.13
CA TYR A 144 15.49 6.83 -6.32
C TYR A 144 14.23 7.68 -6.43
N SER A 145 13.31 7.26 -7.29
CA SER A 145 12.05 7.97 -7.48
C SER A 145 10.85 7.08 -7.19
N VAL A 146 10.24 7.29 -6.03
CA VAL A 146 9.08 6.50 -5.63
C VAL A 146 7.96 6.61 -6.64
N LYS A 147 7.13 5.57 -6.71
CA LYS A 147 6.01 5.55 -7.64
C LYS A 147 4.81 6.29 -7.05
N THR A 148 4.35 7.32 -7.75
CA THR A 148 3.21 8.11 -7.30
C THR A 148 1.96 7.25 -7.12
N ASN A 149 1.96 6.07 -7.72
CA ASN A 149 0.83 5.16 -7.61
C ASN A 149 0.47 4.90 -6.15
N LYS A 150 1.43 5.13 -5.25
CA LYS A 150 1.23 4.92 -3.83
C LYS A 150 1.17 3.44 -3.47
N SER A 151 1.74 2.59 -4.34
CA SER A 151 1.76 1.16 -4.08
C SER A 151 3.04 0.77 -3.35
N THR A 152 2.90 -0.03 -2.30
CA THR A 152 4.05 -0.47 -1.51
C THR A 152 4.77 -1.63 -2.19
N LYS A 153 4.10 -2.76 -2.29
CA LYS A 153 4.69 -3.96 -2.90
C LYS A 153 5.29 -3.64 -4.27
N GLN A 154 4.53 -2.91 -5.09
CA GLN A 154 5.00 -2.54 -6.42
C GLN A 154 6.31 -1.76 -6.35
N GLN A 155 6.45 -0.97 -5.30
CA GLN A 155 7.65 -0.16 -5.10
C GLN A 155 8.78 -0.98 -4.48
N ALA A 156 8.44 -1.71 -3.41
CA ALA A 156 9.42 -2.55 -2.71
C ALA A 156 10.24 -3.40 -3.69
N LEU A 157 9.64 -3.73 -4.83
CA LEU A 157 10.32 -4.54 -5.83
C LEU A 157 11.58 -3.84 -6.33
N GLU A 158 11.40 -2.70 -6.97
CA GLU A 158 12.53 -1.94 -7.51
C GLU A 158 13.44 -1.46 -6.38
N VAL A 159 12.86 -1.22 -5.21
CA VAL A 159 13.64 -0.76 -4.06
C VAL A 159 14.70 -1.78 -3.67
N ILE A 160 14.26 -2.99 -3.33
CA ILE A 160 15.17 -4.04 -2.93
C ILE A 160 16.14 -4.39 -4.05
N LYS A 161 15.62 -4.46 -5.27
CA LYS A 161 16.45 -4.78 -6.44
C LYS A 161 17.53 -3.73 -6.64
N GLN A 162 17.13 -2.46 -6.68
CA GLN A 162 18.06 -1.36 -6.87
C GLN A 162 19.02 -1.24 -5.69
N LEU A 163 18.45 -1.10 -4.49
CA LEU A 163 19.26 -0.98 -3.28
C LEU A 163 20.21 -2.16 -3.12
N LYS A 164 19.82 -3.30 -3.67
CA LYS A 164 20.64 -4.51 -3.59
C LYS A 164 22.04 -4.27 -4.15
N GLU A 165 22.14 -3.33 -5.09
CA GLU A 165 23.42 -3.00 -5.71
C GLU A 165 24.16 -1.93 -4.92
N LYS A 166 23.40 -1.06 -4.26
CA LYS A 166 23.98 0.02 -3.46
C LYS A 166 24.13 -0.40 -2.00
N MET A 167 23.01 -0.54 -1.31
CA MET A 167 23.01 -0.94 0.10
C MET A 167 22.77 -2.43 0.25
N LYS A 168 22.70 -2.90 1.49
CA LYS A 168 22.46 -4.31 1.77
C LYS A 168 21.24 -4.50 2.65
N ILE A 169 20.06 -4.42 2.04
CA ILE A 169 18.81 -4.58 2.77
C ILE A 169 17.97 -5.71 2.18
N GLU A 170 17.67 -6.71 3.01
CA GLU A 170 16.87 -7.85 2.57
C GLU A 170 15.69 -8.08 3.50
N ARG A 171 14.60 -8.58 2.94
CA ARG A 171 13.40 -8.86 3.73
C ARG A 171 13.64 -10.02 4.68
N ALA A 172 13.07 -9.93 5.88
CA ALA A 172 13.23 -10.98 6.88
C ALA A 172 11.95 -11.81 7.00
N HIS A 173 12.12 -13.12 7.08
CA HIS A 173 10.99 -14.03 7.20
C HIS A 173 10.90 -14.62 8.61
N MET A 174 9.70 -15.03 8.99
CA MET A 174 9.48 -15.61 10.32
C MET A 174 8.51 -16.78 10.24
N ARG A 175 8.71 -17.76 11.12
CA ARG A 175 7.85 -18.94 11.16
C ARG A 175 6.79 -18.80 12.25
N LEU A 176 5.62 -19.38 12.00
CA LEU A 176 4.53 -19.30 12.97
C LEU A 176 3.91 -20.67 13.22
N ARG A 177 3.46 -20.89 14.45
CA ARG A 177 2.83 -22.15 14.84
C ARG A 177 1.41 -21.88 15.31
N PHE A 178 0.43 -22.49 14.64
CA PHE A 178 -0.97 -22.28 15.00
C PHE A 178 -1.69 -23.59 15.33
N ILE A 179 -2.57 -23.52 16.30
CA ILE A 179 -3.35 -24.69 16.73
C ILE A 179 -4.83 -24.32 16.81
N LEU A 180 -5.57 -24.70 15.78
CA LEU A 180 -7.01 -24.40 15.72
C LEU A 180 -7.84 -25.62 16.13
N PRO A 181 -8.94 -25.40 16.87
CA PRO A 181 -9.83 -26.48 17.32
C PRO A 181 -10.33 -27.33 16.16
N VAL A 182 -11.34 -28.15 16.44
CA VAL A 182 -11.92 -29.03 15.44
C VAL A 182 -12.82 -28.25 14.48
N ASN A 183 -13.84 -27.60 15.04
CA ASN A 183 -14.78 -26.82 14.24
C ASN A 183 -14.08 -25.63 13.58
N GLU A 184 -13.48 -24.77 14.39
CA GLU A 184 -12.78 -23.60 13.89
C GLU A 184 -11.63 -23.98 12.97
N GLY A 185 -11.19 -25.24 13.07
CA GLY A 185 -10.09 -25.72 12.24
C GLY A 185 -10.35 -25.52 10.76
N LYS A 186 -11.62 -25.46 10.38
CA LYS A 186 -12.00 -25.29 8.98
C LYS A 186 -11.89 -23.83 8.56
N LYS A 187 -11.99 -22.92 9.53
CA LYS A 187 -11.92 -21.50 9.25
C LYS A 187 -10.47 -21.00 9.22
N LEU A 188 -9.82 -21.05 10.38
CA LEU A 188 -8.43 -20.60 10.50
C LEU A 188 -7.56 -21.18 9.38
N LYS A 189 -7.80 -22.43 9.04
CA LYS A 189 -7.03 -23.09 7.98
C LYS A 189 -7.25 -22.41 6.64
N GLU A 190 -8.50 -22.33 6.20
CA GLU A 190 -8.82 -21.69 4.93
C GLU A 190 -8.49 -20.21 4.94
N LYS A 191 -8.45 -19.62 6.13
CA LYS A 191 -8.14 -18.20 6.27
C LYS A 191 -6.63 -17.94 6.26
N LEU A 192 -5.84 -19.01 6.35
CA LEU A 192 -4.39 -18.88 6.36
C LEU A 192 -3.76 -19.45 5.10
N LYS A 193 -4.44 -20.44 4.50
CA LYS A 193 -3.94 -21.07 3.28
C LYS A 193 -3.68 -20.04 2.18
N PRO A 194 -4.71 -19.29 1.76
CA PRO A 194 -4.58 -18.27 0.71
C PRO A 194 -3.84 -17.03 1.20
N LEU A 195 -4.00 -16.71 2.47
CA LEU A 195 -3.36 -15.54 3.05
C LEU A 195 -1.85 -15.59 2.86
N ILE A 196 -1.24 -16.69 3.31
CA ILE A 196 0.21 -16.86 3.19
C ILE A 196 0.59 -18.33 3.09
N LYS A 197 1.89 -18.59 2.96
CA LYS A 197 2.39 -19.96 2.86
C LYS A 197 2.20 -20.71 4.17
N VAL A 198 1.62 -21.90 4.09
CA VAL A 198 1.39 -22.72 5.27
C VAL A 198 2.23 -23.99 5.23
N ILE A 199 2.87 -24.31 6.34
CA ILE A 199 3.72 -25.50 6.43
C ILE A 199 3.26 -26.42 7.57
N GLU A 200 3.31 -27.72 7.32
CA GLU A 200 2.90 -28.71 8.32
C GLU A 200 1.41 -28.60 8.61
N SER A 201 0.59 -29.16 7.74
CA SER A 201 -0.86 -29.13 7.90
C SER A 201 -1.35 -30.39 8.60
N GLU A 202 -1.40 -30.36 9.93
CA GLU A 202 -1.85 -31.50 10.71
C GLU A 202 -3.35 -31.39 11.01
N ASP A 203 -4.06 -32.49 10.82
CA ASP A 203 -5.50 -32.53 11.07
C ASP A 203 -5.96 -33.93 11.44
N TYR A 204 -6.60 -34.05 12.60
CA TYR A 204 -7.10 -35.35 13.06
C TYR A 204 -8.61 -35.45 12.85
N GLY A 205 -9.08 -36.66 12.54
CA GLY A 205 -10.50 -36.87 12.32
C GLY A 205 -11.35 -36.25 13.42
N GLN A 206 -12.05 -35.18 13.10
CA GLN A 206 -12.89 -34.49 14.07
C GLN A 206 -12.06 -34.00 15.24
N GLN A 207 -10.86 -33.50 14.94
CA GLN A 207 -9.95 -33.00 15.96
C GLN A 207 -9.31 -31.69 15.54
N LEU A 208 -8.48 -31.14 16.43
CA LEU A 208 -7.81 -29.88 16.17
C LEU A 208 -6.71 -30.03 15.13
N GLU A 209 -6.47 -28.98 14.37
CA GLU A 209 -5.44 -29.00 13.33
C GLU A 209 -4.27 -28.10 13.70
N ILE A 210 -3.06 -28.61 13.50
CA ILE A 210 -1.84 -27.86 13.81
C ILE A 210 -1.16 -27.40 12.53
N VAL A 211 -1.27 -26.11 12.24
CA VAL A 211 -0.67 -25.54 11.03
C VAL A 211 0.28 -24.41 11.37
N CYS A 212 1.35 -24.30 10.60
CA CYS A 212 2.34 -23.25 10.82
C CYS A 212 2.29 -22.23 9.69
N LEU A 213 2.55 -20.97 10.03
CA LEU A 213 2.52 -19.91 9.02
C LEU A 213 3.90 -19.28 8.83
N ILE A 214 4.32 -19.20 7.57
CA ILE A 214 5.62 -18.60 7.24
C ILE A 214 5.42 -17.37 6.38
N ASP A 215 5.97 -16.24 6.82
CA ASP A 215 5.82 -15.00 6.06
C ASP A 215 6.75 -13.90 6.58
N PRO A 216 7.08 -12.92 5.74
CA PRO A 216 7.96 -11.81 6.11
C PRO A 216 7.36 -10.96 7.22
N GLY A 217 8.20 -10.12 7.83
CA GLY A 217 7.74 -9.26 8.91
C GLY A 217 6.47 -8.49 8.54
N CYS A 218 6.26 -8.29 7.24
CA CYS A 218 5.09 -7.56 6.76
C CYS A 218 3.81 -8.37 6.98
N PHE A 219 3.70 -9.51 6.31
CA PHE A 219 2.52 -10.36 6.43
C PHE A 219 2.18 -10.64 7.89
N ARG A 220 3.18 -10.56 8.77
CA ARG A 220 2.97 -10.81 10.19
C ARG A 220 1.80 -9.99 10.72
N GLU A 221 1.65 -8.77 10.21
CA GLU A 221 0.57 -7.88 10.63
C GLU A 221 -0.78 -8.43 10.19
N ILE A 222 -0.96 -8.58 8.88
CA ILE A 222 -2.20 -9.11 8.34
C ILE A 222 -2.53 -10.47 8.92
N ASP A 223 -1.49 -11.23 9.26
CA ASP A 223 -1.66 -12.55 9.83
C ASP A 223 -2.31 -12.46 11.21
N GLU A 224 -1.72 -11.66 12.08
CA GLU A 224 -2.25 -11.48 13.44
C GLU A 224 -3.68 -10.96 13.41
N LEU A 225 -3.96 -10.08 12.45
CA LEU A 225 -5.30 -9.51 12.32
C LEU A 225 -6.33 -10.56 11.92
N ILE A 226 -6.10 -11.20 10.77
CA ILE A 226 -7.01 -12.22 10.27
C ILE A 226 -7.09 -13.42 11.20
N LYS A 227 -5.94 -13.85 11.74
CA LYS A 227 -5.90 -14.99 12.63
C LYS A 227 -6.64 -14.70 13.93
N LYS A 228 -6.52 -13.47 14.43
CA LYS A 228 -7.18 -13.09 15.66
C LYS A 228 -8.70 -13.04 15.48
N GLU A 229 -9.14 -12.50 14.34
CA GLU A 229 -10.56 -12.39 14.05
C GLU A 229 -11.15 -13.75 13.66
N THR A 230 -10.30 -14.65 13.18
CA THR A 230 -10.75 -15.98 12.79
C THR A 230 -10.74 -16.93 13.97
N LYS A 231 -9.83 -16.72 14.90
CA LYS A 231 -9.72 -17.58 16.08
C LYS A 231 -10.69 -17.12 17.17
N GLY A 232 -10.99 -15.83 17.18
CA GLY A 232 -11.90 -15.30 18.19
C GLY A 232 -11.50 -15.65 19.60
N LYS A 233 -10.23 -15.43 19.93
CA LYS A 233 -9.72 -15.74 21.26
C LYS A 233 -10.03 -17.18 21.65
N GLY A 234 -10.11 -18.05 20.65
CA GLY A 234 -10.41 -19.45 20.93
C GLY A 234 -9.44 -20.40 20.24
N SER A 235 -8.20 -19.95 20.08
CA SER A 235 -7.17 -20.77 19.44
C SER A 235 -5.79 -20.46 20.02
N LEU A 236 -4.81 -21.30 19.69
CA LEU A 236 -3.46 -21.11 20.18
C LEU A 236 -2.51 -20.80 19.02
N GLU A 237 -1.51 -19.96 19.29
CA GLU A 237 -0.54 -19.57 18.27
C GLU A 237 0.81 -19.23 18.89
N VAL A 238 1.82 -20.04 18.56
CA VAL A 238 3.16 -19.83 19.08
C VAL A 238 4.08 -19.28 17.99
N LEU A 239 5.04 -18.44 18.39
CA LEU A 239 5.98 -17.85 17.45
C LEU A 239 7.25 -18.69 17.35
N ASN A 240 7.69 -18.94 16.12
CA ASN A 240 8.90 -19.73 15.90
C ASN A 240 10.14 -18.84 15.88
N LEU A 241 11.28 -19.41 15.48
CA LEU A 241 12.53 -18.66 15.44
C LEU A 241 12.65 -17.88 14.13
N LYS A 242 13.66 -17.02 14.06
CA LYS A 242 13.89 -16.22 12.86
C LYS A 242 14.84 -16.93 11.90
N ASP A 243 14.30 -17.37 10.76
CA ASP A 243 15.10 -18.07 9.77
C ASP A 243 15.45 -17.15 8.60
N VAL A 244 16.74 -16.97 8.36
CA VAL A 244 17.20 -16.11 7.27
C VAL A 244 17.95 -16.92 6.21
N GLU A 245 18.70 -17.91 6.66
CA GLU A 245 19.46 -18.76 5.75
C GLU A 245 19.57 -20.18 6.29
N GLU A 246 18.58 -21.00 6.00
CA GLU A 246 18.56 -22.39 6.45
C GLU A 246 19.28 -23.29 5.45
N GLY A 247 18.71 -23.42 4.27
CA GLY A 247 19.30 -24.27 3.24
C GLY A 247 19.15 -23.68 1.85
N ASP A 248 20.01 -22.74 1.51
CA ASP A 248 19.96 -22.09 0.19
C ASP A 248 21.14 -22.54 -0.66
N GLU A 249 22.34 -22.11 -0.28
CA GLU A 249 23.55 -22.46 -1.03
C GLU A 249 23.87 -23.94 -0.86
N LYS A 250 23.50 -24.50 0.29
CA LYS A 250 23.76 -25.91 0.57
C LYS A 250 25.26 -26.20 0.58
N PHE A 251 25.83 -26.27 1.78
CA PHE A 251 27.26 -26.54 1.92
C PHE A 251 27.56 -28.02 1.65
N GLU A 252 26.63 -28.88 2.01
CA GLU A 252 26.79 -30.32 1.81
C GLU A 252 25.96 -30.80 0.62
N MET A 3 -0.21 30.49 -14.41
CA MET A 3 0.42 29.48 -15.31
C MET A 3 1.62 28.81 -14.63
N SER A 4 1.52 28.62 -13.33
CA SER A 4 2.59 27.99 -12.56
C SER A 4 2.03 26.99 -11.55
N ILE A 5 1.11 27.46 -10.71
CA ILE A 5 0.50 26.61 -9.69
C ILE A 5 -0.98 26.39 -9.98
N PHE A 6 -1.79 27.42 -9.74
CA PHE A 6 -3.23 27.34 -9.97
C PHE A 6 -3.92 28.65 -9.61
N THR A 7 -3.75 29.65 -10.48
CA THR A 7 -4.35 30.95 -10.24
C THR A 7 -4.93 31.53 -11.54
N PRO A 8 -6.26 31.39 -11.74
CA PRO A 8 -6.93 31.91 -12.95
C PRO A 8 -6.95 33.43 -13.01
N THR A 9 -7.30 34.05 -11.88
CA THR A 9 -7.37 35.50 -11.81
C THR A 9 -7.12 35.98 -10.38
N ASN A 10 -8.04 35.65 -9.48
CA ASN A 10 -7.93 36.04 -8.08
C ASN A 10 -7.10 35.04 -7.29
N GLN A 11 -7.58 33.80 -7.23
CA GLN A 11 -6.89 32.74 -6.50
C GLN A 11 -7.31 31.37 -7.00
N ILE A 12 -8.58 31.04 -6.80
CA ILE A 12 -9.11 29.74 -7.23
C ILE A 12 -10.64 29.72 -7.13
N ARG A 13 -11.28 28.98 -8.05
CA ARG A 13 -12.72 28.89 -8.07
C ARG A 13 -13.23 27.52 -7.64
N LEU A 14 -12.36 26.70 -7.05
CA LEU A 14 -12.77 25.37 -6.59
C LEU A 14 -11.79 24.79 -5.56
N THR A 15 -10.59 24.40 -6.00
CA THR A 15 -9.58 23.83 -5.10
C THR A 15 -10.21 22.89 -4.07
N ASN A 16 -9.51 22.68 -2.95
CA ASN A 16 -10.00 21.82 -1.88
C ASN A 16 -10.02 20.35 -2.29
N VAL A 17 -9.47 20.04 -3.46
CA VAL A 17 -9.43 18.65 -3.94
C VAL A 17 -8.79 18.56 -5.33
N ALA A 18 -8.60 17.35 -5.81
CA ALA A 18 -8.00 17.13 -7.12
C ALA A 18 -9.07 17.07 -8.21
N VAL A 19 -8.77 17.68 -9.36
CA VAL A 19 -9.70 17.69 -10.47
C VAL A 19 -9.30 16.67 -11.53
N VAL A 20 -10.25 15.82 -11.90
CA VAL A 20 -10.01 14.80 -12.91
C VAL A 20 -10.83 15.08 -14.17
N ARG A 21 -10.14 15.20 -15.30
CA ARG A 21 -10.82 15.46 -16.57
C ARG A 21 -10.56 14.35 -17.58
N MET A 22 -11.45 14.24 -18.57
CA MET A 22 -11.32 13.23 -19.60
C MET A 22 -12.14 13.60 -20.84
N LYS A 23 -11.60 13.32 -22.01
CA LYS A 23 -12.29 13.62 -23.26
C LYS A 23 -12.95 12.39 -23.85
N ARG A 24 -14.19 12.53 -24.28
CA ARG A 24 -14.93 11.41 -24.87
C ARG A 24 -16.15 11.92 -25.63
N ALA A 25 -16.32 11.44 -26.86
CA ALA A 25 -17.45 11.84 -27.69
C ALA A 25 -17.43 13.34 -27.97
N GLY A 26 -16.24 13.94 -27.91
CA GLY A 26 -16.11 15.36 -28.15
C GLY A 26 -16.26 16.19 -26.89
N LYS A 27 -17.32 15.92 -26.14
CA LYS A 27 -17.58 16.64 -24.90
C LYS A 27 -16.51 16.34 -23.86
N ARG A 28 -16.21 17.34 -23.02
CA ARG A 28 -15.20 17.18 -21.97
C ARG A 28 -15.87 17.09 -20.61
N PHE A 29 -15.64 15.97 -19.92
CA PHE A 29 -16.21 15.75 -18.60
C PHE A 29 -15.13 15.67 -17.53
N GLU A 30 -15.43 16.17 -16.35
CA GLU A 30 -14.49 16.16 -15.23
C GLU A 30 -15.22 16.13 -13.90
N ILE A 31 -14.63 15.48 -12.90
CA ILE A 31 -15.25 15.39 -11.59
C ILE A 31 -14.26 15.75 -10.49
N ALA A 32 -14.80 16.18 -9.35
CA ALA A 32 -13.96 16.56 -8.21
C ALA A 32 -13.70 15.36 -7.31
N CYS A 33 -12.47 14.85 -7.37
CA CYS A 33 -12.06 13.69 -6.58
C CYS A 33 -10.87 14.03 -5.69
N TYR A 34 -10.46 13.06 -4.88
CA TYR A 34 -9.32 13.23 -3.98
C TYR A 34 -8.07 12.54 -4.52
N LYS A 35 -7.00 13.29 -4.67
CA LYS A 35 -5.75 12.72 -5.19
C LYS A 35 -5.31 11.49 -4.39
N ASN A 36 -5.48 11.54 -3.07
CA ASN A 36 -5.10 10.43 -2.22
C ASN A 36 -5.99 9.21 -2.48
N LYS A 37 -7.29 9.40 -2.38
CA LYS A 37 -8.24 8.33 -2.61
C LYS A 37 -8.21 7.87 -4.06
N VAL A 38 -7.81 8.79 -4.95
CA VAL A 38 -7.73 8.48 -6.37
C VAL A 38 -6.48 7.65 -6.67
N VAL A 39 -5.35 8.04 -6.08
CA VAL A 39 -4.10 7.32 -6.29
C VAL A 39 -4.24 5.89 -5.77
N GLY A 40 -4.92 5.74 -4.64
CA GLY A 40 -5.14 4.42 -4.08
C GLY A 40 -6.14 3.62 -4.90
N TRP A 41 -7.16 4.31 -5.39
CA TRP A 41 -8.19 3.68 -6.20
C TRP A 41 -7.60 3.18 -7.51
N ARG A 42 -6.97 4.08 -8.25
CA ARG A 42 -6.35 3.74 -9.53
C ARG A 42 -5.25 2.70 -9.33
N SER A 43 -4.57 2.78 -8.20
CA SER A 43 -3.50 1.84 -7.89
C SER A 43 -4.01 0.40 -7.86
N GLY A 44 -5.31 0.26 -7.59
CA GLY A 44 -5.92 -1.06 -7.54
C GLY A 44 -6.46 -1.41 -6.16
N VAL A 45 -6.79 -0.39 -5.39
CA VAL A 45 -7.34 -0.60 -4.05
C VAL A 45 -8.80 -0.16 -3.97
N GLU A 46 -9.54 -0.78 -3.06
CA GLU A 46 -10.97 -0.46 -2.89
C GLU A 46 -11.15 0.91 -2.24
N LYS A 47 -11.82 1.81 -2.95
CA LYS A 47 -12.07 3.16 -2.45
C LYS A 47 -13.53 3.54 -2.63
N ASP A 48 -14.23 3.76 -1.52
CA ASP A 48 -15.63 4.13 -1.57
C ASP A 48 -15.82 5.43 -2.36
N LEU A 49 -16.65 5.37 -3.40
CA LEU A 49 -16.93 6.53 -4.25
C LEU A 49 -17.39 7.72 -3.40
N ASP A 50 -18.15 7.42 -2.34
CA ASP A 50 -18.66 8.46 -1.46
C ASP A 50 -17.53 9.20 -0.74
N GLU A 51 -16.32 8.64 -0.77
CA GLU A 51 -15.18 9.26 -0.12
C GLU A 51 -14.19 9.84 -1.12
N VAL A 52 -13.78 9.01 -2.09
CA VAL A 52 -12.83 9.44 -3.10
C VAL A 52 -13.36 10.62 -3.90
N LEU A 53 -14.64 10.59 -4.26
CA LEU A 53 -15.24 11.67 -5.03
C LEU A 53 -15.72 12.80 -4.12
N GLN A 54 -15.11 13.96 -4.26
CA GLN A 54 -15.50 15.12 -3.45
C GLN A 54 -16.92 15.53 -3.80
N THR A 55 -17.25 15.47 -5.08
CA THR A 55 -18.59 15.83 -5.55
C THR A 55 -19.12 14.80 -6.53
N HIS A 56 -20.20 14.12 -6.14
CA HIS A 56 -20.81 13.09 -6.99
C HIS A 56 -21.61 13.72 -8.12
N SER A 57 -20.92 14.41 -9.01
CA SER A 57 -21.55 15.05 -10.15
C SER A 57 -20.51 15.37 -11.22
N VAL A 58 -20.75 14.89 -12.43
CA VAL A 58 -19.81 15.12 -13.53
C VAL A 58 -19.80 16.58 -13.96
N PHE A 59 -18.71 17.27 -13.64
CA PHE A 59 -18.56 18.68 -13.99
C PHE A 59 -18.16 18.84 -15.46
N VAL A 60 -17.98 20.09 -15.86
CA VAL A 60 -17.59 20.42 -17.22
C VAL A 60 -16.41 21.39 -17.19
N ASN A 61 -16.55 22.43 -16.38
CA ASN A 61 -15.50 23.44 -16.24
C ASN A 61 -15.25 23.72 -14.76
N VAL A 62 -14.67 22.76 -14.06
CA VAL A 62 -14.40 22.90 -12.64
C VAL A 62 -13.62 24.17 -12.33
N SER A 63 -12.69 24.51 -13.22
CA SER A 63 -11.88 25.71 -13.05
C SER A 63 -12.77 26.95 -12.89
N LYS A 64 -13.98 26.88 -13.43
CA LYS A 64 -14.92 28.00 -13.34
C LYS A 64 -16.10 27.63 -12.46
N GLY A 65 -16.41 26.34 -12.38
CA GLY A 65 -17.53 25.88 -11.58
C GLY A 65 -18.76 25.58 -12.40
N GLN A 66 -18.55 24.88 -13.52
CA GLN A 66 -19.66 24.53 -14.40
C GLN A 66 -19.94 23.02 -14.34
N VAL A 67 -21.15 22.66 -13.93
CA VAL A 67 -21.53 21.27 -13.82
C VAL A 67 -22.32 20.82 -15.04
N ALA A 68 -22.13 19.56 -15.43
CA ALA A 68 -22.83 19.00 -16.59
C ALA A 68 -24.25 18.58 -16.22
N LYS A 69 -24.89 17.85 -17.12
CA LYS A 69 -26.26 17.37 -16.88
C LYS A 69 -26.37 15.88 -17.16
N LYS A 70 -27.42 15.26 -16.62
CA LYS A 70 -27.65 13.83 -16.80
C LYS A 70 -27.87 13.50 -18.27
N GLU A 71 -28.49 14.42 -18.99
CA GLU A 71 -28.76 14.23 -20.41
C GLU A 71 -27.47 13.99 -21.19
N ASP A 72 -26.53 14.93 -21.07
CA ASP A 72 -25.26 14.81 -21.76
C ASP A 72 -24.46 13.62 -21.22
N LEU A 73 -24.60 13.35 -19.93
CA LEU A 73 -23.90 12.24 -19.30
C LEU A 73 -24.27 10.92 -19.98
N ILE A 74 -25.56 10.73 -20.21
CA ILE A 74 -26.05 9.51 -20.85
C ILE A 74 -25.84 9.55 -22.36
N SER A 75 -26.00 10.74 -22.94
CA SER A 75 -25.84 10.92 -24.38
C SER A 75 -24.39 10.69 -24.80
N ALA A 76 -23.46 10.85 -23.86
CA ALA A 76 -22.04 10.64 -24.15
C ALA A 76 -21.55 9.30 -23.64
N PHE A 77 -22.00 8.92 -22.45
CA PHE A 77 -21.59 7.64 -21.85
C PHE A 77 -22.65 6.57 -22.05
N GLY A 78 -23.90 6.93 -21.87
CA GLY A 78 -24.99 5.98 -22.04
C GLY A 78 -25.13 5.04 -20.86
N THR A 79 -24.66 5.49 -19.69
CA THR A 79 -24.75 4.68 -18.48
C THR A 79 -25.72 5.29 -17.48
N ASP A 80 -25.78 6.62 -17.47
CA ASP A 80 -26.67 7.34 -16.55
C ASP A 80 -26.22 7.17 -15.10
N ASP A 81 -24.95 6.80 -14.92
CA ASP A 81 -24.42 6.60 -13.58
C ASP A 81 -23.19 7.49 -13.36
N GLN A 82 -23.43 8.69 -12.83
CA GLN A 82 -22.36 9.64 -12.57
C GLN A 82 -21.18 8.98 -11.86
N THR A 83 -21.47 8.34 -10.72
CA THR A 83 -20.42 7.67 -9.94
C THR A 83 -19.57 6.78 -10.84
N GLU A 84 -20.21 5.91 -11.62
CA GLU A 84 -19.50 5.02 -12.52
C GLU A 84 -18.71 5.82 -13.55
N ILE A 85 -19.36 6.82 -14.14
CA ILE A 85 -18.70 7.68 -15.13
C ILE A 85 -17.44 8.31 -14.54
N CYS A 86 -17.52 8.72 -13.28
CA CYS A 86 -16.39 9.33 -12.60
C CYS A 86 -15.26 8.33 -12.48
N LYS A 87 -15.61 7.09 -12.13
CA LYS A 87 -14.62 6.03 -11.99
C LYS A 87 -13.81 5.89 -13.28
N GLN A 88 -14.50 5.75 -14.40
CA GLN A 88 -13.85 5.63 -15.69
C GLN A 88 -12.92 6.81 -15.95
N ILE A 89 -13.42 8.01 -15.70
CA ILE A 89 -12.61 9.22 -15.88
C ILE A 89 -11.48 9.29 -14.87
N LEU A 90 -11.66 8.62 -13.73
CA LEU A 90 -10.65 8.60 -12.68
C LEU A 90 -9.48 7.70 -13.08
N THR A 91 -9.77 6.64 -13.82
CA THR A 91 -8.75 5.70 -14.26
C THR A 91 -8.23 6.07 -15.65
N LYS A 92 -9.13 6.58 -16.50
CA LYS A 92 -8.75 6.96 -17.86
C LYS A 92 -8.38 8.44 -17.92
N GLY A 93 -9.19 9.28 -17.28
CA GLY A 93 -8.94 10.71 -17.29
C GLY A 93 -7.63 11.06 -16.61
N GLU A 94 -7.36 12.37 -16.49
CA GLU A 94 -6.14 12.84 -15.86
C GLU A 94 -6.45 13.60 -14.58
N VAL A 95 -5.80 13.21 -13.49
CA VAL A 95 -6.01 13.86 -12.20
C VAL A 95 -5.02 15.01 -11.99
N GLN A 96 -5.50 16.24 -12.16
CA GLN A 96 -4.66 17.42 -11.99
C GLN A 96 -4.51 17.78 -10.52
N VAL A 97 -3.27 17.80 -10.04
CA VAL A 97 -2.99 18.13 -8.65
C VAL A 97 -1.78 19.05 -8.53
N SER A 98 -1.67 19.71 -7.38
CA SER A 98 -0.55 20.63 -7.14
C SER A 98 0.74 19.87 -6.86
N ASP A 99 1.83 20.61 -6.71
CA ASP A 99 3.13 20.00 -6.45
C ASP A 99 3.22 19.49 -5.01
N LYS A 100 2.63 20.24 -4.08
CA LYS A 100 2.64 19.84 -2.68
C LYS A 100 1.98 18.48 -2.48
N GLU A 101 0.84 18.29 -3.14
CA GLU A 101 0.11 17.03 -3.04
C GLU A 101 0.94 15.88 -3.60
N ARG A 102 1.85 16.18 -4.53
CA ARG A 102 2.69 15.17 -5.14
C ARG A 102 3.91 14.87 -4.27
N HIS A 103 4.40 15.91 -3.58
CA HIS A 103 5.56 15.76 -2.71
C HIS A 103 5.19 15.02 -1.43
N THR A 104 4.04 15.37 -0.86
CA THR A 104 3.58 14.74 0.37
C THR A 104 3.43 13.24 0.18
N GLN A 105 2.91 12.85 -0.98
CA GLN A 105 2.70 11.44 -1.29
C GLN A 105 4.04 10.69 -1.38
N LEU A 106 5.01 11.31 -2.06
CA LEU A 106 6.33 10.71 -2.20
C LEU A 106 6.98 10.49 -0.84
N GLU A 107 6.87 11.48 0.04
CA GLU A 107 7.44 11.39 1.37
C GLU A 107 6.81 10.24 2.15
N GLN A 108 5.49 10.17 2.13
CA GLN A 108 4.76 9.13 2.83
C GLN A 108 5.08 7.75 2.23
N MET A 109 5.15 7.70 0.91
CA MET A 109 5.46 6.45 0.21
C MET A 109 6.85 5.95 0.59
N PHE A 110 7.82 6.85 0.58
CA PHE A 110 9.19 6.51 0.92
C PHE A 110 9.28 5.98 2.35
N ARG A 111 8.65 6.69 3.28
CA ARG A 111 8.64 6.30 4.68
C ARG A 111 7.98 4.94 4.85
N ASP A 112 6.89 4.72 4.11
CA ASP A 112 6.16 3.47 4.19
C ASP A 112 7.05 2.29 3.80
N ILE A 113 7.77 2.45 2.69
CA ILE A 113 8.68 1.40 2.21
C ILE A 113 9.86 1.24 3.17
N ALA A 114 10.24 2.32 3.83
CA ALA A 114 11.36 2.28 4.77
C ALA A 114 11.00 1.51 6.03
N THR A 115 9.84 1.82 6.61
CA THR A 115 9.39 1.15 7.82
C THR A 115 9.14 -0.33 7.57
N ILE A 116 8.41 -0.64 6.49
CA ILE A 116 8.12 -2.03 6.16
C ILE A 116 9.40 -2.82 5.90
N VAL A 117 10.27 -2.27 5.07
CA VAL A 117 11.54 -2.93 4.74
C VAL A 117 12.47 -2.92 5.94
N ALA A 118 12.28 -1.96 6.85
CA ALA A 118 13.12 -1.84 8.04
C ALA A 118 12.78 -2.94 9.05
N ASP A 119 11.50 -3.30 9.11
CA ASP A 119 11.05 -4.34 10.02
C ASP A 119 10.86 -5.67 9.31
N LYS A 120 9.91 -5.71 8.38
CA LYS A 120 9.63 -6.93 7.62
C LYS A 120 10.64 -7.10 6.48
N CYS A 121 11.91 -7.21 6.84
CA CYS A 121 12.97 -7.38 5.85
C CYS A 121 14.35 -7.38 6.53
N VAL A 122 14.75 -8.55 7.03
CA VAL A 122 16.03 -8.69 7.70
C VAL A 122 17.00 -9.54 6.88
N ASN A 123 18.29 -9.36 7.12
CA ASN A 123 19.32 -10.12 6.41
C ASN A 123 19.29 -11.58 6.84
N PRO A 124 19.14 -12.52 5.88
CA PRO A 124 19.10 -13.95 6.18
C PRO A 124 20.46 -14.49 6.64
N GLU A 125 21.49 -13.66 6.58
CA GLU A 125 22.83 -14.07 6.98
C GLU A 125 23.07 -13.82 8.48
N THR A 126 22.69 -12.65 8.96
CA THR A 126 22.88 -12.30 10.36
C THR A 126 21.67 -11.58 10.94
N LYS A 127 20.52 -11.72 10.28
CA LYS A 127 19.29 -11.08 10.74
C LYS A 127 19.51 -9.60 11.02
N ARG A 128 20.45 -8.99 10.31
CA ARG A 128 20.76 -7.58 10.48
C ARG A 128 19.54 -6.70 10.22
N PRO A 129 18.92 -6.13 11.27
CA PRO A 129 17.74 -5.27 11.12
C PRO A 129 18.08 -3.95 10.44
N TYR A 130 17.72 -3.83 9.16
CA TYR A 130 17.98 -2.62 8.40
C TYR A 130 17.07 -1.48 8.86
N THR A 131 17.57 -0.26 8.78
CA THR A 131 16.81 0.92 9.18
C THR A 131 16.38 1.74 7.98
N VAL A 132 15.43 2.65 8.19
CA VAL A 132 14.92 3.49 7.11
C VAL A 132 16.06 4.21 6.38
N ILE A 133 17.12 4.52 7.12
CA ILE A 133 18.28 5.19 6.54
C ILE A 133 19.00 4.28 5.56
N LEU A 134 19.06 2.99 5.88
CA LEU A 134 19.74 2.02 5.03
C LEU A 134 18.94 1.79 3.74
N ILE A 135 17.63 1.60 3.89
CA ILE A 135 16.76 1.37 2.76
C ILE A 135 16.71 2.60 1.85
N GLU A 136 16.65 3.77 2.45
CA GLU A 136 16.61 5.02 1.70
C GLU A 136 17.88 5.21 0.88
N ARG A 137 19.03 5.01 1.54
CA ARG A 137 20.32 5.17 0.88
C ARG A 137 20.43 4.24 -0.32
N ALA A 138 20.09 2.97 -0.11
CA ALA A 138 20.15 1.97 -1.17
C ALA A 138 19.20 2.33 -2.31
N MET A 139 17.99 2.76 -1.96
CA MET A 139 16.99 3.12 -2.96
C MET A 139 17.47 4.30 -3.81
N LYS A 140 18.11 5.27 -3.16
CA LYS A 140 18.62 6.44 -3.85
C LYS A 140 19.79 6.07 -4.76
N ASP A 141 20.68 5.23 -4.26
CA ASP A 141 21.85 4.80 -5.03
C ASP A 141 21.42 4.13 -6.33
N ILE A 142 20.45 3.22 -6.24
CA ILE A 142 19.95 2.51 -7.40
C ILE A 142 18.95 3.35 -8.20
N HIS A 143 18.68 4.56 -7.71
CA HIS A 143 17.74 5.46 -8.38
C HIS A 143 16.35 4.83 -8.45
N TYR A 144 15.76 4.58 -7.28
CA TYR A 144 14.43 4.00 -7.20
C TYR A 144 13.40 4.91 -7.83
N SER A 145 12.21 4.38 -8.08
CA SER A 145 11.13 5.15 -8.68
C SER A 145 9.98 5.35 -7.70
N VAL A 146 9.74 4.34 -6.86
CA VAL A 146 8.67 4.39 -5.88
C VAL A 146 7.30 4.37 -6.53
N LYS A 147 7.01 5.40 -7.33
CA LYS A 147 5.72 5.50 -8.02
C LYS A 147 4.57 5.64 -7.03
N THR A 148 4.32 6.86 -6.59
CA THR A 148 3.23 7.13 -5.65
C THR A 148 1.89 6.71 -6.22
N ASN A 149 1.79 6.69 -7.56
CA ASN A 149 0.56 6.30 -8.23
C ASN A 149 0.11 4.91 -7.80
N LYS A 150 1.09 4.07 -7.45
CA LYS A 150 0.80 2.70 -7.02
C LYS A 150 0.59 2.63 -5.52
N SER A 151 0.39 1.42 -5.00
CA SER A 151 0.18 1.22 -3.57
C SER A 151 1.47 0.74 -2.89
N THR A 152 1.56 0.97 -1.59
CA THR A 152 2.73 0.57 -0.83
C THR A 152 2.90 -0.95 -0.86
N LYS A 153 1.89 -1.67 -0.39
CA LYS A 153 1.92 -3.14 -0.37
C LYS A 153 2.41 -3.69 -1.70
N GLN A 154 1.77 -3.26 -2.79
CA GLN A 154 2.14 -3.73 -4.12
C GLN A 154 3.58 -3.35 -4.45
N GLN A 155 4.03 -2.23 -3.90
CA GLN A 155 5.39 -1.76 -4.13
C GLN A 155 6.41 -2.62 -3.39
N ALA A 156 5.98 -3.21 -2.27
CA ALA A 156 6.85 -4.05 -1.46
C ALA A 156 7.58 -5.08 -2.32
N LEU A 157 6.89 -5.65 -3.29
CA LEU A 157 7.47 -6.65 -4.18
C LEU A 157 8.65 -6.06 -4.94
N GLU A 158 8.40 -4.96 -5.65
CA GLU A 158 9.45 -4.30 -6.43
C GLU A 158 10.60 -3.86 -5.53
N VAL A 159 10.26 -3.44 -4.31
CA VAL A 159 11.26 -2.99 -3.36
C VAL A 159 12.21 -4.12 -2.99
N ILE A 160 11.66 -5.23 -2.51
CA ILE A 160 12.47 -6.37 -2.11
C ILE A 160 13.29 -6.90 -3.28
N LYS A 161 12.73 -6.80 -4.48
CA LYS A 161 13.41 -7.27 -5.68
C LYS A 161 14.60 -6.36 -6.02
N GLN A 162 14.32 -5.07 -6.16
CA GLN A 162 15.36 -4.09 -6.49
C GLN A 162 16.45 -4.09 -5.42
N LEU A 163 16.05 -3.92 -4.16
CA LEU A 163 17.00 -3.89 -3.06
C LEU A 163 17.82 -5.18 -3.00
N LYS A 164 17.24 -6.27 -3.50
CA LYS A 164 17.92 -7.56 -3.51
C LYS A 164 19.24 -7.48 -4.27
N GLU A 165 19.29 -6.61 -5.27
CA GLU A 165 20.49 -6.45 -6.07
C GLU A 165 21.62 -5.84 -5.25
N LYS A 166 21.25 -4.99 -4.29
CA LYS A 166 22.24 -4.35 -3.43
C LYS A 166 22.55 -5.22 -2.21
N MET A 167 21.52 -5.57 -1.46
CA MET A 167 21.68 -6.40 -0.27
C MET A 167 20.68 -7.55 -0.26
N LYS A 168 20.62 -8.26 0.86
CA LYS A 168 19.71 -9.39 1.00
C LYS A 168 18.68 -9.13 2.09
N ILE A 169 17.40 -9.23 1.74
CA ILE A 169 16.33 -9.00 2.69
C ILE A 169 15.19 -10.01 2.49
N GLU A 170 14.53 -10.37 3.59
CA GLU A 170 13.42 -11.32 3.54
C GLU A 170 12.22 -10.79 4.32
N ARG A 171 11.09 -10.67 3.63
CA ARG A 171 9.87 -10.17 4.25
C ARG A 171 9.30 -11.20 5.22
N ALA A 172 9.20 -10.84 6.49
CA ALA A 172 8.68 -11.72 7.52
C ALA A 172 8.26 -10.95 8.76
N HIS A 173 7.21 -11.41 9.42
CA HIS A 173 6.71 -10.76 10.62
C HIS A 173 5.58 -11.57 11.25
N MET A 174 5.67 -11.80 12.55
CA MET A 174 4.65 -12.56 13.27
C MET A 174 4.90 -12.58 14.77
N ARG A 175 3.92 -13.08 15.51
CA ARG A 175 4.02 -13.17 16.96
C ARG A 175 4.18 -14.62 17.40
N LEU A 176 5.14 -14.87 18.28
CA LEU A 176 5.40 -16.22 18.76
C LEU A 176 5.01 -16.39 20.22
N ARG A 177 4.09 -17.30 20.48
CA ARG A 177 3.64 -17.58 21.84
C ARG A 177 4.38 -18.78 22.41
N PHE A 178 5.04 -18.58 23.54
CA PHE A 178 5.81 -19.66 24.16
C PHE A 178 5.24 -20.05 25.52
N ILE A 179 4.98 -21.34 25.69
CA ILE A 179 4.46 -21.86 26.94
C ILE A 179 5.55 -22.65 27.66
N LEU A 180 6.18 -22.02 28.64
CA LEU A 180 7.26 -22.66 29.39
C LEU A 180 6.75 -23.33 30.66
N PRO A 181 7.36 -24.47 31.04
CA PRO A 181 6.98 -25.22 32.23
C PRO A 181 7.36 -24.48 33.51
N VAL A 182 7.42 -25.22 34.62
CA VAL A 182 7.77 -24.63 35.91
C VAL A 182 9.26 -24.37 36.03
N ASN A 183 10.05 -25.43 36.10
CA ASN A 183 11.50 -25.30 36.23
C ASN A 183 12.17 -25.06 34.88
N GLU A 184 11.89 -25.91 33.90
CA GLU A 184 12.48 -25.80 32.58
C GLU A 184 12.21 -24.42 31.96
N GLY A 185 11.20 -23.72 32.47
CA GLY A 185 10.87 -22.40 31.95
C GLY A 185 11.81 -21.32 32.43
N LYS A 186 12.11 -21.31 33.73
CA LYS A 186 13.00 -20.31 34.31
C LYS A 186 14.28 -20.15 33.49
N LYS A 187 14.67 -21.21 32.79
CA LYS A 187 15.88 -21.18 31.97
C LYS A 187 15.61 -20.60 30.58
N LEU A 188 14.61 -21.16 29.90
CA LEU A 188 14.27 -20.71 28.56
C LEU A 188 13.71 -19.29 28.57
N LYS A 189 13.01 -18.93 29.64
CA LYS A 189 12.41 -17.61 29.76
C LYS A 189 13.46 -16.51 29.58
N GLU A 190 14.53 -16.57 30.36
CA GLU A 190 15.60 -15.59 30.29
C GLU A 190 16.29 -15.62 28.93
N LYS A 191 16.25 -16.77 28.26
CA LYS A 191 16.88 -16.93 26.96
C LYS A 191 16.01 -16.37 25.84
N LEU A 192 14.71 -16.26 26.10
CA LEU A 192 13.77 -15.76 25.09
C LEU A 192 13.64 -14.23 25.18
N LYS A 193 13.90 -13.68 26.36
CA LYS A 193 13.80 -12.24 26.56
C LYS A 193 14.66 -11.49 25.54
N PRO A 194 15.96 -11.84 25.43
CA PRO A 194 16.88 -11.19 24.50
C PRO A 194 16.68 -11.66 23.07
N LEU A 195 16.27 -12.92 22.91
CA LEU A 195 16.06 -13.50 21.59
C LEU A 195 15.05 -12.70 20.79
N ILE A 196 13.86 -12.48 21.36
CA ILE A 196 12.82 -11.73 20.69
C ILE A 196 12.04 -10.86 21.67
N LYS A 197 11.16 -10.01 21.13
CA LYS A 197 10.35 -9.13 21.96
C LYS A 197 9.31 -9.91 22.75
N VAL A 198 9.35 -9.78 24.07
CA VAL A 198 8.42 -10.47 24.95
C VAL A 198 7.24 -9.57 25.32
N ILE A 199 6.05 -10.17 25.37
CA ILE A 199 4.84 -9.43 25.70
C ILE A 199 3.84 -10.32 26.45
N GLU A 200 3.22 -9.77 27.48
CA GLU A 200 2.24 -10.51 28.27
C GLU A 200 2.88 -11.75 28.91
N SER A 201 3.61 -11.54 30.01
CA SER A 201 4.26 -12.64 30.71
C SER A 201 3.52 -12.96 32.00
N GLU A 202 2.96 -14.18 32.07
CA GLU A 202 2.23 -14.61 33.25
C GLU A 202 2.76 -15.94 33.77
N ASP A 203 3.21 -15.95 35.02
CA ASP A 203 3.75 -17.16 35.64
C ASP A 203 3.15 -17.37 37.02
N TYR A 204 2.98 -18.64 37.40
CA TYR A 204 2.43 -18.97 38.71
C TYR A 204 3.49 -19.58 39.61
N GLY A 205 3.35 -19.37 40.92
CA GLY A 205 4.30 -19.90 41.87
C GLY A 205 4.59 -21.38 41.64
N GLN A 206 5.78 -21.66 41.13
CA GLN A 206 6.17 -23.05 40.85
C GLN A 206 5.23 -23.67 39.82
N GLN A 207 4.95 -22.92 38.76
CA GLN A 207 4.06 -23.38 37.70
C GLN A 207 4.55 -22.92 36.33
N LEU A 208 3.83 -23.33 35.29
CA LEU A 208 4.18 -22.96 33.92
C LEU A 208 3.86 -21.49 33.66
N GLU A 209 4.65 -20.87 32.79
CA GLU A 209 4.47 -19.47 32.45
C GLU A 209 4.09 -19.29 30.98
N ILE A 210 3.00 -18.55 30.75
CA ILE A 210 2.54 -18.28 29.40
C ILE A 210 3.03 -16.91 28.93
N VAL A 211 3.82 -16.90 27.87
CA VAL A 211 4.37 -15.66 27.35
C VAL A 211 4.17 -15.54 25.84
N CYS A 212 3.94 -14.30 25.38
CA CYS A 212 3.74 -14.02 23.97
C CYS A 212 4.93 -13.27 23.40
N LEU A 213 5.22 -13.48 22.12
CA LEU A 213 6.36 -12.82 21.49
C LEU A 213 5.97 -12.19 20.15
N ILE A 214 6.75 -11.20 19.74
CA ILE A 214 6.51 -10.51 18.47
C ILE A 214 7.81 -9.99 17.89
N ASP A 215 8.10 -10.37 16.64
CA ASP A 215 9.34 -9.93 16.00
C ASP A 215 9.21 -10.00 14.48
N PRO A 216 9.64 -8.93 13.78
CA PRO A 216 9.59 -8.87 12.32
C PRO A 216 10.82 -9.48 11.67
N GLY A 217 10.61 -10.56 10.91
CA GLY A 217 11.72 -11.21 10.24
C GLY A 217 11.64 -12.72 10.33
N CYS A 218 12.71 -13.39 9.93
CA CYS A 218 12.77 -14.86 9.97
C CYS A 218 13.47 -15.35 11.23
N PHE A 219 13.19 -14.71 12.36
CA PHE A 219 13.80 -15.09 13.63
C PHE A 219 13.42 -16.51 14.02
N ARG A 220 12.33 -17.03 13.45
CA ARG A 220 11.87 -18.38 13.74
C ARG A 220 13.02 -19.38 13.72
N GLU A 221 13.99 -19.14 12.85
CA GLU A 221 15.14 -20.03 12.74
C GLU A 221 15.90 -20.10 14.05
N ILE A 222 16.41 -18.96 14.49
CA ILE A 222 17.16 -18.89 15.74
C ILE A 222 16.30 -19.32 16.92
N ASP A 223 14.99 -19.15 16.78
CA ASP A 223 14.06 -19.53 17.84
C ASP A 223 14.03 -21.04 18.03
N GLU A 224 13.86 -21.77 16.93
CA GLU A 224 13.82 -23.24 16.98
C GLU A 224 15.17 -23.79 17.44
N LEU A 225 16.25 -23.19 16.96
CA LEU A 225 17.59 -23.62 17.33
C LEU A 225 17.80 -23.51 18.83
N ILE A 226 17.74 -22.27 19.33
CA ILE A 226 17.90 -22.03 20.76
C ILE A 226 16.86 -22.78 21.56
N LYS A 227 15.66 -22.90 20.99
CA LYS A 227 14.57 -23.61 21.65
C LYS A 227 14.96 -25.05 21.94
N LYS A 228 15.65 -25.68 20.99
CA LYS A 228 16.10 -27.06 21.16
C LYS A 228 17.23 -27.16 22.17
N GLU A 229 18.20 -26.26 22.06
CA GLU A 229 19.35 -26.25 22.96
C GLU A 229 19.03 -25.56 24.29
N THR A 230 17.83 -25.02 24.42
CA THR A 230 17.45 -24.33 25.65
C THR A 230 16.27 -25.01 26.34
N LYS A 231 15.39 -25.64 25.54
CA LYS A 231 14.23 -26.33 26.09
C LYS A 231 14.32 -27.82 25.86
N GLY A 232 15.17 -28.25 24.93
CA GLY A 232 15.32 -29.65 24.64
C GLY A 232 14.00 -30.31 24.25
N LYS A 233 13.16 -29.56 23.55
CA LYS A 233 11.86 -30.07 23.11
C LYS A 233 10.98 -30.39 24.32
N GLY A 234 11.19 -29.67 25.41
CA GLY A 234 10.40 -29.90 26.61
C GLY A 234 9.33 -28.85 26.83
N SER A 235 9.43 -27.74 26.10
CA SER A 235 8.46 -26.65 26.21
C SER A 235 7.55 -26.61 24.99
N LEU A 236 6.53 -25.76 25.05
CA LEU A 236 5.58 -25.62 23.96
C LEU A 236 5.66 -24.22 23.34
N GLU A 237 5.10 -24.07 22.15
CA GLU A 237 5.11 -22.78 21.46
C GLU A 237 4.11 -22.77 20.30
N VAL A 238 3.12 -21.89 20.41
CA VAL A 238 2.10 -21.78 19.37
C VAL A 238 2.28 -20.51 18.55
N LEU A 239 1.95 -20.59 17.26
CA LEU A 239 2.09 -19.46 16.36
C LEU A 239 0.84 -18.59 16.39
N ASN A 240 1.04 -17.27 16.53
CA ASN A 240 -0.07 -16.33 16.58
C ASN A 240 -0.47 -15.88 15.17
N LEU A 241 0.49 -15.34 14.45
CA LEU A 241 0.23 -14.86 13.09
C LEU A 241 0.85 -15.81 12.06
N LYS A 242 0.02 -16.29 11.13
CA LYS A 242 0.47 -17.20 10.09
C LYS A 242 0.27 -16.60 8.71
N ASP A 243 1.37 -16.35 8.01
CA ASP A 243 1.31 -15.78 6.66
C ASP A 243 0.60 -16.73 5.69
N VAL A 244 -0.62 -16.38 5.32
CA VAL A 244 -1.41 -17.19 4.40
C VAL A 244 -1.70 -16.43 3.11
N GLU A 245 -0.80 -15.54 2.73
CA GLU A 245 -0.98 -14.74 1.52
C GLU A 245 -0.04 -15.21 0.41
N GLU A 246 -0.07 -16.51 0.14
CA GLU A 246 0.78 -17.09 -0.90
C GLU A 246 0.00 -17.26 -2.20
N GLY A 247 -0.92 -16.34 -2.47
CA GLY A 247 -1.72 -16.41 -3.67
C GLY A 247 -2.69 -17.57 -3.66
N ASP A 248 -3.99 -17.26 -3.70
CA ASP A 248 -5.02 -18.28 -3.69
C ASP A 248 -6.31 -17.76 -4.32
N GLU A 249 -6.83 -16.66 -3.78
CA GLU A 249 -8.05 -16.06 -4.28
C GLU A 249 -8.16 -14.60 -3.88
N LYS A 250 -8.67 -13.77 -4.78
CA LYS A 250 -8.81 -12.34 -4.52
C LYS A 250 -10.22 -12.02 -4.04
N PHE A 251 -11.23 -12.54 -4.75
CA PHE A 251 -12.62 -12.31 -4.40
C PHE A 251 -12.95 -10.81 -4.46
N GLU A 252 -12.28 -10.10 -5.36
CA GLU A 252 -12.51 -8.67 -5.52
C GLU A 252 -12.43 -8.27 -6.99
#